data_1Y74
#
_entry.id   1Y74
#
loop_
_entity.id
_entity.type
_entity.pdbx_description
1 polymer 'lin 7 homolog b'
2 polymer 'Peripheral plasma membrane protein CASK'
#
loop_
_entity_poly.entity_id
_entity_poly.type
_entity_poly.pdbx_seq_one_letter_code
_entity_poly.pdbx_strand_id
1 'polypeptide(L)' LGLERDVSRAVELLERLQRSGELPPQKLQALQRVLQSRFCSAIREVYEQLYDTLDIT A,C
2 'polypeptide(L)' AVQRAKEVLEEISCYPENNDAKELKRILTQPHFMALLQTHDVVAHEVYSD B,D
#
# COMPACT_ATOMS: atom_id res chain seq x y z
N LEU A 1 5.20 9.03 11.52
CA LEU A 1 4.50 7.80 11.84
C LEU A 1 5.35 6.92 12.74
N GLY A 2 6.67 7.02 12.57
CA GLY A 2 7.57 6.21 13.36
C GLY A 2 8.07 5.00 12.60
N LEU A 3 7.77 4.96 11.29
CA LEU A 3 8.20 3.85 10.44
C LEU A 3 9.69 3.97 10.15
N GLU A 4 10.17 5.19 9.99
CA GLU A 4 11.56 5.42 9.71
C GLU A 4 12.39 5.09 10.94
N ARG A 5 11.84 5.38 12.11
CA ARG A 5 12.50 5.11 13.37
C ARG A 5 12.38 3.63 13.75
N ASP A 6 11.25 3.02 13.38
CA ASP A 6 11.01 1.62 13.70
C ASP A 6 11.70 0.69 12.71
N VAL A 7 11.71 1.07 11.44
CA VAL A 7 12.35 0.28 10.40
C VAL A 7 13.86 0.41 10.52
N SER A 8 14.31 1.65 10.54
CA SER A 8 15.72 1.94 10.68
C SER A 8 16.26 1.32 11.96
N ARG A 9 15.41 1.25 12.97
CA ARG A 9 15.80 0.65 14.24
C ARG A 9 15.80 -0.86 14.12
N ALA A 10 14.94 -1.39 13.25
CA ALA A 10 14.87 -2.83 13.03
C ALA A 10 16.03 -3.28 12.17
N VAL A 11 16.46 -2.39 11.27
CA VAL A 11 17.56 -2.66 10.39
C VAL A 11 18.87 -2.78 11.17
N GLU A 12 19.10 -1.81 12.05
CA GLU A 12 20.30 -1.81 12.89
C GLU A 12 20.16 -2.86 13.97
N LEU A 13 18.93 -3.14 14.37
CA LEU A 13 18.68 -4.15 15.39
C LEU A 13 18.97 -5.53 14.81
N LEU A 14 18.71 -5.69 13.52
CA LEU A 14 18.97 -6.95 12.84
C LEU A 14 20.46 -7.11 12.61
N GLU A 15 21.13 -5.99 12.34
CA GLU A 15 22.57 -6.00 12.14
C GLU A 15 23.24 -6.23 13.49
N ARG A 16 22.68 -5.58 14.50
CA ARG A 16 23.16 -5.71 15.87
C ARG A 16 23.27 -7.19 16.24
N LEU A 17 22.16 -7.91 16.07
CA LEU A 17 22.13 -9.33 16.37
C LEU A 17 23.10 -10.06 15.44
N GLN A 18 23.20 -9.58 14.20
CA GLN A 18 24.11 -10.17 13.23
C GLN A 18 25.54 -10.04 13.72
N ARG A 19 25.84 -8.92 14.36
CA ARG A 19 27.17 -8.67 14.90
C ARG A 19 27.48 -9.70 15.97
N SER A 20 26.48 -9.99 16.80
CA SER A 20 26.63 -10.97 17.88
C SER A 20 26.66 -12.39 17.31
N GLY A 21 25.76 -12.65 16.35
CA GLY A 21 25.69 -13.96 15.73
C GLY A 21 25.36 -15.06 16.73
N GLU A 22 24.23 -14.92 17.41
CA GLU A 22 23.79 -15.90 18.37
C GLU A 22 22.60 -16.70 17.86
N LEU A 23 21.69 -16.00 17.17
CA LEU A 23 20.50 -16.63 16.62
C LEU A 23 20.60 -16.71 15.09
N PRO A 24 19.74 -17.53 14.46
CA PRO A 24 19.73 -17.70 13.01
C PRO A 24 19.83 -16.36 12.28
N PRO A 25 21.01 -16.02 11.76
CA PRO A 25 21.22 -14.76 11.05
C PRO A 25 20.65 -14.75 9.63
N GLN A 26 20.13 -15.89 9.20
CA GLN A 26 19.56 -16.00 7.85
C GLN A 26 18.24 -15.25 7.76
N LYS A 27 17.32 -15.55 8.68
CA LYS A 27 16.02 -14.89 8.70
C LYS A 27 16.18 -13.40 9.03
N LEU A 28 17.15 -13.09 9.86
CA LEU A 28 17.41 -11.72 10.25
C LEU A 28 17.97 -10.92 9.07
N GLN A 29 18.81 -11.57 8.25
CA GLN A 29 19.37 -10.92 7.09
C GLN A 29 18.28 -10.67 6.08
N ALA A 30 17.31 -11.57 6.05
CA ALA A 30 16.18 -11.46 5.14
C ALA A 30 15.38 -10.20 5.44
N LEU A 31 15.12 -9.99 6.73
CA LEU A 31 14.39 -8.81 7.16
C LEU A 31 15.13 -7.56 6.73
N GLN A 32 16.41 -7.49 7.07
CA GLN A 32 17.25 -6.35 6.72
C GLN A 32 17.09 -5.99 5.24
N ARG A 33 17.03 -7.01 4.39
CA ARG A 33 16.89 -6.80 2.96
C ARG A 33 15.44 -6.41 2.62
N VAL A 34 14.50 -6.78 3.47
CA VAL A 34 13.10 -6.46 3.25
C VAL A 34 12.78 -5.03 3.66
N LEU A 35 13.55 -4.49 4.60
CA LEU A 35 13.34 -3.12 5.05
C LEU A 35 14.29 -2.16 4.35
N GLN A 36 15.49 -2.64 4.04
CA GLN A 36 16.48 -1.82 3.37
C GLN A 36 16.24 -1.77 1.86
N SER A 37 15.62 -2.82 1.33
CA SER A 37 15.33 -2.89 -0.10
C SER A 37 14.69 -1.60 -0.60
N ARG A 38 15.06 -1.17 -1.80
CA ARG A 38 14.53 0.05 -2.39
C ARG A 38 13.01 0.00 -2.45
N PHE A 39 12.45 -1.20 -2.61
CA PHE A 39 11.01 -1.37 -2.69
C PHE A 39 10.35 -0.84 -1.43
N CYS A 40 10.73 -1.38 -0.27
CA CYS A 40 10.18 -0.96 1.01
C CYS A 40 10.42 0.54 1.23
N SER A 41 11.37 1.09 0.50
CA SER A 41 11.69 2.50 0.60
C SER A 41 10.56 3.32 0.00
N ALA A 42 10.14 2.93 -1.19
CA ALA A 42 9.04 3.60 -1.87
C ALA A 42 7.80 3.51 -1.02
N ILE A 43 7.50 2.29 -0.58
CA ILE A 43 6.34 2.02 0.26
C ILE A 43 6.40 2.87 1.54
N ARG A 44 7.59 2.92 2.14
CA ARG A 44 7.78 3.72 3.35
C ARG A 44 7.48 5.18 3.06
N GLU A 45 8.00 5.66 1.94
CA GLU A 45 7.77 7.04 1.53
C GLU A 45 6.28 7.30 1.42
N VAL A 46 5.52 6.25 1.11
CA VAL A 46 4.08 6.36 0.99
C VAL A 46 3.45 6.69 2.32
N TYR A 47 3.81 5.92 3.35
CA TYR A 47 3.26 6.14 4.68
C TYR A 47 3.53 7.57 5.15
N GLU A 48 4.74 8.05 4.91
CA GLU A 48 5.09 9.41 5.30
C GLU A 48 4.36 10.42 4.42
N GLN A 49 4.43 10.20 3.12
CA GLN A 49 3.77 11.06 2.15
C GLN A 49 2.27 11.07 2.37
N LEU A 50 1.74 9.93 2.80
CA LEU A 50 0.32 9.78 3.03
C LEU A 50 -0.14 10.64 4.20
N TYR A 51 0.61 10.59 5.30
CA TYR A 51 0.27 11.39 6.47
C TYR A 51 0.19 12.86 6.07
N ASP A 52 1.16 13.32 5.29
CA ASP A 52 1.18 14.69 4.82
C ASP A 52 -0.08 14.97 3.99
N THR A 53 -0.43 14.01 3.14
CA THR A 53 -1.62 14.13 2.30
C THR A 53 -2.85 14.39 3.16
N LEU A 54 -2.91 13.70 4.31
CA LEU A 54 -4.03 13.88 5.23
C LEU A 54 -4.10 15.33 5.66
N ASP A 55 -2.94 15.90 5.99
CA ASP A 55 -2.86 17.29 6.41
C ASP A 55 -3.26 18.24 5.29
N ILE A 56 -3.15 17.78 4.04
CA ILE A 56 -3.50 18.61 2.89
C ILE A 56 -4.97 18.51 2.59
N THR A 57 -5.44 17.29 2.42
CA THR A 57 -6.84 17.02 2.11
C THR A 57 -7.74 17.31 3.30
N ALA B 1 -12.29 3.45 -0.24
CA ALA B 1 -12.06 3.88 -1.61
C ALA B 1 -12.64 2.86 -2.60
N VAL B 2 -12.43 1.58 -2.31
CA VAL B 2 -12.94 0.52 -3.17
C VAL B 2 -14.46 0.47 -3.14
N GLN B 3 -15.03 0.55 -1.93
CA GLN B 3 -16.48 0.52 -1.77
C GLN B 3 -17.13 1.64 -2.57
N ARG B 4 -16.57 2.85 -2.48
CA ARG B 4 -17.10 3.98 -3.20
C ARG B 4 -17.06 3.71 -4.70
N ALA B 5 -15.95 3.14 -5.16
CA ALA B 5 -15.79 2.81 -6.56
C ALA B 5 -16.83 1.79 -6.98
N LYS B 6 -16.95 0.72 -6.19
CA LYS B 6 -17.91 -0.33 -6.46
C LYS B 6 -19.32 0.24 -6.50
N GLU B 7 -19.60 1.14 -5.55
CA GLU B 7 -20.91 1.77 -5.46
C GLU B 7 -21.26 2.46 -6.77
N VAL B 8 -20.27 3.14 -7.36
CA VAL B 8 -20.46 3.83 -8.62
C VAL B 8 -20.80 2.85 -9.73
N LEU B 9 -20.11 1.71 -9.74
CA LEU B 9 -20.36 0.68 -10.75
C LEU B 9 -21.83 0.32 -10.74
N GLU B 10 -22.37 0.16 -9.54
CA GLU B 10 -23.78 -0.18 -9.39
C GLU B 10 -24.68 0.89 -9.99
N GLU B 11 -24.37 2.15 -9.70
CA GLU B 11 -25.15 3.26 -10.21
C GLU B 11 -25.05 3.33 -11.72
N ILE B 12 -23.83 3.40 -12.23
CA ILE B 12 -23.61 3.46 -13.66
C ILE B 12 -24.07 2.17 -14.34
N SER B 13 -24.02 1.07 -13.60
CA SER B 13 -24.44 -0.23 -14.12
C SER B 13 -25.94 -0.22 -14.41
N CYS B 14 -26.68 0.50 -13.58
CA CYS B 14 -28.13 0.58 -13.74
C CYS B 14 -28.52 1.44 -14.96
N TYR B 15 -27.52 1.98 -15.65
CA TYR B 15 -27.76 2.83 -16.82
C TYR B 15 -27.10 2.26 -18.06
N PRO B 16 -27.88 1.60 -18.94
CA PRO B 16 -27.37 1.03 -20.18
C PRO B 16 -27.39 2.03 -21.33
N GLU B 17 -27.39 3.32 -20.99
CA GLU B 17 -27.43 4.38 -22.00
C GLU B 17 -26.08 5.11 -22.08
N ASN B 18 -25.40 5.21 -20.94
CA ASN B 18 -24.11 5.89 -20.89
C ASN B 18 -22.98 4.95 -21.29
N ASN B 19 -22.37 5.22 -22.43
CA ASN B 19 -21.27 4.41 -22.93
C ASN B 19 -20.05 4.53 -22.02
N ASP B 20 -19.93 5.67 -21.34
CA ASP B 20 -18.83 5.90 -20.43
C ASP B 20 -19.00 5.05 -19.19
N ALA B 21 -20.26 4.88 -18.78
CA ALA B 21 -20.58 4.07 -17.63
C ALA B 21 -20.09 2.64 -17.82
N LYS B 22 -20.31 2.12 -19.01
CA LYS B 22 -19.90 0.76 -19.34
C LYS B 22 -18.39 0.63 -19.26
N GLU B 23 -17.69 1.45 -20.02
CA GLU B 23 -16.22 1.41 -20.02
C GLU B 23 -15.67 1.83 -18.66
N LEU B 24 -16.44 2.64 -17.95
CA LEU B 24 -16.03 3.10 -16.62
C LEU B 24 -16.16 1.98 -15.60
N LYS B 25 -17.21 1.18 -15.74
CA LYS B 25 -17.43 0.07 -14.83
C LYS B 25 -16.31 -0.94 -14.97
N ARG B 26 -15.98 -1.26 -16.21
CA ARG B 26 -14.91 -2.21 -16.50
C ARG B 26 -13.61 -1.79 -15.84
N ILE B 27 -13.20 -0.55 -16.08
CA ILE B 27 -11.98 -0.02 -15.51
C ILE B 27 -12.01 -0.05 -14.00
N LEU B 28 -13.15 0.34 -13.42
CA LEU B 28 -13.31 0.38 -11.97
C LEU B 28 -13.48 -1.02 -11.38
N THR B 29 -13.67 -2.03 -12.23
CA THR B 29 -13.87 -3.39 -11.73
C THR B 29 -12.58 -4.20 -11.68
N GLN B 30 -11.72 -4.05 -12.69
CA GLN B 30 -10.46 -4.82 -12.71
C GLN B 30 -9.73 -4.69 -11.38
N PRO B 31 -9.31 -5.82 -10.79
CA PRO B 31 -8.61 -5.84 -9.50
C PRO B 31 -7.40 -4.91 -9.44
N HIS B 32 -6.86 -4.54 -10.61
CA HIS B 32 -5.69 -3.65 -10.64
C HIS B 32 -6.00 -2.33 -9.95
N PHE B 33 -7.04 -1.65 -10.43
CA PHE B 33 -7.45 -0.39 -9.85
C PHE B 33 -7.90 -0.61 -8.41
N MET B 34 -8.41 -1.81 -8.13
CA MET B 34 -8.87 -2.17 -6.80
C MET B 34 -7.67 -2.32 -5.87
N ALA B 35 -6.58 -2.86 -6.40
CA ALA B 35 -5.37 -3.05 -5.63
C ALA B 35 -4.87 -1.71 -5.10
N LEU B 36 -4.75 -0.74 -6.00
CA LEU B 36 -4.32 0.59 -5.59
C LEU B 36 -5.27 1.14 -4.53
N LEU B 37 -6.57 1.01 -4.81
CA LEU B 37 -7.58 1.46 -3.87
C LEU B 37 -7.42 0.72 -2.54
N GLN B 38 -7.00 -0.54 -2.63
CA GLN B 38 -6.77 -1.35 -1.44
C GLN B 38 -5.73 -0.66 -0.55
N THR B 39 -4.70 -0.12 -1.19
CA THR B 39 -3.66 0.59 -0.47
C THR B 39 -4.27 1.84 0.17
N HIS B 40 -5.27 2.39 -0.50
CA HIS B 40 -5.97 3.57 -0.01
C HIS B 40 -6.59 3.32 1.37
N ASP B 41 -7.30 2.19 1.48
CA ASP B 41 -7.96 1.82 2.73
C ASP B 41 -6.97 1.31 3.77
N VAL B 42 -5.98 0.55 3.34
CA VAL B 42 -5.00 -0.01 4.27
C VAL B 42 -4.35 1.09 5.11
N VAL B 43 -3.90 2.15 4.45
CA VAL B 43 -3.27 3.27 5.13
C VAL B 43 -4.29 4.11 5.88
N ALA B 44 -5.30 4.60 5.17
CA ALA B 44 -6.35 5.41 5.78
C ALA B 44 -6.94 4.72 6.99
N HIS B 45 -7.07 3.39 6.90
CA HIS B 45 -7.61 2.61 8.00
C HIS B 45 -6.64 2.63 9.18
N GLU B 46 -5.36 2.47 8.87
CA GLU B 46 -4.33 2.48 9.90
C GLU B 46 -3.89 3.91 10.25
N VAL B 47 -4.52 4.89 9.60
CA VAL B 47 -4.18 6.30 9.84
C VAL B 47 -5.07 6.89 10.91
N TYR B 48 -6.38 6.78 10.72
CA TYR B 48 -7.34 7.32 11.67
C TYR B 48 -8.75 6.87 11.35
N SER B 49 -8.95 5.56 11.30
CA SER B 49 -10.25 4.99 11.01
C SER B 49 -10.93 4.58 12.31
N ASP B 50 -10.14 4.02 13.22
CA ASP B 50 -10.63 3.60 14.52
C ASP B 50 -10.91 4.81 15.39
N LEU C 1 1.26 -1.04 -15.52
CA LEU C 1 0.16 -1.51 -14.70
C LEU C 1 -1.17 -0.90 -15.13
N GLY C 2 -1.17 -0.21 -16.26
CA GLY C 2 -2.40 0.42 -16.75
C GLY C 2 -3.16 1.17 -15.68
N LEU C 3 -2.47 1.57 -14.61
CA LEU C 3 -3.09 2.30 -13.53
C LEU C 3 -3.34 3.75 -13.95
N GLU C 4 -2.36 4.35 -14.59
CA GLU C 4 -2.48 5.71 -15.05
C GLU C 4 -3.50 5.80 -16.17
N ARG C 5 -3.53 4.75 -16.99
CA ARG C 5 -4.45 4.69 -18.11
C ARG C 5 -5.86 4.33 -17.65
N ASP C 6 -5.96 3.48 -16.64
CA ASP C 6 -7.25 3.04 -16.11
C ASP C 6 -7.85 4.07 -15.15
N VAL C 7 -7.00 4.67 -14.32
CA VAL C 7 -7.46 5.68 -13.37
C VAL C 7 -7.80 6.95 -14.11
N SER C 8 -6.86 7.41 -14.91
CA SER C 8 -7.05 8.62 -15.69
C SER C 8 -8.25 8.45 -16.61
N ARG C 9 -8.49 7.21 -17.04
CA ARG C 9 -9.63 6.92 -17.89
C ARG C 9 -10.91 6.88 -17.06
N ALA C 10 -10.77 6.49 -15.80
CA ALA C 10 -11.91 6.43 -14.89
C ALA C 10 -12.27 7.82 -14.42
N VAL C 11 -11.26 8.68 -14.31
CA VAL C 11 -11.45 10.05 -13.87
C VAL C 11 -12.20 10.84 -14.95
N GLU C 12 -11.76 10.70 -16.19
CA GLU C 12 -12.39 11.39 -17.31
C GLU C 12 -13.74 10.76 -17.62
N LEU C 13 -13.85 9.46 -17.35
CA LEU C 13 -15.09 8.74 -17.59
C LEU C 13 -16.15 9.20 -16.60
N LEU C 14 -15.70 9.50 -15.38
CA LEU C 14 -16.60 9.97 -14.34
C LEU C 14 -17.03 11.39 -14.64
N GLU C 15 -16.11 12.17 -15.19
CA GLU C 15 -16.39 13.55 -15.57
C GLU C 15 -17.30 13.53 -16.79
N ARG C 16 -16.97 12.64 -17.71
CA ARG C 16 -17.76 12.48 -18.93
C ARG C 16 -19.24 12.28 -18.58
N LEU C 17 -19.48 11.33 -17.69
CA LEU C 17 -20.84 11.03 -17.25
C LEU C 17 -21.38 12.19 -16.42
N GLN C 18 -20.50 12.84 -15.68
CA GLN C 18 -20.89 13.97 -14.84
C GLN C 18 -21.43 15.09 -15.72
N ARG C 19 -20.77 15.32 -16.85
CA ARG C 19 -21.19 16.35 -17.79
C ARG C 19 -22.56 15.99 -18.37
N SER C 20 -22.74 14.71 -18.67
CA SER C 20 -24.00 14.23 -19.23
C SER C 20 -25.14 14.47 -18.25
N GLY C 21 -24.90 14.15 -16.98
CA GLY C 21 -25.91 14.34 -15.96
C GLY C 21 -27.10 13.43 -16.15
N GLU C 22 -26.84 12.13 -16.30
CA GLU C 22 -27.90 11.15 -16.48
C GLU C 22 -28.13 10.36 -15.20
N LEU C 23 -27.05 10.17 -14.44
CA LEU C 23 -27.13 9.42 -13.19
C LEU C 23 -26.53 10.23 -12.04
N PRO C 24 -26.84 9.85 -10.78
CA PRO C 24 -26.32 10.55 -9.60
C PRO C 24 -24.81 10.80 -9.71
N PRO C 25 -24.41 12.06 -10.00
CA PRO C 25 -23.01 12.42 -10.14
C PRO C 25 -22.28 12.58 -8.81
N GLN C 26 -23.04 12.64 -7.71
CA GLN C 26 -22.45 12.79 -6.39
C GLN C 26 -21.44 11.68 -6.09
N LYS C 27 -21.82 10.45 -6.42
CA LYS C 27 -20.93 9.31 -6.20
C LYS C 27 -19.77 9.34 -7.18
N LEU C 28 -20.04 9.87 -8.37
CA LEU C 28 -19.03 9.96 -9.42
C LEU C 28 -17.99 11.02 -9.06
N GLN C 29 -18.46 12.14 -8.47
CA GLN C 29 -17.54 13.19 -8.05
C GLN C 29 -16.71 12.71 -6.87
N ALA C 30 -17.33 11.87 -6.05
CA ALA C 30 -16.65 11.31 -4.89
C ALA C 30 -15.44 10.52 -5.34
N LEU C 31 -15.64 9.70 -6.38
CA LEU C 31 -14.56 8.91 -6.93
C LEU C 31 -13.46 9.83 -7.45
N GLN C 32 -13.87 10.88 -8.15
CA GLN C 32 -12.93 11.85 -8.70
C GLN C 32 -11.93 12.28 -7.64
N ARG C 33 -12.44 12.59 -6.45
CA ARG C 33 -11.58 13.02 -5.36
C ARG C 33 -10.82 11.84 -4.76
N VAL C 34 -11.36 10.64 -4.92
CA VAL C 34 -10.74 9.44 -4.39
C VAL C 34 -9.54 9.02 -5.23
N LEU C 35 -9.59 9.34 -6.52
CA LEU C 35 -8.50 8.98 -7.42
C LEU C 35 -7.62 10.19 -7.71
N GLN C 36 -8.25 11.34 -7.87
CA GLN C 36 -7.53 12.58 -8.17
C GLN C 36 -6.77 13.09 -6.94
N SER C 37 -7.27 12.76 -5.75
CA SER C 37 -6.63 13.19 -4.50
C SER C 37 -5.13 12.92 -4.54
N ARG C 38 -4.35 13.82 -3.96
CA ARG C 38 -2.90 13.67 -3.92
C ARG C 38 -2.50 12.34 -3.29
N PHE C 39 -3.35 11.83 -2.39
CA PHE C 39 -3.08 10.57 -1.72
C PHE C 39 -2.94 9.44 -2.73
N CYS C 40 -3.99 9.21 -3.51
CA CYS C 40 -3.98 8.16 -4.51
C CYS C 40 -2.84 8.36 -5.51
N SER C 41 -2.31 9.58 -5.58
CA SER C 41 -1.22 9.90 -6.48
C SER C 41 0.05 9.26 -5.95
N ALA C 42 0.30 9.43 -4.66
CA ALA C 42 1.47 8.85 -4.02
C ALA C 42 1.41 7.34 -4.13
N ILE C 43 0.24 6.80 -3.80
CA ILE C 43 0.00 5.37 -3.87
C ILE C 43 0.22 4.85 -5.29
N ARG C 44 -0.31 5.59 -6.27
CA ARG C 44 -0.16 5.23 -7.67
C ARG C 44 1.32 5.19 -8.04
N GLU C 45 2.04 6.21 -7.58
CA GLU C 45 3.48 6.28 -7.83
C GLU C 45 4.16 5.03 -7.29
N VAL C 46 3.60 4.48 -6.22
CA VAL C 46 4.15 3.28 -5.60
C VAL C 46 4.08 2.11 -6.57
N TYR C 47 2.91 1.90 -7.16
CA TYR C 47 2.74 0.80 -8.10
C TYR C 47 3.73 0.89 -9.26
N GLU C 48 3.85 2.09 -9.84
CA GLU C 48 4.78 2.29 -10.94
C GLU C 48 6.22 2.18 -10.45
N GLN C 49 6.47 2.78 -9.28
CA GLN C 49 7.80 2.75 -8.68
C GLN C 49 8.22 1.33 -8.33
N LEU C 50 7.30 0.58 -7.75
CA LEU C 50 7.58 -0.79 -7.36
C LEU C 50 7.98 -1.62 -8.56
N TYR C 51 7.22 -1.52 -9.64
CA TYR C 51 7.53 -2.25 -10.86
C TYR C 51 8.99 -1.98 -11.26
N ASP C 52 9.36 -0.71 -11.26
CA ASP C 52 10.71 -0.32 -11.59
C ASP C 52 11.68 -0.95 -10.59
N THR C 53 11.31 -0.90 -9.32
CA THR C 53 12.12 -1.47 -8.24
C THR C 53 12.42 -2.94 -8.53
N LEU C 54 11.45 -3.64 -9.11
CA LEU C 54 11.62 -5.05 -9.45
C LEU C 54 12.69 -5.18 -10.53
N ASP C 55 12.65 -4.28 -11.49
CA ASP C 55 13.61 -4.28 -12.58
C ASP C 55 15.00 -3.86 -12.13
N ILE C 56 15.09 -3.18 -10.99
CA ILE C 56 16.38 -2.74 -10.46
C ILE C 56 17.08 -3.85 -9.72
N THR C 57 16.50 -4.23 -8.59
CA THR C 57 17.03 -5.28 -7.75
C THR C 57 16.77 -6.66 -8.35
N ALA D 1 6.25 -10.47 3.79
CA ALA D 1 7.18 -9.63 4.54
C ALA D 1 6.83 -9.64 6.02
N VAL D 2 5.54 -9.67 6.32
CA VAL D 2 5.08 -9.71 7.70
C VAL D 2 5.39 -11.05 8.34
N GLN D 3 5.19 -12.12 7.56
CA GLN D 3 5.46 -13.47 8.05
C GLN D 3 6.94 -13.63 8.36
N ARG D 4 7.78 -13.13 7.47
CA ARG D 4 9.22 -13.21 7.67
C ARG D 4 9.61 -12.50 8.94
N ALA D 5 9.01 -11.32 9.16
CA ALA D 5 9.27 -10.54 10.35
C ALA D 5 8.78 -11.33 11.57
N LYS D 6 7.58 -11.88 11.45
CA LYS D 6 6.98 -12.68 12.51
C LYS D 6 7.91 -13.82 12.90
N GLU D 7 8.33 -14.58 11.89
CA GLU D 7 9.22 -15.71 12.11
C GLU D 7 10.45 -15.29 12.90
N VAL D 8 10.99 -14.12 12.56
CA VAL D 8 12.16 -13.60 13.25
C VAL D 8 11.84 -13.36 14.73
N LEU D 9 10.66 -12.80 15.00
CA LEU D 9 10.25 -12.54 16.37
C LEU D 9 10.33 -13.82 17.19
N GLU D 10 9.90 -14.92 16.59
CA GLU D 10 9.93 -16.22 17.26
C GLU D 10 11.36 -16.61 17.60
N GLU D 11 12.26 -16.49 16.63
CA GLU D 11 13.66 -16.83 16.85
C GLU D 11 14.28 -15.94 17.90
N ILE D 12 14.19 -14.63 17.70
CA ILE D 12 14.73 -13.67 18.64
C ILE D 12 14.01 -13.77 19.98
N SER D 13 12.74 -14.19 19.95
CA SER D 13 11.96 -14.33 21.17
C SER D 13 12.54 -15.42 22.06
N CYS D 14 13.04 -16.48 21.42
CA CYS D 14 13.64 -17.59 22.14
C CYS D 14 14.99 -17.19 22.73
N TYR D 15 15.47 -16.00 22.39
CA TYR D 15 16.75 -15.51 22.89
C TYR D 15 16.55 -14.37 23.88
N PRO D 16 16.54 -14.68 25.19
CA PRO D 16 16.37 -13.68 26.23
C PRO D 16 17.71 -13.06 26.67
N GLU D 17 18.69 -13.09 25.79
CA GLU D 17 20.01 -12.55 26.10
C GLU D 17 20.36 -11.38 25.17
N ASN D 18 19.92 -11.47 23.92
CA ASN D 18 20.19 -10.42 22.95
C ASN D 18 19.25 -9.23 23.14
N ASN D 19 19.79 -8.13 23.66
CA ASN D 19 18.99 -6.93 23.88
C ASN D 19 18.48 -6.36 22.57
N ASP D 20 19.19 -6.65 21.48
CA ASP D 20 18.78 -6.17 20.17
C ASP D 20 17.56 -6.95 19.73
N ALA D 21 17.51 -8.21 20.14
CA ALA D 21 16.39 -9.09 19.82
C ALA D 21 15.13 -8.60 20.52
N LYS D 22 15.33 -7.93 21.66
CA LYS D 22 14.23 -7.41 22.44
C LYS D 22 13.59 -6.21 21.74
N GLU D 23 14.41 -5.21 21.47
CA GLU D 23 13.93 -4.00 20.81
C GLU D 23 13.44 -4.32 19.42
N LEU D 24 13.91 -5.44 18.86
CA LEU D 24 13.50 -5.84 17.52
C LEU D 24 12.14 -6.49 17.55
N LYS D 25 11.89 -7.30 18.58
CA LYS D 25 10.61 -7.97 18.73
C LYS D 25 9.50 -6.94 18.92
N ARG D 26 9.79 -5.90 19.69
CA ARG D 26 8.83 -4.85 19.96
C ARG D 26 8.48 -4.08 18.68
N ILE D 27 9.51 -3.53 18.04
CA ILE D 27 9.32 -2.77 16.81
C ILE D 27 8.72 -3.63 15.70
N LEU D 28 9.28 -4.82 15.51
CA LEU D 28 8.80 -5.73 14.48
C LEU D 28 7.32 -6.07 14.68
N THR D 29 6.90 -6.11 15.93
CA THR D 29 5.50 -6.44 16.25
C THR D 29 4.61 -5.21 16.12
N GLN D 30 5.19 -4.02 16.26
CA GLN D 30 4.43 -2.77 16.15
C GLN D 30 3.55 -2.77 14.89
N PRO D 31 2.22 -2.83 15.06
CA PRO D 31 1.27 -2.86 13.94
C PRO D 31 1.65 -1.89 12.82
N HIS D 32 2.20 -0.73 13.18
CA HIS D 32 2.59 0.27 12.19
C HIS D 32 3.54 -0.34 11.16
N PHE D 33 4.65 -0.89 11.64
CA PHE D 33 5.63 -1.52 10.76
C PHE D 33 4.97 -2.66 9.99
N MET D 34 3.95 -3.26 10.60
CA MET D 34 3.22 -4.35 9.97
C MET D 34 2.40 -3.82 8.80
N ALA D 35 1.82 -2.64 8.98
CA ALA D 35 1.03 -2.01 7.93
C ALA D 35 1.87 -1.82 6.68
N LEU D 36 3.04 -1.22 6.85
CA LEU D 36 3.94 -1.01 5.72
C LEU D 36 4.26 -2.35 5.07
N LEU D 37 4.55 -3.34 5.90
CA LEU D 37 4.84 -4.68 5.43
C LEU D 37 3.65 -5.22 4.64
N GLN D 38 2.45 -4.89 5.11
CA GLN D 38 1.23 -5.33 4.43
C GLN D 38 1.25 -4.86 2.98
N THR D 39 1.68 -3.62 2.79
CA THR D 39 1.79 -3.05 1.45
C THR D 39 2.83 -3.83 0.65
N HIS D 40 3.86 -4.27 1.37
CA HIS D 40 4.95 -5.05 0.76
C HIS D 40 4.41 -6.31 0.11
N ASP D 41 3.56 -7.02 0.83
CA ASP D 41 2.99 -8.27 0.33
C ASP D 41 1.93 -8.02 -0.73
N VAL D 42 1.05 -7.04 -0.50
CA VAL D 42 -0.02 -6.74 -1.44
C VAL D 42 0.53 -6.56 -2.86
N VAL D 43 1.56 -5.73 -2.99
CA VAL D 43 2.17 -5.48 -4.30
C VAL D 43 3.06 -6.64 -4.71
N ALA D 44 4.02 -6.97 -3.85
CA ALA D 44 4.96 -8.06 -4.13
C ALA D 44 4.22 -9.34 -4.51
N HIS D 45 3.03 -9.51 -3.97
CA HIS D 45 2.23 -10.69 -4.25
C HIS D 45 1.60 -10.59 -5.64
N GLU D 46 0.91 -9.48 -5.89
CA GLU D 46 0.27 -9.26 -7.17
C GLU D 46 1.28 -9.21 -8.32
N VAL D 47 2.56 -9.01 -7.97
CA VAL D 47 3.61 -8.92 -8.99
C VAL D 47 4.44 -10.20 -9.05
N TYR D 48 4.42 -11.00 -7.99
CA TYR D 48 5.21 -12.22 -7.95
C TYR D 48 4.51 -13.30 -7.14
N SER D 49 3.35 -13.71 -7.63
CA SER D 49 2.56 -14.75 -6.98
C SER D 49 1.98 -15.69 -8.02
N ASP D 50 1.02 -15.18 -8.78
CA ASP D 50 0.37 -15.95 -9.83
C ASP D 50 1.29 -16.09 -11.03
N LEU A 1 4.30 9.04 12.37
CA LEU A 1 4.21 7.59 12.22
C LEU A 1 5.42 6.90 12.85
N GLY A 2 6.56 7.59 12.84
CA GLY A 2 7.76 7.03 13.40
C GLY A 2 8.16 5.74 12.70
N LEU A 3 7.89 5.67 11.41
CA LEU A 3 8.21 4.49 10.61
C LEU A 3 9.70 4.44 10.33
N GLU A 4 10.30 5.60 10.12
CA GLU A 4 11.72 5.68 9.86
C GLU A 4 12.50 5.27 11.09
N ARG A 5 11.92 5.56 12.26
CA ARG A 5 12.55 5.22 13.52
C ARG A 5 12.38 3.74 13.86
N ASP A 6 11.22 3.18 13.49
CA ASP A 6 10.94 1.78 13.77
C ASP A 6 11.57 0.86 12.74
N VAL A 7 11.58 1.30 11.49
CA VAL A 7 12.17 0.51 10.41
C VAL A 7 13.68 0.55 10.51
N SER A 8 14.21 1.76 10.56
CA SER A 8 15.64 1.95 10.67
C SER A 8 16.16 1.27 11.94
N ARG A 9 15.30 1.21 12.96
CA ARG A 9 15.66 0.57 14.21
C ARG A 9 15.59 -0.94 14.06
N ALA A 10 14.70 -1.40 13.19
CA ALA A 10 14.54 -2.83 12.95
C ALA A 10 15.66 -3.32 12.03
N VAL A 11 16.09 -2.44 11.13
CA VAL A 11 17.15 -2.76 10.19
C VAL A 11 18.47 -2.92 10.94
N GLU A 12 18.75 -1.97 11.84
CA GLU A 12 19.97 -2.03 12.64
C GLU A 12 19.85 -3.11 13.69
N LEU A 13 18.63 -3.39 14.11
CA LEU A 13 18.38 -4.43 15.10
C LEU A 13 18.63 -5.79 14.45
N LEU A 14 18.30 -5.90 13.18
CA LEU A 14 18.50 -7.13 12.43
C LEU A 14 20.00 -7.33 12.17
N GLU A 15 20.69 -6.22 11.94
CA GLU A 15 22.12 -6.25 11.73
C GLU A 15 22.80 -6.56 13.05
N ARG A 16 22.31 -5.91 14.10
CA ARG A 16 22.82 -6.11 15.45
C ARG A 16 22.79 -7.60 15.79
N LEU A 17 21.61 -8.20 15.61
CA LEU A 17 21.44 -9.62 15.87
C LEU A 17 22.35 -10.44 14.97
N GLN A 18 22.44 -10.03 13.71
CA GLN A 18 23.29 -10.71 12.74
C GLN A 18 24.74 -10.71 13.22
N ARG A 19 25.17 -9.58 13.78
CA ARG A 19 26.52 -9.46 14.29
C ARG A 19 26.75 -10.46 15.41
N SER A 20 25.73 -10.67 16.22
CA SER A 20 25.82 -11.62 17.33
C SER A 20 25.77 -13.06 16.80
N GLY A 21 24.93 -13.28 15.80
CA GLY A 21 24.80 -14.60 15.22
C GLY A 21 24.27 -15.62 16.20
N GLU A 22 23.05 -15.41 16.68
CA GLU A 22 22.43 -16.32 17.64
C GLU A 22 21.06 -16.80 17.16
N LEU A 23 20.59 -16.27 16.03
CA LEU A 23 19.29 -16.66 15.49
C LEU A 23 19.38 -16.88 13.98
N PRO A 24 18.36 -17.52 13.38
CA PRO A 24 18.32 -17.79 11.94
C PRO A 24 18.78 -16.60 11.11
N PRO A 25 20.03 -16.64 10.62
CA PRO A 25 20.61 -15.54 9.83
C PRO A 25 19.83 -15.25 8.55
N GLN A 26 19.49 -16.32 7.81
CA GLN A 26 18.77 -16.17 6.56
C GLN A 26 17.46 -15.40 6.74
N LYS A 27 16.64 -15.84 7.68
CA LYS A 27 15.36 -15.20 7.95
C LYS A 27 15.55 -13.71 8.29
N LEU A 28 16.44 -13.45 9.24
CA LEU A 28 16.71 -12.08 9.66
C LEU A 28 17.32 -11.28 8.52
N GLN A 29 18.10 -11.95 7.68
CA GLN A 29 18.72 -11.28 6.55
C GLN A 29 17.64 -10.88 5.56
N ALA A 30 16.59 -11.69 5.51
CA ALA A 30 15.47 -11.43 4.62
C ALA A 30 14.73 -10.18 5.08
N LEU A 31 14.61 -10.03 6.39
CA LEU A 31 13.93 -8.87 6.96
C LEU A 31 14.70 -7.60 6.64
N GLN A 32 15.98 -7.58 6.94
CA GLN A 32 16.82 -6.41 6.68
C GLN A 32 16.75 -6.03 5.21
N ARG A 33 16.62 -7.04 4.34
CA ARG A 33 16.54 -6.79 2.91
C ARG A 33 15.15 -6.26 2.53
N VAL A 34 14.16 -6.60 3.35
CA VAL A 34 12.78 -6.17 3.10
C VAL A 34 12.60 -4.71 3.52
N LEU A 35 13.39 -4.27 4.50
CA LEU A 35 13.29 -2.90 4.97
C LEU A 35 14.32 -2.02 4.27
N GLN A 36 15.52 -2.54 4.09
CA GLN A 36 16.59 -1.79 3.45
C GLN A 36 16.33 -1.65 1.95
N SER A 37 15.65 -2.63 1.36
CA SER A 37 15.32 -2.61 -0.06
C SER A 37 14.73 -1.26 -0.46
N ARG A 38 15.12 -0.77 -1.63
CA ARG A 38 14.63 0.51 -2.13
C ARG A 38 13.10 0.52 -2.20
N PHE A 39 12.51 -0.66 -2.39
CA PHE A 39 11.07 -0.78 -2.47
C PHE A 39 10.40 -0.23 -1.21
N CYS A 40 10.76 -0.78 -0.07
CA CYS A 40 10.21 -0.35 1.21
C CYS A 40 10.52 1.12 1.46
N SER A 41 11.50 1.65 0.73
CA SER A 41 11.88 3.05 0.87
C SER A 41 10.80 3.92 0.26
N ALA A 42 10.37 3.55 -0.94
CA ALA A 42 9.32 4.28 -1.61
C ALA A 42 8.04 4.22 -0.79
N ILE A 43 7.69 3.01 -0.38
CA ILE A 43 6.51 2.78 0.43
C ILE A 43 6.55 3.61 1.71
N ARG A 44 7.71 3.63 2.37
CA ARG A 44 7.87 4.40 3.59
C ARG A 44 7.61 5.87 3.30
N GLU A 45 8.17 6.36 2.20
CA GLU A 45 7.98 7.74 1.79
C GLU A 45 6.49 8.03 1.61
N VAL A 46 5.73 6.99 1.26
CA VAL A 46 4.30 7.14 1.07
C VAL A 46 3.61 7.46 2.38
N TYR A 47 3.91 6.68 3.41
CA TYR A 47 3.29 6.91 4.71
C TYR A 47 3.56 8.32 5.22
N GLU A 48 4.81 8.75 5.11
CA GLU A 48 5.17 10.10 5.54
C GLU A 48 4.56 11.14 4.61
N GLN A 49 4.67 10.87 3.31
CA GLN A 49 4.11 11.77 2.30
C GLN A 49 2.61 11.90 2.45
N LEU A 50 1.95 10.79 2.74
CA LEU A 50 0.51 10.77 2.91
C LEU A 50 0.08 11.62 4.09
N TYR A 51 0.79 11.49 5.20
CA TYR A 51 0.48 12.28 6.39
C TYR A 51 0.43 13.76 6.01
N ASP A 52 1.47 14.21 5.31
CA ASP A 52 1.52 15.59 4.85
C ASP A 52 0.32 15.86 3.96
N THR A 53 0.05 14.94 3.04
CA THR A 53 -1.08 15.06 2.13
C THR A 53 -2.36 15.31 2.91
N LEU A 54 -2.52 14.61 4.04
CA LEU A 54 -3.69 14.80 4.89
C LEU A 54 -3.81 16.26 5.28
N ASP A 55 -2.68 16.84 5.65
CA ASP A 55 -2.62 18.24 6.05
C ASP A 55 -2.76 19.19 4.86
N ILE A 56 -2.59 18.67 3.65
CA ILE A 56 -2.68 19.49 2.45
C ILE A 56 -4.09 19.46 1.87
N THR A 57 -4.53 18.27 1.52
CA THR A 57 -5.85 18.06 0.94
C THR A 57 -6.96 18.43 1.92
N ALA B 1 -12.17 3.56 0.06
CA ALA B 1 -11.94 3.92 -1.34
C ALA B 1 -12.42 2.81 -2.28
N VAL B 2 -12.09 1.57 -1.93
CA VAL B 2 -12.51 0.43 -2.74
C VAL B 2 -14.02 0.27 -2.69
N GLN B 3 -14.60 0.44 -1.51
CA GLN B 3 -16.04 0.32 -1.34
C GLN B 3 -16.74 1.37 -2.18
N ARG B 4 -16.23 2.59 -2.16
CA ARG B 4 -16.80 3.68 -2.93
C ARG B 4 -16.77 3.32 -4.41
N ALA B 5 -15.70 2.66 -4.82
CA ALA B 5 -15.55 2.24 -6.21
C ALA B 5 -16.56 1.15 -6.52
N LYS B 6 -16.70 0.20 -5.60
CA LYS B 6 -17.65 -0.90 -5.75
C LYS B 6 -19.07 -0.36 -5.86
N GLU B 7 -19.40 0.57 -4.96
CA GLU B 7 -20.72 1.18 -4.94
C GLU B 7 -21.03 1.80 -6.29
N VAL B 8 -20.03 2.46 -6.87
CA VAL B 8 -20.19 3.10 -8.17
C VAL B 8 -20.52 2.05 -9.23
N LEU B 9 -19.83 0.91 -9.17
CA LEU B 9 -20.07 -0.17 -10.12
C LEU B 9 -21.55 -0.51 -10.14
N GLU B 10 -22.13 -0.63 -8.96
CA GLU B 10 -23.54 -0.95 -8.83
C GLU B 10 -24.41 0.08 -9.52
N GLU B 11 -24.11 1.36 -9.27
CA GLU B 11 -24.87 2.44 -9.88
C GLU B 11 -24.71 2.41 -11.40
N ILE B 12 -23.47 2.45 -11.87
CA ILE B 12 -23.19 2.41 -13.28
C ILE B 12 -23.67 1.11 -13.90
N SER B 13 -23.68 0.05 -13.09
CA SER B 13 -24.13 -1.27 -13.56
C SER B 13 -25.61 -1.23 -13.91
N CYS B 14 -26.37 -0.45 -13.14
CA CYS B 14 -27.81 -0.32 -13.36
C CYS B 14 -28.09 0.55 -14.58
N TYR B 15 -27.04 1.12 -15.18
CA TYR B 15 -27.19 1.98 -16.34
C TYR B 15 -26.65 1.31 -17.60
N PRO B 16 -27.53 0.64 -18.37
CA PRO B 16 -27.13 -0.04 -19.60
C PRO B 16 -27.16 0.88 -20.82
N GLU B 17 -27.00 2.18 -20.58
CA GLU B 17 -27.01 3.16 -21.66
C GLU B 17 -25.72 3.95 -21.72
N ASN B 18 -25.15 4.24 -20.55
CA ASN B 18 -23.91 5.00 -20.46
C ASN B 18 -22.71 4.13 -20.80
N ASN B 19 -22.15 4.33 -21.99
CA ASN B 19 -20.99 3.56 -22.44
C ASN B 19 -19.79 3.80 -21.51
N ASP B 20 -19.77 4.97 -20.89
CA ASP B 20 -18.70 5.31 -19.98
C ASP B 20 -18.83 4.52 -18.69
N ALA B 21 -20.09 4.22 -18.34
CA ALA B 21 -20.37 3.45 -17.15
C ALA B 21 -19.88 2.02 -17.30
N LYS B 22 -19.92 1.53 -18.53
CA LYS B 22 -19.46 0.18 -18.83
C LYS B 22 -17.95 0.07 -18.70
N GLU B 23 -17.25 0.92 -19.43
CA GLU B 23 -15.79 0.91 -19.40
C GLU B 23 -15.29 1.25 -18.00
N LEU B 24 -16.12 1.93 -17.22
CA LEU B 24 -15.73 2.30 -15.86
C LEU B 24 -15.85 1.10 -14.93
N LYS B 25 -16.90 0.30 -15.11
CA LYS B 25 -17.10 -0.89 -14.29
C LYS B 25 -15.95 -1.86 -14.49
N ARG B 26 -15.51 -1.99 -15.74
CA ARG B 26 -14.42 -2.88 -16.09
C ARG B 26 -13.12 -2.46 -15.39
N ILE B 27 -12.73 -1.21 -15.60
CA ILE B 27 -11.51 -0.68 -14.99
C ILE B 27 -11.61 -0.66 -13.48
N LEU B 28 -12.74 -0.17 -12.97
CA LEU B 28 -12.95 -0.09 -11.52
C LEU B 28 -12.86 -1.47 -10.88
N THR B 29 -13.17 -2.51 -11.64
CA THR B 29 -13.13 -3.88 -11.13
C THR B 29 -11.73 -4.48 -11.27
N GLN B 30 -10.96 -3.99 -12.24
CA GLN B 30 -9.60 -4.49 -12.46
C GLN B 30 -8.83 -4.51 -11.15
N PRO B 31 -8.45 -5.70 -10.67
CA PRO B 31 -7.71 -5.87 -9.41
C PRO B 31 -6.55 -4.87 -9.28
N HIS B 32 -5.93 -4.51 -10.40
CA HIS B 32 -4.82 -3.56 -10.39
C HIS B 32 -5.22 -2.27 -9.71
N PHE B 33 -6.29 -1.65 -10.21
CA PHE B 33 -6.79 -0.41 -9.62
C PHE B 33 -7.21 -0.65 -8.19
N MET B 34 -7.64 -1.89 -7.91
CA MET B 34 -8.05 -2.27 -6.56
C MET B 34 -6.85 -2.28 -5.63
N ALA B 35 -5.72 -2.77 -6.14
CA ALA B 35 -4.50 -2.82 -5.36
C ALA B 35 -4.11 -1.44 -4.88
N LEU B 36 -4.07 -0.49 -5.82
CA LEU B 36 -3.75 0.89 -5.47
C LEU B 36 -4.74 1.42 -4.45
N LEU B 37 -6.02 1.16 -4.71
CA LEU B 37 -7.08 1.58 -3.80
C LEU B 37 -6.86 0.98 -2.41
N GLN B 38 -6.45 -0.28 -2.37
CA GLN B 38 -6.18 -0.95 -1.11
C GLN B 38 -5.15 -0.16 -0.31
N THR B 39 -4.16 0.35 -1.01
CA THR B 39 -3.12 1.17 -0.41
C THR B 39 -3.76 2.44 0.14
N HIS B 40 -4.80 2.90 -0.54
CA HIS B 40 -5.53 4.10 -0.14
C HIS B 40 -6.15 3.91 1.24
N ASP B 41 -6.78 2.76 1.42
CA ASP B 41 -7.45 2.44 2.69
C ASP B 41 -6.45 2.02 3.76
N VAL B 42 -5.45 1.23 3.38
CA VAL B 42 -4.44 0.76 4.33
C VAL B 42 -3.82 1.93 5.10
N VAL B 43 -3.40 2.96 4.37
CA VAL B 43 -2.80 4.13 4.98
C VAL B 43 -3.87 4.98 5.69
N ALA B 44 -4.94 5.30 4.97
CA ALA B 44 -6.02 6.09 5.53
C ALA B 44 -6.51 5.48 6.84
N HIS B 45 -6.48 4.15 6.92
CA HIS B 45 -6.91 3.44 8.11
C HIS B 45 -5.93 3.73 9.26
N GLU B 46 -4.66 3.50 9.00
CA GLU B 46 -3.63 3.75 10.00
C GLU B 46 -3.34 5.25 10.13
N VAL B 47 -3.93 6.04 9.24
CA VAL B 47 -3.75 7.47 9.23
C VAL B 47 -4.61 8.13 10.33
N TYR B 48 -5.89 7.83 10.32
CA TYR B 48 -6.80 8.38 11.33
C TYR B 48 -8.18 7.74 11.24
N SER B 49 -8.21 6.41 11.36
CA SER B 49 -9.46 5.67 11.31
C SER B 49 -9.80 5.08 12.68
N ASP B 50 -8.76 4.68 13.39
CA ASP B 50 -8.92 4.11 14.73
C ASP B 50 -8.76 5.18 15.78
N LEU C 1 2.54 -0.89 -15.15
CA LEU C 1 1.40 -1.49 -14.47
C LEU C 1 0.09 -1.17 -15.20
N GLY C 2 0.02 0.04 -15.73
CA GLY C 2 -1.17 0.47 -16.43
C GLY C 2 -2.19 1.10 -15.49
N LEU C 3 -1.73 1.54 -14.33
CA LEU C 3 -2.60 2.17 -13.35
C LEU C 3 -2.96 3.57 -13.79
N GLU C 4 -2.01 4.25 -14.42
CA GLU C 4 -2.23 5.60 -14.89
C GLU C 4 -3.27 5.58 -16.02
N ARG C 5 -3.28 4.49 -16.77
CA ARG C 5 -4.20 4.34 -17.87
C ARG C 5 -5.60 3.94 -17.37
N ASP C 6 -5.65 3.14 -16.32
CA ASP C 6 -6.91 2.68 -15.76
C ASP C 6 -7.54 3.72 -14.84
N VAL C 7 -6.70 4.44 -14.10
CA VAL C 7 -7.17 5.48 -13.20
C VAL C 7 -7.58 6.70 -13.99
N SER C 8 -6.68 7.16 -14.83
CA SER C 8 -6.93 8.31 -15.68
C SER C 8 -8.14 8.03 -16.57
N ARG C 9 -8.33 6.76 -16.93
CA ARG C 9 -9.46 6.38 -17.75
C ARG C 9 -10.73 6.34 -16.90
N ALA C 10 -10.57 6.02 -15.61
CA ALA C 10 -11.71 5.97 -14.72
C ALA C 10 -12.11 7.38 -14.32
N VAL C 11 -11.13 8.26 -14.23
CA VAL C 11 -11.36 9.64 -13.88
C VAL C 11 -12.16 10.34 -14.98
N GLU C 12 -11.75 10.12 -16.22
CA GLU C 12 -12.44 10.69 -17.37
C GLU C 12 -13.76 9.97 -17.59
N LEU C 13 -13.81 8.70 -17.20
CA LEU C 13 -15.01 7.91 -17.33
C LEU C 13 -16.06 8.44 -16.36
N LEU C 14 -15.60 8.93 -15.21
CA LEU C 14 -16.47 9.49 -14.20
C LEU C 14 -16.90 10.89 -14.60
N GLU C 15 -16.01 11.60 -15.30
CA GLU C 15 -16.31 12.95 -15.76
C GLU C 15 -17.30 12.85 -16.90
N ARG C 16 -17.04 11.90 -17.80
CA ARG C 16 -17.90 11.65 -18.93
C ARG C 16 -19.34 11.43 -18.46
N LEU C 17 -19.50 10.48 -17.53
CA LEU C 17 -20.82 10.19 -16.98
C LEU C 17 -21.35 11.43 -16.26
N GLN C 18 -20.45 12.18 -15.64
CA GLN C 18 -20.82 13.41 -14.95
C GLN C 18 -21.43 14.40 -15.94
N ARG C 19 -20.82 14.46 -17.12
CA ARG C 19 -21.30 15.34 -18.18
C ARG C 19 -22.74 14.99 -18.54
N SER C 20 -23.01 13.68 -18.57
CA SER C 20 -24.35 13.20 -18.88
C SER C 20 -25.30 13.48 -17.72
N GLY C 21 -24.81 13.27 -16.50
CA GLY C 21 -25.61 13.51 -15.32
C GLY C 21 -26.84 12.62 -15.26
N GLU C 22 -26.61 11.30 -15.24
CA GLU C 22 -27.69 10.34 -15.19
C GLU C 22 -27.65 9.53 -13.89
N LEU C 23 -26.44 9.23 -13.42
CA LEU C 23 -26.26 8.44 -12.20
C LEU C 23 -25.86 9.34 -11.02
N PRO C 24 -25.74 8.76 -9.81
CA PRO C 24 -25.35 9.51 -8.61
C PRO C 24 -24.13 10.39 -8.84
N PRO C 25 -24.30 11.72 -8.85
CA PRO C 25 -23.20 12.66 -9.07
C PRO C 25 -22.15 12.61 -7.97
N GLN C 26 -22.60 12.74 -6.72
CA GLN C 26 -21.70 12.73 -5.58
C GLN C 26 -20.83 11.47 -5.55
N LYS C 27 -21.46 10.32 -5.71
CA LYS C 27 -20.74 9.04 -5.70
C LYS C 27 -19.60 9.04 -6.72
N LEU C 28 -19.93 9.36 -7.97
CA LEU C 28 -18.93 9.40 -9.03
C LEU C 28 -17.95 10.54 -8.82
N GLN C 29 -18.44 11.64 -8.26
CA GLN C 29 -17.60 12.79 -7.98
C GLN C 29 -16.61 12.43 -6.88
N ALA C 30 -17.05 11.56 -5.98
CA ALA C 30 -16.22 11.11 -4.88
C ALA C 30 -15.04 10.32 -5.41
N LEU C 31 -15.33 9.39 -6.30
CA LEU C 31 -14.28 8.58 -6.92
C LEU C 31 -13.25 9.49 -7.57
N GLN C 32 -13.74 10.46 -8.33
CA GLN C 32 -12.88 11.42 -9.02
C GLN C 32 -11.84 11.99 -8.05
N ARG C 33 -12.32 12.52 -6.94
CA ARG C 33 -11.43 13.10 -5.93
C ARG C 33 -10.58 12.03 -5.26
N VAL C 34 -11.02 10.77 -5.36
CA VAL C 34 -10.29 9.67 -4.75
C VAL C 34 -9.12 9.23 -5.63
N LEU C 35 -9.24 9.44 -6.94
CA LEU C 35 -8.18 9.06 -7.86
C LEU C 35 -7.40 10.29 -8.32
N GLN C 36 -8.04 11.46 -8.25
CA GLN C 36 -7.40 12.71 -8.67
C GLN C 36 -6.65 13.35 -7.52
N SER C 37 -7.11 13.11 -6.29
CA SER C 37 -6.47 13.69 -5.10
C SER C 37 -4.98 13.46 -5.12
N ARG C 38 -4.23 14.35 -4.48
CA ARG C 38 -2.78 14.24 -4.42
C ARG C 38 -2.37 12.94 -3.73
N PHE C 39 -3.22 12.45 -2.82
CA PHE C 39 -2.94 11.22 -2.10
C PHE C 39 -2.75 10.06 -3.07
N CYS C 40 -3.78 9.79 -3.86
CA CYS C 40 -3.73 8.70 -4.83
C CYS C 40 -2.57 8.89 -5.80
N SER C 41 -2.05 10.11 -5.88
CA SER C 41 -0.94 10.42 -6.76
C SER C 41 0.33 9.83 -6.19
N ALA C 42 0.55 10.05 -4.90
CA ALA C 42 1.71 9.51 -4.22
C ALA C 42 1.67 7.99 -4.29
N ILE C 43 0.52 7.45 -3.93
CA ILE C 43 0.30 6.00 -3.95
C ILE C 43 0.55 5.44 -5.35
N ARG C 44 0.03 6.13 -6.36
CA ARG C 44 0.20 5.72 -7.74
C ARG C 44 1.67 5.69 -8.10
N GLU C 45 2.39 6.73 -7.67
CA GLU C 45 3.82 6.81 -7.92
C GLU C 45 4.52 5.62 -7.29
N VAL C 46 3.93 5.10 -6.20
CA VAL C 46 4.51 3.96 -5.51
C VAL C 46 4.48 2.74 -6.41
N TYR C 47 3.33 2.46 -6.99
CA TYR C 47 3.21 1.29 -7.87
C TYR C 47 4.19 1.37 -9.03
N GLU C 48 4.32 2.55 -9.62
CA GLU C 48 5.26 2.74 -10.73
C GLU C 48 6.69 2.60 -10.22
N GLN C 49 6.97 3.25 -9.10
CA GLN C 49 8.28 3.21 -8.49
C GLN C 49 8.66 1.78 -8.10
N LEU C 50 7.75 1.11 -7.42
CA LEU C 50 7.96 -0.26 -6.98
C LEU C 50 8.38 -1.16 -8.14
N TYR C 51 7.63 -1.09 -9.23
CA TYR C 51 7.95 -1.88 -10.41
C TYR C 51 9.41 -1.68 -10.79
N ASP C 52 9.81 -0.41 -10.87
CA ASP C 52 11.19 -0.08 -11.18
C ASP C 52 12.11 -0.66 -10.11
N THR C 53 11.67 -0.55 -8.86
CA THR C 53 12.44 -1.07 -7.73
C THR C 53 12.68 -2.57 -7.89
N LEU C 54 11.66 -3.28 -8.33
CA LEU C 54 11.76 -4.73 -8.56
C LEU C 54 12.87 -5.01 -9.55
N ASP C 55 12.93 -4.17 -10.59
CA ASP C 55 13.94 -4.32 -11.64
C ASP C 55 15.34 -4.00 -11.11
N ILE C 56 15.40 -3.16 -10.07
CA ILE C 56 16.69 -2.77 -9.49
C ILE C 56 17.24 -3.89 -8.61
N THR C 57 16.61 -4.07 -7.46
CA THR C 57 17.02 -5.09 -6.51
C THR C 57 16.92 -6.48 -7.12
N ALA D 1 5.94 -10.06 3.49
CA ALA D 1 6.79 -9.20 4.32
C ALA D 1 6.35 -9.27 5.78
N VAL D 2 5.05 -9.23 6.01
CA VAL D 2 4.51 -9.28 7.37
C VAL D 2 4.73 -10.67 7.97
N GLN D 3 4.49 -11.71 7.17
CA GLN D 3 4.68 -13.07 7.63
C GLN D 3 6.15 -13.33 7.93
N ARG D 4 7.03 -12.84 7.05
CA ARG D 4 8.46 -13.03 7.24
C ARG D 4 8.89 -12.37 8.53
N ALA D 5 8.38 -11.16 8.77
CA ALA D 5 8.68 -10.43 9.99
C ALA D 5 8.14 -11.20 11.18
N LYS D 6 6.91 -11.69 11.03
CA LYS D 6 6.26 -12.48 12.06
C LYS D 6 7.12 -13.68 12.45
N GLU D 7 7.47 -14.46 11.45
CA GLU D 7 8.28 -15.66 11.65
C GLU D 7 9.55 -15.32 12.43
N VAL D 8 10.13 -14.17 12.11
CA VAL D 8 11.35 -13.73 12.78
C VAL D 8 11.06 -13.46 14.25
N LEU D 9 9.92 -12.83 14.53
CA LEU D 9 9.54 -12.55 15.92
C LEU D 9 9.55 -13.83 16.73
N GLU D 10 9.05 -14.90 16.14
CA GLU D 10 9.01 -16.19 16.81
C GLU D 10 10.41 -16.69 17.12
N GLU D 11 11.30 -16.59 16.15
CA GLU D 11 12.69 -17.03 16.33
C GLU D 11 13.37 -16.17 17.39
N ILE D 12 13.36 -14.86 17.17
CA ILE D 12 13.99 -13.94 18.11
C ILE D 12 13.29 -13.99 19.46
N SER D 13 12.00 -14.33 19.46
CA SER D 13 11.24 -14.43 20.70
C SER D 13 11.75 -15.59 21.55
N CYS D 14 12.14 -16.67 20.88
CA CYS D 14 12.65 -17.84 21.58
C CYS D 14 14.02 -17.57 22.20
N TYR D 15 14.60 -16.41 21.88
CA TYR D 15 15.91 -16.04 22.40
C TYR D 15 15.81 -14.94 23.45
N PRO D 16 15.81 -15.30 24.75
CA PRO D 16 15.72 -14.34 25.83
C PRO D 16 17.09 -13.82 26.25
N GLU D 17 18.04 -13.83 25.31
CA GLU D 17 19.39 -13.38 25.59
C GLU D 17 19.79 -12.20 24.70
N ASN D 18 19.28 -12.19 23.47
CA ASN D 18 19.60 -11.12 22.54
C ASN D 18 18.73 -9.89 22.78
N ASN D 19 19.36 -8.83 23.28
CA ASN D 19 18.64 -7.59 23.55
C ASN D 19 18.12 -6.96 22.26
N ASP D 20 18.81 -7.24 21.16
CA ASP D 20 18.40 -6.72 19.86
C ASP D 20 17.15 -7.43 19.39
N ALA D 21 17.04 -8.70 19.77
CA ALA D 21 15.88 -9.50 19.41
C ALA D 21 14.64 -8.94 20.07
N LYS D 22 14.79 -8.55 21.33
CA LYS D 22 13.70 -7.98 22.10
C LYS D 22 13.18 -6.70 21.46
N GLU D 23 14.08 -5.75 21.25
CA GLU D 23 13.72 -4.48 20.64
C GLU D 23 13.16 -4.69 19.24
N LEU D 24 13.56 -5.79 18.62
CA LEU D 24 13.08 -6.09 17.26
C LEU D 24 11.67 -6.66 17.31
N LYS D 25 11.39 -7.45 18.34
CA LYS D 25 10.07 -8.05 18.50
C LYS D 25 9.03 -6.97 18.70
N ARG D 26 9.41 -5.95 19.47
CA ARG D 26 8.52 -4.82 19.76
C ARG D 26 8.22 -4.03 18.50
N ILE D 27 9.27 -3.55 17.85
CA ILE D 27 9.13 -2.75 16.63
C ILE D 27 8.47 -3.55 15.51
N LEU D 28 8.95 -4.77 15.28
CA LEU D 28 8.41 -5.61 14.23
C LEU D 28 6.92 -5.89 14.45
N THR D 29 6.50 -5.96 15.70
CA THR D 29 5.11 -6.23 16.03
C THR D 29 4.27 -4.96 15.97
N GLN D 30 4.91 -3.80 16.12
CA GLN D 30 4.20 -2.52 16.09
C GLN D 30 3.34 -2.43 14.82
N PRO D 31 2.00 -2.49 14.96
CA PRO D 31 1.08 -2.41 13.83
C PRO D 31 1.49 -1.39 12.78
N HIS D 32 2.10 -0.28 13.21
CA HIS D 32 2.53 0.76 12.28
C HIS D 32 3.44 0.17 11.22
N PHE D 33 4.53 -0.46 11.66
CA PHE D 33 5.47 -1.07 10.74
C PHE D 33 4.76 -2.15 9.93
N MET D 34 3.73 -2.75 10.53
CA MET D 34 2.96 -3.78 9.87
C MET D 34 2.15 -3.18 8.72
N ALA D 35 1.60 -1.99 8.96
CA ALA D 35 0.83 -1.30 7.94
C ALA D 35 1.67 -1.09 6.69
N LEU D 36 2.87 -0.54 6.88
CA LEU D 36 3.78 -0.33 5.76
C LEU D 36 4.07 -1.68 5.10
N LEU D 37 4.31 -2.68 5.93
CA LEU D 37 4.59 -4.03 5.44
C LEU D 37 3.41 -4.52 4.60
N GLN D 38 2.20 -4.16 5.03
CA GLN D 38 0.99 -4.54 4.29
C GLN D 38 1.10 -4.03 2.86
N THR D 39 1.57 -2.79 2.74
CA THR D 39 1.76 -2.17 1.43
C THR D 39 2.84 -2.94 0.67
N HIS D 40 3.76 -3.53 1.42
CA HIS D 40 4.83 -4.31 0.85
C HIS D 40 4.29 -5.56 0.17
N ASP D 41 3.34 -6.20 0.85
CA ASP D 41 2.73 -7.42 0.34
C ASP D 41 1.70 -7.11 -0.75
N VAL D 42 0.84 -6.12 -0.49
CA VAL D 42 -0.19 -5.75 -1.46
C VAL D 42 0.40 -5.54 -2.86
N VAL D 43 1.47 -4.76 -2.94
CA VAL D 43 2.12 -4.51 -4.22
C VAL D 43 2.95 -5.72 -4.64
N ALA D 44 3.85 -6.16 -3.77
CA ALA D 44 4.70 -7.30 -4.05
C ALA D 44 3.87 -8.51 -4.51
N HIS D 45 2.62 -8.57 -4.06
CA HIS D 45 1.74 -9.66 -4.44
C HIS D 45 1.24 -9.46 -5.86
N GLU D 46 0.68 -8.28 -6.12
CA GLU D 46 0.17 -7.96 -7.44
C GLU D 46 1.26 -8.06 -8.50
N VAL D 47 2.52 -7.92 -8.08
CA VAL D 47 3.63 -7.97 -9.01
C VAL D 47 4.38 -9.30 -8.93
N TYR D 48 4.24 -10.01 -7.80
CA TYR D 48 4.93 -11.29 -7.63
C TYR D 48 4.18 -12.20 -6.67
N SER D 49 3.01 -12.63 -7.09
CA SER D 49 2.19 -13.54 -6.29
C SER D 49 1.02 -14.06 -7.13
N ASP D 50 0.03 -13.20 -7.33
CA ASP D 50 -1.14 -13.58 -8.13
C ASP D 50 -0.71 -13.98 -9.53
N LEU A 1 5.75 9.34 11.09
CA LEU A 1 5.04 8.14 11.50
C LEU A 1 5.95 7.20 12.28
N GLY A 2 7.07 7.73 12.79
CA GLY A 2 7.99 6.92 13.54
C GLY A 2 8.41 5.65 12.82
N LEU A 3 8.18 5.61 11.50
CA LEU A 3 8.54 4.46 10.70
C LEU A 3 10.04 4.41 10.46
N GLU A 4 10.63 5.59 10.27
CA GLU A 4 12.06 5.67 10.04
C GLU A 4 12.81 5.25 11.28
N ARG A 5 12.22 5.52 12.44
CA ARG A 5 12.83 5.16 13.70
C ARG A 5 12.63 3.68 14.02
N ASP A 6 11.49 3.14 13.61
CA ASP A 6 11.16 1.74 13.86
C ASP A 6 11.82 0.81 12.84
N VAL A 7 11.92 1.27 11.59
CA VAL A 7 12.54 0.48 10.54
C VAL A 7 14.04 0.52 10.70
N SER A 8 14.56 1.74 10.82
CA SER A 8 15.99 1.93 10.98
C SER A 8 16.46 1.25 12.25
N ARG A 9 15.59 1.21 13.26
CA ARG A 9 15.93 0.55 14.51
C ARG A 9 15.81 -0.96 14.36
N ALA A 10 14.94 -1.39 13.45
CA ALA A 10 14.76 -2.81 13.19
C ALA A 10 15.89 -3.32 12.31
N VAL A 11 16.38 -2.45 11.44
CA VAL A 11 17.47 -2.78 10.55
C VAL A 11 18.74 -3.01 11.34
N GLU A 12 19.04 -2.09 12.24
CA GLU A 12 20.22 -2.21 13.09
C GLU A 12 20.00 -3.28 14.13
N LEU A 13 18.76 -3.46 14.54
CA LEU A 13 18.42 -4.48 15.52
C LEU A 13 18.67 -5.86 14.93
N LEU A 14 18.46 -5.97 13.62
CA LEU A 14 18.66 -7.23 12.93
C LEU A 14 20.15 -7.48 12.72
N GLU A 15 20.88 -6.41 12.40
CA GLU A 15 22.33 -6.51 12.20
C GLU A 15 22.98 -6.81 13.53
N ARG A 16 22.51 -6.13 14.56
CA ARG A 16 23.01 -6.32 15.91
C ARG A 16 22.89 -7.78 16.31
N LEU A 17 21.72 -8.35 16.07
CA LEU A 17 21.46 -9.75 16.41
C LEU A 17 22.43 -10.68 15.69
N GLN A 18 22.48 -10.57 14.35
CA GLN A 18 23.38 -11.41 13.58
C GLN A 18 24.82 -11.21 14.04
N ARG A 19 25.13 -10.00 14.47
CA ARG A 19 26.46 -9.67 14.96
C ARG A 19 26.81 -10.57 16.14
N SER A 20 25.84 -10.77 17.02
CA SER A 20 26.03 -11.62 18.19
C SER A 20 26.15 -13.09 17.77
N GLY A 21 25.30 -13.48 16.82
CA GLY A 21 25.32 -14.85 16.34
C GLY A 21 24.73 -15.83 17.32
N GLU A 22 23.44 -15.66 17.63
CA GLU A 22 22.75 -16.54 18.56
C GLU A 22 21.65 -17.31 17.85
N LEU A 23 20.96 -16.65 16.93
CA LEU A 23 19.89 -17.28 16.17
C LEU A 23 20.17 -17.21 14.66
N PRO A 24 19.43 -18.00 13.86
CA PRO A 24 19.60 -18.02 12.41
C PRO A 24 19.56 -16.62 11.81
N PRO A 25 20.72 -16.08 11.40
CA PRO A 25 20.81 -14.75 10.81
C PRO A 25 20.20 -14.67 9.42
N GLN A 26 19.85 -15.82 8.85
CA GLN A 26 19.26 -15.86 7.52
C GLN A 26 17.95 -15.09 7.47
N LYS A 27 17.04 -15.41 8.39
CA LYS A 27 15.75 -14.74 8.45
C LYS A 27 15.93 -13.28 8.86
N LEU A 28 16.89 -13.04 9.75
CA LEU A 28 17.18 -11.69 10.21
C LEU A 28 17.76 -10.86 9.08
N GLN A 29 18.57 -11.51 8.23
CA GLN A 29 19.17 -10.84 7.10
C GLN A 29 18.11 -10.55 6.04
N ALA A 30 17.13 -11.44 5.97
CA ALA A 30 16.04 -11.30 5.01
C ALA A 30 15.28 -10.02 5.29
N LEU A 31 14.93 -9.80 6.55
CA LEU A 31 14.21 -8.60 6.94
C LEU A 31 15.05 -7.38 6.62
N GLN A 32 16.30 -7.40 7.05
CA GLN A 32 17.23 -6.30 6.81
C GLN A 32 17.20 -5.89 5.34
N ARG A 33 17.12 -6.88 4.46
CA ARG A 33 17.08 -6.61 3.03
C ARG A 33 15.68 -6.17 2.59
N VAL A 34 14.68 -6.56 3.37
CA VAL A 34 13.29 -6.22 3.06
C VAL A 34 12.98 -4.79 3.50
N LEU A 35 13.65 -4.32 4.55
CA LEU A 35 13.43 -2.96 5.04
C LEU A 35 14.40 -1.99 4.38
N GLN A 36 15.63 -2.44 4.15
CA GLN A 36 16.64 -1.61 3.52
C GLN A 36 16.42 -1.52 2.01
N SER A 37 15.81 -2.56 1.44
CA SER A 37 15.54 -2.59 0.01
C SER A 37 14.92 -1.28 -0.48
N ARG A 38 15.30 -0.87 -1.68
CA ARG A 38 14.79 0.36 -2.27
C ARG A 38 13.26 0.35 -2.32
N PHE A 39 12.69 -0.85 -2.41
CA PHE A 39 11.24 -1.00 -2.49
C PHE A 39 10.58 -0.42 -1.25
N CYS A 40 10.94 -0.95 -0.08
CA CYS A 40 10.38 -0.49 1.18
C CYS A 40 10.65 0.99 1.40
N SER A 41 11.63 1.52 0.68
CA SER A 41 11.97 2.94 0.80
C SER A 41 10.89 3.76 0.13
N ALA A 42 10.50 3.34 -1.07
CA ALA A 42 9.44 4.02 -1.80
C ALA A 42 8.16 3.95 -1.01
N ILE A 43 7.83 2.74 -0.56
CA ILE A 43 6.64 2.49 0.24
C ILE A 43 6.67 3.35 1.51
N ARG A 44 7.84 3.41 2.14
CA ARG A 44 8.02 4.20 3.35
C ARG A 44 7.74 5.67 3.04
N GLU A 45 8.26 6.12 1.91
CA GLU A 45 8.05 7.50 1.48
C GLU A 45 6.56 7.77 1.35
N VAL A 46 5.80 6.73 1.02
CA VAL A 46 4.36 6.86 0.87
C VAL A 46 3.72 7.20 2.20
N TYR A 47 4.07 6.44 3.24
CA TYR A 47 3.50 6.69 4.56
C TYR A 47 3.78 8.12 5.02
N GLU A 48 4.98 8.60 4.77
CA GLU A 48 5.34 9.96 5.16
C GLU A 48 4.61 10.96 4.27
N GLN A 49 4.69 10.73 2.96
CA GLN A 49 4.04 11.59 1.97
C GLN A 49 2.54 11.62 2.20
N LEU A 50 2.00 10.46 2.58
CA LEU A 50 0.57 10.34 2.82
C LEU A 50 0.13 11.22 3.97
N TYR A 51 0.84 11.15 5.09
CA TYR A 51 0.51 11.98 6.24
C TYR A 51 0.43 13.44 5.81
N ASP A 52 1.41 13.87 5.02
CA ASP A 52 1.42 15.24 4.51
C ASP A 52 0.17 15.47 3.67
N THR A 53 -0.15 14.52 2.81
CA THR A 53 -1.31 14.60 1.96
C THR A 53 -2.57 14.87 2.79
N LEU A 54 -2.66 14.18 3.93
CA LEU A 54 -3.79 14.37 4.84
C LEU A 54 -3.90 15.83 5.23
N ASP A 55 -2.75 16.41 5.57
CA ASP A 55 -2.69 17.81 5.98
C ASP A 55 -3.03 18.75 4.81
N ILE A 56 -2.89 18.26 3.58
CA ILE A 56 -3.18 19.06 2.41
C ILE A 56 -4.65 18.99 2.03
N THR A 57 -5.11 17.77 1.84
CA THR A 57 -6.49 17.50 1.47
C THR A 57 -7.44 17.80 2.62
N ALA B 1 -12.01 3.41 -0.14
CA ALA B 1 -11.82 3.84 -1.52
C ALA B 1 -12.35 2.78 -2.49
N VAL B 2 -12.10 1.52 -2.16
CA VAL B 2 -12.56 0.41 -2.99
C VAL B 2 -14.08 0.29 -2.91
N GLN B 3 -14.61 0.32 -1.69
CA GLN B 3 -16.05 0.23 -1.48
C GLN B 3 -16.77 1.34 -2.24
N ARG B 4 -16.22 2.55 -2.16
CA ARG B 4 -16.81 3.68 -2.86
C ARG B 4 -16.84 3.42 -4.35
N ALA B 5 -15.75 2.86 -4.86
CA ALA B 5 -15.64 2.53 -6.27
C ALA B 5 -16.67 1.45 -6.62
N LYS B 6 -16.75 0.44 -5.77
CA LYS B 6 -17.69 -0.65 -5.96
C LYS B 6 -19.12 -0.12 -6.00
N GLU B 7 -19.44 0.75 -5.05
CA GLU B 7 -20.76 1.35 -4.96
C GLU B 7 -21.13 2.01 -6.28
N VAL B 8 -20.18 2.73 -6.86
CA VAL B 8 -20.39 3.41 -8.13
C VAL B 8 -20.71 2.39 -9.23
N LEU B 9 -20.02 1.27 -9.22
CA LEU B 9 -20.26 0.22 -10.21
C LEU B 9 -21.72 -0.18 -10.19
N GLU B 10 -22.26 -0.33 -8.97
CA GLU B 10 -23.65 -0.71 -8.81
C GLU B 10 -24.58 0.33 -9.42
N GLU B 11 -24.28 1.61 -9.18
CA GLU B 11 -25.10 2.69 -9.72
C GLU B 11 -24.98 2.73 -11.24
N ILE B 12 -23.76 2.83 -11.73
CA ILE B 12 -23.52 2.88 -13.16
C ILE B 12 -23.97 1.57 -13.83
N SER B 13 -23.92 0.47 -13.07
CA SER B 13 -24.34 -0.82 -13.60
C SER B 13 -25.83 -0.83 -13.87
N CYS B 14 -26.59 -0.18 -13.00
CA CYS B 14 -28.04 -0.10 -13.15
C CYS B 14 -28.43 0.72 -14.38
N TYR B 15 -27.46 1.44 -14.95
CA TYR B 15 -27.72 2.26 -16.12
C TYR B 15 -27.10 1.66 -17.38
N PRO B 16 -27.90 0.96 -18.20
CA PRO B 16 -27.43 0.35 -19.43
C PRO B 16 -27.53 1.32 -20.61
N GLU B 17 -27.46 2.61 -20.33
CA GLU B 17 -27.56 3.64 -21.36
C GLU B 17 -26.25 4.40 -21.50
N ASN B 18 -25.52 4.56 -20.40
CA ASN B 18 -24.25 5.27 -20.43
C ASN B 18 -23.11 4.35 -20.83
N ASN B 19 -22.53 4.62 -22.01
CA ASN B 19 -21.42 3.81 -22.52
C ASN B 19 -20.18 4.01 -21.66
N ASP B 20 -20.09 5.16 -21.00
CA ASP B 20 -18.95 5.45 -20.15
C ASP B 20 -19.06 4.64 -18.87
N ALA B 21 -20.29 4.41 -18.44
CA ALA B 21 -20.55 3.63 -17.24
C ALA B 21 -20.07 2.20 -17.44
N LYS B 22 -20.24 1.69 -18.64
CA LYS B 22 -19.83 0.33 -18.97
C LYS B 22 -18.31 0.21 -18.93
N GLU B 23 -17.64 1.04 -19.72
CA GLU B 23 -16.19 1.03 -19.77
C GLU B 23 -15.60 1.44 -18.43
N LEU B 24 -16.37 2.21 -17.65
CA LEU B 24 -15.92 2.65 -16.35
C LEU B 24 -16.04 1.53 -15.33
N LYS B 25 -17.12 0.76 -15.44
CA LYS B 25 -17.34 -0.37 -14.54
C LYS B 25 -16.22 -1.38 -14.69
N ARG B 26 -15.82 -1.62 -15.93
CA ARG B 26 -14.75 -2.55 -16.24
C ARG B 26 -13.44 -2.10 -15.61
N ILE B 27 -13.07 -0.86 -15.89
CA ILE B 27 -11.83 -0.29 -15.35
C ILE B 27 -11.86 -0.26 -13.83
N LEU B 28 -12.95 0.25 -13.28
CA LEU B 28 -13.10 0.35 -11.83
C LEU B 28 -13.02 -1.04 -11.18
N THR B 29 -13.40 -2.07 -11.94
CA THR B 29 -13.36 -3.43 -11.42
C THR B 29 -11.99 -4.07 -11.60
N GLN B 30 -11.20 -3.54 -12.54
CA GLN B 30 -9.85 -4.04 -12.80
C GLN B 30 -9.08 -4.20 -11.49
N PRO B 31 -8.84 -5.45 -11.04
CA PRO B 31 -8.11 -5.73 -9.80
C PRO B 31 -6.91 -4.80 -9.59
N HIS B 32 -6.20 -4.49 -10.66
CA HIS B 32 -5.03 -3.61 -10.57
C HIS B 32 -5.41 -2.29 -9.90
N PHE B 33 -6.40 -1.61 -10.47
CA PHE B 33 -6.88 -0.34 -9.92
C PHE B 33 -7.35 -0.55 -8.49
N MET B 34 -7.81 -1.76 -8.20
CA MET B 34 -8.28 -2.10 -6.86
C MET B 34 -7.10 -2.19 -5.90
N ALA B 35 -6.00 -2.76 -6.40
CA ALA B 35 -4.79 -2.89 -5.59
C ALA B 35 -4.34 -1.52 -5.09
N LEU B 36 -4.25 -0.57 -6.01
CA LEU B 36 -3.85 0.78 -5.64
C LEU B 36 -4.83 1.33 -4.62
N LEU B 37 -6.12 1.19 -4.92
CA LEU B 37 -7.17 1.65 -4.01
C LEU B 37 -7.01 0.96 -2.67
N GLN B 38 -6.55 -0.29 -2.70
CA GLN B 38 -6.33 -1.06 -1.48
C GLN B 38 -5.33 -0.31 -0.59
N THR B 39 -4.28 0.21 -1.21
CA THR B 39 -3.27 0.97 -0.50
C THR B 39 -3.90 2.24 0.07
N HIS B 40 -4.91 2.73 -0.64
CA HIS B 40 -5.63 3.93 -0.22
C HIS B 40 -6.26 3.73 1.15
N ASP B 41 -7.02 2.64 1.29
CA ASP B 41 -7.70 2.33 2.54
C ASP B 41 -6.74 1.82 3.61
N VAL B 42 -5.79 0.98 3.21
CA VAL B 42 -4.83 0.42 4.17
C VAL B 42 -4.16 1.53 4.99
N VAL B 43 -3.68 2.56 4.31
CA VAL B 43 -3.03 3.67 4.98
C VAL B 43 -4.05 4.53 5.71
N ALA B 44 -5.05 5.01 4.99
CA ALA B 44 -6.10 5.84 5.57
C ALA B 44 -6.69 5.17 6.82
N HIS B 45 -6.74 3.84 6.79
CA HIS B 45 -7.28 3.09 7.92
C HIS B 45 -6.33 3.17 9.10
N GLU B 46 -5.04 3.00 8.82
CA GLU B 46 -4.01 3.07 9.86
C GLU B 46 -3.61 4.53 10.13
N VAL B 47 -4.24 5.47 9.43
CA VAL B 47 -3.94 6.89 9.61
C VAL B 47 -4.87 7.52 10.65
N TYR B 48 -6.17 7.36 10.45
CA TYR B 48 -7.14 7.93 11.37
C TYR B 48 -8.56 7.45 11.04
N SER B 49 -8.77 6.15 11.11
CA SER B 49 -10.07 5.57 10.82
C SER B 49 -10.72 5.09 12.12
N ASP B 50 -10.00 4.25 12.83
CA ASP B 50 -10.49 3.72 14.10
C ASP B 50 -10.07 4.63 15.24
N LEU C 1 1.74 -1.66 -15.57
CA LEU C 1 0.51 -1.78 -14.80
C LEU C 1 -0.66 -1.12 -15.52
N GLY C 2 -0.36 -0.03 -16.21
CA GLY C 2 -1.41 0.69 -16.92
C GLY C 2 -2.42 1.31 -15.97
N LEU C 3 -1.95 1.70 -14.80
CA LEU C 3 -2.81 2.30 -13.79
C LEU C 3 -3.15 3.73 -14.17
N GLU C 4 -2.21 4.42 -14.79
CA GLU C 4 -2.43 5.78 -15.21
C GLU C 4 -3.48 5.83 -16.29
N ARG C 5 -3.55 4.77 -17.09
CA ARG C 5 -4.52 4.68 -18.17
C ARG C 5 -5.90 4.31 -17.64
N ASP C 6 -5.94 3.46 -16.61
CA ASP C 6 -7.19 3.01 -16.03
C ASP C 6 -7.76 4.04 -15.05
N VAL C 7 -6.88 4.71 -14.32
CA VAL C 7 -7.32 5.72 -13.36
C VAL C 7 -7.72 6.98 -14.10
N SER C 8 -6.83 7.45 -14.95
CA SER C 8 -7.08 8.64 -15.75
C SER C 8 -8.32 8.43 -16.61
N ARG C 9 -8.53 7.17 -17.01
CA ARG C 9 -9.69 6.84 -17.83
C ARG C 9 -10.94 6.77 -16.96
N ALA C 10 -10.76 6.40 -15.70
CA ALA C 10 -11.87 6.31 -14.76
C ALA C 10 -12.27 7.70 -14.30
N VAL C 11 -11.26 8.58 -14.22
CA VAL C 11 -11.48 9.95 -13.80
C VAL C 11 -12.29 10.71 -14.85
N GLU C 12 -11.86 10.58 -16.11
CA GLU C 12 -12.55 11.23 -17.22
C GLU C 12 -13.87 10.52 -17.50
N LEU C 13 -13.92 9.24 -17.19
CA LEU C 13 -15.13 8.47 -17.40
C LEU C 13 -16.20 8.91 -16.41
N LEU C 14 -15.76 9.29 -15.21
CA LEU C 14 -16.67 9.76 -14.18
C LEU C 14 -17.13 11.18 -14.52
N GLU C 15 -16.22 11.95 -15.11
CA GLU C 15 -16.55 13.31 -15.51
C GLU C 15 -17.48 13.24 -16.70
N ARG C 16 -17.17 12.35 -17.62
CA ARG C 16 -17.98 12.11 -18.80
C ARG C 16 -19.43 11.88 -18.41
N LEU C 17 -19.63 10.91 -17.53
CA LEU C 17 -20.97 10.58 -17.06
C LEU C 17 -21.56 11.76 -16.29
N GLN C 18 -20.72 12.43 -15.52
CA GLN C 18 -21.14 13.59 -14.75
C GLN C 18 -21.72 14.65 -15.68
N ARG C 19 -21.08 14.82 -16.83
CA ARG C 19 -21.52 15.78 -17.82
C ARG C 19 -22.89 15.39 -18.36
N SER C 20 -23.08 14.08 -18.54
CA SER C 20 -24.35 13.57 -19.04
C SER C 20 -25.46 13.80 -18.02
N GLY C 21 -25.19 13.47 -16.77
CA GLY C 21 -26.17 13.65 -15.71
C GLY C 21 -27.26 12.61 -15.75
N GLU C 22 -26.87 11.34 -15.73
CA GLU C 22 -27.83 10.24 -15.75
C GLU C 22 -27.79 9.44 -14.46
N LEU C 23 -26.66 9.50 -13.75
CA LEU C 23 -26.50 8.77 -12.50
C LEU C 23 -26.11 9.72 -11.36
N PRO C 24 -26.23 9.28 -10.11
CA PRO C 24 -25.88 10.08 -8.93
C PRO C 24 -24.47 10.64 -9.04
N PRO C 25 -24.33 11.95 -9.35
CA PRO C 25 -23.03 12.60 -9.50
C PRO C 25 -22.25 12.66 -8.18
N GLN C 26 -22.96 12.64 -7.06
CA GLN C 26 -22.33 12.71 -5.75
C GLN C 26 -21.34 11.57 -5.55
N LYS C 27 -21.81 10.33 -5.76
CA LYS C 27 -20.96 9.17 -5.60
C LYS C 27 -19.83 9.18 -6.64
N LEU C 28 -20.18 9.54 -7.86
CA LEU C 28 -19.21 9.59 -8.94
C LEU C 28 -18.20 10.70 -8.67
N GLN C 29 -18.65 11.76 -8.00
CA GLN C 29 -17.77 12.86 -7.65
C GLN C 29 -16.78 12.40 -6.59
N ALA C 30 -17.23 11.48 -5.75
CA ALA C 30 -16.39 10.94 -4.70
C ALA C 30 -15.23 10.17 -5.31
N LEU C 31 -15.53 9.35 -6.29
CA LEU C 31 -14.50 8.57 -6.97
C LEU C 31 -13.49 9.50 -7.62
N GLN C 32 -13.99 10.46 -8.40
CA GLN C 32 -13.12 11.42 -9.07
C GLN C 32 -12.13 12.05 -8.09
N ARG C 33 -12.60 12.32 -6.87
CA ARG C 33 -11.75 12.91 -5.85
C ARG C 33 -10.84 11.86 -5.21
N VAL C 34 -11.25 10.60 -5.30
CA VAL C 34 -10.48 9.50 -4.73
C VAL C 34 -9.31 9.13 -5.64
N LEU C 35 -9.48 9.35 -6.94
CA LEU C 35 -8.42 9.03 -7.90
C LEU C 35 -7.58 10.26 -8.19
N GLN C 36 -8.25 11.42 -8.29
CA GLN C 36 -7.57 12.66 -8.58
C GLN C 36 -6.80 13.18 -7.35
N SER C 37 -7.30 12.84 -6.17
CA SER C 37 -6.66 13.26 -4.92
C SER C 37 -5.15 13.04 -4.97
N ARG C 38 -4.40 13.99 -4.43
CA ARG C 38 -2.94 13.89 -4.40
C ARG C 38 -2.49 12.59 -3.72
N PHE C 39 -3.31 12.10 -2.80
CA PHE C 39 -3.00 10.87 -2.08
C PHE C 39 -2.80 9.71 -3.05
N CYS C 40 -3.84 9.42 -3.83
CA CYS C 40 -3.78 8.33 -4.80
C CYS C 40 -2.66 8.58 -5.81
N SER C 41 -2.20 9.82 -5.90
CA SER C 41 -1.13 10.17 -6.82
C SER C 41 0.17 9.58 -6.31
N ALA C 42 0.42 9.76 -5.02
CA ALA C 42 1.61 9.23 -4.38
C ALA C 42 1.57 7.71 -4.45
N ILE C 43 0.44 7.16 -4.05
CA ILE C 43 0.23 5.72 -4.07
C ILE C 43 0.41 5.17 -5.48
N ARG C 44 -0.12 5.88 -6.46
CA ARG C 44 0.00 5.48 -7.86
C ARG C 44 1.48 5.43 -8.26
N GLU C 45 2.20 6.48 -7.88
CA GLU C 45 3.63 6.56 -8.18
C GLU C 45 4.34 5.35 -7.60
N VAL C 46 3.80 4.82 -6.51
CA VAL C 46 4.39 3.65 -5.86
C VAL C 46 4.29 2.44 -6.75
N TYR C 47 3.11 2.17 -7.27
CA TYR C 47 2.92 1.01 -8.14
C TYR C 47 3.87 1.05 -9.33
N GLU C 48 4.01 2.23 -9.94
CA GLU C 48 4.92 2.38 -11.07
C GLU C 48 6.37 2.29 -10.61
N GLN C 49 6.68 3.02 -9.55
CA GLN C 49 8.02 3.02 -8.98
C GLN C 49 8.42 1.63 -8.51
N LEU C 50 7.45 0.90 -7.99
CA LEU C 50 7.69 -0.45 -7.49
C LEU C 50 8.10 -1.38 -8.62
N TYR C 51 7.34 -1.36 -9.71
CA TYR C 51 7.67 -2.20 -10.85
C TYR C 51 9.12 -1.97 -11.26
N ASP C 52 9.52 -0.71 -11.32
CA ASP C 52 10.89 -0.36 -11.67
C ASP C 52 11.84 -0.94 -10.63
N THR C 53 11.48 -0.79 -9.35
CA THR C 53 12.29 -1.31 -8.26
C THR C 53 12.61 -2.79 -8.48
N LEU C 54 11.59 -3.54 -8.90
CA LEU C 54 11.76 -4.97 -9.17
C LEU C 54 12.82 -5.15 -10.25
N ASP C 55 12.74 -4.33 -11.29
CA ASP C 55 13.70 -4.38 -12.38
C ASP C 55 15.11 -4.05 -11.90
N ILE C 56 15.20 -3.35 -10.77
CA ILE C 56 16.49 -2.97 -10.23
C ILE C 56 17.04 -4.07 -9.32
N THR C 57 16.22 -4.45 -8.35
CA THR C 57 16.59 -5.47 -7.38
C THR C 57 16.65 -6.85 -8.04
N ALA D 1 6.47 -10.38 3.15
CA ALA D 1 7.29 -9.49 3.97
C ALA D 1 6.81 -9.49 5.41
N VAL D 2 5.49 -9.58 5.58
CA VAL D 2 4.90 -9.60 6.91
C VAL D 2 5.19 -10.93 7.61
N GLN D 3 4.93 -12.03 6.92
CA GLN D 3 5.19 -13.36 7.48
C GLN D 3 6.64 -13.48 7.89
N ARG D 4 7.54 -13.05 7.02
CA ARG D 4 8.97 -13.12 7.30
C ARG D 4 9.28 -12.29 8.54
N ALA D 5 8.61 -11.15 8.65
CA ALA D 5 8.79 -10.28 9.80
C ALA D 5 8.32 -11.01 11.06
N LYS D 6 7.12 -11.56 10.99
CA LYS D 6 6.56 -12.32 12.10
C LYS D 6 7.43 -13.56 12.37
N GLU D 7 8.02 -14.07 11.31
CA GLU D 7 8.89 -15.25 11.42
C GLU D 7 10.08 -14.94 12.31
N VAL D 8 10.69 -13.78 12.08
CA VAL D 8 11.82 -13.34 12.88
C VAL D 8 11.42 -13.18 14.33
N LEU D 9 10.25 -12.58 14.57
CA LEU D 9 9.76 -12.39 15.92
C LEU D 9 9.75 -13.72 16.66
N GLU D 10 9.33 -14.77 15.96
CA GLU D 10 9.28 -16.10 16.54
C GLU D 10 10.68 -16.54 16.99
N GLU D 11 11.63 -16.48 16.07
CA GLU D 11 13.00 -16.87 16.37
C GLU D 11 13.57 -16.03 17.50
N ILE D 12 13.52 -14.71 17.33
CA ILE D 12 14.02 -13.81 18.36
C ILE D 12 13.21 -13.95 19.64
N SER D 13 11.94 -14.35 19.50
CA SER D 13 11.06 -14.53 20.65
C SER D 13 11.56 -15.63 21.56
N CYS D 14 12.12 -16.69 20.97
CA CYS D 14 12.65 -17.81 21.76
C CYS D 14 14.09 -17.55 22.20
N TYR D 15 14.44 -16.27 22.35
CA TYR D 15 15.78 -15.87 22.77
C TYR D 15 15.73 -14.78 23.83
N PRO D 16 15.77 -15.16 25.11
CA PRO D 16 15.72 -14.22 26.22
C PRO D 16 17.11 -13.72 26.62
N GLU D 17 18.04 -13.72 25.67
CA GLU D 17 19.40 -13.26 25.93
C GLU D 17 19.77 -12.08 25.04
N ASN D 18 19.23 -12.05 23.83
CA ASN D 18 19.51 -10.97 22.89
C ASN D 18 18.64 -9.76 23.17
N ASN D 19 19.26 -8.67 23.62
CA ASN D 19 18.53 -7.45 23.92
C ASN D 19 17.96 -6.82 22.65
N ASP D 20 18.61 -7.10 21.51
CA ASP D 20 18.15 -6.58 20.25
C ASP D 20 16.87 -7.29 19.83
N ALA D 21 16.80 -8.57 20.18
CA ALA D 21 15.63 -9.37 19.87
C ALA D 21 14.40 -8.78 20.54
N LYS D 22 14.57 -8.34 21.78
CA LYS D 22 13.47 -7.75 22.54
C LYS D 22 12.98 -6.48 21.87
N GLU D 23 13.88 -5.54 21.67
CA GLU D 23 13.53 -4.27 21.03
C GLU D 23 13.07 -4.49 19.60
N LEU D 24 13.53 -5.59 19.00
CA LEU D 24 13.14 -5.89 17.63
C LEU D 24 11.75 -6.49 17.59
N LYS D 25 11.42 -7.31 18.58
CA LYS D 25 10.10 -7.92 18.67
C LYS D 25 9.04 -6.83 18.78
N ARG D 26 9.33 -5.85 19.63
CA ARG D 26 8.41 -4.73 19.85
C ARG D 26 8.19 -3.92 18.58
N ILE D 27 9.28 -3.44 17.99
CA ILE D 27 9.21 -2.65 16.78
C ILE D 27 8.60 -3.43 15.62
N LEU D 28 9.13 -4.62 15.38
CA LEU D 28 8.63 -5.46 14.28
C LEU D 28 7.15 -5.76 14.43
N THR D 29 6.67 -5.79 15.68
CA THR D 29 5.27 -6.07 15.95
C THR D 29 4.42 -4.81 15.84
N GLN D 30 5.04 -3.64 16.01
CA GLN D 30 4.31 -2.37 15.93
C GLN D 30 3.48 -2.31 14.65
N PRO D 31 2.14 -2.41 14.77
CA PRO D 31 1.23 -2.38 13.62
C PRO D 31 1.64 -1.39 12.53
N HIS D 32 2.19 -0.25 12.93
CA HIS D 32 2.62 0.77 11.97
C HIS D 32 3.60 0.16 10.97
N PHE D 33 4.68 -0.42 11.48
CA PHE D 33 5.68 -1.05 10.64
C PHE D 33 5.05 -2.19 9.86
N MET D 34 4.01 -2.79 10.43
CA MET D 34 3.30 -3.88 9.77
C MET D 34 2.52 -3.36 8.59
N ALA D 35 1.90 -2.19 8.76
CA ALA D 35 1.13 -1.57 7.70
C ALA D 35 2.01 -1.37 6.47
N LEU D 36 3.18 -0.78 6.67
CA LEU D 36 4.11 -0.55 5.58
C LEU D 36 4.47 -1.89 4.93
N LEU D 37 4.81 -2.86 5.77
CA LEU D 37 5.15 -4.20 5.30
C LEU D 37 3.99 -4.78 4.50
N GLN D 38 2.77 -4.47 4.94
CA GLN D 38 1.57 -4.93 4.26
C GLN D 38 1.59 -4.44 2.81
N THR D 39 1.99 -3.19 2.64
CA THR D 39 2.09 -2.59 1.32
C THR D 39 3.14 -3.34 0.50
N HIS D 40 4.17 -3.83 1.21
CA HIS D 40 5.24 -4.57 0.59
C HIS D 40 4.73 -5.81 -0.13
N ASP D 41 4.07 -6.68 0.64
CA ASP D 41 3.52 -7.92 0.12
C ASP D 41 2.37 -7.69 -0.84
N VAL D 42 1.49 -6.73 -0.52
CA VAL D 42 0.34 -6.44 -1.36
C VAL D 42 0.77 -6.19 -2.81
N VAL D 43 1.76 -5.33 -3.00
CA VAL D 43 2.25 -5.01 -4.33
C VAL D 43 3.09 -6.14 -4.89
N ALA D 44 4.13 -6.54 -4.16
CA ALA D 44 5.01 -7.62 -4.58
C ALA D 44 4.22 -8.87 -4.96
N HIS D 45 3.15 -9.11 -4.23
CA HIS D 45 2.30 -10.27 -4.49
C HIS D 45 1.50 -10.08 -5.78
N GLU D 46 0.97 -8.88 -5.95
CA GLU D 46 0.18 -8.56 -7.14
C GLU D 46 1.06 -8.34 -8.37
N VAL D 47 2.37 -8.27 -8.17
CA VAL D 47 3.30 -8.05 -9.28
C VAL D 47 4.01 -9.33 -9.70
N TYR D 48 4.12 -10.28 -8.78
CA TYR D 48 4.81 -11.53 -9.09
C TYR D 48 4.05 -12.73 -8.53
N SER D 49 2.81 -12.85 -8.97
CA SER D 49 1.95 -13.94 -8.54
C SER D 49 1.39 -14.67 -9.76
N ASP D 50 0.73 -13.93 -10.62
CA ASP D 50 0.15 -14.48 -11.84
C ASP D 50 1.03 -14.14 -13.03
N LEU A 1 5.08 9.77 12.42
CA LEU A 1 4.83 8.41 11.97
C LEU A 1 5.57 7.40 12.83
N GLY A 2 6.88 7.60 12.96
CA GLY A 2 7.70 6.70 13.75
C GLY A 2 8.08 5.45 12.99
N LEU A 3 7.82 5.44 11.68
CA LEU A 3 8.13 4.30 10.84
C LEU A 3 9.63 4.23 10.58
N GLU A 4 10.23 5.39 10.32
CA GLU A 4 11.65 5.45 10.06
C GLU A 4 12.44 5.06 11.30
N ARG A 5 11.84 5.34 12.46
CA ARG A 5 12.48 5.03 13.72
C ARG A 5 12.36 3.55 14.06
N ASP A 6 11.21 2.95 13.72
CA ASP A 6 10.97 1.54 14.00
C ASP A 6 11.61 0.64 12.95
N VAL A 7 11.60 1.09 11.70
CA VAL A 7 12.19 0.32 10.61
C VAL A 7 13.70 0.38 10.70
N SER A 8 14.21 1.61 10.73
CA SER A 8 15.64 1.83 10.83
C SER A 8 16.19 1.17 12.09
N ARG A 9 15.35 1.10 13.13
CA ARG A 9 15.75 0.46 14.37
C ARG A 9 15.70 -1.05 14.22
N ALA A 10 14.78 -1.53 13.38
CA ALA A 10 14.66 -2.95 13.15
C ALA A 10 15.77 -3.43 12.23
N VAL A 11 16.19 -2.54 11.34
CA VAL A 11 17.26 -2.84 10.39
C VAL A 11 18.59 -3.00 11.13
N GLU A 12 18.90 -2.05 12.01
CA GLU A 12 20.13 -2.11 12.78
C GLU A 12 20.02 -3.18 13.86
N LEU A 13 18.81 -3.42 14.32
CA LEU A 13 18.59 -4.44 15.33
C LEU A 13 18.80 -5.83 14.74
N LEU A 14 18.50 -5.95 13.44
CA LEU A 14 18.67 -7.21 12.74
C LEU A 14 20.15 -7.41 12.43
N GLU A 15 20.84 -6.32 12.15
CA GLU A 15 22.27 -6.38 11.88
C GLU A 15 22.99 -6.65 13.19
N ARG A 16 22.52 -5.99 14.23
CA ARG A 16 23.07 -6.15 15.56
C ARG A 16 23.11 -7.63 15.94
N LEU A 17 21.96 -8.29 15.83
CA LEU A 17 21.87 -9.70 16.13
C LEU A 17 22.70 -10.50 15.13
N GLN A 18 22.76 -10.01 13.91
CA GLN A 18 23.53 -10.67 12.86
C GLN A 18 25.00 -10.69 13.25
N ARG A 19 25.47 -9.58 13.81
CA ARG A 19 26.85 -9.47 14.26
C ARG A 19 27.13 -10.50 15.34
N SER A 20 26.15 -10.68 16.23
CA SER A 20 26.28 -11.64 17.32
C SER A 20 26.29 -13.06 16.76
N GLY A 21 25.48 -13.29 15.74
CA GLY A 21 25.41 -14.61 15.12
C GLY A 21 24.94 -15.67 16.09
N GLU A 22 23.74 -15.49 16.63
CA GLU A 22 23.18 -16.46 17.57
C GLU A 22 21.89 -17.07 17.03
N LEU A 23 21.11 -16.28 16.30
CA LEU A 23 19.85 -16.76 15.74
C LEU A 23 19.97 -16.97 14.22
N PRO A 24 18.91 -17.47 13.58
CA PRO A 24 18.89 -17.71 12.13
C PRO A 24 19.39 -16.50 11.34
N PRO A 25 20.59 -16.60 10.76
CA PRO A 25 21.18 -15.50 9.98
C PRO A 25 20.36 -15.14 8.73
N GLN A 26 20.06 -16.15 7.92
CA GLN A 26 19.30 -15.94 6.69
C GLN A 26 17.97 -15.23 6.96
N LYS A 27 17.19 -15.76 7.88
CA LYS A 27 15.89 -15.18 8.22
C LYS A 27 16.02 -13.71 8.58
N LEU A 28 16.91 -13.40 9.53
CA LEU A 28 17.12 -12.03 9.95
C LEU A 28 17.71 -11.19 8.82
N GLN A 29 18.55 -11.81 8.00
CA GLN A 29 19.15 -11.12 6.87
C GLN A 29 18.06 -10.79 5.86
N ALA A 30 17.06 -11.64 5.80
CA ALA A 30 15.94 -11.46 4.90
C ALA A 30 15.17 -10.21 5.28
N LEU A 31 14.89 -10.06 6.57
CA LEU A 31 14.18 -8.90 7.07
C LEU A 31 14.94 -7.63 6.72
N GLN A 32 16.22 -7.61 7.07
CA GLN A 32 17.08 -6.46 6.79
C GLN A 32 16.94 -6.03 5.34
N ARG A 33 16.93 -6.99 4.43
CA ARG A 33 16.81 -6.69 3.01
C ARG A 33 15.39 -6.27 2.66
N VAL A 34 14.43 -6.68 3.50
CA VAL A 34 13.03 -6.36 3.27
C VAL A 34 12.72 -4.93 3.71
N LEU A 35 13.52 -4.41 4.64
CA LEU A 35 13.32 -3.05 5.13
C LEU A 35 14.29 -2.08 4.47
N GLN A 36 15.52 -2.52 4.23
CA GLN A 36 16.53 -1.70 3.59
C GLN A 36 16.31 -1.59 2.09
N SER A 37 15.70 -2.63 1.50
CA SER A 37 15.43 -2.64 0.07
C SER A 37 14.80 -1.33 -0.39
N ARG A 38 15.17 -0.88 -1.58
CA ARG A 38 14.63 0.36 -2.14
C ARG A 38 13.11 0.33 -2.17
N PHE A 39 12.53 -0.87 -2.30
CA PHE A 39 11.09 -1.02 -2.35
C PHE A 39 10.43 -0.41 -1.11
N CYS A 40 10.80 -0.89 0.06
CA CYS A 40 10.25 -0.39 1.32
C CYS A 40 10.52 1.11 1.45
N SER A 41 11.47 1.62 0.69
CA SER A 41 11.80 3.03 0.72
C SER A 41 10.69 3.82 0.05
N ALA A 42 10.27 3.35 -1.11
CA ALA A 42 9.19 3.99 -1.85
C ALA A 42 7.93 3.93 -1.02
N ILE A 43 7.63 2.75 -0.52
CA ILE A 43 6.46 2.52 0.32
C ILE A 43 6.52 3.41 1.56
N ARG A 44 7.70 3.50 2.16
CA ARG A 44 7.89 4.32 3.35
C ARG A 44 7.61 5.78 3.01
N GLU A 45 8.13 6.22 1.87
CA GLU A 45 7.90 7.58 1.41
C GLU A 45 6.42 7.84 1.28
N VAL A 46 5.66 6.79 0.98
CA VAL A 46 4.22 6.90 0.84
C VAL A 46 3.58 7.26 2.16
N TYR A 47 3.95 6.54 3.21
CA TYR A 47 3.38 6.81 4.54
C TYR A 47 3.63 8.26 4.95
N GLU A 48 4.84 8.75 4.74
CA GLU A 48 5.16 10.12 5.09
C GLU A 48 4.46 11.09 4.14
N GLN A 49 4.53 10.76 2.85
CA GLN A 49 3.89 11.57 1.82
C GLN A 49 2.39 11.66 2.05
N LEU A 50 1.80 10.54 2.45
CA LEU A 50 0.37 10.49 2.68
C LEU A 50 -0.01 11.37 3.85
N TYR A 51 0.79 11.33 4.92
CA TYR A 51 0.53 12.16 6.08
C TYR A 51 0.36 13.62 5.66
N ASP A 52 1.31 14.10 4.86
CA ASP A 52 1.25 15.47 4.37
C ASP A 52 -0.02 15.66 3.54
N THR A 53 -0.34 14.66 2.72
CA THR A 53 -1.53 14.70 1.87
C THR A 53 -2.78 14.90 2.72
N LEU A 54 -2.80 14.25 3.90
CA LEU A 54 -3.93 14.37 4.81
C LEU A 54 -4.06 15.81 5.28
N ASP A 55 -2.93 16.43 5.58
CA ASP A 55 -2.90 17.81 6.04
C ASP A 55 -3.35 18.78 4.94
N ILE A 56 -3.17 18.39 3.69
CA ILE A 56 -3.57 19.23 2.56
C ILE A 56 -5.08 19.21 2.37
N THR A 57 -5.57 18.06 1.93
CA THR A 57 -7.01 17.88 1.69
C THR A 57 -7.79 17.91 3.00
N ALA B 1 -12.03 3.53 0.02
CA ALA B 1 -11.84 3.92 -1.37
C ALA B 1 -12.39 2.85 -2.30
N VAL B 2 -12.12 1.58 -1.98
CA VAL B 2 -12.60 0.48 -2.79
C VAL B 2 -14.12 0.39 -2.74
N GLN B 3 -14.69 0.48 -1.55
CA GLN B 3 -16.14 0.43 -1.38
C GLN B 3 -16.81 1.52 -2.20
N ARG B 4 -16.26 2.72 -2.14
CA ARG B 4 -16.81 3.85 -2.90
C ARG B 4 -16.78 3.52 -4.38
N ALA B 5 -15.69 2.91 -4.82
CA ALA B 5 -15.56 2.53 -6.22
C ALA B 5 -16.58 1.47 -6.58
N LYS B 6 -16.70 0.46 -5.71
CA LYS B 6 -17.66 -0.62 -5.91
C LYS B 6 -19.08 -0.05 -5.99
N GLU B 7 -19.39 0.88 -5.09
CA GLU B 7 -20.69 1.49 -5.05
C GLU B 7 -21.03 2.12 -6.41
N VAL B 8 -20.06 2.83 -6.97
CA VAL B 8 -20.24 3.47 -8.26
C VAL B 8 -20.56 2.43 -9.34
N LEU B 9 -19.85 1.30 -9.30
CA LEU B 9 -20.08 0.23 -10.27
C LEU B 9 -21.54 -0.18 -10.26
N GLU B 10 -22.11 -0.27 -9.06
CA GLU B 10 -23.50 -0.66 -8.90
C GLU B 10 -24.43 0.34 -9.58
N GLU B 11 -24.19 1.62 -9.32
CA GLU B 11 -25.01 2.67 -9.91
C GLU B 11 -24.85 2.70 -11.42
N ILE B 12 -23.61 2.77 -11.89
CA ILE B 12 -23.34 2.79 -13.31
C ILE B 12 -23.76 1.48 -13.96
N SER B 13 -23.72 0.39 -13.17
CA SER B 13 -24.11 -0.93 -13.68
C SER B 13 -25.59 -0.95 -14.01
N CYS B 14 -26.38 -0.26 -13.20
CA CYS B 14 -27.82 -0.20 -13.41
C CYS B 14 -28.17 0.63 -14.65
N TYR B 15 -27.17 1.28 -15.23
CA TYR B 15 -27.37 2.12 -16.40
C TYR B 15 -26.82 1.46 -17.66
N PRO B 16 -27.69 0.83 -18.47
CA PRO B 16 -27.29 0.17 -19.70
C PRO B 16 -27.30 1.12 -20.90
N GLU B 17 -27.14 2.41 -20.63
CA GLU B 17 -27.14 3.42 -21.69
C GLU B 17 -25.83 4.20 -21.72
N ASN B 18 -25.26 4.45 -20.54
CA ASN B 18 -24.01 5.19 -20.45
C ASN B 18 -22.83 4.34 -20.88
N ASN B 19 -22.30 4.62 -22.07
CA ASN B 19 -21.17 3.87 -22.59
C ASN B 19 -19.95 4.04 -21.70
N ASP B 20 -19.88 5.18 -20.99
CA ASP B 20 -18.78 5.44 -20.10
C ASP B 20 -18.91 4.57 -18.87
N ALA B 21 -20.15 4.37 -18.44
CA ALA B 21 -20.43 3.53 -17.29
C ALA B 21 -19.93 2.12 -17.51
N LYS B 22 -20.07 1.64 -18.75
CA LYS B 22 -19.63 0.30 -19.11
C LYS B 22 -18.12 0.18 -19.02
N GLU B 23 -17.43 1.04 -19.75
CA GLU B 23 -15.97 1.03 -19.74
C GLU B 23 -15.43 1.41 -18.37
N LEU B 24 -16.24 2.14 -17.60
CA LEU B 24 -15.83 2.55 -16.27
C LEU B 24 -15.99 1.41 -15.28
N LYS B 25 -17.04 0.62 -15.47
CA LYS B 25 -17.30 -0.52 -14.60
C LYS B 25 -16.17 -1.53 -14.73
N ARG B 26 -15.75 -1.76 -15.97
CA ARG B 26 -14.68 -2.71 -16.25
C ARG B 26 -13.36 -2.25 -15.62
N ILE B 27 -13.00 -1.01 -15.90
CA ILE B 27 -11.76 -0.44 -15.35
C ILE B 27 -11.81 -0.37 -13.84
N LEU B 28 -12.89 0.19 -13.30
CA LEU B 28 -13.04 0.31 -11.85
C LEU B 28 -12.99 -1.05 -11.18
N THR B 29 -13.37 -2.09 -11.92
CA THR B 29 -13.37 -3.45 -11.37
C THR B 29 -12.00 -4.11 -11.51
N GLN B 30 -11.22 -3.65 -12.48
CA GLN B 30 -9.88 -4.21 -12.72
C GLN B 30 -9.09 -4.29 -11.40
N PRO B 31 -8.81 -5.51 -10.91
CA PRO B 31 -8.08 -5.71 -9.65
C PRO B 31 -6.89 -4.76 -9.49
N HIS B 32 -6.21 -4.46 -10.59
CA HIS B 32 -5.06 -3.56 -10.54
C HIS B 32 -5.44 -2.23 -9.89
N PHE B 33 -6.45 -1.58 -10.46
CA PHE B 33 -6.92 -0.32 -9.91
C PHE B 33 -7.40 -0.51 -8.48
N MET B 34 -7.88 -1.72 -8.18
CA MET B 34 -8.34 -2.05 -6.84
C MET B 34 -7.16 -2.13 -5.89
N ALA B 35 -6.04 -2.67 -6.38
CA ALA B 35 -4.84 -2.80 -5.58
C ALA B 35 -4.41 -1.43 -5.07
N LEU B 36 -4.36 -0.46 -5.98
CA LEU B 36 -3.99 0.90 -5.60
C LEU B 36 -4.95 1.43 -4.54
N LEU B 37 -6.25 1.25 -4.80
CA LEU B 37 -7.28 1.68 -3.87
C LEU B 37 -7.08 0.96 -2.53
N GLN B 38 -6.64 -0.30 -2.60
CA GLN B 38 -6.39 -1.08 -1.40
C GLN B 38 -5.38 -0.35 -0.53
N THR B 39 -4.36 0.21 -1.17
CA THR B 39 -3.34 0.97 -0.47
C THR B 39 -3.98 2.19 0.17
N HIS B 40 -4.97 2.73 -0.52
CA HIS B 40 -5.71 3.91 -0.05
C HIS B 40 -6.27 3.68 1.35
N ASP B 41 -7.01 2.58 1.49
CA ASP B 41 -7.63 2.24 2.77
C ASP B 41 -6.60 1.88 3.83
N VAL B 42 -5.58 1.11 3.44
CA VAL B 42 -4.54 0.69 4.38
C VAL B 42 -3.97 1.88 5.16
N VAL B 43 -3.57 2.91 4.43
CA VAL B 43 -3.00 4.10 5.04
C VAL B 43 -4.07 4.96 5.70
N ALA B 44 -5.07 5.37 4.92
CA ALA B 44 -6.14 6.21 5.43
C ALA B 44 -6.78 5.60 6.69
N HIS B 45 -6.83 4.28 6.73
CA HIS B 45 -7.41 3.58 7.87
C HIS B 45 -6.47 3.64 9.07
N GLU B 46 -5.19 3.39 8.82
CA GLU B 46 -4.18 3.41 9.88
C GLU B 46 -3.91 4.84 10.36
N VAL B 47 -4.35 5.83 9.60
CA VAL B 47 -4.13 7.22 9.97
C VAL B 47 -5.37 7.87 10.54
N TYR B 48 -6.54 7.31 10.25
CA TYR B 48 -7.78 7.88 10.74
C TYR B 48 -8.77 6.80 11.18
N SER B 49 -8.33 6.03 12.15
CA SER B 49 -9.14 4.95 12.71
C SER B 49 -8.77 4.71 14.17
N ASP B 50 -7.57 4.20 14.38
CA ASP B 50 -7.09 3.93 15.73
C ASP B 50 -6.84 5.23 16.47
N LEU C 1 1.63 -0.99 -15.23
CA LEU C 1 0.52 -1.45 -14.41
C LEU C 1 -0.81 -0.89 -14.89
N GLY C 2 -0.83 -0.29 -16.09
CA GLY C 2 -2.06 0.26 -16.62
C GLY C 2 -2.84 1.07 -15.61
N LEU C 3 -2.15 1.58 -14.59
CA LEU C 3 -2.79 2.38 -13.56
C LEU C 3 -3.12 3.77 -14.08
N GLU C 4 -2.17 4.35 -14.80
CA GLU C 4 -2.35 5.67 -15.36
C GLU C 4 -3.43 5.63 -16.43
N ARG C 5 -3.52 4.50 -17.11
CA ARG C 5 -4.50 4.32 -18.16
C ARG C 5 -5.88 4.02 -17.59
N ASP C 6 -5.92 3.27 -16.49
CA ASP C 6 -7.19 2.91 -15.86
C ASP C 6 -7.72 4.03 -14.97
N VAL C 7 -6.81 4.77 -14.33
CA VAL C 7 -7.21 5.87 -13.46
C VAL C 7 -7.58 7.07 -14.29
N SER C 8 -6.72 7.40 -15.23
CA SER C 8 -6.95 8.53 -16.12
C SER C 8 -8.19 8.26 -16.95
N ARG C 9 -8.41 6.99 -17.29
CA ARG C 9 -9.58 6.62 -18.08
C ARG C 9 -10.81 6.59 -17.19
N ALA C 10 -10.61 6.34 -15.90
CA ALA C 10 -11.72 6.30 -14.95
C ALA C 10 -12.10 7.73 -14.56
N VAL C 11 -11.10 8.59 -14.51
CA VAL C 11 -11.30 9.99 -14.16
C VAL C 11 -12.13 10.67 -15.26
N GLU C 12 -11.75 10.44 -16.51
CA GLU C 12 -12.47 11.01 -17.63
C GLU C 12 -13.80 10.29 -17.81
N LEU C 13 -13.84 9.04 -17.41
CA LEU C 13 -15.05 8.25 -17.50
C LEU C 13 -16.07 8.76 -16.49
N LEU C 14 -15.57 9.22 -15.35
CA LEU C 14 -16.43 9.77 -14.31
C LEU C 14 -16.89 11.16 -14.70
N GLU C 15 -16.02 11.89 -15.39
CA GLU C 15 -16.35 13.23 -15.84
C GLU C 15 -17.36 13.12 -16.98
N ARG C 16 -17.09 12.17 -17.88
CA ARG C 16 -17.96 11.92 -19.01
C ARG C 16 -19.39 11.70 -18.54
N LEU C 17 -19.55 10.78 -17.57
CA LEU C 17 -20.86 10.48 -17.02
C LEU C 17 -21.40 11.71 -16.29
N GLN C 18 -20.50 12.46 -15.67
CA GLN C 18 -20.87 13.67 -14.94
C GLN C 18 -21.50 14.68 -15.89
N ARG C 19 -20.90 14.81 -17.07
CA ARG C 19 -21.40 15.73 -18.08
C ARG C 19 -22.81 15.34 -18.50
N SER C 20 -23.02 14.04 -18.70
CA SER C 20 -24.32 13.53 -19.10
C SER C 20 -25.35 13.77 -18.00
N GLY C 21 -24.97 13.46 -16.77
CA GLY C 21 -25.86 13.66 -15.64
C GLY C 21 -27.07 12.76 -15.68
N GLU C 22 -26.83 11.46 -15.88
CA GLU C 22 -27.91 10.48 -15.93
C GLU C 22 -28.07 9.76 -14.60
N LEU C 23 -26.94 9.48 -13.96
CA LEU C 23 -26.94 8.80 -12.67
C LEU C 23 -26.43 9.72 -11.56
N PRO C 24 -26.67 9.34 -10.30
CA PRO C 24 -26.23 10.15 -9.16
C PRO C 24 -24.75 10.51 -9.26
N PRO C 25 -24.43 11.78 -9.56
CA PRO C 25 -23.05 12.24 -9.71
C PRO C 25 -22.34 12.48 -8.38
N GLN C 26 -22.96 12.09 -7.28
CA GLN C 26 -22.37 12.27 -5.96
C GLN C 26 -21.26 11.26 -5.71
N LYS C 27 -21.57 9.97 -5.89
CA LYS C 27 -20.60 8.92 -5.68
C LYS C 27 -19.53 8.97 -6.77
N LEU C 28 -19.93 9.45 -7.96
CA LEU C 28 -19.01 9.56 -9.08
C LEU C 28 -18.00 10.66 -8.82
N GLN C 29 -18.46 11.77 -8.24
CA GLN C 29 -17.58 12.87 -7.92
C GLN C 29 -16.63 12.46 -6.80
N ALA C 30 -17.13 11.59 -5.93
CA ALA C 30 -16.33 11.09 -4.83
C ALA C 30 -15.12 10.34 -5.35
N LEU C 31 -15.36 9.45 -6.30
CA LEU C 31 -14.29 8.68 -6.92
C LEU C 31 -13.27 9.63 -7.53
N GLN C 32 -13.77 10.61 -8.27
CA GLN C 32 -12.92 11.60 -8.93
C GLN C 32 -11.90 12.16 -7.94
N ARG C 33 -12.36 12.50 -6.74
CA ARG C 33 -11.49 13.04 -5.71
C ARG C 33 -10.64 11.94 -5.08
N VAL C 34 -11.09 10.70 -5.19
CA VAL C 34 -10.36 9.57 -4.63
C VAL C 34 -9.18 9.18 -5.51
N LEU C 35 -9.31 9.42 -6.81
CA LEU C 35 -8.24 9.08 -7.74
C LEU C 35 -7.42 10.33 -8.10
N GLN C 36 -8.10 11.47 -8.16
CA GLN C 36 -7.44 12.72 -8.51
C GLN C 36 -6.69 13.30 -7.31
N SER C 37 -7.16 13.00 -6.10
CA SER C 37 -6.52 13.50 -4.88
C SER C 37 -5.01 13.25 -4.93
N ARG C 38 -4.25 14.15 -4.30
CA ARG C 38 -2.80 14.04 -4.26
C ARG C 38 -2.38 12.73 -3.59
N PHE C 39 -3.21 12.26 -2.66
CA PHE C 39 -2.92 11.02 -1.93
C PHE C 39 -2.77 9.86 -2.90
N CYS C 40 -3.82 9.60 -3.67
CA CYS C 40 -3.81 8.51 -4.64
C CYS C 40 -2.69 8.69 -5.66
N SER C 41 -2.18 9.92 -5.75
CA SER C 41 -1.09 10.22 -6.67
C SER C 41 0.19 9.60 -6.15
N ALA C 42 0.45 9.81 -4.87
CA ALA C 42 1.63 9.25 -4.23
C ALA C 42 1.58 7.72 -4.33
N ILE C 43 0.43 7.18 -3.95
CA ILE C 43 0.20 5.75 -3.99
C ILE C 43 0.40 5.20 -5.40
N ARG C 44 -0.16 5.91 -6.38
CA ARG C 44 -0.02 5.52 -7.77
C ARG C 44 1.46 5.49 -8.16
N GLU C 45 2.18 6.50 -7.72
CA GLU C 45 3.61 6.60 -7.99
C GLU C 45 4.32 5.39 -7.40
N VAL C 46 3.74 4.83 -6.33
CA VAL C 46 4.32 3.67 -5.68
C VAL C 46 4.26 2.46 -6.59
N TYR C 47 3.09 2.20 -7.15
CA TYR C 47 2.94 1.05 -8.04
C TYR C 47 3.90 1.12 -9.22
N GLU C 48 4.02 2.31 -9.82
CA GLU C 48 4.93 2.50 -10.93
C GLU C 48 6.37 2.44 -10.45
N GLN C 49 6.64 3.13 -9.36
CA GLN C 49 7.96 3.17 -8.76
C GLN C 49 8.41 1.78 -8.35
N LEU C 50 7.47 1.02 -7.81
CA LEU C 50 7.76 -0.33 -7.36
C LEU C 50 8.18 -1.22 -8.50
N TYR C 51 7.41 -1.22 -9.57
CA TYR C 51 7.73 -2.03 -10.74
C TYR C 51 9.17 -1.77 -11.16
N ASP C 52 9.55 -0.49 -11.21
CA ASP C 52 10.92 -0.14 -11.55
C ASP C 52 11.88 -0.71 -10.51
N THR C 53 11.54 -0.51 -9.25
CA THR C 53 12.34 -1.01 -8.13
C THR C 53 12.60 -2.50 -8.30
N LEU C 54 11.56 -3.24 -8.69
CA LEU C 54 11.69 -4.68 -8.92
C LEU C 54 12.76 -4.95 -9.94
N ASP C 55 12.75 -4.15 -11.01
CA ASP C 55 13.72 -4.29 -12.09
C ASP C 55 15.13 -3.89 -11.62
N ILE C 56 15.21 -3.11 -10.54
CA ILE C 56 16.50 -2.68 -10.01
C ILE C 56 17.06 -3.70 -9.05
N THR C 57 16.27 -4.02 -8.05
CA THR C 57 16.66 -4.98 -7.02
C THR C 57 16.69 -6.39 -7.57
N ALA D 1 6.10 -10.26 3.64
CA ALA D 1 7.07 -9.47 4.38
C ALA D 1 6.73 -9.46 5.87
N VAL D 2 5.43 -9.39 6.16
CA VAL D 2 4.97 -9.40 7.55
C VAL D 2 5.20 -10.78 8.16
N GLN D 3 4.87 -11.82 7.42
CA GLN D 3 5.06 -13.18 7.90
C GLN D 3 6.53 -13.43 8.21
N ARG D 4 7.40 -12.94 7.33
CA ARG D 4 8.83 -13.10 7.53
C ARG D 4 9.23 -12.44 8.84
N ALA D 5 8.65 -11.27 9.08
CA ALA D 5 8.91 -10.53 10.31
C ALA D 5 8.39 -11.33 11.50
N LYS D 6 7.18 -11.86 11.35
CA LYS D 6 6.55 -12.66 12.40
C LYS D 6 7.43 -13.85 12.75
N GLU D 7 7.87 -14.58 11.71
CA GLU D 7 8.72 -15.74 11.91
C GLU D 7 9.96 -15.36 12.72
N VAL D 8 10.54 -14.21 12.38
CA VAL D 8 11.72 -13.72 13.08
C VAL D 8 11.42 -13.47 14.55
N LEU D 9 10.23 -12.93 14.83
CA LEU D 9 9.83 -12.67 16.21
C LEU D 9 9.90 -13.94 17.02
N GLU D 10 9.45 -15.04 16.41
CA GLU D 10 9.47 -16.34 17.07
C GLU D 10 10.89 -16.76 17.40
N GLU D 11 11.79 -16.58 16.42
CA GLU D 11 13.18 -16.95 16.62
C GLU D 11 13.84 -16.06 17.67
N ILE D 12 13.71 -14.75 17.49
CA ILE D 12 14.28 -13.80 18.43
C ILE D 12 13.59 -13.89 19.78
N SER D 13 12.33 -14.29 19.79
CA SER D 13 11.58 -14.41 21.03
C SER D 13 12.12 -15.58 21.85
N CYS D 14 12.55 -16.63 21.15
CA CYS D 14 13.10 -17.81 21.82
C CYS D 14 14.47 -17.51 22.42
N TYR D 15 15.02 -16.33 22.11
CA TYR D 15 16.32 -15.93 22.62
C TYR D 15 16.19 -14.89 23.73
N PRO D 16 16.28 -15.31 25.00
CA PRO D 16 16.17 -14.40 26.14
C PRO D 16 17.51 -13.78 26.53
N GLU D 17 18.45 -13.74 25.59
CA GLU D 17 19.77 -13.17 25.85
C GLU D 17 20.06 -11.97 24.96
N ASN D 18 19.55 -12.00 23.73
CA ASN D 18 19.76 -10.91 22.79
C ASN D 18 18.86 -9.73 23.11
N ASN D 19 19.46 -8.64 23.61
CA ASN D 19 18.71 -7.45 23.96
C ASN D 19 18.09 -6.82 22.72
N ASP D 20 18.72 -7.05 21.57
CA ASP D 20 18.21 -6.52 20.32
C ASP D 20 16.98 -7.29 19.89
N ALA D 21 16.98 -8.58 20.19
CA ALA D 21 15.86 -9.44 19.86
C ALA D 21 14.60 -8.97 20.56
N LYS D 22 14.77 -8.52 21.81
CA LYS D 22 13.65 -8.03 22.60
C LYS D 22 13.08 -6.75 22.00
N GLU D 23 13.95 -5.76 21.87
CA GLU D 23 13.54 -4.47 21.32
C GLU D 23 13.12 -4.62 19.86
N LEU D 24 13.65 -5.65 19.20
CA LEU D 24 13.30 -5.89 17.80
C LEU D 24 11.94 -6.57 17.71
N LYS D 25 11.63 -7.41 18.70
CA LYS D 25 10.35 -8.10 18.73
C LYS D 25 9.23 -7.08 18.85
N ARG D 26 9.42 -6.12 19.75
CA ARG D 26 8.43 -5.07 19.97
C ARG D 26 8.22 -4.25 18.71
N ILE D 27 9.32 -3.77 18.14
CA ILE D 27 9.28 -2.97 16.92
C ILE D 27 8.62 -3.73 15.78
N LEU D 28 9.13 -4.93 15.50
CA LEU D 28 8.60 -5.75 14.42
C LEU D 28 7.12 -6.07 14.64
N THR D 29 6.69 -6.04 15.90
CA THR D 29 5.30 -6.33 16.23
C THR D 29 4.44 -5.06 16.17
N GLN D 30 5.07 -3.89 16.26
CA GLN D 30 4.34 -2.63 16.21
C GLN D 30 3.46 -2.55 14.96
N PRO D 31 2.13 -2.54 15.14
CA PRO D 31 1.18 -2.50 14.02
C PRO D 31 1.59 -1.51 12.93
N HIS D 32 2.20 -0.40 13.32
CA HIS D 32 2.64 0.61 12.35
C HIS D 32 3.54 -0.01 11.29
N PHE D 33 4.62 -0.64 11.75
CA PHE D 33 5.56 -1.29 10.84
C PHE D 33 4.83 -2.35 10.02
N MET D 34 3.82 -2.95 10.63
CA MET D 34 3.02 -3.97 9.96
C MET D 34 2.23 -3.36 8.82
N ALA D 35 1.72 -2.15 9.05
CA ALA D 35 0.96 -1.43 8.04
C ALA D 35 1.80 -1.24 6.79
N LEU D 36 3.01 -0.70 6.97
CA LEU D 36 3.90 -0.48 5.84
C LEU D 36 4.22 -1.82 5.19
N LEU D 37 4.54 -2.81 6.04
CA LEU D 37 4.84 -4.15 5.55
C LEU D 37 3.65 -4.69 4.76
N GLN D 38 2.45 -4.30 5.20
CA GLN D 38 1.22 -4.73 4.53
C GLN D 38 1.25 -4.24 3.08
N THR D 39 1.67 -3.01 2.90
CA THR D 39 1.79 -2.42 1.57
C THR D 39 2.82 -3.20 0.76
N HIS D 40 3.83 -3.71 1.48
CA HIS D 40 4.89 -4.49 0.85
C HIS D 40 4.33 -5.75 0.21
N ASP D 41 3.46 -6.44 0.95
CA ASP D 41 2.85 -7.68 0.47
C ASP D 41 1.76 -7.40 -0.56
N VAL D 42 0.94 -6.40 -0.31
CA VAL D 42 -0.15 -6.04 -1.22
C VAL D 42 0.37 -5.85 -2.65
N VAL D 43 1.43 -5.07 -2.80
CA VAL D 43 2.01 -4.81 -4.11
C VAL D 43 2.76 -6.02 -4.64
N ALA D 44 3.75 -6.50 -3.88
CA ALA D 44 4.53 -7.66 -4.28
C ALA D 44 3.63 -8.82 -4.65
N HIS D 45 2.54 -8.98 -3.92
CA HIS D 45 1.59 -10.05 -4.16
C HIS D 45 0.86 -9.81 -5.48
N GLU D 46 0.53 -8.56 -5.74
CA GLU D 46 -0.18 -8.19 -6.96
C GLU D 46 0.78 -7.92 -8.11
N VAL D 47 2.09 -8.06 -7.87
CA VAL D 47 3.08 -7.81 -8.91
C VAL D 47 3.55 -9.11 -9.57
N TYR D 48 4.02 -10.05 -8.76
CA TYR D 48 4.51 -11.31 -9.30
C TYR D 48 4.73 -12.35 -8.20
N SER D 49 3.68 -12.64 -7.44
CA SER D 49 3.75 -13.63 -6.38
C SER D 49 2.95 -14.87 -6.76
N ASP D 50 1.76 -14.65 -7.31
CA ASP D 50 0.90 -15.74 -7.73
C ASP D 50 1.25 -16.17 -9.15
N LEU A 1 4.86 8.93 11.52
CA LEU A 1 4.50 7.53 11.55
C LEU A 1 5.58 6.66 12.20
N GLY A 2 6.65 7.30 12.70
CA GLY A 2 7.72 6.55 13.33
C GLY A 2 8.14 5.33 12.53
N LEU A 3 7.90 5.36 11.22
CA LEU A 3 8.26 4.25 10.35
C LEU A 3 9.75 4.22 10.11
N GLU A 4 10.33 5.39 9.88
CA GLU A 4 11.75 5.50 9.65
C GLU A 4 12.51 5.14 10.91
N ARG A 5 11.91 5.44 12.05
CA ARG A 5 12.52 5.15 13.34
C ARG A 5 12.37 3.68 13.71
N ASP A 6 11.22 3.10 13.35
CA ASP A 6 10.95 1.70 13.67
C ASP A 6 11.62 0.76 12.67
N VAL A 7 11.66 1.16 11.40
CA VAL A 7 12.27 0.35 10.36
C VAL A 7 13.78 0.41 10.49
N SER A 8 14.28 1.64 10.52
CA SER A 8 15.71 1.85 10.65
C SER A 8 16.21 1.22 11.95
N ARG A 9 15.33 1.18 12.95
CA ARG A 9 15.70 0.58 14.23
C ARG A 9 15.63 -0.93 14.12
N ALA A 10 14.74 -1.43 13.26
CA ALA A 10 14.61 -2.86 13.05
C ALA A 10 15.75 -3.37 12.19
N VAL A 11 16.21 -2.52 11.29
CA VAL A 11 17.30 -2.85 10.39
C VAL A 11 18.61 -2.98 11.17
N GLU A 12 18.88 -2.00 12.02
CA GLU A 12 20.10 -2.02 12.84
C GLU A 12 19.96 -3.04 13.95
N LEU A 13 18.72 -3.29 14.37
CA LEU A 13 18.48 -4.27 15.42
C LEU A 13 18.73 -5.66 14.88
N LEU A 14 18.42 -5.85 13.60
CA LEU A 14 18.64 -7.13 12.94
C LEU A 14 20.13 -7.32 12.67
N GLU A 15 20.81 -6.22 12.39
CA GLU A 15 22.24 -6.25 12.16
C GLU A 15 22.94 -6.49 13.49
N ARG A 16 22.44 -5.80 14.51
CA ARG A 16 22.96 -5.94 15.87
C ARG A 16 23.00 -7.41 16.27
N LEU A 17 21.85 -8.07 16.15
CA LEU A 17 21.75 -9.49 16.48
C LEU A 17 22.62 -10.29 15.51
N GLN A 18 22.74 -9.79 14.29
CA GLN A 18 23.56 -10.46 13.28
C GLN A 18 25.01 -10.47 13.71
N ARG A 19 25.45 -9.35 14.28
CA ARG A 19 26.81 -9.22 14.76
C ARG A 19 27.07 -10.23 15.86
N SER A 20 26.07 -10.42 16.72
CA SER A 20 26.18 -11.37 17.82
C SER A 20 26.10 -12.80 17.29
N GLY A 21 25.24 -13.01 16.31
CA GLY A 21 25.08 -14.32 15.71
C GLY A 21 24.58 -15.35 16.71
N GLU A 22 23.39 -15.12 17.23
CA GLU A 22 22.80 -16.04 18.20
C GLU A 22 21.53 -16.68 17.65
N LEU A 23 20.76 -15.92 16.88
CA LEU A 23 19.51 -16.43 16.31
C LEU A 23 19.65 -16.67 14.80
N PRO A 24 18.60 -17.21 14.16
CA PRO A 24 18.61 -17.49 12.72
C PRO A 24 19.10 -16.30 11.90
N PRO A 25 20.34 -16.35 11.41
CA PRO A 25 20.93 -15.26 10.61
C PRO A 25 20.16 -15.01 9.31
N GLN A 26 19.87 -16.07 8.57
CA GLN A 26 19.16 -15.96 7.30
C GLN A 26 17.84 -15.22 7.47
N LYS A 27 17.02 -15.68 8.41
CA LYS A 27 15.71 -15.05 8.64
C LYS A 27 15.85 -13.56 8.92
N LEU A 28 16.72 -13.22 9.88
CA LEU A 28 16.95 -11.83 10.24
C LEU A 28 17.55 -11.06 9.08
N GLN A 29 18.40 -11.73 8.30
CA GLN A 29 19.02 -11.10 7.14
C GLN A 29 17.95 -10.85 6.08
N ALA A 30 16.95 -11.71 6.06
CA ALA A 30 15.86 -11.59 5.11
C ALA A 30 15.10 -10.31 5.35
N LEU A 31 14.78 -10.07 6.62
CA LEU A 31 14.06 -8.86 7.00
C LEU A 31 14.87 -7.63 6.62
N GLN A 32 16.13 -7.61 7.04
CA GLN A 32 17.03 -6.51 6.74
C GLN A 32 16.98 -6.15 5.26
N ARG A 33 16.89 -7.17 4.40
CA ARG A 33 16.82 -6.95 2.97
C ARG A 33 15.43 -6.49 2.55
N VAL A 34 14.44 -6.84 3.35
CA VAL A 34 13.05 -6.46 3.07
C VAL A 34 12.78 -5.02 3.49
N LEU A 35 13.51 -4.54 4.49
CA LEU A 35 13.34 -3.18 4.96
C LEU A 35 14.33 -2.24 4.29
N GLN A 36 15.55 -2.73 4.07
CA GLN A 36 16.59 -1.93 3.44
C GLN A 36 16.39 -1.85 1.93
N SER A 37 15.75 -2.88 1.35
CA SER A 37 15.50 -2.91 -0.08
C SER A 37 14.89 -1.59 -0.56
N ARG A 38 15.29 -1.17 -1.76
CA ARG A 38 14.79 0.07 -2.33
C ARG A 38 13.27 0.07 -2.41
N PHE A 39 12.68 -1.12 -2.55
CA PHE A 39 11.24 -1.25 -2.62
C PHE A 39 10.57 -0.67 -1.39
N CYS A 40 10.92 -1.20 -0.22
CA CYS A 40 10.37 -0.74 1.04
C CYS A 40 10.65 0.75 1.24
N SER A 41 11.63 1.26 0.50
CA SER A 41 11.99 2.67 0.59
C SER A 41 10.91 3.51 -0.05
N ALA A 42 10.49 3.10 -1.24
CA ALA A 42 9.44 3.80 -1.96
C ALA A 42 8.16 3.75 -1.14
N ILE A 43 7.82 2.55 -0.70
CA ILE A 43 6.63 2.32 0.11
C ILE A 43 6.68 3.18 1.38
N ARG A 44 7.85 3.21 2.02
CA ARG A 44 8.02 4.01 3.23
C ARG A 44 7.75 5.48 2.93
N GLU A 45 8.32 5.96 1.83
CA GLU A 45 8.12 7.34 1.42
C GLU A 45 6.63 7.62 1.27
N VAL A 46 5.88 6.59 0.89
CA VAL A 46 4.43 6.75 0.72
C VAL A 46 3.77 7.08 2.03
N TYR A 47 4.08 6.32 3.06
CA TYR A 47 3.48 6.56 4.37
C TYR A 47 3.78 7.97 4.87
N GLU A 48 5.02 8.41 4.68
CA GLU A 48 5.40 9.76 5.09
C GLU A 48 4.70 10.79 4.23
N GLN A 49 4.72 10.57 2.93
CA GLN A 49 4.08 11.48 1.98
C GLN A 49 2.59 11.55 2.24
N LEU A 50 1.97 10.39 2.43
CA LEU A 50 0.54 10.30 2.67
C LEU A 50 0.12 11.16 3.85
N TYR A 51 0.85 11.02 4.96
CA TYR A 51 0.55 11.82 6.14
C TYR A 51 0.52 13.30 5.76
N ASP A 52 1.55 13.73 5.05
CA ASP A 52 1.63 15.12 4.60
C ASP A 52 0.44 15.44 3.69
N THR A 53 0.10 14.49 2.82
CA THR A 53 -1.01 14.63 1.90
C THR A 53 -2.29 14.94 2.68
N LEU A 54 -2.45 14.29 3.82
CA LEU A 54 -3.61 14.50 4.68
C LEU A 54 -3.66 15.95 5.14
N ASP A 55 -2.49 16.44 5.56
CA ASP A 55 -2.37 17.82 6.04
C ASP A 55 -2.66 18.82 4.92
N ILE A 56 -2.46 18.41 3.67
CA ILE A 56 -2.70 19.27 2.53
C ILE A 56 -4.18 19.38 2.23
N THR A 57 -4.74 18.29 1.73
CA THR A 57 -6.15 18.21 1.37
C THR A 57 -7.04 18.28 2.61
N ALA B 1 -11.78 3.19 -0.32
CA ALA B 1 -11.64 3.50 -1.74
C ALA B 1 -12.15 2.36 -2.60
N VAL B 2 -11.89 1.13 -2.17
CA VAL B 2 -12.32 -0.05 -2.91
C VAL B 2 -13.84 -0.21 -2.86
N GLN B 3 -14.39 -0.17 -1.64
CA GLN B 3 -15.84 -0.30 -1.48
C GLN B 3 -16.57 0.80 -2.25
N ARG B 4 -16.09 2.03 -2.11
CA ARG B 4 -16.70 3.15 -2.81
C ARG B 4 -16.62 2.94 -4.31
N ALA B 5 -15.47 2.43 -4.76
CA ALA B 5 -15.28 2.15 -6.16
C ALA B 5 -16.29 1.11 -6.62
N LYS B 6 -16.39 0.03 -5.85
CA LYS B 6 -17.35 -1.03 -6.13
C LYS B 6 -18.76 -0.49 -6.02
N GLU B 7 -18.95 0.45 -5.11
CA GLU B 7 -20.25 1.08 -4.91
C GLU B 7 -20.71 1.75 -6.19
N VAL B 8 -19.79 2.51 -6.80
CA VAL B 8 -20.07 3.21 -8.04
C VAL B 8 -20.43 2.23 -9.14
N LEU B 9 -19.69 1.12 -9.22
CA LEU B 9 -19.97 0.10 -10.23
C LEU B 9 -21.42 -0.32 -10.14
N GLU B 10 -21.90 -0.46 -8.92
CA GLU B 10 -23.29 -0.86 -8.70
C GLU B 10 -24.25 0.19 -9.28
N GLU B 11 -24.02 1.45 -8.94
CA GLU B 11 -24.87 2.52 -9.45
C GLU B 11 -24.79 2.60 -10.96
N ILE B 12 -23.58 2.74 -11.48
CA ILE B 12 -23.39 2.82 -12.92
C ILE B 12 -23.83 1.53 -13.60
N SER B 13 -23.76 0.41 -12.87
CA SER B 13 -24.18 -0.88 -13.42
C SER B 13 -25.66 -0.84 -13.73
N CYS B 14 -26.42 -0.18 -12.87
CA CYS B 14 -27.87 -0.06 -13.06
C CYS B 14 -28.19 0.69 -14.34
N TYR B 15 -27.20 1.39 -14.90
CA TYR B 15 -27.41 2.15 -16.13
C TYR B 15 -26.73 1.48 -17.32
N PRO B 16 -27.51 0.77 -18.15
CA PRO B 16 -26.99 0.10 -19.34
C PRO B 16 -27.02 1.01 -20.57
N GLU B 17 -26.97 2.32 -20.33
CA GLU B 17 -27.00 3.29 -21.41
C GLU B 17 -25.75 4.18 -21.41
N ASN B 18 -25.32 4.59 -20.23
CA ASN B 18 -24.15 5.45 -20.09
C ASN B 18 -22.89 4.73 -20.55
N ASN B 19 -22.40 5.10 -21.73
CA ASN B 19 -21.19 4.49 -22.28
C ASN B 19 -20.01 4.71 -21.35
N ASP B 20 -20.05 5.80 -20.57
CA ASP B 20 -18.99 6.11 -19.64
C ASP B 20 -19.08 5.18 -18.45
N ALA B 21 -20.30 4.80 -18.10
CA ALA B 21 -20.54 3.90 -16.98
C ALA B 21 -19.98 2.52 -17.30
N LYS B 22 -20.04 2.15 -18.57
CA LYS B 22 -19.54 0.87 -19.03
C LYS B 22 -18.03 0.81 -18.92
N GLU B 23 -17.37 1.76 -19.57
CA GLU B 23 -15.91 1.82 -19.55
C GLU B 23 -15.41 2.04 -18.13
N LEU B 24 -16.24 2.65 -17.29
CA LEU B 24 -15.86 2.91 -15.91
C LEU B 24 -15.99 1.64 -15.07
N LYS B 25 -17.05 0.89 -15.31
CA LYS B 25 -17.28 -0.36 -14.59
C LYS B 25 -16.15 -1.34 -14.87
N ARG B 26 -15.72 -1.37 -16.13
CA ARG B 26 -14.64 -2.25 -16.55
C ARG B 26 -13.34 -1.91 -15.86
N ILE B 27 -12.90 -0.67 -16.07
CA ILE B 27 -11.66 -0.20 -15.47
C ILE B 27 -11.69 -0.27 -13.94
N LEU B 28 -12.77 0.24 -13.36
CA LEU B 28 -12.91 0.22 -11.91
C LEU B 28 -12.84 -1.19 -11.35
N THR B 29 -13.33 -2.16 -12.14
CA THR B 29 -13.32 -3.55 -11.71
C THR B 29 -11.94 -4.20 -11.91
N GLN B 30 -11.16 -3.67 -12.85
CA GLN B 30 -9.83 -4.21 -13.11
C GLN B 30 -9.05 -4.36 -11.81
N PRO B 31 -8.60 -5.60 -11.48
CA PRO B 31 -7.86 -5.87 -10.25
C PRO B 31 -6.68 -4.91 -10.04
N HIS B 32 -6.03 -4.51 -11.13
CA HIS B 32 -4.89 -3.59 -11.04
C HIS B 32 -5.28 -2.33 -10.28
N PHE B 33 -6.31 -1.65 -10.76
CA PHE B 33 -6.79 -0.44 -10.11
C PHE B 33 -7.20 -0.74 -8.67
N MET B 34 -7.64 -1.98 -8.45
CA MET B 34 -8.05 -2.42 -7.12
C MET B 34 -6.84 -2.49 -6.20
N ALA B 35 -5.73 -2.98 -6.73
CA ALA B 35 -4.50 -3.09 -5.96
C ALA B 35 -4.10 -1.73 -5.43
N LEU B 36 -4.06 -0.74 -6.31
CA LEU B 36 -3.70 0.61 -5.90
C LEU B 36 -4.71 1.12 -4.87
N LEU B 37 -5.99 0.88 -5.14
CA LEU B 37 -7.05 1.28 -4.22
C LEU B 37 -6.84 0.63 -2.86
N GLN B 38 -6.43 -0.63 -2.86
CA GLN B 38 -6.16 -1.35 -1.62
C GLN B 38 -5.14 -0.59 -0.79
N THR B 39 -4.12 -0.08 -1.48
CA THR B 39 -3.07 0.70 -0.84
C THR B 39 -3.68 1.99 -0.30
N HIS B 40 -4.70 2.47 -1.00
CA HIS B 40 -5.41 3.68 -0.60
C HIS B 40 -6.12 3.50 0.73
N ASP B 41 -6.81 2.37 0.85
CA ASP B 41 -7.55 2.06 2.07
C ASP B 41 -6.63 1.58 3.19
N VAL B 42 -5.61 0.80 2.83
CA VAL B 42 -4.67 0.28 3.83
C VAL B 42 -4.07 1.42 4.66
N VAL B 43 -3.54 2.43 3.97
CA VAL B 43 -2.96 3.59 4.66
C VAL B 43 -4.05 4.49 5.22
N ALA B 44 -4.97 4.91 4.35
CA ALA B 44 -6.06 5.78 4.75
C ALA B 44 -6.80 5.24 5.96
N HIS B 45 -6.88 3.91 6.05
CA HIS B 45 -7.55 3.27 7.17
C HIS B 45 -6.71 3.37 8.43
N GLU B 46 -5.44 3.01 8.31
CA GLU B 46 -4.52 3.05 9.43
C GLU B 46 -4.25 4.49 9.89
N VAL B 47 -4.64 5.47 9.07
CA VAL B 47 -4.43 6.87 9.41
C VAL B 47 -5.70 7.56 9.91
N TYR B 48 -6.86 7.02 9.53
CA TYR B 48 -8.12 7.63 9.93
C TYR B 48 -9.18 6.57 10.21
N SER B 49 -8.89 5.74 11.20
CA SER B 49 -9.79 4.68 11.60
C SER B 49 -9.78 4.52 13.13
N ASP B 50 -8.74 3.88 13.63
CA ASP B 50 -8.59 3.67 15.06
C ASP B 50 -8.23 4.97 15.76
N LEU C 1 2.23 -0.62 -15.75
CA LEU C 1 1.06 -1.09 -15.03
C LEU C 1 -0.22 -0.61 -15.70
N GLY C 2 -0.12 0.45 -16.47
CA GLY C 2 -1.30 0.99 -17.15
C GLY C 2 -2.32 1.54 -16.16
N LEU C 3 -1.85 1.87 -14.96
CA LEU C 3 -2.72 2.42 -13.93
C LEU C 3 -3.08 3.85 -14.24
N GLU C 4 -2.17 4.57 -14.87
CA GLU C 4 -2.40 5.95 -15.22
C GLU C 4 -3.47 6.03 -16.30
N ARG C 5 -3.54 4.99 -17.13
CA ARG C 5 -4.51 4.93 -18.20
C ARG C 5 -5.88 4.53 -17.67
N ASP C 6 -5.90 3.64 -16.69
CA ASP C 6 -7.15 3.15 -16.10
C ASP C 6 -7.70 4.13 -15.07
N VAL C 7 -6.81 4.77 -14.32
CA VAL C 7 -7.22 5.73 -13.31
C VAL C 7 -7.65 7.01 -13.98
N SER C 8 -6.77 7.54 -14.81
CA SER C 8 -7.05 8.76 -15.54
C SER C 8 -8.30 8.58 -16.40
N ARG C 9 -8.51 7.36 -16.86
CA ARG C 9 -9.70 7.07 -17.67
C ARG C 9 -10.92 6.96 -16.77
N ALA C 10 -10.71 6.55 -15.52
CA ALA C 10 -11.80 6.43 -14.57
C ALA C 10 -12.18 7.81 -14.06
N VAL C 11 -11.18 8.67 -13.92
CA VAL C 11 -11.39 10.03 -13.46
C VAL C 11 -12.24 10.80 -14.46
N GLU C 12 -11.86 10.71 -15.74
CA GLU C 12 -12.60 11.37 -16.81
C GLU C 12 -13.90 10.65 -17.06
N LEU C 13 -13.93 9.35 -16.78
CA LEU C 13 -15.13 8.56 -16.96
C LEU C 13 -16.17 8.96 -15.92
N LEU C 14 -15.68 9.31 -14.74
CA LEU C 14 -16.56 9.75 -13.65
C LEU C 14 -17.07 11.15 -13.95
N GLU C 15 -16.21 11.97 -14.57
CA GLU C 15 -16.59 13.31 -14.95
C GLU C 15 -17.55 13.23 -16.12
N ARG C 16 -17.24 12.32 -17.03
CA ARG C 16 -18.08 12.09 -18.20
C ARG C 16 -19.51 11.81 -17.77
N LEU C 17 -19.67 10.83 -16.89
CA LEU C 17 -20.98 10.47 -16.37
C LEU C 17 -21.61 11.68 -15.70
N GLN C 18 -20.78 12.46 -15.01
CA GLN C 18 -21.24 13.66 -14.33
C GLN C 18 -21.82 14.64 -15.35
N ARG C 19 -21.17 14.73 -16.50
CA ARG C 19 -21.61 15.61 -17.57
C ARG C 19 -23.01 15.21 -18.03
N SER C 20 -23.25 13.90 -18.08
CA SER C 20 -24.55 13.38 -18.49
C SER C 20 -25.57 13.56 -17.37
N GLY C 21 -25.14 13.33 -16.13
CA GLY C 21 -26.04 13.47 -15.01
C GLY C 21 -27.19 12.49 -15.04
N GLU C 22 -26.87 11.20 -15.00
CA GLU C 22 -27.88 10.16 -15.04
C GLU C 22 -27.97 9.42 -13.71
N LEU C 23 -26.91 9.51 -12.92
CA LEU C 23 -26.86 8.84 -11.61
C LEU C 23 -26.30 9.77 -10.54
N PRO C 24 -26.47 9.40 -9.25
CA PRO C 24 -25.97 10.20 -8.13
C PRO C 24 -24.48 10.54 -8.29
N PRO C 25 -24.17 11.79 -8.67
CA PRO C 25 -22.79 12.24 -8.86
C PRO C 25 -21.99 12.27 -7.56
N GLN C 26 -22.67 12.15 -6.43
CA GLN C 26 -21.99 12.18 -5.13
C GLN C 26 -20.95 11.08 -5.02
N LYS C 27 -21.36 9.84 -5.27
CA LYS C 27 -20.43 8.71 -5.20
C LYS C 27 -19.38 8.81 -6.29
N LEU C 28 -19.80 9.26 -7.46
CA LEU C 28 -18.90 9.42 -8.60
C LEU C 28 -17.92 10.55 -8.33
N GLN C 29 -18.36 11.54 -7.57
CA GLN C 29 -17.51 12.67 -7.21
C GLN C 29 -16.47 12.22 -6.19
N ALA C 30 -16.85 11.24 -5.38
CA ALA C 30 -15.96 10.73 -4.36
C ALA C 30 -14.84 9.93 -5.01
N LEU C 31 -15.18 9.21 -6.08
CA LEU C 31 -14.21 8.42 -6.79
C LEU C 31 -13.20 9.31 -7.51
N GLN C 32 -13.69 10.26 -8.29
CA GLN C 32 -12.82 11.18 -9.01
C GLN C 32 -11.91 11.92 -8.05
N ARG C 33 -12.42 12.18 -6.84
CA ARG C 33 -11.64 12.87 -5.82
C ARG C 33 -10.63 11.92 -5.19
N VAL C 34 -10.95 10.62 -5.22
CA VAL C 34 -10.07 9.61 -4.65
C VAL C 34 -8.92 9.30 -5.62
N LEU C 35 -9.17 9.48 -6.91
CA LEU C 35 -8.14 9.21 -7.91
C LEU C 35 -7.33 10.47 -8.21
N GLN C 36 -8.03 11.61 -8.30
CA GLN C 36 -7.37 12.87 -8.59
C GLN C 36 -6.60 13.38 -7.37
N SER C 37 -7.06 13.00 -6.17
CA SER C 37 -6.40 13.43 -4.94
C SER C 37 -4.89 13.16 -5.00
N ARG C 38 -4.12 14.05 -4.39
CA ARG C 38 -2.67 13.91 -4.38
C ARG C 38 -2.24 12.61 -3.72
N PHE C 39 -3.06 12.13 -2.77
CA PHE C 39 -2.76 10.89 -2.07
C PHE C 39 -2.58 9.75 -3.05
N CYS C 40 -3.61 9.48 -3.85
CA CYS C 40 -3.56 8.41 -4.84
C CYS C 40 -2.41 8.64 -5.83
N SER C 41 -1.93 9.88 -5.88
CA SER C 41 -0.83 10.22 -6.77
C SER C 41 0.45 9.58 -6.25
N ALA C 42 0.69 9.74 -4.96
CA ALA C 42 1.86 9.16 -4.32
C ALA C 42 1.81 7.66 -4.45
N ILE C 43 0.65 7.11 -4.10
CA ILE C 43 0.42 5.67 -4.17
C ILE C 43 0.63 5.16 -5.59
N ARG C 44 0.10 5.91 -6.56
CA ARG C 44 0.25 5.54 -7.97
C ARG C 44 1.72 5.50 -8.33
N GLU C 45 2.45 6.50 -7.87
CA GLU C 45 3.88 6.58 -8.13
C GLU C 45 4.58 5.36 -7.57
N VAL C 46 4.00 4.79 -6.50
CA VAL C 46 4.56 3.61 -5.87
C VAL C 46 4.50 2.42 -6.83
N TYR C 47 3.33 2.20 -7.41
CA TYR C 47 3.18 1.07 -8.32
C TYR C 47 4.13 1.20 -9.51
N GLU C 48 4.27 2.41 -10.05
CA GLU C 48 5.17 2.63 -11.17
C GLU C 48 6.62 2.48 -10.71
N GLN C 49 6.92 3.09 -9.57
CA GLN C 49 8.26 3.04 -8.99
C GLN C 49 8.64 1.60 -8.67
N LEU C 50 7.72 0.90 -8.02
CA LEU C 50 7.94 -0.48 -7.62
C LEU C 50 8.30 -1.34 -8.82
N TYR C 51 7.54 -1.20 -9.91
CA TYR C 51 7.81 -1.96 -11.11
C TYR C 51 9.27 -1.77 -11.53
N ASP C 52 9.69 -0.51 -11.58
CA ASP C 52 11.07 -0.19 -11.92
C ASP C 52 12.00 -0.85 -10.91
N THR C 53 11.62 -0.76 -9.64
CA THR C 53 12.39 -1.37 -8.55
C THR C 53 12.61 -2.85 -8.83
N LEU C 54 11.57 -3.52 -9.33
CA LEU C 54 11.65 -4.94 -9.67
C LEU C 54 12.78 -5.15 -10.67
N ASP C 55 12.83 -4.26 -11.66
CA ASP C 55 13.84 -4.34 -12.70
C ASP C 55 15.24 -4.00 -12.17
N ILE C 56 15.29 -3.31 -11.03
CA ILE C 56 16.57 -2.95 -10.43
C ILE C 56 17.08 -4.04 -9.51
N THR C 57 16.25 -4.40 -8.55
CA THR C 57 16.59 -5.42 -7.57
C THR C 57 16.65 -6.80 -8.23
N ALA D 1 6.10 -10.39 3.37
CA ALA D 1 6.99 -9.54 4.15
C ALA D 1 6.57 -9.53 5.62
N VAL D 2 5.25 -9.52 5.85
CA VAL D 2 4.73 -9.53 7.21
C VAL D 2 4.99 -10.89 7.87
N GLN D 3 4.75 -11.97 7.12
CA GLN D 3 4.99 -13.31 7.64
C GLN D 3 6.45 -13.49 8.00
N ARG D 4 7.34 -13.01 7.13
CA ARG D 4 8.76 -13.11 7.38
C ARG D 4 9.10 -12.37 8.66
N ALA D 5 8.44 -11.25 8.86
CA ALA D 5 8.63 -10.44 10.06
C ALA D 5 8.13 -11.21 11.27
N LYS D 6 6.92 -11.76 11.15
CA LYS D 6 6.32 -12.53 12.22
C LYS D 6 7.22 -13.70 12.61
N GLU D 7 7.74 -14.40 11.60
CA GLU D 7 8.62 -15.53 11.84
C GLU D 7 9.82 -15.10 12.68
N VAL D 8 10.41 -13.97 12.34
CA VAL D 8 11.55 -13.44 13.06
C VAL D 8 11.18 -13.17 14.52
N LEU D 9 9.98 -12.62 14.73
CA LEU D 9 9.52 -12.34 16.09
C LEU D 9 9.58 -13.60 16.93
N GLU D 10 9.15 -14.71 16.35
CA GLU D 10 9.17 -15.99 17.05
C GLU D 10 10.59 -16.37 17.43
N GLU D 11 11.52 -16.20 16.50
CA GLU D 11 12.91 -16.53 16.75
C GLU D 11 13.48 -15.62 17.84
N ILE D 12 13.37 -14.32 17.64
CA ILE D 12 13.87 -13.35 18.61
C ILE D 12 13.11 -13.47 19.93
N SER D 13 11.84 -13.91 19.85
CA SER D 13 11.02 -14.08 21.04
C SER D 13 11.55 -15.20 21.91
N CYS D 14 12.10 -16.23 21.27
CA CYS D 14 12.66 -17.37 21.99
C CYS D 14 14.00 -17.02 22.64
N TYR D 15 14.49 -15.82 22.38
CA TYR D 15 15.76 -15.37 22.94
C TYR D 15 15.56 -14.30 24.01
N PRO D 16 15.54 -14.70 25.29
CA PRO D 16 15.36 -13.77 26.40
C PRO D 16 16.67 -13.18 26.89
N GLU D 17 17.67 -13.13 26.01
CA GLU D 17 18.98 -12.60 26.37
C GLU D 17 19.37 -11.42 25.48
N ASN D 18 19.05 -11.52 24.19
CA ASN D 18 19.37 -10.45 23.24
C ASN D 18 18.45 -9.26 23.45
N ASN D 19 19.03 -8.14 23.89
CA ASN D 19 18.27 -6.92 24.12
C ASN D 19 17.68 -6.39 22.82
N ASP D 20 18.33 -6.71 21.71
CA ASP D 20 17.85 -6.26 20.40
C ASP D 20 16.64 -7.07 19.99
N ALA D 21 16.69 -8.36 20.32
CA ALA D 21 15.59 -9.26 20.00
C ALA D 21 14.31 -8.82 20.67
N LYS D 22 14.44 -8.20 21.84
CA LYS D 22 13.28 -7.72 22.58
C LYS D 22 12.72 -6.47 21.94
N GLU D 23 13.58 -5.46 21.81
CA GLU D 23 13.17 -4.20 21.21
C GLU D 23 12.82 -4.39 19.73
N LEU D 24 13.37 -5.44 19.13
CA LEU D 24 13.09 -5.72 17.73
C LEU D 24 11.74 -6.39 17.57
N LYS D 25 11.39 -7.24 18.53
CA LYS D 25 10.10 -7.93 18.51
C LYS D 25 8.98 -6.91 18.62
N ARG D 26 9.19 -5.92 19.49
CA ARG D 26 8.21 -4.87 19.71
C ARG D 26 8.01 -4.04 18.44
N ILE D 27 9.11 -3.56 17.87
CA ILE D 27 9.04 -2.75 16.66
C ILE D 27 8.41 -3.52 15.51
N LEU D 28 8.90 -4.73 15.27
CA LEU D 28 8.37 -5.56 14.19
C LEU D 28 6.89 -5.85 14.39
N THR D 29 6.46 -5.87 15.65
CA THR D 29 5.06 -6.14 15.97
C THR D 29 4.20 -4.89 15.84
N GLN D 30 4.83 -3.72 15.97
CA GLN D 30 4.10 -2.46 15.87
C GLN D 30 3.27 -2.40 14.59
N PRO D 31 1.94 -2.43 14.70
CA PRO D 31 1.03 -2.40 13.54
C PRO D 31 1.48 -1.44 12.44
N HIS D 32 2.08 -0.31 12.84
CA HIS D 32 2.56 0.68 11.88
C HIS D 32 3.50 0.03 10.87
N PHE D 33 4.55 -0.59 11.37
CA PHE D 33 5.52 -1.26 10.51
C PHE D 33 4.84 -2.38 9.74
N MET D 34 3.78 -2.94 10.33
CA MET D 34 3.02 -4.00 9.69
C MET D 34 2.24 -3.43 8.50
N ALA D 35 1.70 -2.23 8.67
CA ALA D 35 0.96 -1.57 7.61
C ALA D 35 1.83 -1.42 6.37
N LEU D 36 3.03 -0.86 6.57
CA LEU D 36 3.96 -0.68 5.46
C LEU D 36 4.25 -2.04 4.82
N LEU D 37 4.52 -3.03 5.66
CA LEU D 37 4.79 -4.38 5.19
C LEU D 37 3.63 -4.89 4.35
N GLN D 38 2.40 -4.57 4.78
CA GLN D 38 1.21 -4.98 4.06
C GLN D 38 1.27 -4.46 2.63
N THR D 39 1.73 -3.22 2.49
CA THR D 39 1.89 -2.60 1.17
C THR D 39 2.93 -3.38 0.37
N HIS D 40 3.91 -3.92 1.09
CA HIS D 40 4.98 -4.69 0.48
C HIS D 40 4.40 -5.92 -0.23
N ASP D 41 3.52 -6.61 0.46
CA ASP D 41 2.89 -7.81 -0.08
C ASP D 41 1.82 -7.48 -1.12
N VAL D 42 0.98 -6.50 -0.82
CA VAL D 42 -0.09 -6.10 -1.74
C VAL D 42 0.44 -5.89 -3.16
N VAL D 43 1.52 -5.12 -3.27
CA VAL D 43 2.12 -4.85 -4.57
C VAL D 43 2.81 -6.10 -5.09
N ALA D 44 3.72 -6.65 -4.30
CA ALA D 44 4.44 -7.86 -4.69
C ALA D 44 3.47 -8.95 -5.12
N HIS D 45 2.25 -8.91 -4.57
CA HIS D 45 1.22 -9.87 -4.92
C HIS D 45 0.78 -9.65 -6.36
N GLU D 46 0.42 -8.41 -6.66
CA GLU D 46 -0.01 -8.05 -8.00
C GLU D 46 1.19 -7.90 -8.95
N VAL D 47 2.39 -7.87 -8.37
CA VAL D 47 3.61 -7.73 -9.16
C VAL D 47 3.97 -9.06 -9.84
N TYR D 48 4.07 -10.12 -9.04
CA TYR D 48 4.39 -11.44 -9.57
C TYR D 48 4.51 -12.47 -8.44
N SER D 49 3.43 -12.62 -7.67
CA SER D 49 3.40 -13.57 -6.58
C SER D 49 2.41 -14.69 -6.89
N ASP D 50 1.27 -14.30 -7.44
CA ASP D 50 0.23 -15.25 -7.81
C ASP D 50 0.40 -15.66 -9.26
N LEU A 1 4.64 9.02 11.51
CA LEU A 1 4.27 7.61 11.64
C LEU A 1 5.33 6.85 12.43
N GLY A 2 6.57 7.31 12.33
CA GLY A 2 7.65 6.64 13.04
C GLY A 2 8.09 5.37 12.32
N LEU A 3 7.80 5.29 11.04
CA LEU A 3 8.17 4.13 10.24
C LEU A 3 9.66 4.14 9.95
N GLU A 4 10.19 5.33 9.69
CA GLU A 4 11.61 5.46 9.40
C GLU A 4 12.43 5.15 10.64
N ARG A 5 11.85 5.49 11.80
CA ARG A 5 12.52 5.26 13.07
C ARG A 5 12.38 3.80 13.49
N ASP A 6 11.24 3.19 13.18
CA ASP A 6 11.00 1.80 13.55
C ASP A 6 11.64 0.84 12.56
N VAL A 7 11.64 1.21 11.29
CA VAL A 7 12.25 0.37 10.25
C VAL A 7 13.76 0.45 10.37
N SER A 8 14.26 1.67 10.31
CA SER A 8 15.69 1.90 10.43
C SER A 8 16.21 1.31 11.73
N ARG A 9 15.36 1.31 12.75
CA ARG A 9 15.73 0.74 14.04
C ARG A 9 15.66 -0.78 13.98
N ALA A 10 14.77 -1.28 13.14
CA ALA A 10 14.63 -2.73 12.97
C ALA A 10 15.77 -3.26 12.12
N VAL A 11 16.23 -2.44 11.19
CA VAL A 11 17.32 -2.80 10.32
C VAL A 11 18.62 -2.93 11.10
N GLU A 12 18.91 -1.93 11.94
CA GLU A 12 20.11 -1.94 12.76
C GLU A 12 19.95 -2.94 13.89
N LEU A 13 18.72 -3.11 14.35
CA LEU A 13 18.45 -4.06 15.41
C LEU A 13 18.67 -5.48 14.90
N LEU A 14 18.39 -5.68 13.62
CA LEU A 14 18.58 -6.98 13.00
C LEU A 14 20.07 -7.25 12.82
N GLU A 15 20.78 -6.22 12.37
CA GLU A 15 22.23 -6.32 12.19
C GLU A 15 22.88 -6.53 13.55
N ARG A 16 22.41 -5.77 14.51
CA ARG A 16 22.89 -5.85 15.88
C ARG A 16 22.76 -7.28 16.41
N LEU A 17 21.67 -7.93 16.04
CA LEU A 17 21.40 -9.30 16.48
C LEU A 17 22.32 -10.29 15.77
N GLN A 18 22.30 -10.27 14.44
CA GLN A 18 23.14 -11.18 13.67
C GLN A 18 24.61 -11.02 14.04
N ARG A 19 25.07 -9.77 14.07
CA ARG A 19 26.45 -9.48 14.42
C ARG A 19 26.76 -10.03 15.81
N SER A 20 25.77 -9.93 16.70
CA SER A 20 25.91 -10.44 18.05
C SER A 20 26.20 -11.93 18.03
N GLY A 21 25.46 -12.66 17.19
CA GLY A 21 25.66 -14.09 17.08
C GLY A 21 24.95 -14.88 18.16
N GLU A 22 23.64 -14.68 18.25
CA GLU A 22 22.84 -15.38 19.26
C GLU A 22 21.64 -16.08 18.63
N LEU A 23 21.24 -15.65 17.43
CA LEU A 23 20.10 -16.24 16.74
C LEU A 23 20.37 -16.37 15.25
N PRO A 24 19.55 -17.16 14.54
CA PRO A 24 19.71 -17.37 13.09
C PRO A 24 19.82 -16.05 12.33
N PRO A 25 21.04 -15.69 11.88
CA PRO A 25 21.28 -14.44 11.16
C PRO A 25 20.65 -14.43 9.77
N GLN A 26 20.47 -15.62 9.19
CA GLN A 26 19.89 -15.73 7.86
C GLN A 26 18.50 -15.08 7.80
N LYS A 27 17.61 -15.47 8.71
CA LYS A 27 16.27 -14.93 8.75
C LYS A 27 16.31 -13.43 9.05
N LEU A 28 17.10 -13.08 10.05
CA LEU A 28 17.25 -11.69 10.45
C LEU A 28 17.84 -10.87 9.31
N GLN A 29 18.69 -11.51 8.51
CA GLN A 29 19.30 -10.86 7.36
C GLN A 29 18.26 -10.63 6.28
N ALA A 30 17.28 -11.53 6.23
CA ALA A 30 16.21 -11.43 5.26
C ALA A 30 15.34 -10.23 5.55
N LEU A 31 15.13 -9.96 6.83
CA LEU A 31 14.31 -8.83 7.24
C LEU A 31 15.00 -7.52 6.89
N GLN A 32 16.25 -7.37 7.34
CA GLN A 32 17.01 -6.15 7.06
C GLN A 32 17.11 -5.91 5.56
N ARG A 33 17.13 -6.99 4.79
CA ARG A 33 17.21 -6.88 3.34
C ARG A 33 15.86 -6.45 2.76
N VAL A 34 14.79 -6.83 3.45
CA VAL A 34 13.44 -6.47 3.02
C VAL A 34 13.13 -5.02 3.37
N LEU A 35 13.79 -4.50 4.40
CA LEU A 35 13.58 -3.12 4.81
C LEU A 35 14.52 -2.19 4.04
N GLN A 36 15.79 -2.59 3.96
CA GLN A 36 16.78 -1.80 3.26
C GLN A 36 16.53 -1.79 1.75
N SER A 37 15.86 -2.85 1.26
CA SER A 37 15.55 -2.97 -0.15
C SER A 37 14.91 -1.68 -0.68
N ARG A 38 15.27 -1.31 -1.90
CA ARG A 38 14.74 -0.10 -2.52
C ARG A 38 13.22 -0.13 -2.59
N PHE A 39 12.66 -1.34 -2.68
CA PHE A 39 11.21 -1.49 -2.75
C PHE A 39 10.54 -0.90 -1.52
N CYS A 40 10.89 -1.44 -0.36
CA CYS A 40 10.32 -0.96 0.91
C CYS A 40 10.65 0.51 1.12
N SER A 41 11.65 1.00 0.39
CA SER A 41 12.05 2.40 0.49
C SER A 41 10.95 3.26 -0.12
N ALA A 42 10.50 2.85 -1.30
CA ALA A 42 9.43 3.57 -1.98
C ALA A 42 8.17 3.49 -1.16
N ILE A 43 7.84 2.28 -0.74
CA ILE A 43 6.66 2.01 0.07
C ILE A 43 6.74 2.80 1.38
N ARG A 44 7.95 2.86 1.95
CA ARG A 44 8.17 3.57 3.19
C ARG A 44 7.91 5.06 2.99
N GLU A 45 8.48 5.61 1.92
CA GLU A 45 8.29 7.01 1.59
C GLU A 45 6.80 7.31 1.42
N VAL A 46 6.04 6.29 1.03
CA VAL A 46 4.61 6.45 0.86
C VAL A 46 3.92 6.71 2.18
N TYR A 47 4.22 5.89 3.17
CA TYR A 47 3.60 6.07 4.49
C TYR A 47 3.88 7.46 5.03
N GLU A 48 5.12 7.92 4.87
CA GLU A 48 5.49 9.26 5.33
C GLU A 48 4.81 10.32 4.48
N GLN A 49 4.91 10.17 3.17
CA GLN A 49 4.31 11.09 2.23
C GLN A 49 2.80 11.13 2.40
N LEU A 50 2.23 9.97 2.69
CA LEU A 50 0.80 9.84 2.87
C LEU A 50 0.32 10.68 4.04
N TYR A 51 0.99 10.55 5.18
CA TYR A 51 0.62 11.32 6.36
C TYR A 51 0.60 12.80 6.03
N ASP A 52 1.63 13.26 5.31
CA ASP A 52 1.72 14.66 4.90
C ASP A 52 0.51 15.02 4.05
N THR A 53 0.26 14.21 3.03
CA THR A 53 -0.87 14.42 2.13
C THR A 53 -2.14 14.68 2.93
N LEU A 54 -2.30 13.93 4.02
CA LEU A 54 -3.45 14.08 4.91
C LEU A 54 -3.51 15.49 5.45
N ASP A 55 -2.36 15.95 5.94
CA ASP A 55 -2.25 17.29 6.50
C ASP A 55 -2.50 18.36 5.44
N ILE A 56 -2.38 17.98 4.16
CA ILE A 56 -2.60 18.92 3.07
C ILE A 56 -4.05 18.94 2.64
N THR A 57 -4.57 17.76 2.35
CA THR A 57 -5.95 17.61 1.91
C THR A 57 -6.92 17.86 3.06
N ALA B 1 -12.12 3.40 -0.24
CA ALA B 1 -11.94 3.80 -1.63
C ALA B 1 -12.46 2.73 -2.58
N VAL B 2 -12.20 1.47 -2.25
CA VAL B 2 -12.66 0.36 -3.06
C VAL B 2 -14.18 0.22 -2.97
N GLN B 3 -14.71 0.32 -1.76
CA GLN B 3 -16.15 0.22 -1.55
C GLN B 3 -16.86 1.33 -2.31
N ARG B 4 -16.32 2.54 -2.25
CA ARG B 4 -16.91 3.67 -2.95
C ARG B 4 -16.93 3.38 -4.44
N ALA B 5 -15.86 2.78 -4.92
CA ALA B 5 -15.76 2.41 -6.32
C ALA B 5 -16.81 1.36 -6.67
N LYS B 6 -16.88 0.33 -5.83
CA LYS B 6 -17.84 -0.75 -6.01
C LYS B 6 -19.26 -0.18 -6.05
N GLU B 7 -19.55 0.73 -5.12
CA GLU B 7 -20.87 1.35 -5.05
C GLU B 7 -21.23 2.01 -6.38
N VAL B 8 -20.27 2.74 -6.94
CA VAL B 8 -20.48 3.41 -8.21
C VAL B 8 -20.80 2.40 -9.31
N LEU B 9 -20.06 1.28 -9.32
CA LEU B 9 -20.28 0.24 -10.32
C LEU B 9 -21.74 -0.17 -10.31
N GLU B 10 -22.30 -0.29 -9.11
CA GLU B 10 -23.69 -0.68 -8.95
C GLU B 10 -24.63 0.33 -9.60
N GLU B 11 -24.43 1.60 -9.29
CA GLU B 11 -25.26 2.66 -9.85
C GLU B 11 -25.09 2.72 -11.36
N ILE B 12 -23.85 2.83 -11.81
CA ILE B 12 -23.56 2.90 -13.22
C ILE B 12 -23.94 1.60 -13.92
N SER B 13 -23.91 0.49 -13.17
CA SER B 13 -24.27 -0.81 -13.73
C SER B 13 -25.74 -0.82 -14.12
N CYS B 14 -26.57 -0.19 -13.29
CA CYS B 14 -28.00 -0.12 -13.56
C CYS B 14 -28.30 0.78 -14.76
N TYR B 15 -27.28 1.47 -15.27
CA TYR B 15 -27.44 2.37 -16.40
C TYR B 15 -26.78 1.80 -17.66
N PRO B 16 -27.56 1.16 -18.54
CA PRO B 16 -27.05 0.58 -19.77
C PRO B 16 -27.05 1.58 -20.93
N GLU B 17 -27.01 2.87 -20.60
CA GLU B 17 -27.03 3.92 -21.62
C GLU B 17 -25.76 4.78 -21.54
N ASN B 18 -25.31 5.05 -20.32
CA ASN B 18 -24.12 5.86 -20.12
C ASN B 18 -22.87 5.11 -20.58
N ASN B 19 -22.35 5.51 -21.74
CA ASN B 19 -21.16 4.88 -22.29
C ASN B 19 -19.97 5.03 -21.35
N ASP B 20 -19.98 6.08 -20.53
CA ASP B 20 -18.91 6.32 -19.58
C ASP B 20 -19.05 5.34 -18.42
N ALA B 21 -20.29 5.04 -18.07
CA ALA B 21 -20.57 4.11 -17.00
C ALA B 21 -20.00 2.73 -17.33
N LYS B 22 -20.20 2.32 -18.57
CA LYS B 22 -19.71 1.04 -19.05
C LYS B 22 -18.19 0.96 -18.94
N GLU B 23 -17.52 1.92 -19.56
CA GLU B 23 -16.06 1.95 -19.54
C GLU B 23 -15.55 2.11 -18.12
N LEU B 24 -16.38 2.71 -17.27
CA LEU B 24 -15.99 2.91 -15.87
C LEU B 24 -16.16 1.63 -15.07
N LYS B 25 -17.21 0.88 -15.39
CA LYS B 25 -17.45 -0.39 -14.71
C LYS B 25 -16.29 -1.34 -14.95
N ARG B 26 -15.78 -1.32 -16.18
CA ARG B 26 -14.66 -2.18 -16.57
C ARG B 26 -13.39 -1.80 -15.82
N ILE B 27 -13.00 -0.54 -15.94
CA ILE B 27 -11.79 -0.05 -15.28
C ILE B 27 -11.88 -0.12 -13.77
N LEU B 28 -13.00 0.36 -13.23
CA LEU B 28 -13.20 0.35 -11.77
C LEU B 28 -13.13 -1.08 -11.22
N THR B 29 -13.60 -2.05 -11.99
CA THR B 29 -13.59 -3.43 -11.56
C THR B 29 -12.22 -4.09 -11.77
N GLN B 30 -11.44 -3.54 -12.70
CA GLN B 30 -10.11 -4.09 -12.98
C GLN B 30 -9.31 -4.23 -11.68
N PRO B 31 -8.88 -5.46 -11.34
CA PRO B 31 -8.12 -5.73 -10.11
C PRO B 31 -6.95 -4.78 -9.92
N HIS B 32 -6.32 -4.37 -11.03
CA HIS B 32 -5.18 -3.45 -10.97
C HIS B 32 -5.55 -2.19 -10.18
N PHE B 33 -6.59 -1.51 -10.64
CA PHE B 33 -7.05 -0.29 -9.97
C PHE B 33 -7.45 -0.62 -8.53
N MET B 34 -7.89 -1.85 -8.31
CA MET B 34 -8.29 -2.29 -6.98
C MET B 34 -7.08 -2.38 -6.07
N ALA B 35 -5.98 -2.88 -6.61
CA ALA B 35 -4.74 -2.99 -5.85
C ALA B 35 -4.31 -1.63 -5.33
N LEU B 36 -4.25 -0.65 -6.23
CA LEU B 36 -3.88 0.70 -5.84
C LEU B 36 -4.88 1.24 -4.81
N LEU B 37 -6.17 1.08 -5.13
CA LEU B 37 -7.23 1.53 -4.23
C LEU B 37 -7.08 0.84 -2.89
N GLN B 38 -6.63 -0.41 -2.91
CA GLN B 38 -6.42 -1.17 -1.68
C GLN B 38 -5.40 -0.46 -0.82
N THR B 39 -4.35 0.05 -1.46
CA THR B 39 -3.31 0.79 -0.76
C THR B 39 -3.91 2.05 -0.15
N HIS B 40 -4.92 2.58 -0.84
CA HIS B 40 -5.61 3.79 -0.38
C HIS B 40 -6.24 3.57 0.98
N ASP B 41 -7.04 2.51 1.09
CA ASP B 41 -7.73 2.19 2.33
C ASP B 41 -6.78 1.61 3.38
N VAL B 42 -5.82 0.80 2.95
CA VAL B 42 -4.88 0.18 3.87
C VAL B 42 -4.18 1.24 4.73
N VAL B 43 -3.66 2.27 4.08
CA VAL B 43 -2.96 3.34 4.79
C VAL B 43 -3.95 4.23 5.54
N ALA B 44 -4.93 4.76 4.82
CA ALA B 44 -5.93 5.63 5.43
C ALA B 44 -6.58 4.96 6.63
N HIS B 45 -6.83 3.66 6.51
CA HIS B 45 -7.43 2.89 7.59
C HIS B 45 -6.44 2.77 8.75
N GLU B 46 -5.17 2.62 8.41
CA GLU B 46 -4.12 2.49 9.41
C GLU B 46 -3.59 3.86 9.85
N VAL B 47 -4.16 4.93 9.30
CA VAL B 47 -3.73 6.28 9.65
C VAL B 47 -4.64 6.92 10.69
N TYR B 48 -5.93 6.96 10.41
CA TYR B 48 -6.89 7.56 11.33
C TYR B 48 -8.32 7.20 10.98
N SER B 49 -8.62 5.91 10.95
CA SER B 49 -9.96 5.44 10.64
C SER B 49 -10.59 4.80 11.87
N ASP B 50 -9.77 4.05 12.61
CA ASP B 50 -10.21 3.39 13.82
C ASP B 50 -9.92 4.27 15.03
N LEU C 1 2.01 -1.11 -15.79
CA LEU C 1 0.81 -1.46 -15.02
C LEU C 1 -0.45 -0.90 -15.67
N GLY C 2 -0.30 0.28 -16.28
CA GLY C 2 -1.43 0.92 -16.93
C GLY C 2 -2.41 1.48 -15.92
N LEU C 3 -1.90 1.86 -14.76
CA LEU C 3 -2.73 2.42 -13.70
C LEU C 3 -3.12 3.85 -14.04
N GLU C 4 -2.19 4.59 -14.64
CA GLU C 4 -2.44 5.96 -15.02
C GLU C 4 -3.49 6.01 -16.12
N ARG C 5 -3.52 4.96 -16.93
CA ARG C 5 -4.47 4.87 -18.02
C ARG C 5 -5.86 4.47 -17.53
N ASP C 6 -5.88 3.60 -16.52
CA ASP C 6 -7.16 3.13 -15.96
C ASP C 6 -7.75 4.13 -14.97
N VAL C 7 -6.87 4.77 -14.19
CA VAL C 7 -7.31 5.76 -13.22
C VAL C 7 -7.73 7.03 -13.92
N SER C 8 -6.83 7.53 -14.75
CA SER C 8 -7.10 8.75 -15.51
C SER C 8 -8.32 8.54 -16.40
N ARG C 9 -8.53 7.30 -16.83
CA ARG C 9 -9.68 6.98 -17.66
C ARG C 9 -10.93 6.90 -16.81
N ALA C 10 -10.76 6.52 -15.55
CA ALA C 10 -11.89 6.44 -14.63
C ALA C 10 -12.26 7.82 -14.13
N VAL C 11 -11.25 8.68 -14.02
CA VAL C 11 -11.46 10.05 -13.58
C VAL C 11 -12.26 10.83 -14.62
N GLU C 12 -11.87 10.69 -15.87
CA GLU C 12 -12.58 11.37 -16.97
C GLU C 12 -13.90 10.68 -17.22
N LEU C 13 -13.94 9.38 -16.98
CA LEU C 13 -15.17 8.63 -17.16
C LEU C 13 -16.18 9.04 -16.11
N LEU C 14 -15.68 9.36 -14.92
CA LEU C 14 -16.52 9.82 -13.83
C LEU C 14 -17.04 11.21 -14.14
N GLU C 15 -16.15 12.07 -14.64
CA GLU C 15 -16.52 13.43 -15.01
C GLU C 15 -17.50 13.37 -16.15
N ARG C 16 -17.21 12.50 -17.10
CA ARG C 16 -18.07 12.29 -18.26
C ARG C 16 -19.51 12.07 -17.81
N LEU C 17 -19.67 11.18 -16.84
CA LEU C 17 -20.98 10.86 -16.31
C LEU C 17 -21.61 12.10 -15.66
N GLN C 18 -20.78 12.93 -15.03
CA GLN C 18 -21.28 14.16 -14.41
C GLN C 18 -22.03 14.98 -15.44
N ARG C 19 -21.44 15.08 -16.63
CA ARG C 19 -22.04 15.84 -17.71
C ARG C 19 -23.39 15.22 -18.09
N SER C 20 -23.41 13.88 -18.13
CA SER C 20 -24.63 13.16 -18.46
C SER C 20 -25.72 13.45 -17.43
N GLY C 21 -25.34 13.45 -16.16
CA GLY C 21 -26.29 13.72 -15.10
C GLY C 21 -27.49 12.79 -15.13
N GLU C 22 -27.22 11.50 -15.25
CA GLU C 22 -28.27 10.50 -15.29
C GLU C 22 -28.37 9.75 -13.97
N LEU C 23 -27.22 9.48 -13.36
CA LEU C 23 -27.17 8.75 -12.10
C LEU C 23 -26.57 9.62 -10.99
N PRO C 24 -26.72 9.21 -9.72
CA PRO C 24 -26.18 9.96 -8.58
C PRO C 24 -24.73 10.36 -8.80
N PRO C 25 -24.49 11.65 -9.11
CA PRO C 25 -23.13 12.15 -9.36
C PRO C 25 -22.32 12.32 -8.08
N GLN C 26 -22.99 12.38 -6.94
CA GLN C 26 -22.31 12.56 -5.65
C GLN C 26 -21.27 11.46 -5.41
N LYS C 27 -21.65 10.23 -5.67
CA LYS C 27 -20.73 9.10 -5.49
C LYS C 27 -19.65 9.13 -6.55
N LEU C 28 -20.00 9.64 -7.73
CA LEU C 28 -19.06 9.72 -8.84
C LEU C 28 -18.03 10.83 -8.60
N GLN C 29 -18.47 11.93 -7.99
CA GLN C 29 -17.56 13.02 -7.68
C GLN C 29 -16.64 12.60 -6.55
N ALA C 30 -17.17 11.75 -5.66
CA ALA C 30 -16.38 11.25 -4.55
C ALA C 30 -15.17 10.48 -5.07
N LEU C 31 -15.44 9.55 -5.98
CA LEU C 31 -14.38 8.77 -6.58
C LEU C 31 -13.43 9.70 -7.31
N GLN C 32 -14.01 10.66 -8.03
CA GLN C 32 -13.23 11.64 -8.78
C GLN C 32 -12.13 12.25 -7.91
N ARG C 33 -12.50 12.61 -6.69
CA ARG C 33 -11.54 13.19 -5.76
C ARG C 33 -10.66 12.11 -5.12
N VAL C 34 -11.13 10.87 -5.14
CA VAL C 34 -10.39 9.75 -4.56
C VAL C 34 -9.24 9.35 -5.47
N LEU C 35 -9.41 9.54 -6.77
CA LEU C 35 -8.36 9.20 -7.73
C LEU C 35 -7.47 10.40 -8.01
N GLN C 36 -8.10 11.55 -8.24
CA GLN C 36 -7.37 12.77 -8.54
C GLN C 36 -6.58 13.24 -7.31
N SER C 37 -7.06 12.87 -6.12
CA SER C 37 -6.40 13.25 -4.88
C SER C 37 -4.90 12.98 -4.95
N ARG C 38 -4.12 13.91 -4.40
CA ARG C 38 -2.67 13.77 -4.39
C ARG C 38 -2.24 12.47 -3.75
N PHE C 39 -3.05 11.97 -2.81
CA PHE C 39 -2.74 10.73 -2.11
C PHE C 39 -2.59 9.58 -3.10
N CYS C 40 -3.64 9.30 -3.86
CA CYS C 40 -3.62 8.23 -4.85
C CYS C 40 -2.50 8.43 -5.86
N SER C 41 -2.01 9.67 -5.96
CA SER C 41 -0.93 9.99 -6.88
C SER C 41 0.35 9.38 -6.35
N ALA C 42 0.61 9.60 -5.07
CA ALA C 42 1.79 9.06 -4.42
C ALA C 42 1.76 7.54 -4.49
N ILE C 43 0.61 6.98 -4.14
CA ILE C 43 0.39 5.54 -4.16
C ILE C 43 0.61 5.00 -5.58
N ARG C 44 0.04 5.71 -6.56
CA ARG C 44 0.18 5.32 -7.96
C ARG C 44 1.65 5.28 -8.34
N GLU C 45 2.38 6.30 -7.90
CA GLU C 45 3.81 6.39 -8.17
C GLU C 45 4.51 5.14 -7.63
N VAL C 46 3.98 4.62 -6.53
CA VAL C 46 4.54 3.41 -5.92
C VAL C 46 4.46 2.25 -6.87
N TYR C 47 3.28 2.01 -7.43
CA TYR C 47 3.10 0.89 -8.34
C TYR C 47 4.07 0.96 -9.52
N GLU C 48 4.18 2.14 -10.12
CA GLU C 48 5.10 2.32 -11.24
C GLU C 48 6.54 2.20 -10.77
N GLN C 49 6.83 2.83 -9.64
CA GLN C 49 8.17 2.81 -9.06
C GLN C 49 8.57 1.39 -8.70
N LEU C 50 7.64 0.65 -8.11
CA LEU C 50 7.89 -0.72 -7.70
C LEU C 50 8.30 -1.58 -8.88
N TYR C 51 7.54 -1.48 -9.96
CA TYR C 51 7.86 -2.25 -11.17
C TYR C 51 9.32 -2.02 -11.55
N ASP C 52 9.71 -0.74 -11.60
CA ASP C 52 11.08 -0.39 -11.92
C ASP C 52 12.02 -1.02 -10.89
N THR C 53 11.65 -0.91 -9.62
CA THR C 53 12.43 -1.47 -8.53
C THR C 53 12.73 -2.95 -8.80
N LEU C 54 11.71 -3.68 -9.23
CA LEU C 54 11.86 -5.10 -9.54
C LEU C 54 12.96 -5.28 -10.58
N ASP C 55 12.95 -4.40 -11.58
CA ASP C 55 13.94 -4.44 -12.65
C ASP C 55 15.33 -4.04 -12.14
N ILE C 56 15.38 -3.34 -11.01
CA ILE C 56 16.65 -2.90 -10.46
C ILE C 56 17.24 -3.96 -9.53
N THR C 57 16.45 -4.33 -8.54
CA THR C 57 16.87 -5.33 -7.56
C THR C 57 16.83 -6.73 -8.16
N ALA D 1 6.73 -10.50 3.19
CA ALA D 1 7.48 -9.61 4.07
C ALA D 1 6.97 -9.71 5.50
N VAL D 2 5.65 -9.70 5.66
CA VAL D 2 5.04 -9.79 6.98
C VAL D 2 5.34 -11.14 7.63
N GLN D 3 5.13 -12.22 6.88
CA GLN D 3 5.39 -13.55 7.40
C GLN D 3 6.84 -13.68 7.84
N ARG D 4 7.76 -13.22 6.99
CA ARG D 4 9.18 -13.29 7.31
C ARG D 4 9.45 -12.50 8.58
N ALA D 5 8.78 -11.36 8.72
CA ALA D 5 8.94 -10.53 9.90
C ALA D 5 8.43 -11.25 11.13
N LYS D 6 7.23 -11.78 11.03
CA LYS D 6 6.61 -12.52 12.13
C LYS D 6 7.48 -13.71 12.52
N GLU D 7 8.02 -14.39 11.51
CA GLU D 7 8.88 -15.55 11.73
C GLU D 7 10.07 -15.16 12.59
N VAL D 8 10.67 -14.01 12.28
CA VAL D 8 11.82 -13.52 13.03
C VAL D 8 11.45 -13.26 14.48
N LEU D 9 10.26 -12.70 14.70
CA LEU D 9 9.78 -12.42 16.05
C LEU D 9 9.80 -13.69 16.88
N GLU D 10 9.36 -14.78 16.27
CA GLU D 10 9.33 -16.07 16.95
C GLU D 10 10.73 -16.52 17.33
N GLU D 11 11.67 -16.37 16.39
CA GLU D 11 13.05 -16.76 16.65
C GLU D 11 13.66 -15.87 17.73
N ILE D 12 13.61 -14.56 17.50
CA ILE D 12 14.15 -13.61 18.46
C ILE D 12 13.41 -13.67 19.79
N SER D 13 12.13 -14.06 19.73
CA SER D 13 11.32 -14.17 20.94
C SER D 13 11.81 -15.31 21.81
N CYS D 14 12.26 -16.39 21.16
CA CYS D 14 12.76 -17.55 21.87
C CYS D 14 14.00 -17.21 22.69
N TYR D 15 14.63 -16.08 22.39
CA TYR D 15 15.83 -15.65 23.10
C TYR D 15 15.56 -14.46 24.01
N PRO D 16 15.50 -14.69 25.33
CA PRO D 16 15.28 -13.62 26.31
C PRO D 16 16.60 -13.01 26.77
N GLU D 17 17.62 -13.14 25.94
CA GLU D 17 18.95 -12.61 26.28
C GLU D 17 19.33 -11.44 25.38
N ASN D 18 18.88 -11.48 24.13
CA ASN D 18 19.18 -10.42 23.17
C ASN D 18 18.31 -9.20 23.42
N ASN D 19 18.94 -8.10 23.82
CA ASN D 19 18.22 -6.85 24.08
C ASN D 19 17.66 -6.27 22.79
N ASP D 20 18.31 -6.59 21.67
CA ASP D 20 17.86 -6.10 20.37
C ASP D 20 16.63 -6.88 19.94
N ALA D 21 16.62 -8.16 20.26
CA ALA D 21 15.50 -9.02 19.93
C ALA D 21 14.22 -8.48 20.57
N LYS D 22 14.33 -8.06 21.82
CA LYS D 22 13.20 -7.53 22.56
C LYS D 22 12.67 -6.26 21.89
N GLU D 23 13.55 -5.29 21.75
CA GLU D 23 13.17 -4.02 21.13
C GLU D 23 12.83 -4.22 19.66
N LEU D 24 13.39 -5.27 19.06
CA LEU D 24 13.12 -5.56 17.66
C LEU D 24 11.77 -6.26 17.52
N LYS D 25 11.44 -7.10 18.48
CA LYS D 25 10.16 -7.81 18.47
C LYS D 25 9.02 -6.81 18.56
N ARG D 26 9.21 -5.81 19.40
CA ARG D 26 8.20 -4.78 19.59
C ARG D 26 8.01 -3.96 18.31
N ILE D 27 9.11 -3.46 17.77
CA ILE D 27 9.06 -2.67 16.54
C ILE D 27 8.48 -3.48 15.39
N LEU D 28 9.02 -4.67 15.18
CA LEU D 28 8.56 -5.54 14.11
C LEU D 28 7.08 -5.88 14.27
N THR D 29 6.60 -5.88 15.50
CA THR D 29 5.20 -6.17 15.79
C THR D 29 4.32 -4.93 15.65
N GLN D 30 4.93 -3.75 15.81
CA GLN D 30 4.19 -2.50 15.69
C GLN D 30 3.34 -2.49 14.43
N PRO D 31 2.00 -2.63 14.57
CA PRO D 31 1.08 -2.64 13.44
C PRO D 31 1.46 -1.66 12.33
N HIS D 32 1.98 -0.50 12.73
CA HIS D 32 2.38 0.52 11.76
C HIS D 32 3.38 -0.07 10.75
N PHE D 33 4.48 -0.61 11.28
CA PHE D 33 5.50 -1.22 10.44
C PHE D 33 4.90 -2.38 9.65
N MET D 34 3.90 -3.03 10.25
CA MET D 34 3.21 -4.15 9.61
C MET D 34 2.40 -3.64 8.42
N ALA D 35 1.78 -2.47 8.60
CA ALA D 35 0.98 -1.86 7.55
C ALA D 35 1.83 -1.66 6.30
N LEU D 36 3.00 -1.03 6.48
CA LEU D 36 3.89 -0.80 5.36
C LEU D 36 4.29 -2.13 4.74
N LEU D 37 4.57 -3.11 5.60
CA LEU D 37 4.93 -4.45 5.16
C LEU D 37 3.78 -5.05 4.34
N GLN D 38 2.55 -4.76 4.76
CA GLN D 38 1.37 -5.24 4.06
C GLN D 38 1.41 -4.76 2.62
N THR D 39 1.80 -3.50 2.44
CA THR D 39 1.92 -2.92 1.11
C THR D 39 3.01 -3.65 0.33
N HIS D 40 4.02 -4.10 1.06
CA HIS D 40 5.13 -4.83 0.48
C HIS D 40 4.65 -6.11 -0.20
N ASP D 41 3.78 -6.84 0.50
CA ASP D 41 3.24 -8.09 -0.02
C ASP D 41 2.12 -7.85 -1.03
N VAL D 42 1.22 -6.92 -0.73
CA VAL D 42 0.11 -6.62 -1.62
C VAL D 42 0.60 -6.40 -3.05
N VAL D 43 1.60 -5.56 -3.21
CA VAL D 43 2.17 -5.27 -4.52
C VAL D 43 3.02 -6.44 -5.00
N ALA D 44 3.91 -6.91 -4.13
CA ALA D 44 4.80 -8.01 -4.46
C ALA D 44 4.01 -9.21 -4.97
N HIS D 45 2.80 -9.37 -4.46
CA HIS D 45 1.94 -10.48 -4.87
C HIS D 45 1.34 -10.22 -6.24
N GLU D 46 0.70 -9.07 -6.39
CA GLU D 46 0.07 -8.69 -7.65
C GLU D 46 1.10 -8.59 -8.79
N VAL D 47 2.39 -8.54 -8.44
CA VAL D 47 3.43 -8.42 -9.44
C VAL D 47 4.16 -9.74 -9.68
N TYR D 48 4.21 -10.59 -8.66
CA TYR D 48 4.89 -11.88 -8.78
C TYR D 48 4.06 -13.01 -8.19
N SER D 49 2.86 -13.14 -8.71
CA SER D 49 1.93 -14.17 -8.29
C SER D 49 0.93 -14.49 -9.38
N ASP D 50 1.40 -14.36 -10.61
CA ASP D 50 0.60 -14.61 -11.80
C ASP D 50 1.50 -14.53 -13.02
N LEU A 1 4.66 9.02 11.86
CA LEU A 1 4.31 7.61 11.95
C LEU A 1 5.37 6.83 12.72
N GLY A 2 6.62 7.30 12.64
CA GLY A 2 7.70 6.64 13.32
C GLY A 2 8.13 5.36 12.61
N LEU A 3 7.83 5.28 11.32
CA LEU A 3 8.19 4.12 10.53
C LEU A 3 9.68 4.13 10.21
N GLU A 4 10.21 5.32 9.98
CA GLU A 4 11.62 5.47 9.68
C GLU A 4 12.44 5.10 10.90
N ARG A 5 11.90 5.40 12.06
CA ARG A 5 12.57 5.11 13.32
C ARG A 5 12.45 3.63 13.69
N ASP A 6 11.29 3.05 13.39
CA ASP A 6 11.03 1.63 13.70
C ASP A 6 11.67 0.70 12.69
N VAL A 7 11.68 1.10 11.43
CA VAL A 7 12.28 0.29 10.37
C VAL A 7 13.78 0.39 10.44
N SER A 8 14.26 1.62 10.48
CA SER A 8 15.69 1.88 10.58
C SER A 8 16.24 1.25 11.85
N ARG A 9 15.42 1.21 12.89
CA ARG A 9 15.83 0.62 14.15
C ARG A 9 15.79 -0.89 14.04
N ALA A 10 14.91 -1.40 13.18
CA ALA A 10 14.80 -2.84 12.98
C ALA A 10 15.93 -3.32 12.07
N VAL A 11 16.34 -2.45 11.16
CA VAL A 11 17.42 -2.76 10.23
C VAL A 11 18.73 -2.90 10.98
N GLU A 12 19.03 -1.94 11.85
CA GLU A 12 20.25 -1.96 12.64
C GLU A 12 20.12 -3.02 13.73
N LEU A 13 18.90 -3.27 14.16
CA LEU A 13 18.66 -4.26 15.18
C LEU A 13 18.93 -5.67 14.63
N LEU A 14 18.67 -5.84 13.35
CA LEU A 14 18.90 -7.12 12.69
C LEU A 14 20.39 -7.29 12.40
N GLU A 15 21.06 -6.18 12.09
CA GLU A 15 22.48 -6.20 11.84
C GLU A 15 23.20 -6.42 13.15
N ARG A 16 22.72 -5.72 14.17
CA ARG A 16 23.27 -5.82 15.51
C ARG A 16 23.29 -7.28 15.96
N LEU A 17 22.14 -7.92 15.88
CA LEU A 17 22.00 -9.32 16.26
C LEU A 17 22.85 -10.19 15.34
N GLN A 18 22.96 -9.77 14.08
CA GLN A 18 23.75 -10.51 13.10
C GLN A 18 25.21 -10.55 13.53
N ARG A 19 25.69 -9.43 14.06
CA ARG A 19 27.06 -9.34 14.53
C ARG A 19 27.27 -10.24 15.73
N SER A 20 26.27 -10.30 16.60
CA SER A 20 26.33 -11.14 17.80
C SER A 20 26.46 -12.61 17.41
N GLY A 21 25.74 -13.01 16.37
CA GLY A 21 25.80 -14.38 15.92
C GLY A 21 25.35 -15.36 16.98
N GLU A 22 24.16 -15.15 17.52
CA GLU A 22 23.62 -16.03 18.56
C GLU A 22 22.45 -16.84 18.02
N LEU A 23 21.64 -16.22 17.17
CA LEU A 23 20.48 -16.87 16.59
C LEU A 23 20.56 -16.87 15.07
N PRO A 24 19.80 -17.77 14.40
CA PRO A 24 19.79 -17.85 12.93
C PRO A 24 19.73 -16.48 12.29
N PRO A 25 20.87 -15.99 11.77
CA PRO A 25 20.95 -14.67 11.13
C PRO A 25 20.33 -14.65 9.74
N GLN A 26 20.08 -15.82 9.17
CA GLN A 26 19.49 -15.91 7.84
C GLN A 26 18.16 -15.16 7.76
N LYS A 27 17.31 -15.36 8.76
CA LYS A 27 16.02 -14.69 8.80
C LYS A 27 16.20 -13.21 9.11
N LEU A 28 17.26 -12.89 9.86
CA LEU A 28 17.56 -11.53 10.23
C LEU A 28 18.10 -10.75 9.03
N GLN A 29 18.90 -11.42 8.20
CA GLN A 29 19.44 -10.77 7.01
C GLN A 29 18.33 -10.59 5.99
N ALA A 30 17.38 -11.53 5.99
CA ALA A 30 16.25 -11.46 5.07
C ALA A 30 15.42 -10.22 5.35
N LEU A 31 15.16 -9.97 6.63
CA LEU A 31 14.39 -8.79 7.02
C LEU A 31 15.14 -7.53 6.62
N GLN A 32 16.41 -7.46 6.99
CA GLN A 32 17.25 -6.31 6.67
C GLN A 32 17.14 -5.97 5.19
N ARG A 33 17.03 -7.00 4.35
CA ARG A 33 16.91 -6.79 2.92
C ARG A 33 15.49 -6.39 2.54
N VAL A 34 14.52 -6.80 3.36
CA VAL A 34 13.13 -6.48 3.11
C VAL A 34 12.80 -5.05 3.55
N LEU A 35 13.55 -4.55 4.52
CA LEU A 35 13.33 -3.19 5.00
C LEU A 35 14.24 -2.21 4.28
N GLN A 36 15.49 -2.62 4.04
CA GLN A 36 16.46 -1.78 3.36
C GLN A 36 16.17 -1.73 1.85
N SER A 37 15.55 -2.79 1.33
CA SER A 37 15.22 -2.86 -0.09
C SER A 37 14.57 -1.56 -0.56
N ARG A 38 14.92 -1.14 -1.77
CA ARG A 38 14.36 0.09 -2.34
C ARG A 38 12.84 0.04 -2.37
N PHE A 39 12.30 -1.17 -2.48
CA PHE A 39 10.85 -1.34 -2.52
C PHE A 39 10.19 -0.83 -1.26
N CYS A 40 10.58 -1.39 -0.12
CA CYS A 40 10.01 -0.97 1.16
C CYS A 40 10.32 0.51 1.42
N SER A 41 11.30 1.04 0.72
CA SER A 41 11.67 2.44 0.87
C SER A 41 10.60 3.30 0.24
N ALA A 42 10.19 2.92 -0.96
CA ALA A 42 9.14 3.62 -1.66
C ALA A 42 7.85 3.56 -0.87
N ILE A 43 7.52 2.34 -0.44
CA ILE A 43 6.32 2.10 0.36
C ILE A 43 6.37 2.91 1.64
N ARG A 44 7.55 2.92 2.28
CA ARG A 44 7.73 3.67 3.52
C ARG A 44 7.47 5.15 3.26
N GLU A 45 7.98 5.64 2.13
CA GLU A 45 7.78 7.03 1.75
C GLU A 45 6.29 7.32 1.64
N VAL A 46 5.53 6.29 1.26
CA VAL A 46 4.08 6.44 1.13
C VAL A 46 3.45 6.75 2.46
N TYR A 47 3.80 5.98 3.49
CA TYR A 47 3.23 6.20 4.81
C TYR A 47 3.52 7.61 5.32
N GLU A 48 4.77 8.05 5.17
CA GLU A 48 5.15 9.39 5.60
C GLU A 48 4.46 10.44 4.73
N GLN A 49 4.48 10.20 3.42
CA GLN A 49 3.85 11.10 2.46
C GLN A 49 2.35 11.18 2.69
N LEU A 50 1.74 10.03 2.92
CA LEU A 50 0.32 9.94 3.15
C LEU A 50 -0.12 10.82 4.31
N TYR A 51 0.60 10.71 5.43
CA TYR A 51 0.28 11.53 6.59
C TYR A 51 0.32 13.02 6.22
N ASP A 52 1.36 13.42 5.51
CA ASP A 52 1.49 14.80 5.07
C ASP A 52 0.30 15.17 4.18
N THR A 53 0.01 14.30 3.22
CA THR A 53 -1.11 14.50 2.30
C THR A 53 -2.39 14.80 3.08
N LEU A 54 -2.56 14.12 4.21
CA LEU A 54 -3.72 14.34 5.08
C LEU A 54 -3.74 15.78 5.55
N ASP A 55 -2.59 16.25 5.99
CA ASP A 55 -2.45 17.62 6.48
C ASP A 55 -2.65 18.63 5.36
N ILE A 56 -2.52 18.19 4.11
CA ILE A 56 -2.70 19.08 2.97
C ILE A 56 -4.14 19.12 2.52
N THR A 57 -4.68 17.94 2.29
CA THR A 57 -6.06 17.81 1.84
C THR A 57 -7.04 18.07 2.97
N ALA B 1 -12.32 3.17 -0.32
CA ALA B 1 -12.08 3.62 -1.68
C ALA B 1 -12.56 2.59 -2.68
N VAL B 2 -12.36 1.31 -2.35
CA VAL B 2 -12.80 0.22 -3.21
C VAL B 2 -14.32 0.12 -3.20
N GLN B 3 -14.91 0.14 -2.00
CA GLN B 3 -16.36 0.06 -1.85
C GLN B 3 -17.01 1.22 -2.60
N ARG B 4 -16.45 2.41 -2.45
CA ARG B 4 -16.98 3.58 -3.12
C ARG B 4 -16.96 3.37 -4.63
N ALA B 5 -15.87 2.78 -5.11
CA ALA B 5 -15.72 2.49 -6.53
C ALA B 5 -16.75 1.44 -6.94
N LYS B 6 -16.91 0.42 -6.10
CA LYS B 6 -17.86 -0.65 -6.35
C LYS B 6 -19.28 -0.07 -6.44
N GLU B 7 -19.60 0.80 -5.51
CA GLU B 7 -20.92 1.45 -5.47
C GLU B 7 -21.20 2.13 -6.80
N VAL B 8 -20.22 2.86 -7.31
CA VAL B 8 -20.37 3.55 -8.58
C VAL B 8 -20.64 2.57 -9.71
N LEU B 9 -19.97 1.42 -9.68
CA LEU B 9 -20.18 0.39 -10.69
C LEU B 9 -21.65 0.02 -10.76
N GLU B 10 -22.25 -0.13 -9.59
CA GLU B 10 -23.67 -0.47 -9.50
C GLU B 10 -24.52 0.60 -10.18
N GLU B 11 -24.24 1.86 -9.87
CA GLU B 11 -24.98 2.96 -10.45
C GLU B 11 -24.80 2.99 -11.97
N ILE B 12 -23.55 3.04 -12.40
CA ILE B 12 -23.23 3.05 -13.82
C ILE B 12 -23.72 1.78 -14.50
N SER B 13 -23.76 0.69 -13.74
CA SER B 13 -24.21 -0.59 -14.26
C SER B 13 -25.70 -0.55 -14.60
N CYS B 14 -26.45 0.22 -13.82
CA CYS B 14 -27.89 0.34 -14.04
C CYS B 14 -28.19 1.28 -15.21
N TYR B 15 -27.14 1.81 -15.84
CA TYR B 15 -27.31 2.72 -16.97
C TYR B 15 -26.78 2.09 -18.26
N PRO B 16 -27.67 1.49 -19.06
CA PRO B 16 -27.28 0.86 -20.33
C PRO B 16 -27.31 1.85 -21.50
N GLU B 17 -27.12 3.13 -21.20
CA GLU B 17 -27.14 4.17 -22.22
C GLU B 17 -25.82 4.93 -22.25
N ASN B 18 -25.24 5.17 -21.08
CA ASN B 18 -23.98 5.91 -20.98
C ASN B 18 -22.81 5.00 -21.37
N ASN B 19 -22.17 5.33 -22.49
CA ASN B 19 -21.03 4.54 -22.97
C ASN B 19 -19.85 4.65 -22.00
N ASP B 20 -19.81 5.74 -21.25
CA ASP B 20 -18.73 5.94 -20.28
C ASP B 20 -18.95 5.03 -19.09
N ALA B 21 -20.22 4.83 -18.75
CA ALA B 21 -20.58 3.96 -17.64
C ALA B 21 -20.12 2.54 -17.89
N LYS B 22 -20.05 2.16 -19.16
CA LYS B 22 -19.63 0.83 -19.54
C LYS B 22 -18.11 0.70 -19.41
N GLU B 23 -17.40 1.57 -20.12
CA GLU B 23 -15.95 1.55 -20.08
C GLU B 23 -15.44 1.94 -18.70
N LEU B 24 -16.27 2.65 -17.94
CA LEU B 24 -15.87 3.07 -16.59
C LEU B 24 -16.04 1.91 -15.61
N LYS B 25 -17.10 1.12 -15.79
CA LYS B 25 -17.35 -0.01 -14.93
C LYS B 25 -16.26 -1.06 -15.11
N ARG B 26 -15.81 -1.20 -16.35
CA ARG B 26 -14.76 -2.16 -16.67
C ARG B 26 -13.44 -1.76 -16.02
N ILE B 27 -13.02 -0.53 -16.27
CA ILE B 27 -11.77 -0.03 -15.70
C ILE B 27 -11.82 -0.04 -14.17
N LEU B 28 -12.90 0.49 -13.63
CA LEU B 28 -13.07 0.54 -12.17
C LEU B 28 -13.04 -0.86 -11.56
N THR B 29 -13.48 -1.85 -12.33
CA THR B 29 -13.50 -3.22 -11.85
C THR B 29 -12.14 -3.89 -11.99
N GLN B 30 -11.32 -3.37 -12.92
CA GLN B 30 -9.98 -3.93 -13.14
C GLN B 30 -9.24 -4.12 -11.81
N PRO B 31 -9.06 -5.39 -11.38
CA PRO B 31 -8.38 -5.72 -10.12
C PRO B 31 -7.17 -4.83 -9.84
N HIS B 32 -6.40 -4.50 -10.87
CA HIS B 32 -5.22 -3.65 -10.72
C HIS B 32 -5.59 -2.34 -10.02
N PHE B 33 -6.55 -1.63 -10.62
CA PHE B 33 -7.00 -0.36 -10.05
C PHE B 33 -7.55 -0.59 -8.65
N MET B 34 -8.09 -1.78 -8.42
CA MET B 34 -8.63 -2.13 -7.11
C MET B 34 -7.49 -2.29 -6.10
N ALA B 35 -6.38 -2.85 -6.55
CA ALA B 35 -5.22 -3.04 -5.70
C ALA B 35 -4.74 -1.70 -5.16
N LEU B 36 -4.55 -0.73 -6.04
CA LEU B 36 -4.11 0.60 -5.62
C LEU B 36 -5.11 1.15 -4.62
N LEU B 37 -6.39 1.01 -4.93
CA LEU B 37 -7.45 1.47 -4.04
C LEU B 37 -7.34 0.76 -2.70
N GLN B 38 -6.88 -0.49 -2.75
CA GLN B 38 -6.70 -1.27 -1.53
C GLN B 38 -5.73 -0.56 -0.61
N THR B 39 -4.64 -0.06 -1.18
CA THR B 39 -3.65 0.69 -0.42
C THR B 39 -4.29 1.95 0.14
N HIS B 40 -5.24 2.49 -0.63
CA HIS B 40 -5.95 3.70 -0.24
C HIS B 40 -6.67 3.50 1.09
N ASP B 41 -7.41 2.40 1.17
CA ASP B 41 -8.18 2.08 2.37
C ASP B 41 -7.29 1.58 3.50
N VAL B 42 -6.35 0.70 3.19
CA VAL B 42 -5.45 0.14 4.20
C VAL B 42 -4.83 1.25 5.06
N VAL B 43 -4.29 2.26 4.39
CA VAL B 43 -3.66 3.38 5.08
C VAL B 43 -4.70 4.26 5.75
N ALA B 44 -5.68 4.73 4.98
CA ALA B 44 -6.72 5.59 5.51
C ALA B 44 -7.37 4.98 6.75
N HIS B 45 -7.49 3.65 6.76
CA HIS B 45 -8.06 2.95 7.90
C HIS B 45 -7.13 3.05 9.09
N GLU B 46 -5.84 2.83 8.84
CA GLU B 46 -4.83 2.91 9.90
C GLU B 46 -4.40 4.35 10.15
N VAL B 47 -5.00 5.30 9.42
CA VAL B 47 -4.66 6.70 9.58
C VAL B 47 -5.59 7.39 10.58
N TYR B 48 -6.89 7.28 10.33
CA TYR B 48 -7.88 7.90 11.20
C TYR B 48 -9.29 7.47 10.82
N SER B 49 -9.55 6.17 10.93
CA SER B 49 -10.86 5.62 10.61
C SER B 49 -11.55 5.13 11.87
N ASP B 50 -10.77 4.51 12.75
CA ASP B 50 -11.28 4.01 14.02
C ASP B 50 -10.99 5.00 15.14
N LEU C 1 1.78 -1.16 -15.43
CA LEU C 1 0.58 -1.66 -14.76
C LEU C 1 -0.67 -1.16 -15.46
N GLY C 2 -0.61 0.05 -16.00
CA GLY C 2 -1.74 0.64 -16.68
C GLY C 2 -2.70 1.33 -15.73
N LEU C 3 -2.20 1.70 -14.55
CA LEU C 3 -3.02 2.37 -13.55
C LEU C 3 -3.24 3.83 -13.94
N GLU C 4 -2.20 4.45 -14.47
CA GLU C 4 -2.30 5.83 -14.89
C GLU C 4 -3.36 5.97 -15.97
N ARG C 5 -3.50 4.91 -16.75
CA ARG C 5 -4.47 4.89 -17.82
C ARG C 5 -5.87 4.59 -17.28
N ASP C 6 -5.97 3.57 -16.44
CA ASP C 6 -7.25 3.17 -15.85
C ASP C 6 -7.80 4.25 -14.93
N VAL C 7 -6.90 5.00 -14.30
CA VAL C 7 -7.32 6.07 -13.41
C VAL C 7 -7.66 7.30 -14.23
N SER C 8 -6.77 7.62 -15.15
CA SER C 8 -6.96 8.76 -16.04
C SER C 8 -8.24 8.58 -16.84
N ARG C 9 -8.54 7.33 -17.18
CA ARG C 9 -9.75 7.02 -17.93
C ARG C 9 -10.95 7.04 -16.99
N ALA C 10 -10.72 6.63 -15.76
CA ALA C 10 -11.77 6.61 -14.75
C ALA C 10 -12.12 8.03 -14.35
N VAL C 11 -11.11 8.90 -14.42
CA VAL C 11 -11.27 10.30 -14.08
C VAL C 11 -12.10 11.02 -15.13
N GLU C 12 -11.75 10.85 -16.39
CA GLU C 12 -12.47 11.48 -17.49
C GLU C 12 -13.80 10.79 -17.71
N LEU C 13 -13.86 9.50 -17.36
CA LEU C 13 -15.08 8.75 -17.51
C LEU C 13 -16.13 9.25 -16.52
N LEU C 14 -15.68 9.55 -15.31
CA LEU C 14 -16.58 10.06 -14.27
C LEU C 14 -16.98 11.49 -14.60
N GLU C 15 -16.06 12.23 -15.21
CA GLU C 15 -16.33 13.61 -15.60
C GLU C 15 -17.29 13.59 -16.78
N ARG C 16 -17.03 12.67 -17.70
CA ARG C 16 -17.85 12.50 -18.88
C ARG C 16 -19.32 12.36 -18.47
N LEU C 17 -19.58 11.40 -17.59
CA LEU C 17 -20.93 11.16 -17.11
C LEU C 17 -21.41 12.33 -16.26
N GLN C 18 -20.46 12.98 -15.57
CA GLN C 18 -20.78 14.12 -14.74
C GLN C 18 -21.37 15.23 -15.61
N ARG C 19 -20.77 15.44 -16.77
CA ARG C 19 -21.24 16.45 -17.70
C ARG C 19 -22.63 16.10 -18.18
N SER C 20 -22.85 14.81 -18.43
CA SER C 20 -24.15 14.33 -18.89
C SER C 20 -25.18 14.48 -17.77
N GLY C 21 -24.75 14.21 -16.54
CA GLY C 21 -25.65 14.32 -15.41
C GLY C 21 -26.84 13.39 -15.51
N GLU C 22 -26.57 12.09 -15.60
CA GLU C 22 -27.63 11.09 -15.70
C GLU C 22 -27.66 10.22 -14.46
N LEU C 23 -26.48 9.89 -13.93
CA LEU C 23 -26.38 9.06 -12.74
C LEU C 23 -25.98 9.88 -11.52
N PRO C 24 -26.18 9.35 -10.30
CA PRO C 24 -25.83 10.03 -9.06
C PRO C 24 -24.42 10.63 -9.12
N PRO C 25 -24.31 11.95 -9.29
CA PRO C 25 -23.01 12.63 -9.37
C PRO C 25 -22.24 12.60 -8.05
N GLN C 26 -22.97 12.45 -6.95
CA GLN C 26 -22.34 12.40 -5.62
C GLN C 26 -21.33 11.27 -5.52
N LYS C 27 -21.76 10.06 -5.86
CA LYS C 27 -20.89 8.89 -5.81
C LYS C 27 -19.76 9.01 -6.83
N LEU C 28 -20.11 9.51 -8.01
CA LEU C 28 -19.13 9.70 -9.07
C LEU C 28 -18.14 10.79 -8.71
N GLN C 29 -18.61 11.79 -7.97
CA GLN C 29 -17.75 12.88 -7.54
C GLN C 29 -16.78 12.37 -6.48
N ALA C 30 -17.23 11.39 -5.70
CA ALA C 30 -16.41 10.80 -4.66
C ALA C 30 -15.23 10.08 -5.27
N LEU C 31 -15.51 9.29 -6.30
CA LEU C 31 -14.45 8.56 -7.00
C LEU C 31 -13.45 9.53 -7.58
N GLN C 32 -13.95 10.51 -8.32
CA GLN C 32 -13.12 11.53 -8.94
C GLN C 32 -12.13 12.11 -7.91
N ARG C 33 -12.62 12.30 -6.69
CA ARG C 33 -11.79 12.84 -5.62
C ARG C 33 -10.88 11.77 -5.03
N VAL C 34 -11.28 10.51 -5.17
CA VAL C 34 -10.49 9.39 -4.64
C VAL C 34 -9.33 9.06 -5.56
N LEU C 35 -9.47 9.36 -6.84
CA LEU C 35 -8.41 9.08 -7.80
C LEU C 35 -7.59 10.34 -8.07
N GLN C 36 -8.25 11.49 -8.12
CA GLN C 36 -7.58 12.76 -8.38
C GLN C 36 -6.82 13.23 -7.14
N SER C 37 -7.33 12.88 -5.96
CA SER C 37 -6.69 13.28 -4.71
C SER C 37 -5.19 13.00 -4.73
N ARG C 38 -4.40 13.90 -4.16
CA ARG C 38 -2.96 13.75 -4.12
C ARG C 38 -2.57 12.44 -3.45
N PHE C 39 -3.42 11.96 -2.54
CA PHE C 39 -3.16 10.72 -1.82
C PHE C 39 -2.98 9.56 -2.79
N CYS C 40 -4.02 9.31 -3.58
CA CYS C 40 -3.98 8.23 -4.57
C CYS C 40 -2.84 8.43 -5.56
N SER C 41 -2.35 9.67 -5.64
CA SER C 41 -1.25 10.00 -6.54
C SER C 41 0.02 9.39 -6.01
N ALA C 42 0.24 9.53 -4.71
CA ALA C 42 1.40 8.97 -4.06
C ALA C 42 1.34 7.45 -4.16
N ILE C 43 0.18 6.92 -3.78
CA ILE C 43 -0.06 5.48 -3.84
C ILE C 43 0.12 4.98 -5.27
N ARG C 44 -0.22 5.83 -6.25
CA ARG C 44 -0.08 5.49 -7.66
C ARG C 44 1.39 5.33 -8.02
N GLU C 45 2.17 6.37 -7.74
CA GLU C 45 3.59 6.33 -8.03
C GLU C 45 4.22 5.09 -7.42
N VAL C 46 3.62 4.59 -6.34
CA VAL C 46 4.11 3.40 -5.67
C VAL C 46 3.97 2.19 -6.56
N TYR C 47 2.78 2.00 -7.11
CA TYR C 47 2.55 0.85 -7.97
C TYR C 47 3.51 0.85 -9.17
N GLU C 48 3.72 2.02 -9.76
CA GLU C 48 4.64 2.13 -10.88
C GLU C 48 6.08 1.93 -10.41
N GLN C 49 6.42 2.64 -9.34
CA GLN C 49 7.76 2.55 -8.76
C GLN C 49 8.07 1.13 -8.31
N LEU C 50 7.07 0.48 -7.75
CA LEU C 50 7.22 -0.88 -7.27
C LEU C 50 7.58 -1.82 -8.39
N TYR C 51 6.84 -1.75 -9.49
CA TYR C 51 7.11 -2.60 -10.64
C TYR C 51 8.57 -2.47 -11.04
N ASP C 52 9.05 -1.23 -11.10
CA ASP C 52 10.44 -0.98 -11.44
C ASP C 52 11.36 -1.61 -10.41
N THR C 53 11.01 -1.46 -9.14
CA THR C 53 11.78 -2.02 -8.04
C THR C 53 11.96 -3.53 -8.24
N LEU C 54 10.87 -4.20 -8.60
CA LEU C 54 10.89 -5.64 -8.83
C LEU C 54 11.90 -5.96 -9.93
N ASP C 55 11.93 -5.11 -10.94
CA ASP C 55 12.84 -5.27 -12.07
C ASP C 55 14.29 -5.05 -11.63
N ILE C 56 14.48 -4.31 -10.54
CA ILE C 56 15.82 -4.05 -10.03
C ILE C 56 16.28 -5.16 -9.13
N THR C 57 15.46 -5.47 -8.14
CA THR C 57 15.77 -6.51 -7.17
C THR C 57 15.70 -7.89 -7.81
N ALA D 1 6.37 -10.76 3.76
CA ALA D 1 7.24 -9.81 4.46
C ALA D 1 6.92 -9.78 5.95
N VAL D 2 5.63 -9.76 6.27
CA VAL D 2 5.20 -9.73 7.67
C VAL D 2 5.50 -11.08 8.33
N GLN D 3 5.24 -12.16 7.61
CA GLN D 3 5.51 -13.50 8.13
C GLN D 3 6.99 -13.66 8.44
N ARG D 4 7.84 -13.19 7.53
CA ARG D 4 9.27 -13.27 7.73
C ARG D 4 9.66 -12.53 8.99
N ALA D 5 9.04 -11.37 9.18
CA ALA D 5 9.28 -10.56 10.36
C ALA D 5 8.82 -11.30 11.60
N LYS D 6 7.63 -11.89 11.52
CA LYS D 6 7.07 -12.66 12.62
C LYS D 6 7.99 -13.81 12.99
N GLU D 7 8.49 -14.51 11.96
CA GLU D 7 9.38 -15.64 12.17
C GLU D 7 10.59 -15.21 13.00
N VAL D 8 11.16 -14.06 12.65
CA VAL D 8 12.32 -13.54 13.37
C VAL D 8 11.97 -13.31 14.83
N LEU D 9 10.79 -12.75 15.09
CA LEU D 9 10.35 -12.49 16.46
C LEU D 9 10.43 -13.77 17.27
N GLU D 10 10.02 -14.87 16.66
CA GLU D 10 10.05 -16.17 17.33
C GLU D 10 11.48 -16.54 17.72
N GLU D 11 12.39 -16.46 16.76
CA GLU D 11 13.79 -16.80 17.02
C GLU D 11 14.37 -15.88 18.09
N ILE D 12 14.28 -14.58 17.87
CA ILE D 12 14.79 -13.63 18.83
C ILE D 12 14.02 -13.73 20.14
N SER D 13 12.75 -14.15 20.05
CA SER D 13 11.91 -14.29 21.23
C SER D 13 12.51 -15.31 22.20
N CYS D 14 13.09 -16.38 21.65
CA CYS D 14 13.69 -17.40 22.49
C CYS D 14 15.15 -17.06 22.81
N TYR D 15 15.46 -15.77 22.85
CA TYR D 15 16.80 -15.31 23.16
C TYR D 15 16.77 -14.12 24.13
N PRO D 16 16.84 -14.39 25.44
CA PRO D 16 16.81 -13.34 26.46
C PRO D 16 18.20 -12.79 26.77
N GLU D 17 19.09 -12.84 25.79
CA GLU D 17 20.46 -12.34 25.97
C GLU D 17 20.75 -11.18 25.03
N ASN D 18 20.22 -11.25 23.81
CA ASN D 18 20.43 -10.20 22.83
C ASN D 18 19.47 -9.03 23.05
N ASN D 19 20.00 -7.93 23.57
CA ASN D 19 19.19 -6.75 23.84
C ASN D 19 18.59 -6.19 22.56
N ASP D 20 19.26 -6.42 21.44
CA ASP D 20 18.77 -5.95 20.15
C ASP D 20 17.57 -6.77 19.72
N ALA D 21 17.59 -8.04 20.12
CA ALA D 21 16.49 -8.95 19.80
C ALA D 21 15.22 -8.49 20.47
N LYS D 22 15.36 -8.00 21.70
CA LYS D 22 14.23 -7.52 22.47
C LYS D 22 13.59 -6.30 21.82
N GLU D 23 14.40 -5.27 21.61
CA GLU D 23 13.92 -4.04 20.99
C GLU D 23 13.44 -4.32 19.57
N LEU D 24 13.96 -5.38 18.97
CA LEU D 24 13.57 -5.75 17.61
C LEU D 24 12.20 -6.41 17.61
N LYS D 25 11.96 -7.24 18.62
CA LYS D 25 10.67 -7.93 18.74
C LYS D 25 9.55 -6.91 18.90
N ARG D 26 9.80 -5.90 19.71
CA ARG D 26 8.83 -4.85 19.96
C ARG D 26 8.50 -4.10 18.68
N ILE D 27 9.52 -3.53 18.06
CA ILE D 27 9.36 -2.77 16.83
C ILE D 27 8.76 -3.63 15.72
N LEU D 28 9.32 -4.82 15.51
CA LEU D 28 8.84 -5.71 14.47
C LEU D 28 7.37 -6.07 14.70
N THR D 29 6.94 -6.06 15.95
CA THR D 29 5.55 -6.40 16.28
C THR D 29 4.63 -5.19 16.15
N GLN D 30 5.21 -3.98 16.25
CA GLN D 30 4.42 -2.76 16.14
C GLN D 30 3.53 -2.81 14.90
N PRO D 31 2.20 -2.66 15.08
CA PRO D 31 1.24 -2.71 13.96
C PRO D 31 1.62 -1.77 12.81
N HIS D 32 2.18 -0.62 13.15
CA HIS D 32 2.58 0.36 12.13
C HIS D 32 3.50 -0.28 11.09
N PHE D 33 4.60 -0.84 11.57
CA PHE D 33 5.56 -1.51 10.70
C PHE D 33 4.87 -2.63 9.93
N MET D 34 3.83 -3.21 10.54
CA MET D 34 3.08 -4.27 9.90
C MET D 34 2.28 -3.73 8.72
N ALA D 35 1.69 -2.56 8.91
CA ALA D 35 0.91 -1.92 7.85
C ALA D 35 1.77 -1.73 6.61
N LEU D 36 2.97 -1.20 6.80
CA LEU D 36 3.88 -0.99 5.68
C LEU D 36 4.19 -2.32 5.02
N LEU D 37 4.52 -3.32 5.84
CA LEU D 37 4.81 -4.66 5.35
C LEU D 37 3.60 -5.20 4.60
N GLN D 38 2.40 -4.86 5.08
CA GLN D 38 1.17 -5.29 4.44
C GLN D 38 1.15 -4.80 3.00
N THR D 39 1.62 -3.56 2.81
CA THR D 39 1.71 -2.97 1.49
C THR D 39 2.70 -3.78 0.66
N HIS D 40 3.71 -4.29 1.33
CA HIS D 40 4.74 -5.11 0.69
C HIS D 40 4.13 -6.32 0.01
N ASP D 41 3.23 -6.99 0.73
CA ASP D 41 2.57 -8.19 0.22
C ASP D 41 1.47 -7.85 -0.78
N VAL D 42 0.68 -6.82 -0.49
CA VAL D 42 -0.42 -6.43 -1.37
C VAL D 42 0.08 -6.25 -2.81
N VAL D 43 1.16 -5.52 -2.97
CA VAL D 43 1.74 -5.27 -4.29
C VAL D 43 2.45 -6.52 -4.81
N ALA D 44 3.39 -7.03 -4.03
CA ALA D 44 4.15 -8.21 -4.42
C ALA D 44 3.22 -9.36 -4.79
N HIS D 45 2.04 -9.38 -4.18
CA HIS D 45 1.06 -10.41 -4.45
C HIS D 45 0.35 -10.17 -5.78
N GLU D 46 -0.05 -8.92 -6.01
CA GLU D 46 -0.74 -8.56 -7.24
C GLU D 46 0.22 -8.47 -8.43
N VAL D 47 1.52 -8.59 -8.17
CA VAL D 47 2.51 -8.53 -9.24
C VAL D 47 2.95 -9.90 -9.70
N TYR D 48 3.38 -10.74 -8.77
CA TYR D 48 3.83 -12.08 -9.11
C TYR D 48 2.87 -13.12 -8.53
N SER D 49 3.10 -13.53 -7.29
CA SER D 49 2.26 -14.52 -6.61
C SER D 49 1.79 -15.63 -7.57
N ASP D 50 2.66 -15.95 -8.51
CA ASP D 50 2.40 -16.98 -9.50
C ASP D 50 3.63 -17.16 -10.35
N LEU A 1 5.41 9.82 11.19
CA LEU A 1 4.86 8.55 11.66
C LEU A 1 5.81 7.88 12.64
N GLY A 2 7.06 7.73 12.20
CA GLY A 2 8.07 7.08 13.02
C GLY A 2 8.53 5.76 12.43
N LEU A 3 8.25 5.55 11.15
CA LEU A 3 8.65 4.34 10.47
C LEU A 3 10.14 4.34 10.19
N GLU A 4 10.71 5.53 10.02
CA GLU A 4 12.12 5.66 9.77
C GLU A 4 12.91 5.24 10.99
N ARG A 5 12.34 5.55 12.15
CA ARG A 5 12.98 5.20 13.42
C ARG A 5 12.74 3.73 13.76
N ASP A 6 11.61 3.21 13.32
CA ASP A 6 11.25 1.82 13.59
C ASP A 6 11.94 0.86 12.62
N VAL A 7 12.11 1.28 11.39
CA VAL A 7 12.77 0.45 10.38
C VAL A 7 14.27 0.55 10.56
N SER A 8 14.75 1.77 10.74
CA SER A 8 16.16 2.01 10.94
C SER A 8 16.61 1.32 12.22
N ARG A 9 15.72 1.27 13.20
CA ARG A 9 16.04 0.60 14.46
C ARG A 9 15.95 -0.91 14.29
N ALA A 10 15.12 -1.35 13.35
CA ALA A 10 14.98 -2.78 13.09
C ALA A 10 16.15 -3.26 12.24
N VAL A 11 16.63 -2.38 11.38
CA VAL A 11 17.75 -2.69 10.51
C VAL A 11 19.02 -2.88 11.33
N GLU A 12 19.26 -1.96 12.26
CA GLU A 12 20.43 -2.05 13.13
C GLU A 12 20.23 -3.14 14.15
N LEU A 13 18.98 -3.33 14.56
CA LEU A 13 18.66 -4.36 15.53
C LEU A 13 18.83 -5.73 14.88
N LEU A 14 18.47 -5.80 13.61
CA LEU A 14 18.60 -7.04 12.85
C LEU A 14 20.09 -7.34 12.63
N GLU A 15 20.84 -6.29 12.29
CA GLU A 15 22.28 -6.42 12.08
C GLU A 15 22.93 -6.78 13.39
N ARG A 16 22.48 -6.12 14.45
CA ARG A 16 22.98 -6.37 15.79
C ARG A 16 22.94 -7.87 16.10
N LEU A 17 21.80 -8.48 15.77
CA LEU A 17 21.62 -9.91 15.98
C LEU A 17 22.60 -10.71 15.14
N GLN A 18 22.86 -10.23 13.92
CA GLN A 18 23.80 -10.91 13.02
C GLN A 18 25.14 -11.07 13.71
N ARG A 19 25.57 -10.02 14.40
CA ARG A 19 26.84 -10.03 15.11
C ARG A 19 26.79 -11.06 16.24
N SER A 20 25.66 -11.08 16.95
CA SER A 20 25.48 -12.03 18.05
C SER A 20 25.60 -13.47 17.55
N GLY A 21 25.01 -13.73 16.40
CA GLY A 21 25.06 -15.06 15.82
C GLY A 21 24.50 -16.12 16.75
N GLU A 22 23.32 -15.85 17.31
CA GLU A 22 22.69 -16.79 18.22
C GLU A 22 21.33 -17.26 17.69
N LEU A 23 20.88 -16.65 16.60
CA LEU A 23 19.60 -17.03 15.99
C LEU A 23 19.72 -17.14 14.48
N PRO A 24 18.75 -17.79 13.82
CA PRO A 24 18.75 -17.97 12.37
C PRO A 24 19.07 -16.68 11.63
N PRO A 25 20.32 -16.53 11.14
CA PRO A 25 20.76 -15.34 10.43
C PRO A 25 20.03 -15.15 9.10
N GLN A 26 19.72 -16.26 8.44
CA GLN A 26 19.03 -16.23 7.16
C GLN A 26 17.71 -15.46 7.25
N LYS A 27 16.87 -15.83 8.21
CA LYS A 27 15.59 -15.17 8.40
C LYS A 27 15.77 -13.69 8.67
N LEU A 28 16.69 -13.36 9.57
CA LEU A 28 16.97 -11.97 9.91
C LEU A 28 17.57 -11.24 8.71
N GLN A 29 18.33 -11.97 7.91
CA GLN A 29 18.95 -11.40 6.73
C GLN A 29 17.87 -11.06 5.71
N ALA A 30 16.80 -11.86 5.73
CA ALA A 30 15.69 -11.65 4.83
C ALA A 30 14.99 -10.35 5.15
N LEU A 31 14.68 -10.16 6.42
CA LEU A 31 14.05 -8.93 6.88
C LEU A 31 14.91 -7.74 6.53
N GLN A 32 16.21 -7.87 6.83
CA GLN A 32 17.17 -6.83 6.55
C GLN A 32 17.03 -6.32 5.11
N ARG A 33 16.94 -7.26 4.17
CA ARG A 33 16.80 -6.91 2.76
C ARG A 33 15.38 -6.46 2.44
N VAL A 34 14.43 -6.82 3.29
CA VAL A 34 13.03 -6.45 3.10
C VAL A 34 12.79 -5.00 3.48
N LEU A 35 13.59 -4.49 4.41
CA LEU A 35 13.44 -3.11 4.86
C LEU A 35 14.42 -2.19 4.14
N GLN A 36 15.63 -2.68 3.93
CA GLN A 36 16.66 -1.89 3.24
C GLN A 36 16.39 -1.81 1.75
N SER A 37 15.73 -2.84 1.20
CA SER A 37 15.41 -2.88 -0.22
C SER A 37 14.81 -1.55 -0.69
N ARG A 38 15.17 -1.14 -1.91
CA ARG A 38 14.67 0.11 -2.46
C ARG A 38 13.14 0.12 -2.47
N PHE A 39 12.54 -1.06 -2.58
CA PHE A 39 11.09 -1.19 -2.60
C PHE A 39 10.47 -0.60 -1.34
N CYS A 40 10.86 -1.14 -0.19
CA CYS A 40 10.35 -0.67 1.09
C CYS A 40 10.65 0.81 1.29
N SER A 41 11.60 1.34 0.53
CA SER A 41 11.97 2.74 0.60
C SER A 41 10.87 3.59 -0.02
N ALA A 42 10.43 3.16 -1.20
CA ALA A 42 9.36 3.85 -1.90
C ALA A 42 8.10 3.84 -1.06
N ILE A 43 7.77 2.65 -0.58
CA ILE A 43 6.61 2.45 0.26
C ILE A 43 6.69 3.32 1.51
N ARG A 44 7.87 3.37 2.13
CA ARG A 44 8.08 4.19 3.32
C ARG A 44 7.79 5.65 3.00
N GLU A 45 8.31 6.11 1.86
CA GLU A 45 8.08 7.49 1.44
C GLU A 45 6.59 7.75 1.33
N VAL A 46 5.83 6.70 1.00
CA VAL A 46 4.39 6.83 0.88
C VAL A 46 3.76 7.18 2.21
N TYR A 47 4.11 6.43 3.25
CA TYR A 47 3.55 6.69 4.57
C TYR A 47 3.86 8.11 5.03
N GLU A 48 5.07 8.57 4.72
CA GLU A 48 5.47 9.93 5.10
C GLU A 48 4.68 10.94 4.28
N GLN A 49 4.67 10.74 2.97
CA GLN A 49 3.96 11.62 2.06
C GLN A 49 2.48 11.63 2.38
N LEU A 50 1.94 10.44 2.60
CA LEU A 50 0.53 10.27 2.91
C LEU A 50 0.12 11.13 4.10
N TYR A 51 0.89 11.06 5.17
CA TYR A 51 0.60 11.86 6.35
C TYR A 51 0.50 13.33 5.96
N ASP A 52 1.48 13.79 5.18
CA ASP A 52 1.49 15.16 4.71
C ASP A 52 0.23 15.42 3.87
N THR A 53 -0.12 14.44 3.04
CA THR A 53 -1.29 14.55 2.19
C THR A 53 -2.53 14.79 3.04
N LEU A 54 -2.58 14.16 4.21
CA LEU A 54 -3.69 14.31 5.13
C LEU A 54 -3.80 15.77 5.56
N ASP A 55 -2.66 16.34 5.92
CA ASP A 55 -2.59 17.74 6.34
C ASP A 55 -3.01 18.69 5.22
N ILE A 56 -2.84 18.25 3.97
CA ILE A 56 -3.20 19.08 2.83
C ILE A 56 -4.69 19.09 2.61
N THR A 57 -5.20 17.96 2.13
CA THR A 57 -6.63 17.80 1.86
C THR A 57 -7.46 17.94 3.13
N ALA B 1 -12.05 3.07 -0.11
CA ALA B 1 -11.86 3.56 -1.47
C ALA B 1 -12.35 2.52 -2.49
N VAL B 2 -12.06 1.25 -2.21
CA VAL B 2 -12.48 0.17 -3.09
C VAL B 2 -14.00 0.01 -3.05
N GLN B 3 -14.57 -0.01 -1.84
CA GLN B 3 -16.01 -0.14 -1.69
C GLN B 3 -16.73 0.98 -2.43
N ARG B 4 -16.23 2.20 -2.27
CA ARG B 4 -16.83 3.35 -2.93
C ARG B 4 -16.79 3.14 -4.44
N ALA B 5 -15.68 2.58 -4.91
CA ALA B 5 -15.52 2.29 -6.32
C ALA B 5 -16.52 1.24 -6.75
N LYS B 6 -16.62 0.18 -5.95
CA LYS B 6 -17.55 -0.91 -6.23
C LYS B 6 -18.98 -0.38 -6.27
N GLU B 7 -19.31 0.49 -5.33
CA GLU B 7 -20.64 1.08 -5.26
C GLU B 7 -20.99 1.77 -6.58
N VAL B 8 -20.02 2.53 -7.10
CA VAL B 8 -20.21 3.23 -8.36
C VAL B 8 -20.48 2.25 -9.49
N LEU B 9 -19.77 1.12 -9.49
CA LEU B 9 -19.96 0.10 -10.52
C LEU B 9 -21.42 -0.32 -10.54
N GLU B 10 -21.99 -0.49 -9.36
CA GLU B 10 -23.39 -0.90 -9.25
C GLU B 10 -24.31 0.13 -9.89
N GLU B 11 -24.08 1.40 -9.59
CA GLU B 11 -24.91 2.47 -10.15
C GLU B 11 -24.71 2.57 -11.66
N ILE B 12 -23.46 2.65 -12.08
CA ILE B 12 -23.14 2.75 -13.49
C ILE B 12 -23.51 1.46 -14.24
N SER B 13 -23.47 0.34 -13.52
CA SER B 13 -23.80 -0.95 -14.12
C SER B 13 -25.29 -1.02 -14.43
N CYS B 14 -26.09 -0.39 -13.57
CA CYS B 14 -27.54 -0.38 -13.75
C CYS B 14 -27.93 0.49 -14.94
N TYR B 15 -26.96 1.20 -15.52
CA TYR B 15 -27.22 2.06 -16.66
C TYR B 15 -26.68 1.44 -17.96
N PRO B 16 -27.54 0.80 -18.75
CA PRO B 16 -27.14 0.18 -20.02
C PRO B 16 -27.17 1.17 -21.19
N GLU B 17 -27.16 2.47 -20.87
CA GLU B 17 -27.20 3.50 -21.89
C GLU B 17 -25.91 4.32 -21.90
N ASN B 18 -25.26 4.43 -20.74
CA ASN B 18 -24.03 5.20 -20.62
C ASN B 18 -22.83 4.35 -21.06
N ASN B 19 -22.28 4.70 -22.22
CA ASN B 19 -21.12 3.97 -22.76
C ASN B 19 -19.92 4.14 -21.85
N ASP B 20 -19.87 5.25 -21.12
CA ASP B 20 -18.77 5.51 -20.20
C ASP B 20 -18.89 4.61 -18.99
N ALA B 21 -20.13 4.35 -18.59
CA ALA B 21 -20.40 3.47 -17.46
C ALA B 21 -19.84 2.09 -17.71
N LYS B 22 -20.01 1.61 -18.94
CA LYS B 22 -19.52 0.30 -19.32
C LYS B 22 -18.00 0.24 -19.26
N GLU B 23 -17.36 1.14 -20.00
CA GLU B 23 -15.90 1.19 -20.02
C GLU B 23 -15.36 1.58 -18.65
N LEU B 24 -16.16 2.30 -17.88
CA LEU B 24 -15.75 2.72 -16.55
C LEU B 24 -15.86 1.56 -15.57
N LYS B 25 -16.90 0.74 -15.74
CA LYS B 25 -17.10 -0.42 -14.88
C LYS B 25 -15.94 -1.38 -15.03
N ARG B 26 -15.46 -1.52 -16.26
CA ARG B 26 -14.34 -2.41 -16.56
C ARG B 26 -13.08 -1.93 -15.88
N ILE B 27 -12.71 -0.68 -16.13
CA ILE B 27 -11.52 -0.10 -15.54
C ILE B 27 -11.57 -0.14 -14.01
N LEU B 28 -12.70 0.29 -13.45
CA LEU B 28 -12.88 0.31 -12.01
C LEU B 28 -12.81 -1.10 -11.42
N THR B 29 -13.16 -2.10 -12.23
CA THR B 29 -13.13 -3.48 -11.78
C THR B 29 -11.74 -4.10 -11.95
N GLN B 30 -10.95 -3.55 -12.87
CA GLN B 30 -9.60 -4.05 -13.12
C GLN B 30 -8.84 -4.17 -11.80
N PRO B 31 -8.59 -5.42 -11.33
CA PRO B 31 -7.88 -5.66 -10.07
C PRO B 31 -6.69 -4.73 -9.86
N HIS B 32 -6.05 -4.32 -10.95
CA HIS B 32 -4.91 -3.43 -10.87
C HIS B 32 -5.29 -2.14 -10.16
N PHE B 33 -6.32 -1.47 -10.69
CA PHE B 33 -6.80 -0.23 -10.09
C PHE B 33 -7.29 -0.49 -8.67
N MET B 34 -7.80 -1.70 -8.45
CA MET B 34 -8.29 -2.09 -7.13
C MET B 34 -7.12 -2.24 -6.17
N ALA B 35 -6.01 -2.76 -6.68
CA ALA B 35 -4.81 -2.93 -5.88
C ALA B 35 -4.36 -1.60 -5.30
N LEU B 36 -4.24 -0.60 -6.18
CA LEU B 36 -3.84 0.73 -5.74
C LEU B 36 -4.81 1.22 -4.67
N LEU B 37 -6.10 1.06 -4.94
CA LEU B 37 -7.13 1.46 -3.99
C LEU B 37 -6.93 0.72 -2.68
N GLN B 38 -6.46 -0.52 -2.78
CA GLN B 38 -6.19 -1.33 -1.59
C GLN B 38 -5.20 -0.62 -0.69
N THR B 39 -4.17 -0.04 -1.32
CA THR B 39 -3.16 0.72 -0.58
C THR B 39 -3.82 1.94 0.06
N HIS B 40 -4.81 2.48 -0.63
CA HIS B 40 -5.56 3.63 -0.14
C HIS B 40 -6.17 3.36 1.23
N ASP B 41 -6.82 2.21 1.35
CA ASP B 41 -7.48 1.80 2.58
C ASP B 41 -6.47 1.37 3.65
N VAL B 42 -5.44 0.63 3.24
CA VAL B 42 -4.43 0.15 4.19
C VAL B 42 -3.85 1.29 5.02
N VAL B 43 -3.44 2.37 4.35
CA VAL B 43 -2.87 3.51 5.03
C VAL B 43 -3.94 4.31 5.77
N ALA B 44 -4.97 4.75 5.04
CA ALA B 44 -6.05 5.50 5.65
C ALA B 44 -6.61 4.77 6.86
N HIS B 45 -6.64 3.44 6.76
CA HIS B 45 -7.12 2.61 7.85
C HIS B 45 -6.22 2.77 9.06
N GLU B 46 -4.92 2.71 8.82
CA GLU B 46 -3.94 2.84 9.89
C GLU B 46 -3.60 4.32 10.16
N VAL B 47 -4.24 5.23 9.43
CA VAL B 47 -3.98 6.66 9.63
C VAL B 47 -4.91 7.25 10.68
N TYR B 48 -6.21 7.07 10.49
CA TYR B 48 -7.19 7.62 11.43
C TYR B 48 -8.61 7.15 11.11
N SER B 49 -8.73 5.96 10.54
CA SER B 49 -10.04 5.42 10.18
C SER B 49 -10.75 4.90 11.42
N ASP B 50 -10.01 4.22 12.28
CA ASP B 50 -10.57 3.67 13.51
C ASP B 50 -11.15 4.76 14.39
N LEU C 1 2.10 -0.50 -16.69
CA LEU C 1 1.20 -0.07 -15.63
C LEU C 1 0.13 0.87 -16.14
N GLY C 2 -0.90 0.32 -16.75
CA GLY C 2 -1.98 1.13 -17.27
C GLY C 2 -2.80 1.77 -16.16
N LEU C 3 -2.16 2.00 -15.01
CA LEU C 3 -2.84 2.61 -13.87
C LEU C 3 -3.13 4.07 -14.17
N GLU C 4 -2.18 4.74 -14.80
CA GLU C 4 -2.36 6.13 -15.16
C GLU C 4 -3.43 6.25 -16.22
N ARG C 5 -3.46 5.26 -17.11
CA ARG C 5 -4.45 5.24 -18.18
C ARG C 5 -5.81 4.78 -17.68
N ASP C 6 -5.81 3.89 -16.69
CA ASP C 6 -7.05 3.36 -16.14
C ASP C 6 -7.68 4.33 -15.12
N VAL C 7 -6.83 4.97 -14.32
CA VAL C 7 -7.30 5.92 -13.33
C VAL C 7 -7.74 7.20 -14.01
N SER C 8 -6.84 7.73 -14.84
CA SER C 8 -7.11 8.94 -15.58
C SER C 8 -8.33 8.74 -16.46
N ARG C 9 -8.52 7.50 -16.93
CA ARG C 9 -9.66 7.17 -17.76
C ARG C 9 -10.91 7.04 -16.90
N ALA C 10 -10.72 6.61 -15.67
CA ALA C 10 -11.84 6.45 -14.74
C ALA C 10 -12.27 7.82 -14.23
N VAL C 11 -11.30 8.72 -14.11
CA VAL C 11 -11.56 10.07 -13.65
C VAL C 11 -12.40 10.83 -14.68
N GLU C 12 -11.97 10.78 -15.94
CA GLU C 12 -12.69 11.45 -17.01
C GLU C 12 -13.97 10.69 -17.34
N LEU C 13 -13.96 9.39 -17.09
CA LEU C 13 -15.13 8.57 -17.35
C LEU C 13 -16.23 8.94 -16.36
N LEU C 14 -15.83 9.28 -15.14
CA LEU C 14 -16.77 9.68 -14.11
C LEU C 14 -17.28 11.08 -14.40
N GLU C 15 -16.39 11.92 -14.92
CA GLU C 15 -16.76 13.29 -15.27
C GLU C 15 -17.68 13.24 -16.46
N ARG C 16 -17.33 12.38 -17.41
CA ARG C 16 -18.14 12.18 -18.61
C ARG C 16 -19.59 11.90 -18.24
N LEU C 17 -19.79 10.89 -17.40
CA LEU C 17 -21.12 10.53 -16.95
C LEU C 17 -21.72 11.66 -16.11
N GLN C 18 -20.86 12.34 -15.35
CA GLN C 18 -21.28 13.45 -14.52
C GLN C 18 -21.86 14.56 -15.40
N ARG C 19 -21.23 14.79 -16.54
CA ARG C 19 -21.68 15.81 -17.47
C ARG C 19 -23.04 15.44 -18.02
N SER C 20 -23.23 14.15 -18.28
CA SER C 20 -24.50 13.65 -18.80
C SER C 20 -25.59 13.78 -17.74
N GLY C 21 -25.22 13.54 -16.49
CA GLY C 21 -26.18 13.63 -15.40
C GLY C 21 -27.28 12.60 -15.51
N GLU C 22 -26.90 11.33 -15.47
CA GLU C 22 -27.88 10.24 -15.57
C GLU C 22 -28.05 9.54 -14.23
N LEU C 23 -26.95 9.36 -13.51
CA LEU C 23 -26.98 8.69 -12.21
C LEU C 23 -26.45 9.60 -11.11
N PRO C 24 -26.67 9.23 -9.83
CA PRO C 24 -26.21 10.01 -8.68
C PRO C 24 -24.75 10.44 -8.82
N PRO C 25 -24.51 11.70 -9.21
CA PRO C 25 -23.15 12.23 -9.38
C PRO C 25 -22.36 12.29 -8.08
N GLN C 26 -23.07 12.26 -6.96
CA GLN C 26 -22.43 12.31 -5.65
C GLN C 26 -21.40 11.19 -5.48
N LYS C 27 -21.82 9.96 -5.72
CA LYS C 27 -20.94 8.82 -5.60
C LYS C 27 -19.80 8.90 -6.62
N LEU C 28 -20.15 9.26 -7.84
CA LEU C 28 -19.17 9.39 -8.91
C LEU C 28 -18.19 10.51 -8.59
N GLN C 29 -18.68 11.54 -7.89
CA GLN C 29 -17.85 12.65 -7.49
C GLN C 29 -16.86 12.19 -6.43
N ALA C 30 -17.30 11.23 -5.61
CA ALA C 30 -16.46 10.70 -4.56
C ALA C 30 -15.27 9.98 -5.14
N LEU C 31 -15.51 9.17 -6.16
CA LEU C 31 -14.44 8.45 -6.82
C LEU C 31 -13.44 9.42 -7.42
N GLN C 32 -13.96 10.38 -8.20
CA GLN C 32 -13.11 11.39 -8.83
C GLN C 32 -12.17 12.01 -7.82
N ARG C 33 -12.66 12.24 -6.61
CA ARG C 33 -11.85 12.83 -5.56
C ARG C 33 -10.91 11.80 -4.95
N VAL C 34 -11.28 10.52 -5.05
CA VAL C 34 -10.46 9.44 -4.50
C VAL C 34 -9.32 9.09 -5.44
N LEU C 35 -9.51 9.32 -6.73
CA LEU C 35 -8.47 9.02 -7.71
C LEU C 35 -7.65 10.26 -8.01
N GLN C 36 -8.31 11.42 -8.04
CA GLN C 36 -7.63 12.68 -8.31
C GLN C 36 -6.87 13.17 -7.10
N SER C 37 -7.36 12.82 -5.90
CA SER C 37 -6.71 13.23 -4.66
C SER C 37 -5.21 13.00 -4.71
N ARG C 38 -4.45 13.95 -4.18
CA ARG C 38 -2.99 13.85 -4.16
C ARG C 38 -2.53 12.56 -3.50
N PHE C 39 -3.33 12.07 -2.56
CA PHE C 39 -3.01 10.83 -1.85
C PHE C 39 -2.79 9.69 -2.83
N CYS C 40 -3.81 9.40 -3.62
CA CYS C 40 -3.72 8.33 -4.62
C CYS C 40 -2.59 8.60 -5.61
N SER C 41 -2.15 9.84 -5.67
CA SER C 41 -1.06 10.23 -6.56
C SER C 41 0.24 9.62 -6.05
N ALA C 42 0.46 9.78 -4.75
CA ALA C 42 1.65 9.22 -4.13
C ALA C 42 1.62 7.70 -4.24
N ILE C 43 0.49 7.14 -3.88
CA ILE C 43 0.28 5.70 -3.94
C ILE C 43 0.48 5.18 -5.37
N ARG C 44 -0.05 5.93 -6.33
CA ARG C 44 0.10 5.56 -7.74
C ARG C 44 1.57 5.52 -8.11
N GLU C 45 2.31 6.55 -7.68
CA GLU C 45 3.73 6.62 -7.95
C GLU C 45 4.42 5.40 -7.39
N VAL C 46 3.86 4.85 -6.31
CA VAL C 46 4.41 3.66 -5.68
C VAL C 46 4.33 2.47 -6.61
N TYR C 47 3.16 2.26 -7.20
CA TYR C 47 2.98 1.12 -8.10
C TYR C 47 3.97 1.19 -9.26
N GLU C 48 4.15 2.38 -9.83
CA GLU C 48 5.09 2.55 -10.94
C GLU C 48 6.52 2.40 -10.42
N GLN C 49 6.80 3.07 -9.31
CA GLN C 49 8.11 3.02 -8.69
C GLN C 49 8.47 1.59 -8.31
N LEU C 50 7.51 0.87 -7.76
CA LEU C 50 7.72 -0.50 -7.33
C LEU C 50 8.07 -1.39 -8.51
N TYR C 51 7.36 -1.21 -9.63
CA TYR C 51 7.62 -2.00 -10.83
C TYR C 51 9.11 -1.90 -11.18
N ASP C 52 9.60 -0.67 -11.26
CA ASP C 52 11.01 -0.45 -11.55
C ASP C 52 11.87 -1.15 -10.51
N THR C 53 11.50 -0.94 -9.24
CA THR C 53 12.21 -1.55 -8.11
C THR C 53 12.33 -3.06 -8.31
N LEU C 54 11.26 -3.67 -8.83
CA LEU C 54 11.27 -5.11 -9.11
C LEU C 54 12.41 -5.44 -10.07
N ASP C 55 12.53 -4.61 -11.10
CA ASP C 55 13.55 -4.80 -12.11
C ASP C 55 14.95 -4.48 -11.58
N ILE C 56 15.02 -3.76 -10.45
CA ILE C 56 16.30 -3.41 -9.86
C ILE C 56 16.75 -4.46 -8.87
N THR C 57 15.89 -4.74 -7.90
CA THR C 57 16.19 -5.72 -6.87
C THR C 57 16.19 -7.14 -7.44
N ALA D 1 5.74 -9.95 3.78
CA ALA D 1 6.73 -9.18 4.52
C ALA D 1 6.40 -9.16 6.01
N VAL D 2 5.10 -9.08 6.33
CA VAL D 2 4.65 -9.09 7.71
C VAL D 2 4.87 -10.46 8.33
N GLN D 3 4.59 -11.50 7.56
CA GLN D 3 4.77 -12.86 8.04
C GLN D 3 6.23 -13.12 8.37
N ARG D 4 7.12 -12.64 7.51
CA ARG D 4 8.55 -12.81 7.74
C ARG D 4 8.94 -12.12 9.03
N ALA D 5 8.41 -10.92 9.24
CA ALA D 5 8.68 -10.17 10.46
C ALA D 5 8.16 -10.94 11.65
N LYS D 6 6.95 -11.47 11.52
CA LYS D 6 6.32 -12.26 12.57
C LYS D 6 7.19 -13.45 12.92
N GLU D 7 7.52 -14.24 11.89
CA GLU D 7 8.35 -15.42 12.06
C GLU D 7 9.64 -15.06 12.79
N VAL D 8 10.20 -13.91 12.43
CA VAL D 8 11.43 -13.44 13.05
C VAL D 8 11.21 -13.19 14.54
N LEU D 9 10.03 -12.66 14.89
CA LEU D 9 9.71 -12.40 16.28
C LEU D 9 9.83 -13.69 17.09
N GLU D 10 9.29 -14.75 16.54
CA GLU D 10 9.33 -16.06 17.19
C GLU D 10 10.76 -16.52 17.41
N GLU D 11 11.60 -16.34 16.40
CA GLU D 11 13.00 -16.76 16.50
C GLU D 11 13.75 -15.87 17.48
N ILE D 12 13.62 -14.56 17.32
CA ILE D 12 14.28 -13.61 18.19
C ILE D 12 13.70 -13.65 19.60
N SER D 13 12.42 -14.02 19.70
CA SER D 13 11.77 -14.11 21.00
C SER D 13 12.22 -15.34 21.77
N CYS D 14 12.57 -16.38 21.03
CA CYS D 14 13.03 -17.63 21.63
C CYS D 14 14.26 -17.39 22.50
N TYR D 15 14.95 -16.27 22.27
CA TYR D 15 16.15 -15.95 23.04
C TYR D 15 16.00 -14.63 23.79
N PRO D 16 15.79 -14.69 25.12
CA PRO D 16 15.68 -13.49 25.94
C PRO D 16 17.05 -12.86 26.19
N GLU D 17 18.08 -13.45 25.57
CA GLU D 17 19.45 -12.97 25.71
C GLU D 17 19.77 -11.87 24.71
N ASN D 18 19.25 -12.02 23.49
CA ASN D 18 19.49 -11.03 22.44
C ASN D 18 18.80 -9.72 22.75
N ASN D 19 19.58 -8.74 23.21
CA ASN D 19 19.03 -7.43 23.52
C ASN D 19 18.42 -6.79 22.28
N ASP D 20 18.96 -7.15 21.12
CA ASP D 20 18.46 -6.62 19.86
C ASP D 20 17.14 -7.28 19.54
N ALA D 21 17.02 -8.56 19.88
CA ALA D 21 15.80 -9.31 19.66
C ALA D 21 14.64 -8.65 20.38
N LYS D 22 14.91 -8.25 21.62
CA LYS D 22 13.89 -7.59 22.43
C LYS D 22 13.41 -6.31 21.78
N GLU D 23 14.35 -5.41 21.51
CA GLU D 23 14.01 -4.13 20.87
C GLU D 23 13.44 -4.36 19.49
N LEU D 24 13.84 -5.46 18.86
CA LEU D 24 13.34 -5.77 17.52
C LEU D 24 11.93 -6.33 17.57
N LYS D 25 11.64 -7.12 18.58
CA LYS D 25 10.30 -7.69 18.75
C LYS D 25 9.30 -6.56 18.93
N ARG D 26 9.69 -5.57 19.72
CA ARG D 26 8.84 -4.41 19.99
C ARG D 26 8.54 -3.63 18.72
N ILE D 27 9.60 -3.20 18.04
CA ILE D 27 9.44 -2.43 16.81
C ILE D 27 8.77 -3.24 15.71
N LEU D 28 9.21 -4.48 15.54
CA LEU D 28 8.64 -5.35 14.51
C LEU D 28 7.15 -5.57 14.75
N THR D 29 6.74 -5.52 16.01
CA THR D 29 5.34 -5.72 16.37
C THR D 29 4.54 -4.42 16.24
N GLN D 30 5.23 -3.28 16.35
CA GLN D 30 4.56 -1.98 16.23
C GLN D 30 3.65 -1.95 15.00
N PRO D 31 2.33 -1.79 15.19
CA PRO D 31 1.37 -1.75 14.09
C PRO D 31 1.81 -0.86 12.94
N HIS D 32 2.43 0.27 13.26
CA HIS D 32 2.91 1.20 12.24
C HIS D 32 3.80 0.49 11.23
N PHE D 33 4.86 -0.13 11.72
CA PHE D 33 5.79 -0.85 10.86
C PHE D 33 5.05 -1.94 10.10
N MET D 34 3.99 -2.47 10.71
CA MET D 34 3.18 -3.51 10.08
C MET D 34 2.42 -2.92 8.91
N ALA D 35 1.91 -1.71 9.08
CA ALA D 35 1.18 -1.03 8.03
C ALA D 35 2.02 -0.93 6.77
N LEU D 36 3.24 -0.43 6.92
CA LEU D 36 4.15 -0.32 5.79
C LEU D 36 4.33 -1.69 5.13
N LEU D 37 4.56 -2.69 5.96
CA LEU D 37 4.74 -4.06 5.49
C LEU D 37 3.50 -4.51 4.73
N GLN D 38 2.33 -4.14 5.23
CA GLN D 38 1.07 -4.50 4.58
C GLN D 38 1.08 -4.01 3.14
N THR D 39 1.61 -2.80 2.95
CA THR D 39 1.73 -2.23 1.61
C THR D 39 2.67 -3.09 0.78
N HIS D 40 3.68 -3.63 1.45
CA HIS D 40 4.67 -4.49 0.80
C HIS D 40 4.00 -5.70 0.15
N ASP D 41 3.06 -6.31 0.88
CA ASP D 41 2.35 -7.48 0.38
C ASP D 41 1.32 -7.10 -0.69
N VAL D 42 0.60 -6.01 -0.46
CA VAL D 42 -0.43 -5.56 -1.40
C VAL D 42 0.12 -5.48 -2.82
N VAL D 43 1.26 -4.83 -2.96
CA VAL D 43 1.90 -4.66 -4.25
C VAL D 43 2.54 -5.96 -4.72
N ALA D 44 3.44 -6.49 -3.92
CA ALA D 44 4.12 -7.74 -4.26
C ALA D 44 3.11 -8.83 -4.62
N HIS D 45 1.93 -8.74 -4.01
CA HIS D 45 0.86 -9.71 -4.26
C HIS D 45 0.27 -9.51 -5.64
N GLU D 46 -0.01 -8.25 -5.97
CA GLU D 46 -0.59 -7.92 -7.27
C GLU D 46 0.48 -7.81 -8.36
N VAL D 47 1.74 -8.04 -7.99
CA VAL D 47 2.82 -7.96 -8.96
C VAL D 47 3.20 -9.34 -9.49
N TYR D 48 3.49 -10.27 -8.58
CA TYR D 48 3.87 -11.61 -8.98
C TYR D 48 4.04 -12.53 -7.77
N SER D 49 2.96 -12.68 -7.00
CA SER D 49 2.99 -13.53 -5.82
C SER D 49 2.06 -14.72 -6.02
N ASP D 50 0.87 -14.43 -6.52
CA ASP D 50 -0.12 -15.47 -6.78
C ASP D 50 0.04 -15.97 -8.21
N LEU A 1 4.92 9.54 11.37
CA LEU A 1 4.43 8.20 11.70
C LEU A 1 5.40 7.47 12.62
N GLY A 2 6.68 7.62 12.35
CA GLY A 2 7.69 6.96 13.16
C GLY A 2 8.13 5.64 12.56
N LEU A 3 7.83 5.45 11.28
CA LEU A 3 8.20 4.23 10.58
C LEU A 3 9.68 4.20 10.28
N GLU A 4 10.25 5.37 10.02
CA GLU A 4 11.67 5.48 9.73
C GLU A 4 12.48 5.16 10.97
N ARG A 5 11.93 5.49 12.13
CA ARG A 5 12.59 5.25 13.39
C ARG A 5 12.50 3.79 13.80
N ASP A 6 11.35 3.17 13.52
CA ASP A 6 11.13 1.77 13.87
C ASP A 6 11.75 0.84 12.83
N VAL A 7 11.61 1.20 11.56
CA VAL A 7 12.18 0.40 10.48
C VAL A 7 13.69 0.42 10.57
N SER A 8 14.24 1.62 10.56
CA SER A 8 15.67 1.81 10.69
C SER A 8 16.16 1.15 11.97
N ARG A 9 15.28 1.12 12.97
CA ARG A 9 15.61 0.50 14.24
C ARG A 9 15.52 -1.02 14.12
N ALA A 10 14.59 -1.48 13.27
CA ALA A 10 14.42 -2.91 13.05
C ALA A 10 15.55 -3.44 12.19
N VAL A 11 16.04 -2.59 11.30
CA VAL A 11 17.14 -2.95 10.41
C VAL A 11 18.43 -3.13 11.21
N GLU A 12 18.71 -2.15 12.07
CA GLU A 12 19.90 -2.20 12.91
C GLU A 12 19.72 -3.22 14.02
N LEU A 13 18.47 -3.47 14.39
CA LEU A 13 18.18 -4.45 15.43
C LEU A 13 18.46 -5.85 14.90
N LEU A 14 18.14 -6.06 13.63
CA LEU A 14 18.39 -7.34 12.99
C LEU A 14 19.88 -7.53 12.79
N GLU A 15 20.55 -6.42 12.50
CA GLU A 15 22.01 -6.42 12.32
C GLU A 15 22.65 -6.72 13.65
N ARG A 16 22.19 -5.99 14.66
CA ARG A 16 22.66 -6.15 16.02
C ARG A 16 22.62 -7.62 16.42
N LEU A 17 21.45 -8.23 16.28
CA LEU A 17 21.27 -9.63 16.62
C LEU A 17 22.14 -10.49 15.69
N GLN A 18 22.33 -10.02 14.46
CA GLN A 18 23.15 -10.73 13.50
C GLN A 18 24.58 -10.81 14.00
N ARG A 19 25.06 -9.71 14.57
CA ARG A 19 26.41 -9.65 15.11
C ARG A 19 26.55 -10.64 16.26
N SER A 20 25.52 -10.74 17.08
CA SER A 20 25.52 -11.66 18.20
C SER A 20 25.65 -13.10 17.72
N GLY A 21 24.93 -13.43 16.66
CA GLY A 21 24.98 -14.76 16.10
C GLY A 21 24.43 -15.81 17.05
N GLU A 22 23.21 -15.58 17.52
CA GLU A 22 22.56 -16.52 18.44
C GLU A 22 21.45 -17.29 17.74
N LEU A 23 20.77 -16.62 16.81
CA LEU A 23 19.67 -17.23 16.07
C LEU A 23 19.95 -17.21 14.57
N PRO A 24 19.20 -18.00 13.78
CA PRO A 24 19.36 -18.06 12.33
C PRO A 24 19.33 -16.68 11.69
N PRO A 25 20.49 -16.16 11.26
CA PRO A 25 20.58 -14.83 10.63
C PRO A 25 19.95 -14.79 9.24
N GLN A 26 19.58 -15.95 8.72
CA GLN A 26 18.97 -16.04 7.40
C GLN A 26 17.66 -15.24 7.35
N LYS A 27 16.77 -15.51 8.29
CA LYS A 27 15.49 -14.82 8.35
C LYS A 27 15.69 -13.35 8.69
N LEU A 28 16.69 -13.08 9.55
CA LEU A 28 16.99 -11.72 9.96
C LEU A 28 17.60 -10.94 8.79
N GLN A 29 18.38 -11.64 7.97
CA GLN A 29 19.00 -11.03 6.81
C GLN A 29 17.93 -10.69 5.79
N ALA A 30 16.89 -11.52 5.75
CA ALA A 30 15.79 -11.32 4.83
C ALA A 30 15.05 -10.03 5.16
N LEU A 31 14.76 -9.84 6.45
CA LEU A 31 14.08 -8.65 6.90
C LEU A 31 14.92 -7.42 6.58
N GLN A 32 16.19 -7.47 6.97
CA GLN A 32 17.11 -6.37 6.71
C GLN A 32 17.05 -5.94 5.25
N ARG A 33 16.92 -6.91 4.36
CA ARG A 33 16.84 -6.63 2.93
C ARG A 33 15.44 -6.16 2.54
N VAL A 34 14.46 -6.50 3.35
CA VAL A 34 13.08 -6.10 3.08
C VAL A 34 12.82 -4.66 3.51
N LEU A 35 13.57 -4.19 4.50
CA LEU A 35 13.41 -2.83 4.98
C LEU A 35 14.42 -1.91 4.31
N GLN A 36 15.63 -2.42 4.08
CA GLN A 36 16.67 -1.64 3.44
C GLN A 36 16.46 -1.53 1.94
N SER A 37 15.81 -2.55 1.36
CA SER A 37 15.54 -2.57 -0.07
C SER A 37 14.94 -1.24 -0.53
N ARG A 38 15.31 -0.82 -1.74
CA ARG A 38 14.80 0.43 -2.31
C ARG A 38 13.27 0.42 -2.37
N PHE A 39 12.71 -0.79 -2.52
CA PHE A 39 11.26 -0.93 -2.61
C PHE A 39 10.57 -0.31 -1.39
N CYS A 40 10.92 -0.81 -0.21
CA CYS A 40 10.35 -0.31 1.04
C CYS A 40 10.67 1.16 1.22
N SER A 41 11.68 1.64 0.49
CA SER A 41 12.07 3.04 0.56
C SER A 41 11.01 3.88 -0.10
N ALA A 42 10.51 3.40 -1.23
CA ALA A 42 9.45 4.08 -1.96
C ALA A 42 8.17 4.00 -1.14
N ILE A 43 7.86 2.80 -0.72
CA ILE A 43 6.67 2.55 0.09
C ILE A 43 6.75 3.35 1.40
N ARG A 44 7.95 3.45 1.95
CA ARG A 44 8.17 4.18 3.18
C ARG A 44 7.89 5.66 3.00
N GLU A 45 8.50 6.24 1.96
CA GLU A 45 8.30 7.65 1.67
C GLU A 45 6.81 7.93 1.47
N VAL A 46 6.08 6.91 1.03
CA VAL A 46 4.65 7.04 0.81
C VAL A 46 3.93 7.31 2.12
N TYR A 47 4.22 6.51 3.13
CA TYR A 47 3.57 6.70 4.42
C TYR A 47 3.83 8.10 4.96
N GLU A 48 5.08 8.56 4.83
CA GLU A 48 5.43 9.90 5.30
C GLU A 48 4.72 10.94 4.44
N GLN A 49 4.81 10.76 3.13
CA GLN A 49 4.20 11.68 2.18
C GLN A 49 2.69 11.74 2.38
N LEU A 50 2.08 10.57 2.55
CA LEU A 50 0.65 10.47 2.73
C LEU A 50 0.20 11.30 3.92
N TYR A 51 0.90 11.15 5.04
CA TYR A 51 0.57 11.92 6.24
C TYR A 51 0.51 13.41 5.89
N ASP A 52 1.56 13.89 5.23
CA ASP A 52 1.61 15.28 4.83
C ASP A 52 0.42 15.60 3.93
N THR A 53 0.15 14.72 2.97
CA THR A 53 -0.96 14.88 2.05
C THR A 53 -2.26 15.14 2.82
N LEU A 54 -2.46 14.37 3.90
CA LEU A 54 -3.64 14.53 4.74
C LEU A 54 -3.70 15.95 5.27
N ASP A 55 -2.54 16.46 5.64
CA ASP A 55 -2.43 17.82 6.18
C ASP A 55 -2.60 18.88 5.08
N ILE A 56 -2.44 18.46 3.81
CA ILE A 56 -2.58 19.38 2.70
C ILE A 56 -4.02 19.42 2.19
N THR A 57 -4.51 18.26 1.84
CA THR A 57 -5.87 18.12 1.32
C THR A 57 -6.90 18.30 2.42
N ALA B 1 -11.60 3.71 0.00
CA ALA B 1 -11.50 4.00 -1.43
C ALA B 1 -12.04 2.83 -2.25
N VAL B 2 -11.68 1.62 -1.85
CA VAL B 2 -12.15 0.43 -2.56
C VAL B 2 -13.67 0.32 -2.43
N GLN B 3 -14.17 0.49 -1.21
CA GLN B 3 -15.61 0.42 -0.98
C GLN B 3 -16.33 1.50 -1.78
N ARG B 4 -15.77 2.70 -1.79
CA ARG B 4 -16.36 3.80 -2.54
C ARG B 4 -16.40 3.45 -4.01
N ALA B 5 -15.33 2.82 -4.49
CA ALA B 5 -15.26 2.40 -5.87
C ALA B 5 -16.30 1.33 -6.15
N LYS B 6 -16.36 0.35 -5.27
CA LYS B 6 -17.33 -0.74 -5.38
C LYS B 6 -18.75 -0.18 -5.42
N GLU B 7 -19.02 0.75 -4.51
CA GLU B 7 -20.34 1.38 -4.44
C GLU B 7 -20.70 2.00 -5.78
N VAL B 8 -19.75 2.71 -6.37
CA VAL B 8 -19.96 3.36 -7.66
C VAL B 8 -20.31 2.31 -8.72
N LEU B 9 -19.58 1.19 -8.71
CA LEU B 9 -19.84 0.11 -9.66
C LEU B 9 -21.31 -0.27 -9.62
N GLU B 10 -21.85 -0.35 -8.41
CA GLU B 10 -23.24 -0.70 -8.23
C GLU B 10 -24.15 0.32 -8.91
N GLU B 11 -23.81 1.59 -8.73
CA GLU B 11 -24.59 2.67 -9.33
C GLU B 11 -24.49 2.63 -10.85
N ILE B 12 -23.25 2.63 -11.35
CA ILE B 12 -23.02 2.59 -12.79
C ILE B 12 -23.49 1.27 -13.39
N SER B 13 -23.48 0.21 -12.58
CA SER B 13 -23.92 -1.11 -13.04
C SER B 13 -25.42 -1.13 -13.26
N CYS B 14 -26.15 -0.37 -12.43
CA CYS B 14 -27.59 -0.31 -12.54
C CYS B 14 -28.02 0.52 -13.76
N TYR B 15 -27.05 1.09 -14.47
CA TYR B 15 -27.34 1.89 -15.65
C TYR B 15 -26.86 1.20 -16.93
N PRO B 16 -27.79 0.60 -17.69
CA PRO B 16 -27.47 -0.08 -18.93
C PRO B 16 -27.48 0.85 -20.15
N GLU B 17 -27.32 2.15 -19.89
CA GLU B 17 -27.32 3.14 -20.96
C GLU B 17 -26.00 3.91 -21.00
N ASN B 18 -25.47 4.25 -19.84
CA ASN B 18 -24.22 4.99 -19.75
C ASN B 18 -23.05 4.14 -20.26
N ASN B 19 -22.60 4.44 -21.47
CA ASN B 19 -21.49 3.71 -22.06
C ASN B 19 -20.25 3.80 -21.19
N ASP B 20 -20.13 4.89 -20.44
CA ASP B 20 -19.00 5.08 -19.55
C ASP B 20 -19.14 4.18 -18.34
N ALA B 21 -20.38 3.98 -17.90
CA ALA B 21 -20.67 3.14 -16.76
C ALA B 21 -20.23 1.70 -17.03
N LYS B 22 -20.31 1.30 -18.28
CA LYS B 22 -19.91 -0.05 -18.68
C LYS B 22 -18.40 -0.18 -18.66
N GLU B 23 -17.74 0.68 -19.44
CA GLU B 23 -16.29 0.67 -19.52
C GLU B 23 -15.68 1.06 -18.18
N LEU B 24 -16.42 1.82 -17.39
CA LEU B 24 -15.93 2.23 -16.08
C LEU B 24 -16.08 1.10 -15.07
N LYS B 25 -17.15 0.33 -15.21
CA LYS B 25 -17.39 -0.80 -14.33
C LYS B 25 -16.24 -1.79 -14.46
N ARG B 26 -15.82 -2.01 -15.70
CA ARG B 26 -14.72 -2.93 -15.99
C ARG B 26 -13.41 -2.43 -15.37
N ILE B 27 -13.06 -1.19 -15.69
CA ILE B 27 -11.83 -0.59 -15.17
C ILE B 27 -11.83 -0.54 -13.64
N LEU B 28 -12.89 0.01 -13.06
CA LEU B 28 -12.99 0.13 -11.62
C LEU B 28 -12.92 -1.25 -10.95
N THR B 29 -13.38 -2.27 -11.66
CA THR B 29 -13.36 -3.62 -11.13
C THR B 29 -12.01 -4.30 -11.31
N GLN B 30 -11.21 -3.82 -12.27
CA GLN B 30 -9.90 -4.39 -12.51
C GLN B 30 -9.09 -4.49 -11.21
N PRO B 31 -8.64 -5.69 -10.83
CA PRO B 31 -7.88 -5.91 -9.60
C PRO B 31 -6.71 -4.93 -9.45
N HIS B 32 -6.08 -4.57 -10.55
CA HIS B 32 -4.95 -3.64 -10.52
C HIS B 32 -5.33 -2.34 -9.82
N PHE B 33 -6.38 -1.70 -10.31
CA PHE B 33 -6.87 -0.47 -9.73
C PHE B 33 -7.23 -0.69 -8.27
N MET B 34 -7.67 -1.91 -7.97
CA MET B 34 -8.04 -2.26 -6.60
C MET B 34 -6.80 -2.29 -5.72
N ALA B 35 -5.70 -2.79 -6.28
CA ALA B 35 -4.44 -2.87 -5.55
C ALA B 35 -4.04 -1.48 -5.07
N LEU B 36 -4.02 -0.53 -6.00
CA LEU B 36 -3.67 0.85 -5.65
C LEU B 36 -4.66 1.37 -4.63
N LEU B 37 -5.94 1.12 -4.90
CA LEU B 37 -7.00 1.55 -3.99
C LEU B 37 -6.76 0.93 -2.61
N GLN B 38 -6.24 -0.29 -2.60
CA GLN B 38 -5.93 -0.98 -1.36
C GLN B 38 -4.92 -0.15 -0.58
N THR B 39 -3.96 0.41 -1.30
CA THR B 39 -2.94 1.26 -0.71
C THR B 39 -3.60 2.51 -0.11
N HIS B 40 -4.68 2.93 -0.74
CA HIS B 40 -5.44 4.09 -0.30
C HIS B 40 -6.05 3.84 1.07
N ASP B 41 -6.69 2.69 1.21
CA ASP B 41 -7.34 2.31 2.47
C ASP B 41 -6.33 1.88 3.52
N VAL B 42 -5.35 1.08 3.12
CA VAL B 42 -4.33 0.58 4.03
C VAL B 42 -3.69 1.74 4.83
N VAL B 43 -3.28 2.78 4.12
CA VAL B 43 -2.68 3.94 4.77
C VAL B 43 -3.74 4.75 5.52
N ALA B 44 -4.78 5.15 4.79
CA ALA B 44 -5.86 5.93 5.39
C ALA B 44 -6.44 5.20 6.61
N HIS B 45 -6.29 3.88 6.63
CA HIS B 45 -6.80 3.08 7.73
C HIS B 45 -5.91 3.22 8.97
N GLU B 46 -4.61 3.10 8.75
CA GLU B 46 -3.64 3.20 9.85
C GLU B 46 -3.41 4.66 10.26
N VAL B 47 -3.96 5.61 9.51
CA VAL B 47 -3.78 7.02 9.84
C VAL B 47 -4.95 7.57 10.63
N TYR B 48 -6.16 7.41 10.08
CA TYR B 48 -7.36 7.91 10.73
C TYR B 48 -8.30 6.75 11.05
N SER B 49 -9.16 6.38 10.10
CA SER B 49 -10.11 5.28 10.28
C SER B 49 -10.74 5.29 11.67
N ASP B 50 -10.85 6.47 12.24
CA ASP B 50 -11.42 6.66 13.56
C ASP B 50 -11.60 8.14 13.80
N LEU C 1 2.16 -1.58 -16.16
CA LEU C 1 1.27 -1.32 -15.04
C LEU C 1 -0.19 -1.29 -15.48
N GLY C 2 -0.60 -0.17 -16.08
CA GLY C 2 -1.96 -0.01 -16.54
C GLY C 2 -2.82 0.74 -15.53
N LEU C 3 -2.20 1.20 -14.45
CA LEU C 3 -2.91 1.94 -13.42
C LEU C 3 -3.20 3.35 -13.90
N GLU C 4 -2.23 3.95 -14.58
CA GLU C 4 -2.38 5.29 -15.09
C GLU C 4 -3.43 5.31 -16.20
N ARG C 5 -3.50 4.20 -16.92
CA ARG C 5 -4.46 4.08 -18.00
C ARG C 5 -5.86 3.77 -17.47
N ASP C 6 -5.92 2.99 -16.39
CA ASP C 6 -7.19 2.61 -15.79
C ASP C 6 -7.75 3.71 -14.90
N VAL C 7 -6.87 4.39 -14.17
CA VAL C 7 -7.28 5.47 -13.29
C VAL C 7 -7.66 6.68 -14.11
N SER C 8 -6.74 7.09 -14.99
CA SER C 8 -6.97 8.23 -15.86
C SER C 8 -8.20 7.97 -16.72
N ARG C 9 -8.44 6.70 -17.04
CA ARG C 9 -9.59 6.33 -17.84
C ARG C 9 -10.84 6.34 -16.97
N ALA C 10 -10.67 6.05 -15.68
CA ALA C 10 -11.79 6.05 -14.76
C ALA C 10 -12.16 7.48 -14.39
N VAL C 11 -11.15 8.34 -14.36
CA VAL C 11 -11.35 9.75 -14.03
C VAL C 11 -12.15 10.44 -15.13
N GLU C 12 -11.75 10.20 -16.39
CA GLU C 12 -12.45 10.79 -17.52
C GLU C 12 -13.77 10.10 -17.72
N LEU C 13 -13.82 8.81 -17.44
CA LEU C 13 -15.05 8.05 -17.56
C LEU C 13 -16.03 8.50 -16.51
N LEU C 14 -15.50 8.83 -15.33
CA LEU C 14 -16.32 9.30 -14.22
C LEU C 14 -16.80 10.71 -14.54
N GLU C 15 -15.91 11.52 -15.10
CA GLU C 15 -16.23 12.88 -15.49
C GLU C 15 -17.28 12.85 -16.58
N ARG C 16 -17.07 11.96 -17.53
CA ARG C 16 -17.98 11.77 -18.64
C ARG C 16 -19.40 11.56 -18.13
N LEU C 17 -19.56 10.65 -17.18
CA LEU C 17 -20.86 10.37 -16.61
C LEU C 17 -21.44 11.61 -15.95
N GLN C 18 -20.58 12.42 -15.34
CA GLN C 18 -21.04 13.66 -14.70
C GLN C 18 -21.78 14.51 -15.70
N ARG C 19 -21.20 14.65 -16.89
CA ARG C 19 -21.80 15.42 -17.95
C ARG C 19 -23.18 14.85 -18.29
N SER C 20 -23.26 13.53 -18.32
CA SER C 20 -24.52 12.85 -18.60
C SER C 20 -25.55 13.18 -17.52
N GLY C 21 -25.09 13.23 -16.27
CA GLY C 21 -25.98 13.55 -15.16
C GLY C 21 -27.14 12.59 -15.06
N GLU C 22 -26.86 11.31 -15.04
CA GLU C 22 -27.90 10.29 -14.93
C GLU C 22 -27.79 9.54 -13.62
N LEU C 23 -26.58 9.32 -13.16
CA LEU C 23 -26.34 8.60 -11.91
C LEU C 23 -25.92 9.56 -10.79
N PRO C 24 -25.97 9.09 -9.53
CA PRO C 24 -25.59 9.90 -8.37
C PRO C 24 -24.22 10.56 -8.56
N PRO C 25 -24.18 11.89 -8.69
CA PRO C 25 -22.92 12.63 -8.88
C PRO C 25 -22.03 12.60 -7.65
N GLN C 26 -22.64 12.55 -6.47
CA GLN C 26 -21.89 12.52 -5.21
C GLN C 26 -20.91 11.34 -5.18
N LYS C 27 -21.43 10.14 -5.43
CA LYS C 27 -20.60 8.93 -5.43
C LYS C 27 -19.47 9.04 -6.45
N LEU C 28 -19.82 9.41 -7.67
CA LEU C 28 -18.84 9.54 -8.74
C LEU C 28 -17.89 10.70 -8.46
N GLN C 29 -18.40 11.72 -7.77
CA GLN C 29 -17.59 12.88 -7.42
C GLN C 29 -16.55 12.46 -6.39
N ALA C 30 -16.94 11.50 -5.56
CA ALA C 30 -16.06 11.00 -4.52
C ALA C 30 -14.89 10.26 -5.14
N LEU C 31 -15.20 9.40 -6.10
CA LEU C 31 -14.17 8.64 -6.80
C LEU C 31 -13.24 9.59 -7.53
N GLN C 32 -13.83 10.49 -8.31
CA GLN C 32 -13.06 11.47 -9.08
C GLN C 32 -12.05 12.18 -8.17
N ARG C 33 -12.47 12.47 -6.95
CA ARG C 33 -11.59 13.15 -6.00
C ARG C 33 -10.60 12.18 -5.37
N VAL C 34 -10.93 10.89 -5.39
CA VAL C 34 -10.07 9.87 -4.81
C VAL C 34 -8.96 9.46 -5.78
N LEU C 35 -9.25 9.52 -7.09
CA LEU C 35 -8.26 9.16 -8.09
C LEU C 35 -7.44 10.38 -8.51
N GLN C 36 -8.08 11.54 -8.48
CA GLN C 36 -7.41 12.79 -8.86
C GLN C 36 -6.66 13.40 -7.68
N SER C 37 -7.10 13.10 -6.46
CA SER C 37 -6.46 13.64 -5.26
C SER C 37 -4.94 13.46 -5.32
N ARG C 38 -4.23 14.29 -4.58
CA ARG C 38 -2.78 14.23 -4.54
C ARG C 38 -2.30 12.94 -3.88
N PHE C 39 -3.10 12.44 -2.94
CA PHE C 39 -2.76 11.21 -2.22
C PHE C 39 -2.57 10.06 -3.19
N CYS C 40 -3.60 9.76 -3.96
CA CYS C 40 -3.55 8.68 -4.94
C CYS C 40 -2.43 8.91 -5.95
N SER C 41 -1.97 10.16 -6.04
CA SER C 41 -0.89 10.51 -6.96
C SER C 41 0.41 9.92 -6.44
N ALA C 42 0.66 10.13 -5.15
CA ALA C 42 1.85 9.60 -4.51
C ALA C 42 1.83 8.08 -4.58
N ILE C 43 0.68 7.51 -4.23
CA ILE C 43 0.50 6.07 -4.26
C ILE C 43 0.74 5.53 -5.67
N ARG C 44 0.18 6.21 -6.67
CA ARG C 44 0.35 5.81 -8.06
C ARG C 44 1.83 5.82 -8.40
N GLU C 45 2.53 6.86 -7.91
CA GLU C 45 3.95 6.98 -8.14
C GLU C 45 4.67 5.76 -7.60
N VAL C 46 4.11 5.19 -6.54
CA VAL C 46 4.69 3.99 -5.93
C VAL C 46 4.65 2.83 -6.89
N TYR C 47 3.49 2.59 -7.48
CA TYR C 47 3.34 1.48 -8.41
C TYR C 47 4.33 1.60 -9.57
N GLU C 48 4.48 2.79 -10.12
CA GLU C 48 5.41 3.02 -11.22
C GLU C 48 6.85 2.91 -10.70
N GLN C 49 7.08 3.56 -9.56
CA GLN C 49 8.40 3.55 -8.93
C GLN C 49 8.82 2.14 -8.59
N LEU C 50 7.87 1.36 -8.10
CA LEU C 50 8.11 -0.02 -7.72
C LEU C 50 8.55 -0.85 -8.91
N TYR C 51 7.83 -0.71 -10.02
CA TYR C 51 8.16 -1.44 -11.23
C TYR C 51 9.63 -1.22 -11.58
N ASP C 52 10.06 0.03 -11.56
CA ASP C 52 11.45 0.36 -11.83
C ASP C 52 12.34 -0.29 -10.78
N THR C 53 11.91 -0.20 -9.52
CA THR C 53 12.63 -0.78 -8.40
C THR C 53 12.86 -2.28 -8.64
N LEU C 54 11.89 -2.93 -9.28
CA LEU C 54 11.99 -4.35 -9.60
C LEU C 54 13.13 -4.58 -10.57
N ASP C 55 13.15 -3.77 -11.62
CA ASP C 55 14.19 -3.87 -12.64
C ASP C 55 15.58 -3.65 -12.04
N ILE C 56 15.64 -2.90 -10.96
CA ILE C 56 16.92 -2.62 -10.30
C ILE C 56 17.42 -3.84 -9.53
N THR C 57 16.75 -4.13 -8.44
CA THR C 57 17.11 -5.26 -7.59
C THR C 57 16.99 -6.57 -8.37
N ALA D 1 6.64 -10.27 3.03
CA ALA D 1 7.35 -9.33 3.89
C ALA D 1 6.80 -9.38 5.32
N VAL D 2 5.48 -9.46 5.44
CA VAL D 2 4.84 -9.54 6.75
C VAL D 2 5.09 -10.89 7.39
N GLN D 3 4.84 -11.96 6.64
CA GLN D 3 5.06 -13.31 7.15
C GLN D 3 6.51 -13.49 7.56
N ARG D 4 7.43 -13.04 6.69
CA ARG D 4 8.85 -13.15 6.98
C ARG D 4 9.18 -12.38 8.25
N ALA D 5 8.51 -11.24 8.43
CA ALA D 5 8.71 -10.44 9.62
C ALA D 5 8.19 -11.17 10.84
N LYS D 6 6.99 -11.74 10.71
CA LYS D 6 6.38 -12.50 11.79
C LYS D 6 7.25 -13.69 12.16
N GLU D 7 7.79 -14.36 11.15
CA GLU D 7 8.66 -15.50 11.35
C GLU D 7 9.85 -15.12 12.23
N VAL D 8 10.43 -13.97 11.93
CA VAL D 8 11.57 -13.47 12.70
C VAL D 8 11.18 -13.25 14.15
N LEU D 9 9.98 -12.71 14.38
CA LEU D 9 9.51 -12.48 15.74
C LEU D 9 9.53 -13.77 16.53
N GLU D 10 9.09 -14.85 15.90
CA GLU D 10 9.07 -16.15 16.54
C GLU D 10 10.47 -16.59 16.94
N GLU D 11 11.42 -16.42 16.02
CA GLU D 11 12.79 -16.80 16.28
C GLU D 11 13.39 -15.95 17.39
N ILE D 12 13.33 -14.63 17.21
CA ILE D 12 13.85 -13.70 18.20
C ILE D 12 13.06 -13.81 19.50
N SER D 13 11.79 -14.20 19.41
CA SER D 13 10.96 -14.34 20.59
C SER D 13 11.46 -15.51 21.45
N CYS D 14 11.94 -16.56 20.79
CA CYS D 14 12.45 -17.73 21.49
C CYS D 14 13.73 -17.39 22.26
N TYR D 15 14.29 -16.21 22.00
CA TYR D 15 15.51 -15.78 22.67
C TYR D 15 15.22 -14.73 23.73
N PRO D 16 15.17 -15.12 25.01
CA PRO D 16 14.91 -14.20 26.12
C PRO D 16 16.18 -13.56 26.66
N GLU D 17 17.23 -13.51 25.83
CA GLU D 17 18.50 -12.93 26.23
C GLU D 17 18.87 -11.73 25.37
N ASN D 18 18.53 -11.81 24.08
CA ASN D 18 18.85 -10.73 23.15
C ASN D 18 17.92 -9.54 23.36
N ASN D 19 18.48 -8.46 23.89
CA ASN D 19 17.71 -7.24 24.14
C ASN D 19 17.17 -6.66 22.84
N ASP D 20 17.86 -6.93 21.74
CA ASP D 20 17.44 -6.44 20.44
C ASP D 20 16.22 -7.21 19.98
N ALA D 21 16.20 -8.49 20.31
CA ALA D 21 15.08 -9.34 19.95
C ALA D 21 13.78 -8.80 20.55
N LYS D 22 13.86 -8.42 21.82
CA LYS D 22 12.71 -7.88 22.52
C LYS D 22 12.21 -6.60 21.85
N GLU D 23 13.10 -5.62 21.73
CA GLU D 23 12.74 -4.35 21.10
C GLU D 23 12.42 -4.55 19.62
N LEU D 24 13.00 -5.60 19.03
CA LEU D 24 12.75 -5.88 17.62
C LEU D 24 11.40 -6.57 17.44
N LYS D 25 11.01 -7.33 18.46
CA LYS D 25 9.72 -8.02 18.42
C LYS D 25 8.59 -7.02 18.44
N ARG D 26 8.71 -6.04 19.33
CA ARG D 26 7.69 -5.00 19.46
C ARG D 26 7.58 -4.15 18.21
N ILE D 27 8.72 -3.69 17.70
CA ILE D 27 8.74 -2.86 16.50
C ILE D 27 8.15 -3.61 15.31
N LEU D 28 8.66 -4.81 15.05
CA LEU D 28 8.19 -5.62 13.94
C LEU D 28 6.71 -5.95 14.08
N THR D 29 6.24 -6.00 15.33
CA THR D 29 4.84 -6.33 15.60
C THR D 29 3.96 -5.08 15.50
N GLN D 30 4.54 -3.92 15.74
CA GLN D 30 3.81 -2.66 15.68
C GLN D 30 3.05 -2.55 14.34
N PRO D 31 1.70 -2.60 14.38
CA PRO D 31 0.85 -2.55 13.18
C PRO D 31 1.32 -1.53 12.14
N HIS D 32 1.84 -0.39 12.58
CA HIS D 32 2.30 0.64 11.65
C HIS D 32 3.30 0.06 10.66
N PHE D 33 4.36 -0.55 11.19
CA PHE D 33 5.37 -1.16 10.34
C PHE D 33 4.75 -2.27 9.50
N MET D 34 3.70 -2.89 10.04
CA MET D 34 2.99 -3.94 9.35
C MET D 34 2.21 -3.36 8.17
N ALA D 35 1.67 -2.17 8.37
CA ALA D 35 0.91 -1.49 7.33
C ALA D 35 1.79 -1.27 6.11
N LEU D 36 2.97 -0.69 6.34
CA LEU D 36 3.91 -0.44 5.24
C LEU D 36 4.31 -1.77 4.62
N LEU D 37 4.63 -2.75 5.48
CA LEU D 37 5.01 -4.07 5.02
C LEU D 37 3.88 -4.66 4.20
N GLN D 38 2.64 -4.34 4.58
CA GLN D 38 1.47 -4.82 3.86
C GLN D 38 1.51 -4.30 2.43
N THR D 39 1.88 -3.04 2.28
CA THR D 39 1.99 -2.43 0.97
C THR D 39 3.09 -3.13 0.17
N HIS D 40 4.08 -3.65 0.90
CA HIS D 40 5.19 -4.38 0.31
C HIS D 40 4.68 -5.62 -0.40
N ASP D 41 3.88 -6.40 0.30
CA ASP D 41 3.34 -7.65 -0.24
C ASP D 41 2.22 -7.37 -1.25
N VAL D 42 1.30 -6.47 -0.90
CA VAL D 42 0.18 -6.16 -1.78
C VAL D 42 0.67 -5.86 -3.20
N VAL D 43 1.67 -5.00 -3.32
CA VAL D 43 2.22 -4.66 -4.62
C VAL D 43 2.96 -5.85 -5.22
N ALA D 44 3.90 -6.39 -4.46
CA ALA D 44 4.68 -7.54 -4.91
C ALA D 44 3.76 -8.67 -5.37
N HIS D 45 2.57 -8.75 -4.77
CA HIS D 45 1.60 -9.76 -5.13
C HIS D 45 1.04 -9.48 -6.52
N GLU D 46 0.68 -8.23 -6.75
CA GLU D 46 0.13 -7.82 -8.04
C GLU D 46 1.23 -7.52 -9.05
N VAL D 47 2.49 -7.68 -8.63
CA VAL D 47 3.63 -7.43 -9.51
C VAL D 47 4.08 -8.70 -10.23
N TYR D 48 4.36 -9.74 -9.44
CA TYR D 48 4.80 -11.01 -10.00
C TYR D 48 4.95 -12.07 -8.91
N SER D 49 3.83 -12.39 -8.28
CA SER D 49 3.81 -13.39 -7.22
C SER D 49 3.03 -14.61 -7.67
N ASP D 50 1.81 -14.38 -8.11
CA ASP D 50 0.96 -15.46 -8.59
C ASP D 50 1.28 -15.77 -10.04
N LEU A 1 5.44 9.79 11.22
CA LEU A 1 5.08 8.42 11.55
C LEU A 1 6.16 7.77 12.41
N GLY A 2 7.41 7.97 12.02
CA GLY A 2 8.51 7.39 12.75
C GLY A 2 8.92 6.03 12.19
N LEU A 3 8.64 5.81 10.92
CA LEU A 3 8.98 4.56 10.26
C LEU A 3 10.47 4.47 10.00
N GLU A 4 11.10 5.62 9.82
CA GLU A 4 12.54 5.66 9.57
C GLU A 4 13.27 5.23 10.82
N ARG A 5 12.73 5.61 11.96
CA ARG A 5 13.32 5.26 13.24
C ARG A 5 12.97 3.82 13.63
N ASP A 6 11.82 3.35 13.16
CA ASP A 6 11.36 1.99 13.46
C ASP A 6 12.03 0.96 12.56
N VAL A 7 12.18 1.29 11.29
CA VAL A 7 12.82 0.40 10.34
C VAL A 7 14.31 0.39 10.56
N SER A 8 14.87 1.59 10.65
CA SER A 8 16.30 1.75 10.89
C SER A 8 16.67 1.10 12.21
N ARG A 9 15.74 1.11 13.15
CA ARG A 9 15.97 0.50 14.45
C ARG A 9 15.85 -1.02 14.34
N ALA A 10 15.01 -1.47 13.42
CA ALA A 10 14.83 -2.90 13.21
C ALA A 10 15.99 -3.47 12.41
N VAL A 11 16.54 -2.64 11.54
CA VAL A 11 17.67 -3.02 10.70
C VAL A 11 18.92 -3.23 11.56
N GLU A 12 19.17 -2.28 12.47
CA GLU A 12 20.32 -2.38 13.36
C GLU A 12 20.07 -3.43 14.41
N LEU A 13 18.80 -3.62 14.76
CA LEU A 13 18.43 -4.62 15.74
C LEU A 13 18.63 -6.01 15.15
N LEU A 14 18.40 -6.12 13.84
CA LEU A 14 18.58 -7.39 13.14
C LEU A 14 20.05 -7.68 12.99
N GLU A 15 20.83 -6.62 12.78
CA GLU A 15 22.28 -6.75 12.65
C GLU A 15 22.84 -7.07 14.02
N ARG A 16 22.29 -6.38 15.02
CA ARG A 16 22.69 -6.57 16.41
C ARG A 16 22.63 -8.06 16.76
N LEU A 17 21.47 -8.65 16.52
CA LEU A 17 21.29 -10.07 16.80
C LEU A 17 22.20 -10.90 15.90
N GLN A 18 22.42 -10.41 14.68
CA GLN A 18 23.27 -11.08 13.72
C GLN A 18 24.67 -11.24 14.30
N ARG A 19 25.13 -10.21 15.01
CA ARG A 19 26.44 -10.24 15.63
C ARG A 19 26.45 -11.24 16.77
N SER A 20 25.33 -11.30 17.50
CA SER A 20 25.20 -12.23 18.62
C SER A 20 25.27 -13.67 18.14
N GLY A 21 24.58 -13.94 17.03
CA GLY A 21 24.56 -15.28 16.47
C GLY A 21 23.80 -16.27 17.32
N GLU A 22 22.53 -15.96 17.61
CA GLU A 22 21.69 -16.82 18.42
C GLU A 22 20.45 -17.28 17.65
N LEU A 23 19.96 -16.42 16.77
CA LEU A 23 18.77 -16.72 15.97
C LEU A 23 19.14 -16.98 14.51
N PRO A 24 18.26 -17.66 13.75
CA PRO A 24 18.50 -17.95 12.34
C PRO A 24 18.93 -16.70 11.58
N PRO A 25 20.23 -16.63 11.21
CA PRO A 25 20.77 -15.48 10.48
C PRO A 25 20.03 -15.17 9.19
N GLN A 26 19.72 -16.21 8.42
CA GLN A 26 19.03 -16.04 7.14
C GLN A 26 17.71 -15.29 7.32
N LYS A 27 16.87 -15.76 8.22
CA LYS A 27 15.57 -15.13 8.47
C LYS A 27 15.73 -13.65 8.80
N LEU A 28 16.61 -13.36 9.76
CA LEU A 28 16.85 -11.98 10.19
C LEU A 28 17.50 -11.17 9.07
N GLN A 29 18.37 -11.82 8.30
CA GLN A 29 19.02 -11.16 7.19
C GLN A 29 18.00 -10.87 6.10
N ALA A 30 17.03 -11.76 5.99
CA ALA A 30 15.97 -11.61 5.01
C ALA A 30 15.19 -10.33 5.26
N LEU A 31 14.85 -10.10 6.52
CA LEU A 31 14.13 -8.91 6.91
C LEU A 31 14.94 -7.67 6.54
N GLN A 32 16.19 -7.65 6.96
CA GLN A 32 17.09 -6.54 6.68
C GLN A 32 17.04 -6.17 5.19
N ARG A 33 17.00 -7.18 4.33
CA ARG A 33 16.95 -6.95 2.90
C ARG A 33 15.57 -6.46 2.47
N VAL A 34 14.56 -6.84 3.25
CA VAL A 34 13.18 -6.44 2.95
C VAL A 34 12.91 -5.01 3.40
N LEU A 35 13.66 -4.55 4.40
CA LEU A 35 13.48 -3.18 4.90
C LEU A 35 14.50 -2.25 4.27
N GLN A 36 15.73 -2.75 4.08
CA GLN A 36 16.79 -1.96 3.49
C GLN A 36 16.61 -1.82 1.99
N SER A 37 15.98 -2.82 1.37
CA SER A 37 15.73 -2.81 -0.07
C SER A 37 15.16 -1.47 -0.52
N ARG A 38 15.56 -1.02 -1.70
CA ARG A 38 15.08 0.24 -2.25
C ARG A 38 13.56 0.27 -2.31
N PHE A 39 12.95 -0.91 -2.48
CA PHE A 39 11.50 -1.01 -2.56
C PHE A 39 10.85 -0.40 -1.33
N CYS A 40 11.19 -0.92 -0.16
CA CYS A 40 10.64 -0.42 1.10
C CYS A 40 10.95 1.07 1.28
N SER A 41 11.93 1.55 0.52
CA SER A 41 12.32 2.96 0.58
C SER A 41 11.24 3.81 -0.06
N ALA A 42 10.80 3.37 -1.24
CA ALA A 42 9.74 4.05 -1.96
C ALA A 42 8.46 4.02 -1.13
N ILE A 43 8.13 2.82 -0.67
CA ILE A 43 6.95 2.60 0.14
C ILE A 43 7.01 3.45 1.40
N ARG A 44 8.19 3.51 2.02
CA ARG A 44 8.38 4.32 3.22
C ARG A 44 8.04 5.78 2.92
N GLU A 45 8.56 6.27 1.80
CA GLU A 45 8.30 7.63 1.38
C GLU A 45 6.81 7.87 1.26
N VAL A 46 6.08 6.82 0.90
CA VAL A 46 4.64 6.91 0.75
C VAL A 46 3.97 7.22 2.07
N TYR A 47 4.33 6.49 3.11
CA TYR A 47 3.72 6.72 4.42
C TYR A 47 4.02 8.12 4.92
N GLU A 48 5.23 8.61 4.63
CA GLU A 48 5.60 9.95 5.04
C GLU A 48 4.85 10.98 4.23
N GLN A 49 4.86 10.81 2.91
CA GLN A 49 4.17 11.70 2.00
C GLN A 49 2.66 11.68 2.26
N LEU A 50 2.13 10.47 2.41
CA LEU A 50 0.71 10.29 2.64
C LEU A 50 0.25 11.08 3.86
N TYR A 51 0.98 10.94 4.97
CA TYR A 51 0.65 11.67 6.18
C TYR A 51 0.52 13.15 5.87
N ASP A 52 1.52 13.67 5.16
CA ASP A 52 1.51 15.07 4.77
C ASP A 52 0.30 15.34 3.89
N THR A 53 0.01 14.41 2.98
CA THR A 53 -1.13 14.52 2.08
C THR A 53 -2.42 14.69 2.88
N LEU A 54 -2.53 13.97 3.98
CA LEU A 54 -3.70 14.05 4.85
C LEU A 54 -3.84 15.47 5.38
N ASP A 55 -2.70 16.05 5.76
CA ASP A 55 -2.68 17.41 6.29
C ASP A 55 -3.00 18.44 5.21
N ILE A 56 -2.77 18.08 3.94
CA ILE A 56 -3.04 18.99 2.84
C ILE A 56 -4.51 19.01 2.49
N THR A 57 -4.97 17.92 1.92
CA THR A 57 -6.36 17.77 1.51
C THR A 57 -7.29 17.72 2.74
N ALA B 1 -11.36 3.15 -0.50
CA ALA B 1 -11.24 3.54 -1.90
C ALA B 1 -11.76 2.42 -2.81
N VAL B 2 -11.50 1.18 -2.43
CA VAL B 2 -11.96 0.04 -3.20
C VAL B 2 -13.46 -0.13 -3.04
N GLN B 3 -13.95 -0.06 -1.81
CA GLN B 3 -15.37 -0.20 -1.55
C GLN B 3 -16.16 0.89 -2.27
N ARG B 4 -15.66 2.12 -2.20
CA ARG B 4 -16.31 3.24 -2.86
C ARG B 4 -16.36 2.99 -4.36
N ALA B 5 -15.28 2.46 -4.89
CA ALA B 5 -15.20 2.15 -6.31
C ALA B 5 -16.19 1.06 -6.67
N LYS B 6 -16.19 0.00 -5.86
CA LYS B 6 -17.10 -1.12 -6.06
C LYS B 6 -18.54 -0.65 -5.99
N GLU B 7 -18.83 0.18 -5.01
CA GLU B 7 -20.18 0.72 -4.83
C GLU B 7 -20.63 1.41 -6.10
N VAL B 8 -19.73 2.18 -6.71
CA VAL B 8 -20.03 2.90 -7.94
C VAL B 8 -20.38 1.91 -9.05
N LEU B 9 -19.62 0.82 -9.14
CA LEU B 9 -19.87 -0.20 -10.16
C LEU B 9 -21.32 -0.66 -10.07
N GLU B 10 -21.77 -0.87 -8.85
CA GLU B 10 -23.14 -1.32 -8.62
C GLU B 10 -24.15 -0.32 -9.18
N GLU B 11 -23.97 0.95 -8.84
CA GLU B 11 -24.87 2.00 -9.31
C GLU B 11 -24.80 2.13 -10.83
N ILE B 12 -23.59 2.31 -11.35
CA ILE B 12 -23.40 2.44 -12.78
C ILE B 12 -23.77 1.14 -13.49
N SER B 13 -23.64 0.02 -12.79
CA SER B 13 -23.99 -1.28 -13.37
C SER B 13 -25.48 -1.35 -13.65
N CYS B 14 -26.27 -0.75 -12.76
CA CYS B 14 -27.72 -0.73 -12.91
C CYS B 14 -28.14 0.10 -14.11
N TYR B 15 -27.19 0.85 -14.68
CA TYR B 15 -27.47 1.69 -15.83
C TYR B 15 -26.86 1.10 -17.11
N PRO B 16 -27.70 0.46 -17.95
CA PRO B 16 -27.24 -0.13 -19.20
C PRO B 16 -27.38 0.84 -20.37
N GLU B 17 -27.31 2.13 -20.07
CA GLU B 17 -27.43 3.17 -21.09
C GLU B 17 -26.20 4.08 -21.10
N ASN B 18 -25.65 4.35 -19.92
CA ASN B 18 -24.49 5.20 -19.79
C ASN B 18 -23.23 4.50 -20.30
N ASN B 19 -22.76 4.92 -21.47
CA ASN B 19 -21.57 4.34 -22.07
C ASN B 19 -20.36 4.54 -21.17
N ASP B 20 -20.38 5.60 -20.38
CA ASP B 20 -19.29 5.90 -19.47
C ASP B 20 -19.34 4.94 -18.30
N ALA B 21 -20.54 4.58 -17.89
CA ALA B 21 -20.74 3.65 -16.80
C ALA B 21 -20.12 2.31 -17.13
N LYS B 22 -20.28 1.90 -18.38
CA LYS B 22 -19.74 0.63 -18.86
C LYS B 22 -18.22 0.64 -18.81
N GLU B 23 -17.63 1.62 -19.47
CA GLU B 23 -16.17 1.74 -19.51
C GLU B 23 -15.63 1.98 -18.11
N LEU B 24 -16.44 2.59 -17.26
CA LEU B 24 -16.01 2.88 -15.90
C LEU B 24 -16.07 1.63 -15.03
N LYS B 25 -17.06 0.78 -15.29
CA LYS B 25 -17.21 -0.47 -14.54
C LYS B 25 -16.06 -1.41 -14.86
N ARG B 26 -15.67 -1.43 -16.13
CA ARG B 26 -14.58 -2.28 -16.58
C ARG B 26 -13.25 -1.87 -15.94
N ILE B 27 -12.91 -0.60 -16.09
CA ILE B 27 -11.67 -0.08 -15.53
C ILE B 27 -11.66 -0.18 -14.00
N LEU B 28 -12.75 0.26 -13.37
CA LEU B 28 -12.85 0.21 -11.92
C LEU B 28 -12.69 -1.20 -11.40
N THR B 29 -13.11 -2.19 -12.20
CA THR B 29 -13.02 -3.58 -11.80
C THR B 29 -11.62 -4.14 -12.08
N GLN B 30 -10.91 -3.56 -13.04
CA GLN B 30 -9.56 -4.02 -13.37
C GLN B 30 -8.69 -4.09 -12.11
N PRO B 31 -8.35 -5.31 -11.66
CA PRO B 31 -7.54 -5.52 -10.45
C PRO B 31 -6.38 -4.53 -10.33
N HIS B 32 -5.82 -4.11 -11.46
CA HIS B 32 -4.70 -3.17 -11.45
C HIS B 32 -5.07 -1.90 -10.68
N PHE B 33 -6.15 -1.25 -11.10
CA PHE B 33 -6.62 -0.04 -10.44
C PHE B 33 -7.02 -0.37 -9.00
N MET B 34 -7.46 -1.61 -8.78
CA MET B 34 -7.85 -2.05 -7.45
C MET B 34 -6.63 -2.18 -6.56
N ALA B 35 -5.52 -2.63 -7.15
CA ALA B 35 -4.28 -2.78 -6.41
C ALA B 35 -3.83 -1.44 -5.85
N LEU B 36 -3.77 -0.43 -6.71
CA LEU B 36 -3.38 0.90 -6.27
C LEU B 36 -4.34 1.38 -5.21
N LEU B 37 -5.64 1.20 -5.47
CA LEU B 37 -6.67 1.58 -4.52
C LEU B 37 -6.48 0.81 -3.22
N GLN B 38 -5.98 -0.43 -3.34
CA GLN B 38 -5.71 -1.26 -2.18
C GLN B 38 -4.73 -0.54 -1.27
N THR B 39 -3.73 0.08 -1.88
CA THR B 39 -2.73 0.84 -1.13
C THR B 39 -3.42 2.01 -0.44
N HIS B 40 -4.41 2.57 -1.13
CA HIS B 40 -5.18 3.70 -0.62
C HIS B 40 -5.79 3.36 0.74
N ASP B 41 -6.41 2.20 0.82
CA ASP B 41 -7.05 1.74 2.06
C ASP B 41 -6.02 1.38 3.13
N VAL B 42 -4.97 0.68 2.73
CA VAL B 42 -3.92 0.26 3.67
C VAL B 42 -3.44 1.43 4.52
N VAL B 43 -3.10 2.52 3.86
CA VAL B 43 -2.62 3.71 4.56
C VAL B 43 -3.74 4.46 5.26
N ALA B 44 -4.77 4.84 4.50
CA ALA B 44 -5.90 5.56 5.07
C ALA B 44 -6.50 4.80 6.24
N HIS B 45 -6.41 3.47 6.20
CA HIS B 45 -6.95 2.63 7.27
C HIS B 45 -6.04 2.66 8.49
N GLU B 46 -4.74 2.60 8.25
CA GLU B 46 -3.76 2.61 9.33
C GLU B 46 -3.51 4.01 9.87
N VAL B 47 -4.10 5.02 9.23
CA VAL B 47 -3.92 6.41 9.67
C VAL B 47 -5.11 6.90 10.48
N TYR B 48 -6.30 6.77 9.90
CA TYR B 48 -7.52 7.20 10.57
C TYR B 48 -8.49 6.02 10.73
N SER B 49 -9.36 5.83 9.72
CA SER B 49 -10.34 4.74 9.73
C SER B 49 -10.81 4.42 11.14
N ASP B 50 -10.96 5.47 11.93
CA ASP B 50 -11.41 5.36 13.31
C ASP B 50 -11.54 6.76 13.88
N LEU C 1 2.08 -0.51 -16.24
CA LEU C 1 0.90 -0.89 -15.47
C LEU C 1 -0.37 -0.38 -16.14
N GLY C 2 -0.26 0.75 -16.82
CA GLY C 2 -1.41 1.32 -17.49
C GLY C 2 -2.41 1.90 -16.51
N LEU C 3 -1.91 2.31 -15.35
CA LEU C 3 -2.77 2.89 -14.32
C LEU C 3 -3.18 4.30 -14.69
N GLU C 4 -2.31 5.00 -15.39
CA GLU C 4 -2.59 6.36 -15.80
C GLU C 4 -3.70 6.36 -16.84
N ARG C 5 -3.74 5.30 -17.64
CA ARG C 5 -4.76 5.17 -18.67
C ARG C 5 -6.10 4.72 -18.08
N ASP C 6 -6.03 3.88 -17.06
CA ASP C 6 -7.23 3.36 -16.42
C ASP C 6 -7.81 4.35 -15.41
N VAL C 7 -6.93 5.08 -14.73
CA VAL C 7 -7.36 6.07 -13.75
C VAL C 7 -7.88 7.30 -14.46
N SER C 8 -7.06 7.81 -15.36
CA SER C 8 -7.43 8.98 -16.16
C SER C 8 -8.71 8.70 -16.91
N ARG C 9 -8.90 7.44 -17.30
CA ARG C 9 -10.11 7.06 -18.02
C ARG C 9 -11.28 6.96 -17.06
N ALA C 10 -10.99 6.63 -15.81
CA ALA C 10 -12.01 6.52 -14.79
C ALA C 10 -12.43 7.91 -14.32
N VAL C 11 -11.46 8.82 -14.33
CA VAL C 11 -11.69 10.20 -13.93
C VAL C 11 -12.62 10.89 -14.92
N GLU C 12 -12.33 10.74 -16.21
CA GLU C 12 -13.14 11.33 -17.25
C GLU C 12 -14.45 10.56 -17.39
N LEU C 13 -14.39 9.27 -17.08
CA LEU C 13 -15.58 8.44 -17.15
C LEU C 13 -16.54 8.82 -16.03
N LEU C 14 -15.98 9.26 -14.91
CA LEU C 14 -16.78 9.68 -13.77
C LEU C 14 -17.38 11.05 -14.05
N GLU C 15 -16.62 11.88 -14.77
CA GLU C 15 -17.09 13.21 -15.15
C GLU C 15 -18.14 13.05 -16.22
N ARG C 16 -17.84 12.16 -17.17
CA ARG C 16 -18.77 11.87 -18.26
C ARG C 16 -20.14 11.51 -17.69
N LEU C 17 -20.14 10.55 -16.76
CA LEU C 17 -21.37 10.13 -16.12
C LEU C 17 -22.00 11.29 -15.37
N GLN C 18 -21.16 12.14 -14.79
CA GLN C 18 -21.61 13.31 -14.06
C GLN C 18 -22.37 14.24 -14.98
N ARG C 19 -21.85 14.41 -16.20
CA ARG C 19 -22.49 15.26 -17.19
C ARG C 19 -23.88 14.73 -17.53
N SER C 20 -23.99 13.41 -17.61
CA SER C 20 -25.27 12.78 -17.92
C SER C 20 -26.26 13.00 -16.78
N GLY C 21 -25.78 12.85 -15.55
CA GLY C 21 -26.63 13.03 -14.39
C GLY C 21 -27.80 12.08 -14.36
N GLU C 22 -27.50 10.78 -14.48
CA GLU C 22 -28.53 9.76 -14.47
C GLU C 22 -28.62 9.08 -13.10
N LEU C 23 -27.52 9.10 -12.36
CA LEU C 23 -27.47 8.49 -11.04
C LEU C 23 -26.77 9.42 -10.04
N PRO C 24 -26.90 9.15 -8.73
CA PRO C 24 -26.27 9.96 -7.68
C PRO C 24 -24.78 10.17 -7.94
N PRO C 25 -24.40 11.40 -8.33
CA PRO C 25 -23.00 11.73 -8.62
C PRO C 25 -22.15 11.88 -7.36
N GLN C 26 -22.76 11.72 -6.19
CA GLN C 26 -22.04 11.84 -4.94
C GLN C 26 -20.93 10.80 -4.84
N LYS C 27 -21.29 9.54 -5.05
CA LYS C 27 -20.32 8.45 -5.00
C LYS C 27 -19.34 8.55 -6.15
N LEU C 28 -19.83 9.01 -7.29
CA LEU C 28 -18.99 9.18 -8.47
C LEU C 28 -18.01 10.33 -8.27
N GLN C 29 -18.46 11.35 -7.56
CA GLN C 29 -17.61 12.50 -7.28
C GLN C 29 -16.52 12.07 -6.32
N ALA C 30 -16.85 11.13 -5.45
CA ALA C 30 -15.92 10.62 -4.47
C ALA C 30 -14.77 9.89 -5.18
N LEU C 31 -15.13 9.07 -6.15
CA LEU C 31 -14.14 8.33 -6.92
C LEU C 31 -13.18 9.30 -7.61
N GLN C 32 -13.74 10.27 -8.32
CA GLN C 32 -12.94 11.27 -9.02
C GLN C 32 -11.91 11.89 -8.07
N ARG C 33 -12.33 12.17 -6.85
CA ARG C 33 -11.44 12.75 -5.85
C ARG C 33 -10.46 11.71 -5.30
N VAL C 34 -10.81 10.44 -5.44
CA VAL C 34 -9.97 9.35 -4.96
C VAL C 34 -8.82 9.08 -5.92
N LEU C 35 -9.03 9.40 -7.20
CA LEU C 35 -8.01 9.17 -8.21
C LEU C 35 -7.31 10.49 -8.59
N GLN C 36 -8.03 11.59 -8.44
CA GLN C 36 -7.48 12.91 -8.78
C GLN C 36 -6.68 13.47 -7.61
N SER C 37 -7.07 13.12 -6.39
CA SER C 37 -6.38 13.60 -5.20
C SER C 37 -4.88 13.33 -5.28
N ARG C 38 -4.09 14.22 -4.70
CA ARG C 38 -2.64 14.08 -4.71
C ARG C 38 -2.21 12.77 -4.05
N PHE C 39 -3.01 12.30 -3.12
CA PHE C 39 -2.72 11.05 -2.42
C PHE C 39 -2.49 9.91 -3.40
N CYS C 40 -3.49 9.62 -4.22
CA CYS C 40 -3.40 8.56 -5.21
C CYS C 40 -2.24 8.81 -6.17
N SER C 41 -1.77 10.07 -6.22
CA SER C 41 -0.66 10.43 -7.09
C SER C 41 0.61 9.83 -6.54
N ALA C 42 0.81 9.98 -5.23
CA ALA C 42 1.96 9.43 -4.56
C ALA C 42 1.93 7.91 -4.68
N ILE C 43 0.78 7.35 -4.35
CA ILE C 43 0.57 5.92 -4.41
C ILE C 43 0.80 5.41 -5.84
N ARG C 44 0.29 6.16 -6.81
CA ARG C 44 0.47 5.79 -8.21
C ARG C 44 1.95 5.74 -8.55
N GLU C 45 2.68 6.74 -8.07
CA GLU C 45 4.12 6.81 -8.29
C GLU C 45 4.79 5.57 -7.71
N VAL C 46 4.18 5.01 -6.66
CA VAL C 46 4.72 3.81 -6.03
C VAL C 46 4.66 2.63 -6.98
N TYR C 47 3.51 2.42 -7.60
CA TYR C 47 3.36 1.29 -8.52
C TYR C 47 4.33 1.40 -9.68
N GLU C 48 4.54 2.60 -10.19
CA GLU C 48 5.47 2.82 -11.29
C GLU C 48 6.91 2.68 -10.79
N GLN C 49 7.18 3.33 -9.66
CA GLN C 49 8.50 3.29 -9.05
C GLN C 49 8.87 1.87 -8.65
N LEU C 50 7.89 1.16 -8.11
CA LEU C 50 8.09 -0.21 -7.67
C LEU C 50 8.45 -1.11 -8.84
N TYR C 51 7.74 -0.96 -9.96
CA TYR C 51 8.03 -1.76 -11.14
C TYR C 51 9.50 -1.62 -11.51
N ASP C 52 9.98 -0.38 -11.54
CA ASP C 52 11.38 -0.12 -11.84
C ASP C 52 12.26 -0.81 -10.79
N THR C 53 11.86 -0.66 -9.53
CA THR C 53 12.59 -1.28 -8.43
C THR C 53 12.78 -2.77 -8.69
N LEU C 54 11.73 -3.40 -9.21
CA LEU C 54 11.78 -4.83 -9.54
C LEU C 54 12.91 -5.09 -10.53
N ASP C 55 12.97 -4.25 -11.55
CA ASP C 55 14.00 -4.37 -12.58
C ASP C 55 15.39 -4.12 -12.01
N ILE C 56 15.47 -3.44 -10.86
CA ILE C 56 16.74 -3.14 -10.23
C ILE C 56 17.17 -4.28 -9.31
N THR C 57 16.27 -4.62 -8.41
CA THR C 57 16.53 -5.67 -7.43
C THR C 57 16.50 -7.05 -8.09
N ALA D 1 5.99 -10.27 3.25
CA ALA D 1 6.91 -9.42 4.00
C ALA D 1 6.54 -9.39 5.48
N VAL D 2 5.24 -9.26 5.75
CA VAL D 2 4.76 -9.22 7.12
C VAL D 2 4.95 -10.59 7.79
N GLN D 3 4.71 -11.65 7.03
CA GLN D 3 4.88 -13.01 7.55
C GLN D 3 6.33 -13.24 7.96
N ARG D 4 7.26 -12.76 7.14
CA ARG D 4 8.67 -12.91 7.44
C ARG D 4 8.99 -12.21 8.75
N ALA D 5 8.49 -10.99 8.90
CA ALA D 5 8.68 -10.23 10.11
C ALA D 5 8.09 -10.98 11.29
N LYS D 6 6.87 -11.45 11.10
CA LYS D 6 6.16 -12.22 12.11
C LYS D 6 6.99 -13.40 12.56
N GLU D 7 7.42 -14.21 11.59
CA GLU D 7 8.23 -15.38 11.87
C GLU D 7 9.44 -15.01 12.73
N VAL D 8 10.07 -13.89 12.41
CA VAL D 8 11.23 -13.43 13.15
C VAL D 8 10.85 -13.11 14.59
N LEU D 9 9.67 -12.54 14.79
CA LEU D 9 9.19 -12.22 16.13
C LEU D 9 9.17 -13.49 16.98
N GLU D 10 8.70 -14.57 16.37
CA GLU D 10 8.63 -15.84 17.06
C GLU D 10 10.02 -16.33 17.48
N GLU D 11 10.97 -16.19 16.58
CA GLU D 11 12.34 -16.60 16.86
C GLU D 11 12.94 -15.73 17.94
N ILE D 12 12.93 -14.42 17.71
CA ILE D 12 13.46 -13.47 18.67
C ILE D 12 12.68 -13.51 19.99
N SER D 13 11.40 -13.88 19.90
CA SER D 13 10.57 -13.96 21.08
C SER D 13 11.00 -15.14 21.96
N CYS D 14 11.43 -16.21 21.32
CA CYS D 14 11.87 -17.40 22.04
C CYS D 14 13.23 -17.16 22.71
N TYR D 15 13.85 -16.02 22.43
CA TYR D 15 15.15 -15.70 23.00
C TYR D 15 15.03 -14.59 24.05
N PRO D 16 14.98 -14.96 25.34
CA PRO D 16 14.87 -14.00 26.44
C PRO D 16 16.25 -13.51 26.90
N GLU D 17 17.22 -13.56 26.00
CA GLU D 17 18.58 -13.13 26.33
C GLU D 17 19.03 -11.97 25.44
N ASN D 18 18.61 -12.00 24.18
CA ASN D 18 18.98 -10.95 23.23
C ASN D 18 18.13 -9.70 23.43
N ASN D 19 18.75 -8.65 23.96
CA ASN D 19 18.07 -7.39 24.22
C ASN D 19 17.61 -6.76 22.91
N ASP D 20 18.32 -7.08 21.82
CA ASP D 20 17.98 -6.55 20.51
C ASP D 20 16.72 -7.23 20.01
N ALA D 21 16.56 -8.49 20.38
CA ALA D 21 15.40 -9.26 19.99
C ALA D 21 14.14 -8.63 20.57
N LYS D 22 14.23 -8.24 21.83
CA LYS D 22 13.12 -7.61 22.53
C LYS D 22 12.70 -6.32 21.83
N GLU D 23 13.66 -5.42 21.66
CA GLU D 23 13.39 -4.15 21.00
C GLU D 23 12.90 -4.38 19.58
N LEU D 24 13.34 -5.49 18.99
CA LEU D 24 12.93 -5.83 17.63
C LEU D 24 11.51 -6.37 17.61
N LYS D 25 11.13 -7.03 18.70
CA LYS D 25 9.78 -7.57 18.81
C LYS D 25 8.76 -6.44 18.82
N ARG D 26 9.06 -5.42 19.61
CA ARG D 26 8.17 -4.25 19.72
C ARG D 26 8.05 -3.53 18.39
N ILE D 27 9.18 -3.16 17.81
CA ILE D 27 9.20 -2.46 16.54
C ILE D 27 8.53 -3.26 15.43
N LEU D 28 8.97 -4.49 15.25
CA LEU D 28 8.42 -5.36 14.21
C LEU D 28 6.91 -5.56 14.40
N THR D 29 6.45 -5.49 15.64
CA THR D 29 5.03 -5.68 15.93
C THR D 29 4.26 -4.37 15.81
N GLN D 30 4.95 -3.24 15.96
CA GLN D 30 4.30 -1.93 15.85
C GLN D 30 3.49 -1.85 14.55
N PRO D 31 2.15 -1.88 14.66
CA PRO D 31 1.25 -1.83 13.50
C PRO D 31 1.74 -0.86 12.41
N HIS D 32 2.39 0.22 12.82
CA HIS D 32 2.89 1.21 11.87
C HIS D 32 3.85 0.56 10.87
N PHE D 33 4.89 -0.08 11.40
CA PHE D 33 5.86 -0.77 10.57
C PHE D 33 5.17 -1.88 9.77
N MET D 34 4.12 -2.44 10.35
CA MET D 34 3.36 -3.50 9.69
C MET D 34 2.58 -2.92 8.53
N ALA D 35 2.06 -1.71 8.72
CA ALA D 35 1.30 -1.02 7.69
C ALA D 35 2.14 -0.88 6.43
N LEU D 36 3.36 -0.36 6.59
CA LEU D 36 4.26 -0.19 5.46
C LEU D 36 4.49 -1.54 4.80
N LEU D 37 4.78 -2.55 5.62
CA LEU D 37 4.99 -3.91 5.12
C LEU D 37 3.76 -4.38 4.36
N GLN D 38 2.59 -3.99 4.87
CA GLN D 38 1.32 -4.34 4.22
C GLN D 38 1.34 -3.85 2.78
N THR D 39 1.88 -2.66 2.59
CA THR D 39 1.98 -2.08 1.26
C THR D 39 2.92 -2.93 0.42
N HIS D 40 3.94 -3.46 1.07
CA HIS D 40 4.93 -4.32 0.43
C HIS D 40 4.25 -5.51 -0.26
N ASP D 41 3.34 -6.14 0.47
CA ASP D 41 2.63 -7.31 -0.05
C ASP D 41 1.63 -6.92 -1.14
N VAL D 42 0.89 -5.83 -0.91
CA VAL D 42 -0.12 -5.37 -1.87
C VAL D 42 0.45 -5.27 -3.28
N VAL D 43 1.58 -4.59 -3.39
CA VAL D 43 2.23 -4.40 -4.68
C VAL D 43 2.88 -5.68 -5.19
N ALA D 44 3.78 -6.24 -4.40
CA ALA D 44 4.48 -7.47 -4.79
C ALA D 44 3.47 -8.55 -5.17
N HIS D 45 2.33 -8.56 -4.47
CA HIS D 45 1.29 -9.53 -4.74
C HIS D 45 0.67 -9.28 -6.11
N GLU D 46 0.42 -8.01 -6.41
CA GLU D 46 -0.18 -7.63 -7.68
C GLU D 46 0.90 -7.41 -8.75
N VAL D 47 2.16 -7.62 -8.39
CA VAL D 47 3.26 -7.43 -9.34
C VAL D 47 3.62 -8.74 -10.04
N TYR D 48 3.89 -9.78 -9.26
CA TYR D 48 4.25 -11.07 -9.84
C TYR D 48 4.38 -12.15 -8.77
N SER D 49 3.58 -12.05 -7.72
CA SER D 49 3.61 -13.04 -6.64
C SER D 49 2.74 -14.24 -6.99
N ASP D 50 1.66 -13.98 -7.72
CA ASP D 50 0.74 -15.04 -8.14
C ASP D 50 1.42 -15.99 -9.11
N LEU A 1 4.61 9.11 11.97
CA LEU A 1 4.45 7.67 11.90
C LEU A 1 5.54 6.95 12.67
N GLY A 2 6.75 7.49 12.60
CA GLY A 2 7.88 6.88 13.28
C GLY A 2 8.36 5.64 12.55
N LEU A 3 8.15 5.61 11.24
CA LEU A 3 8.57 4.48 10.42
C LEU A 3 10.07 4.52 10.22
N GLU A 4 10.61 5.72 10.06
CA GLU A 4 12.04 5.88 9.87
C GLU A 4 12.77 5.50 11.13
N ARG A 5 12.14 5.78 12.27
CA ARG A 5 12.72 5.46 13.57
C ARG A 5 12.59 3.98 13.88
N ASP A 6 11.44 3.41 13.51
CA ASP A 6 11.18 1.99 13.77
C ASP A 6 11.98 1.11 12.83
N VAL A 7 11.91 1.41 11.54
CA VAL A 7 12.64 0.65 10.54
C VAL A 7 14.12 0.74 10.80
N SER A 8 14.61 1.96 10.93
CA SER A 8 16.00 2.20 11.21
C SER A 8 16.38 1.54 12.53
N ARG A 9 15.39 1.42 13.42
CA ARG A 9 15.60 0.79 14.70
C ARG A 9 15.61 -0.72 14.54
N ALA A 10 14.80 -1.22 13.61
CA ALA A 10 14.75 -2.65 13.34
C ALA A 10 15.97 -3.09 12.55
N VAL A 11 16.47 -2.17 11.72
CA VAL A 11 17.65 -2.44 10.91
C VAL A 11 18.87 -2.59 11.81
N GLU A 12 19.00 -1.68 12.77
CA GLU A 12 20.11 -1.72 13.71
C GLU A 12 19.90 -2.86 14.69
N LEU A 13 18.64 -3.12 15.01
CA LEU A 13 18.29 -4.21 15.90
C LEU A 13 18.56 -5.54 15.21
N LEU A 14 18.31 -5.55 13.91
CA LEU A 14 18.55 -6.74 13.10
C LEU A 14 20.03 -6.95 12.92
N GLU A 15 20.75 -5.84 12.75
CA GLU A 15 22.19 -5.88 12.60
C GLU A 15 22.80 -6.28 13.94
N ARG A 16 22.20 -5.74 14.99
CA ARG A 16 22.62 -6.03 16.36
C ARG A 16 22.68 -7.54 16.58
N LEU A 17 21.56 -8.21 16.30
CA LEU A 17 21.49 -9.65 16.45
C LEU A 17 22.35 -10.34 15.40
N GLN A 18 22.36 -9.78 14.19
CA GLN A 18 23.17 -10.30 13.10
C GLN A 18 24.63 -10.39 13.53
N ARG A 19 25.07 -9.37 14.27
CA ARG A 19 26.43 -9.33 14.77
C ARG A 19 26.66 -10.43 15.79
N SER A 20 25.68 -10.59 16.68
CA SER A 20 25.77 -11.62 17.72
C SER A 20 25.69 -13.01 17.09
N GLY A 21 24.83 -13.16 16.10
CA GLY A 21 24.69 -14.44 15.42
C GLY A 21 24.31 -15.56 16.37
N GLU A 22 23.23 -15.35 17.12
CA GLU A 22 22.76 -16.36 18.07
C GLU A 22 21.56 -17.12 17.53
N LEU A 23 20.66 -16.40 16.87
CA LEU A 23 19.46 -16.99 16.30
C LEU A 23 19.58 -17.13 14.79
N PRO A 24 18.64 -17.88 14.16
CA PRO A 24 18.64 -18.09 12.71
C PRO A 24 18.76 -16.78 11.94
N PRO A 25 19.96 -16.51 11.36
CA PRO A 25 20.21 -15.28 10.61
C PRO A 25 19.46 -15.24 9.27
N GLN A 26 18.96 -16.38 8.82
CA GLN A 26 18.24 -16.44 7.56
C GLN A 26 16.99 -15.57 7.59
N LYS A 27 16.16 -15.76 8.60
CA LYS A 27 14.93 -14.97 8.73
C LYS A 27 15.25 -13.51 8.98
N LEU A 28 16.25 -13.26 9.79
CA LEU A 28 16.65 -11.89 10.12
C LEU A 28 17.36 -11.24 8.94
N GLN A 29 18.05 -12.05 8.14
CA GLN A 29 18.73 -11.54 6.96
C GLN A 29 17.71 -11.10 5.94
N ALA A 30 16.59 -11.80 5.93
CA ALA A 30 15.49 -11.49 5.02
C ALA A 30 14.86 -10.18 5.41
N LEU A 31 14.65 -10.00 6.71
CA LEU A 31 14.07 -8.77 7.23
C LEU A 31 14.95 -7.59 6.88
N GLN A 32 16.24 -7.71 7.20
CA GLN A 32 17.21 -6.67 6.92
C GLN A 32 17.11 -6.22 5.46
N ARG A 33 17.02 -7.17 4.55
CA ARG A 33 16.92 -6.85 3.13
C ARG A 33 15.55 -6.28 2.78
N VAL A 34 14.55 -6.57 3.61
CA VAL A 34 13.20 -6.09 3.38
C VAL A 34 13.05 -4.63 3.82
N LEU A 35 13.87 -4.21 4.78
CA LEU A 35 13.80 -2.84 5.26
C LEU A 35 14.82 -1.96 4.55
N GLN A 36 16.01 -2.50 4.30
CA GLN A 36 17.06 -1.75 3.63
C GLN A 36 16.79 -1.65 2.13
N SER A 37 16.11 -2.64 1.57
CA SER A 37 15.80 -2.64 0.15
C SER A 37 15.20 -1.31 -0.28
N ARG A 38 15.56 -0.85 -1.48
CA ARG A 38 15.05 0.41 -2.01
C ARG A 38 13.54 0.39 -2.11
N PHE A 39 12.98 -0.80 -2.33
CA PHE A 39 11.53 -0.96 -2.45
C PHE A 39 10.82 -0.39 -1.23
N CYS A 40 11.16 -0.91 -0.06
CA CYS A 40 10.57 -0.44 1.19
C CYS A 40 10.80 1.05 1.39
N SER A 41 11.78 1.59 0.66
CA SER A 41 12.09 3.01 0.73
C SER A 41 10.99 3.81 0.07
N ALA A 42 10.61 3.38 -1.13
CA ALA A 42 9.54 4.03 -1.87
C ALA A 42 8.26 3.96 -1.06
N ILE A 43 7.96 2.76 -0.60
CA ILE A 43 6.78 2.51 0.21
C ILE A 43 6.80 3.36 1.48
N ARG A 44 7.97 3.42 2.11
CA ARG A 44 8.14 4.21 3.33
C ARG A 44 7.83 5.67 3.03
N GLU A 45 8.34 6.14 1.90
CA GLU A 45 8.10 7.51 1.48
C GLU A 45 6.61 7.75 1.32
N VAL A 46 5.88 6.70 0.96
CA VAL A 46 4.44 6.79 0.78
C VAL A 46 3.75 7.10 2.09
N TYR A 47 4.08 6.37 3.14
CA TYR A 47 3.46 6.61 4.43
C TYR A 47 3.71 8.03 4.92
N GLU A 48 4.95 8.50 4.79
CA GLU A 48 5.29 9.85 5.20
C GLU A 48 4.62 10.86 4.26
N GLN A 49 4.67 10.56 2.97
CA GLN A 49 4.08 11.41 1.95
C GLN A 49 2.58 11.53 2.15
N LEU A 50 1.94 10.38 2.38
CA LEU A 50 0.51 10.34 2.57
C LEU A 50 0.08 11.22 3.73
N TYR A 51 0.80 11.12 4.85
CA TYR A 51 0.50 11.93 6.02
C TYR A 51 0.45 13.41 5.63
N ASP A 52 1.49 13.86 4.94
CA ASP A 52 1.54 15.24 4.48
C ASP A 52 0.36 15.51 3.54
N THR A 53 0.08 14.54 2.68
CA THR A 53 -1.03 14.64 1.73
C THR A 53 -2.33 14.89 2.48
N LEU A 54 -2.48 14.26 3.64
CA LEU A 54 -3.67 14.44 4.46
C LEU A 54 -3.78 15.90 4.89
N ASP A 55 -2.66 16.45 5.33
CA ASP A 55 -2.60 17.84 5.78
C ASP A 55 -2.94 18.79 4.64
N ILE A 56 -2.70 18.36 3.41
CA ILE A 56 -2.97 19.18 2.23
C ILE A 56 -4.46 19.19 1.91
N THR A 57 -4.92 18.07 1.41
CA THR A 57 -6.32 17.90 1.03
C THR A 57 -7.23 17.98 2.26
N ALA B 1 -11.71 3.17 -0.25
CA ALA B 1 -11.59 3.52 -1.66
C ALA B 1 -12.15 2.42 -2.55
N VAL B 2 -11.84 1.17 -2.20
CA VAL B 2 -12.34 0.03 -2.96
C VAL B 2 -13.86 -0.07 -2.84
N GLN B 3 -14.36 -0.10 -1.61
CA GLN B 3 -15.80 -0.18 -1.38
C GLN B 3 -16.52 0.95 -2.10
N ARG B 4 -15.90 2.14 -2.08
CA ARG B 4 -16.49 3.29 -2.75
C ARG B 4 -16.65 3.00 -4.23
N ALA B 5 -15.54 2.61 -4.85
CA ALA B 5 -15.53 2.27 -6.26
C ALA B 5 -16.57 1.20 -6.54
N LYS B 6 -16.60 0.18 -5.69
CA LYS B 6 -17.55 -0.92 -5.82
C LYS B 6 -18.98 -0.39 -5.83
N GLU B 7 -19.29 0.48 -4.87
CA GLU B 7 -20.61 1.08 -4.76
C GLU B 7 -21.00 1.74 -6.08
N VAL B 8 -20.06 2.48 -6.66
CA VAL B 8 -20.30 3.17 -7.92
C VAL B 8 -20.60 2.17 -9.03
N LEU B 9 -19.89 1.04 -9.03
CA LEU B 9 -20.12 0.01 -10.04
C LEU B 9 -21.57 -0.42 -10.02
N GLU B 10 -22.11 -0.54 -8.82
CA GLU B 10 -23.50 -0.93 -8.64
C GLU B 10 -24.43 0.09 -9.29
N GLU B 11 -24.21 1.36 -8.97
CA GLU B 11 -25.02 2.43 -9.52
C GLU B 11 -24.90 2.46 -11.05
N ILE B 12 -23.67 2.57 -11.53
CA ILE B 12 -23.43 2.60 -12.96
C ILE B 12 -23.86 1.30 -13.61
N SER B 13 -23.81 0.21 -12.84
CA SER B 13 -24.22 -1.10 -13.35
C SER B 13 -25.71 -1.10 -13.66
N CYS B 14 -26.47 -0.34 -12.88
CA CYS B 14 -27.92 -0.26 -13.07
C CYS B 14 -28.28 0.83 -14.10
N TYR B 15 -27.35 1.11 -15.01
CA TYR B 15 -27.58 2.13 -16.03
C TYR B 15 -27.02 1.67 -17.38
N PRO B 16 -27.84 0.99 -18.20
CA PRO B 16 -27.43 0.51 -19.51
C PRO B 16 -27.62 1.55 -20.60
N GLU B 17 -27.51 2.83 -20.22
CA GLU B 17 -27.68 3.91 -21.17
C GLU B 17 -26.41 4.75 -21.31
N ASN B 18 -25.61 4.78 -20.24
CA ASN B 18 -24.37 5.55 -20.25
C ASN B 18 -23.19 4.68 -20.64
N ASN B 19 -22.46 5.10 -21.67
CA ASN B 19 -21.30 4.36 -22.15
C ASN B 19 -20.11 4.54 -21.21
N ASP B 20 -20.10 5.65 -20.48
CA ASP B 20 -19.02 5.92 -19.53
C ASP B 20 -19.14 5.01 -18.33
N ALA B 21 -20.38 4.66 -17.99
CA ALA B 21 -20.65 3.78 -16.87
C ALA B 21 -20.06 2.41 -17.15
N LYS B 22 -20.29 1.93 -18.36
CA LYS B 22 -19.79 0.63 -18.79
C LYS B 22 -18.28 0.56 -18.71
N GLU B 23 -17.62 1.50 -19.38
CA GLU B 23 -16.17 1.54 -19.40
C GLU B 23 -15.62 1.74 -17.99
N LEU B 24 -16.41 2.37 -17.14
CA LEU B 24 -15.97 2.61 -15.76
C LEU B 24 -16.12 1.35 -14.93
N LYS B 25 -17.12 0.54 -15.25
CA LYS B 25 -17.35 -0.71 -14.53
C LYS B 25 -16.18 -1.66 -14.78
N ARG B 26 -15.74 -1.74 -16.03
CA ARG B 26 -14.64 -2.62 -16.40
C ARG B 26 -13.34 -2.17 -15.76
N ILE B 27 -13.05 -0.87 -15.82
CA ILE B 27 -11.82 -0.34 -15.25
C ILE B 27 -11.86 -0.37 -13.72
N LEU B 28 -12.94 0.13 -13.15
CA LEU B 28 -13.09 0.17 -11.70
C LEU B 28 -12.99 -1.24 -11.11
N THR B 29 -13.40 -2.24 -11.89
CA THR B 29 -13.35 -3.62 -11.43
C THR B 29 -11.99 -4.25 -11.69
N GLN B 30 -11.27 -3.73 -12.70
CA GLN B 30 -9.95 -4.26 -13.04
C GLN B 30 -9.08 -4.35 -11.78
N PRO B 31 -8.75 -5.58 -11.34
CA PRO B 31 -7.94 -5.81 -10.14
C PRO B 31 -6.75 -4.85 -10.04
N HIS B 32 -6.18 -4.47 -11.18
CA HIS B 32 -5.04 -3.55 -11.19
C HIS B 32 -5.37 -2.28 -10.42
N PHE B 33 -6.44 -1.61 -10.84
CA PHE B 33 -6.88 -0.39 -10.18
C PHE B 33 -7.24 -0.71 -8.73
N MET B 34 -7.70 -1.93 -8.50
CA MET B 34 -8.07 -2.38 -7.17
C MET B 34 -6.81 -2.52 -6.31
N ALA B 35 -5.73 -2.93 -6.94
CA ALA B 35 -4.47 -3.09 -6.24
C ALA B 35 -4.01 -1.76 -5.66
N LEU B 36 -3.98 -0.74 -6.52
CA LEU B 36 -3.59 0.59 -6.07
C LEU B 36 -4.59 1.09 -5.04
N LEU B 37 -5.87 0.87 -5.34
CA LEU B 37 -6.94 1.27 -4.42
C LEU B 37 -6.77 0.54 -3.10
N GLN B 38 -6.26 -0.69 -3.16
CA GLN B 38 -6.02 -1.48 -1.96
C GLN B 38 -5.02 -0.76 -1.10
N THR B 39 -4.03 -0.16 -1.75
CA THR B 39 -3.00 0.61 -1.04
C THR B 39 -3.66 1.80 -0.36
N HIS B 40 -4.66 2.36 -1.03
CA HIS B 40 -5.40 3.49 -0.51
C HIS B 40 -6.02 3.16 0.84
N ASP B 41 -6.69 2.02 0.90
CA ASP B 41 -7.35 1.56 2.12
C ASP B 41 -6.34 1.24 3.21
N VAL B 42 -5.26 0.55 2.84
CA VAL B 42 -4.23 0.19 3.80
C VAL B 42 -3.79 1.39 4.63
N VAL B 43 -3.44 2.47 3.94
CA VAL B 43 -3.01 3.69 4.60
C VAL B 43 -4.18 4.42 5.23
N ALA B 44 -5.18 4.74 4.42
CA ALA B 44 -6.37 5.45 4.90
C ALA B 44 -6.98 4.74 6.10
N HIS B 45 -6.80 3.42 6.16
CA HIS B 45 -7.34 2.63 7.25
C HIS B 45 -6.51 2.80 8.51
N GLU B 46 -5.18 2.74 8.36
CA GLU B 46 -4.28 2.87 9.49
C GLU B 46 -4.05 4.34 9.89
N VAL B 47 -4.44 5.27 9.02
CA VAL B 47 -4.25 6.69 9.30
C VAL B 47 -5.55 7.37 9.72
N TYR B 48 -6.69 6.84 9.26
CA TYR B 48 -7.98 7.45 9.58
C TYR B 48 -9.08 6.41 9.63
N SER B 49 -8.96 5.51 10.59
CA SER B 49 -9.95 4.46 10.77
C SER B 49 -9.88 3.90 12.19
N ASP B 50 -8.83 3.14 12.47
CA ASP B 50 -8.64 2.56 13.79
C ASP B 50 -8.68 3.64 14.85
N LEU C 1 1.48 -1.56 -15.92
CA LEU C 1 0.40 -1.79 -14.97
C LEU C 1 -0.94 -1.32 -15.51
N GLY C 2 -0.90 -0.37 -16.45
CA GLY C 2 -2.12 0.15 -17.03
C GLY C 2 -2.94 0.94 -16.02
N LEU C 3 -2.29 1.36 -14.93
CA LEU C 3 -2.97 2.14 -13.89
C LEU C 3 -3.18 3.57 -14.34
N GLU C 4 -2.27 4.07 -15.17
CA GLU C 4 -2.37 5.44 -15.65
C GLU C 4 -3.53 5.58 -16.62
N ARG C 5 -3.68 4.58 -17.47
CA ARG C 5 -4.74 4.58 -18.46
C ARG C 5 -6.08 4.17 -17.84
N ASP C 6 -6.03 3.35 -16.79
CA ASP C 6 -7.24 2.88 -16.13
C ASP C 6 -7.79 3.91 -15.16
N VAL C 7 -6.90 4.62 -14.48
CA VAL C 7 -7.29 5.66 -13.54
C VAL C 7 -7.71 6.90 -14.29
N SER C 8 -6.85 7.30 -15.22
CA SER C 8 -7.12 8.46 -16.05
C SER C 8 -8.39 8.26 -16.84
N ARG C 9 -8.64 7.01 -17.23
CA ARG C 9 -9.85 6.68 -17.98
C ARG C 9 -11.04 6.66 -17.04
N ALA C 10 -10.79 6.33 -15.77
CA ALA C 10 -11.85 6.29 -14.79
C ALA C 10 -12.21 7.70 -14.36
N VAL C 11 -11.20 8.56 -14.35
CA VAL C 11 -11.38 9.96 -13.98
C VAL C 11 -12.28 10.66 -14.98
N GLU C 12 -11.98 10.48 -16.26
CA GLU C 12 -12.79 11.07 -17.33
C GLU C 12 -14.11 10.33 -17.45
N LEU C 13 -14.08 9.04 -17.16
CA LEU C 13 -15.28 8.23 -17.22
C LEU C 13 -16.23 8.66 -16.11
N LEU C 14 -15.65 9.10 -14.99
CA LEU C 14 -16.43 9.56 -13.86
C LEU C 14 -17.08 10.89 -14.19
N GLU C 15 -16.30 11.78 -14.79
CA GLU C 15 -16.80 13.10 -15.19
C GLU C 15 -17.82 12.91 -16.28
N ARG C 16 -17.50 12.04 -17.23
CA ARG C 16 -18.38 11.72 -18.34
C ARG C 16 -19.74 11.27 -17.81
N LEU C 17 -19.71 10.39 -16.81
CA LEU C 17 -20.91 9.86 -16.20
C LEU C 17 -21.74 10.98 -15.57
N GLN C 18 -21.12 11.73 -14.65
CA GLN C 18 -21.82 12.82 -13.98
C GLN C 18 -22.30 13.84 -15.01
N ARG C 19 -21.54 13.99 -16.09
CA ARG C 19 -21.90 14.92 -17.16
C ARG C 19 -23.26 14.56 -17.73
N SER C 20 -23.49 13.25 -17.89
CA SER C 20 -24.76 12.77 -18.42
C SER C 20 -25.89 13.08 -17.44
N GLY C 21 -25.58 13.03 -16.15
CA GLY C 21 -26.58 13.32 -15.14
C GLY C 21 -27.59 12.21 -14.98
N GLU C 22 -27.13 11.04 -14.55
CA GLU C 22 -28.01 9.89 -14.37
C GLU C 22 -27.86 9.27 -12.97
N LEU C 23 -26.64 9.36 -12.42
CA LEU C 23 -26.37 8.81 -11.10
C LEU C 23 -25.92 9.90 -10.14
N PRO C 24 -26.01 9.65 -8.82
CA PRO C 24 -25.60 10.61 -7.80
C PRO C 24 -24.22 11.19 -8.08
N PRO C 25 -24.15 12.44 -8.55
CA PRO C 25 -22.88 13.10 -8.87
C PRO C 25 -21.86 13.01 -7.74
N GLN C 26 -22.33 13.13 -6.50
CA GLN C 26 -21.45 13.08 -5.34
C GLN C 26 -20.63 11.80 -5.30
N LYS C 27 -21.30 10.65 -5.39
CA LYS C 27 -20.61 9.36 -5.35
C LYS C 27 -19.54 9.27 -6.44
N LEU C 28 -19.93 9.55 -7.67
CA LEU C 28 -19.01 9.50 -8.80
C LEU C 28 -17.94 10.58 -8.66
N GLN C 29 -18.31 11.71 -8.07
CA GLN C 29 -17.37 12.80 -7.84
C GLN C 29 -16.39 12.39 -6.77
N ALA C 30 -16.87 11.57 -5.84
CA ALA C 30 -16.03 11.09 -4.75
C ALA C 30 -14.89 10.25 -5.30
N LEU C 31 -15.24 9.35 -6.22
CA LEU C 31 -14.23 8.50 -6.85
C LEU C 31 -13.21 9.36 -7.57
N GLN C 32 -13.70 10.26 -8.40
CA GLN C 32 -12.84 11.17 -9.17
C GLN C 32 -11.82 11.84 -8.24
N ARG C 33 -12.28 12.24 -7.06
CA ARG C 33 -11.42 12.90 -6.10
C ARG C 33 -10.49 11.89 -5.42
N VAL C 34 -10.89 10.62 -5.45
CA VAL C 34 -10.10 9.56 -4.84
C VAL C 34 -8.96 9.14 -5.75
N LEU C 35 -9.12 9.36 -7.05
CA LEU C 35 -8.09 9.01 -8.02
C LEU C 35 -7.25 10.22 -8.39
N GLN C 36 -7.88 11.39 -8.42
CA GLN C 36 -7.19 12.62 -8.76
C GLN C 36 -6.45 13.20 -7.56
N SER C 37 -6.94 12.88 -6.37
CA SER C 37 -6.33 13.37 -5.13
C SER C 37 -4.81 13.14 -5.13
N ARG C 38 -4.08 14.06 -4.52
CA ARG C 38 -2.62 13.96 -4.46
C ARG C 38 -2.20 12.65 -3.79
N PHE C 39 -3.05 12.15 -2.89
CA PHE C 39 -2.76 10.91 -2.18
C PHE C 39 -2.57 9.76 -3.16
N CYS C 40 -3.60 9.49 -3.96
CA CYS C 40 -3.54 8.41 -4.94
C CYS C 40 -2.39 8.63 -5.92
N SER C 41 -1.90 9.87 -6.00
CA SER C 41 -0.81 10.20 -6.88
C SER C 41 0.48 9.60 -6.33
N ALA C 42 0.70 9.79 -5.04
CA ALA C 42 1.86 9.24 -4.38
C ALA C 42 1.85 7.73 -4.48
N ILE C 43 0.70 7.16 -4.15
CA ILE C 43 0.49 5.72 -4.21
C ILE C 43 0.75 5.20 -5.63
N ARG C 44 0.21 5.91 -6.62
CA ARG C 44 0.41 5.53 -8.01
C ARG C 44 1.89 5.53 -8.35
N GLU C 45 2.58 6.57 -7.88
CA GLU C 45 4.00 6.69 -8.09
C GLU C 45 4.72 5.48 -7.52
N VAL C 46 4.13 4.90 -6.47
CA VAL C 46 4.69 3.72 -5.83
C VAL C 46 4.68 2.54 -6.79
N TYR C 47 3.53 2.30 -7.40
CA TYR C 47 3.41 1.18 -8.34
C TYR C 47 4.43 1.29 -9.46
N GLU C 48 4.59 2.49 -10.02
CA GLU C 48 5.55 2.70 -11.09
C GLU C 48 6.97 2.62 -10.54
N GLN C 49 7.17 3.29 -9.40
CA GLN C 49 8.48 3.30 -8.74
C GLN C 49 8.90 1.90 -8.34
N LEU C 50 7.93 1.11 -7.90
CA LEU C 50 8.20 -0.25 -7.47
C LEU C 50 8.61 -1.12 -8.65
N TYR C 51 7.93 -0.94 -9.78
CA TYR C 51 8.26 -1.70 -10.97
C TYR C 51 9.73 -1.49 -11.32
N ASP C 52 10.18 -0.24 -11.27
CA ASP C 52 11.56 0.08 -11.54
C ASP C 52 12.47 -0.60 -10.52
N THR C 53 12.03 -0.57 -9.26
CA THR C 53 12.77 -1.20 -8.17
C THR C 53 13.01 -2.68 -8.52
N LEU C 54 12.08 -3.27 -9.25
CA LEU C 54 12.20 -4.65 -9.69
C LEU C 54 13.27 -4.77 -10.74
N ASP C 55 13.29 -3.79 -11.64
CA ASP C 55 14.28 -3.76 -12.72
C ASP C 55 15.69 -3.58 -12.17
N ILE C 56 15.78 -3.08 -10.94
CA ILE C 56 17.08 -2.86 -10.31
C ILE C 56 17.59 -4.13 -9.63
N THR C 57 16.86 -4.56 -8.62
CA THR C 57 17.20 -5.76 -7.86
C THR C 57 16.71 -7.01 -8.57
N ALA D 1 6.33 -9.73 3.56
CA ALA D 1 7.16 -8.89 4.42
C ALA D 1 6.64 -8.92 5.85
N VAL D 2 5.33 -8.97 6.01
CA VAL D 2 4.72 -9.03 7.34
C VAL D 2 4.92 -10.41 7.95
N GLN D 3 4.66 -11.45 7.16
CA GLN D 3 4.83 -12.82 7.62
C GLN D 3 6.28 -13.08 8.00
N ARG D 4 7.20 -12.56 7.19
CA ARG D 4 8.62 -12.72 7.45
C ARG D 4 8.97 -12.09 8.79
N ALA D 5 8.48 -10.87 8.99
CA ALA D 5 8.70 -10.16 10.24
C ALA D 5 8.11 -10.96 11.40
N LYS D 6 6.91 -11.46 11.18
CA LYS D 6 6.21 -12.27 12.18
C LYS D 6 7.05 -13.47 12.56
N GLU D 7 7.44 -14.25 11.55
CA GLU D 7 8.26 -15.44 11.76
C GLU D 7 9.49 -15.10 12.59
N VAL D 8 10.09 -13.94 12.31
CA VAL D 8 11.27 -13.50 13.04
C VAL D 8 10.93 -13.31 14.52
N LEU D 9 9.78 -12.70 14.78
CA LEU D 9 9.34 -12.47 16.16
C LEU D 9 9.36 -13.78 16.94
N GLU D 10 8.84 -14.83 16.30
CA GLU D 10 8.80 -16.14 16.93
C GLU D 10 10.20 -16.63 17.26
N GLU D 11 11.12 -16.48 16.32
CA GLU D 11 12.49 -16.91 16.53
C GLU D 11 13.15 -16.08 17.63
N ILE D 12 13.14 -14.77 17.46
CA ILE D 12 13.72 -13.87 18.45
C ILE D 12 12.99 -13.98 19.78
N SER D 13 11.70 -14.32 19.72
CA SER D 13 10.89 -14.47 20.93
C SER D 13 11.38 -15.64 21.77
N CYS D 14 11.79 -16.71 21.09
CA CYS D 14 12.29 -17.90 21.79
C CYS D 14 13.70 -17.68 22.32
N TYR D 15 14.28 -16.51 22.03
CA TYR D 15 15.63 -16.19 22.47
C TYR D 15 15.61 -15.08 23.53
N PRO D 16 15.57 -15.45 24.81
CA PRO D 16 15.56 -14.48 25.91
C PRO D 16 16.96 -14.08 26.34
N GLU D 17 17.91 -14.13 25.41
CA GLU D 17 19.30 -13.78 25.70
C GLU D 17 19.73 -12.53 24.93
N ASN D 18 19.02 -12.21 23.85
CA ASN D 18 19.35 -11.03 23.05
C ASN D 18 18.39 -9.89 23.34
N ASN D 19 18.94 -8.77 23.79
CA ASN D 19 18.13 -7.59 24.09
C ASN D 19 17.67 -6.90 22.82
N ASP D 20 18.42 -7.09 21.74
CA ASP D 20 18.07 -6.49 20.46
C ASP D 20 16.86 -7.21 19.87
N ALA D 21 16.76 -8.50 20.18
CA ALA D 21 15.66 -9.31 19.71
C ALA D 21 14.35 -8.78 20.27
N LYS D 22 14.36 -8.49 21.57
CA LYS D 22 13.19 -7.96 22.25
C LYS D 22 12.74 -6.64 21.63
N GLU D 23 13.67 -5.70 21.58
CA GLU D 23 13.39 -4.40 21.00
C GLU D 23 12.96 -4.55 19.56
N LEU D 24 13.51 -5.57 18.90
CA LEU D 24 13.17 -5.83 17.51
C LEU D 24 11.76 -6.39 17.40
N LYS D 25 11.40 -7.25 18.35
CA LYS D 25 10.08 -7.84 18.38
C LYS D 25 9.02 -6.74 18.45
N ARG D 26 9.37 -5.67 19.15
CA ARG D 26 8.46 -4.54 19.31
C ARG D 26 8.35 -3.73 18.02
N ILE D 27 9.47 -3.52 17.33
CA ILE D 27 9.45 -2.77 16.06
C ILE D 27 8.53 -3.42 15.05
N LEU D 28 8.81 -4.68 14.78
CA LEU D 28 8.04 -5.44 13.81
C LEU D 28 6.57 -5.55 14.21
N THR D 29 6.32 -5.82 15.48
CA THR D 29 4.96 -5.93 15.98
C THR D 29 4.20 -4.61 15.84
N GLN D 30 4.91 -3.50 15.99
CA GLN D 30 4.30 -2.18 15.87
C GLN D 30 3.47 -2.09 14.59
N PRO D 31 2.12 -2.11 14.71
CA PRO D 31 1.22 -2.04 13.57
C PRO D 31 1.69 -1.08 12.47
N HIS D 32 2.33 0.02 12.87
CA HIS D 32 2.81 0.99 11.91
C HIS D 32 3.77 0.34 10.91
N PHE D 33 4.81 -0.29 11.44
CA PHE D 33 5.79 -0.97 10.60
C PHE D 33 5.10 -2.09 9.81
N MET D 34 4.07 -2.68 10.41
CA MET D 34 3.32 -3.74 9.76
C MET D 34 2.56 -3.19 8.56
N ALA D 35 2.00 -2.00 8.73
CA ALA D 35 1.26 -1.33 7.67
C ALA D 35 2.13 -1.18 6.43
N LEU D 36 3.33 -0.62 6.63
CA LEU D 36 4.25 -0.44 5.52
C LEU D 36 4.51 -1.78 4.83
N LEU D 37 4.80 -2.80 5.64
CA LEU D 37 5.03 -4.13 5.10
C LEU D 37 3.80 -4.60 4.34
N GLN D 38 2.63 -4.19 4.82
CA GLN D 38 1.37 -4.54 4.17
C GLN D 38 1.41 -4.10 2.72
N THR D 39 1.88 -2.87 2.51
CA THR D 39 2.01 -2.33 1.16
C THR D 39 3.02 -3.16 0.37
N HIS D 40 4.02 -3.67 1.09
CA HIS D 40 5.06 -4.49 0.50
C HIS D 40 4.47 -5.69 -0.25
N ASP D 41 3.58 -6.41 0.43
CA ASP D 41 2.94 -7.60 -0.15
C ASP D 41 1.94 -7.21 -1.24
N VAL D 42 1.17 -6.15 -0.99
CA VAL D 42 0.16 -5.69 -1.95
C VAL D 42 0.74 -5.55 -3.35
N VAL D 43 1.86 -4.84 -3.44
CA VAL D 43 2.52 -4.60 -4.71
C VAL D 43 3.22 -5.85 -5.23
N ALA D 44 4.10 -6.40 -4.42
CA ALA D 44 4.84 -7.60 -4.82
C ALA D 44 3.88 -8.70 -5.25
N HIS D 45 2.72 -8.75 -4.60
CA HIS D 45 1.70 -9.74 -4.93
C HIS D 45 1.17 -9.51 -6.33
N GLU D 46 0.76 -8.29 -6.60
CA GLU D 46 0.25 -7.92 -7.93
C GLU D 46 1.38 -7.62 -8.90
N VAL D 47 2.62 -7.75 -8.43
CA VAL D 47 3.79 -7.46 -9.27
C VAL D 47 4.22 -8.71 -10.04
N TYR D 48 4.44 -9.81 -9.34
CA TYR D 48 4.84 -11.06 -9.98
C TYR D 48 4.92 -12.20 -8.98
N SER D 49 4.02 -12.20 -8.00
CA SER D 49 3.98 -13.26 -7.00
C SER D 49 3.47 -14.56 -7.61
N ASP D 50 2.55 -14.43 -8.57
CA ASP D 50 1.97 -15.58 -9.25
C ASP D 50 3.01 -16.23 -10.16
N LEU A 1 4.56 9.38 11.10
CA LEU A 1 4.06 8.03 11.31
C LEU A 1 4.97 7.26 12.27
N GLY A 2 6.26 7.35 12.03
CA GLY A 2 7.23 6.65 12.86
C GLY A 2 7.75 5.39 12.19
N LEU A 3 7.54 5.30 10.87
CA LEU A 3 7.99 4.15 10.11
C LEU A 3 9.49 4.21 9.91
N GLU A 4 10.02 5.42 9.77
CA GLU A 4 11.44 5.60 9.58
C GLU A 4 12.17 5.26 10.87
N ARG A 5 11.53 5.55 11.99
CA ARG A 5 12.09 5.28 13.30
C ARG A 5 11.95 3.80 13.66
N ASP A 6 10.86 3.18 13.23
CA ASP A 6 10.60 1.78 13.51
C ASP A 6 11.35 0.85 12.56
N VAL A 7 11.44 1.25 11.30
CA VAL A 7 12.14 0.47 10.30
C VAL A 7 13.64 0.59 10.51
N SER A 8 14.09 1.83 10.58
CA SER A 8 15.50 2.12 10.79
C SER A 8 15.95 1.50 12.10
N ARG A 9 15.03 1.41 13.06
CA ARG A 9 15.34 0.81 14.35
C ARG A 9 15.34 -0.70 14.22
N ALA A 10 14.55 -1.22 13.29
CA ALA A 10 14.48 -2.65 13.07
C ALA A 10 15.69 -3.11 12.28
N VAL A 11 16.15 -2.24 11.39
CA VAL A 11 17.31 -2.52 10.56
C VAL A 11 18.56 -2.61 11.43
N GLU A 12 18.72 -1.62 12.31
CA GLU A 12 19.87 -1.60 13.22
C GLU A 12 19.67 -2.64 14.31
N LEU A 13 18.42 -2.95 14.62
CA LEU A 13 18.13 -3.96 15.62
C LEU A 13 18.50 -5.33 15.09
N LEU A 14 18.32 -5.51 13.79
CA LEU A 14 18.66 -6.77 13.14
C LEU A 14 20.17 -6.90 13.04
N GLU A 15 20.83 -5.78 12.81
CA GLU A 15 22.28 -5.75 12.73
C GLU A 15 22.83 -5.94 14.13
N ARG A 16 22.18 -5.28 15.09
CA ARG A 16 22.55 -5.38 16.49
C ARG A 16 22.63 -6.85 16.90
N LEU A 17 21.53 -7.56 16.66
CA LEU A 17 21.46 -8.99 16.97
C LEU A 17 22.52 -9.75 16.19
N GLN A 18 22.74 -9.30 14.96
CA GLN A 18 23.74 -9.91 14.09
C GLN A 18 25.12 -9.77 14.71
N ARG A 19 25.38 -8.60 15.31
CA ARG A 19 26.64 -8.33 15.94
C ARG A 19 26.86 -9.32 17.09
N SER A 20 25.79 -9.60 17.83
CA SER A 20 25.86 -10.54 18.94
C SER A 20 26.08 -11.96 18.42
N GLY A 21 25.36 -12.31 17.37
CA GLY A 21 25.50 -13.63 16.78
C GLY A 21 25.01 -14.72 17.71
N GLU A 22 23.76 -14.62 18.14
CA GLU A 22 23.17 -15.60 19.04
C GLU A 22 22.00 -16.34 18.37
N LEU A 23 21.44 -15.73 17.33
CA LEU A 23 20.31 -16.34 16.62
C LEU A 23 20.58 -16.41 15.12
N PRO A 24 19.78 -17.20 14.38
CA PRO A 24 19.93 -17.36 12.94
C PRO A 24 20.01 -16.02 12.21
N PRO A 25 21.22 -15.60 11.79
CA PRO A 25 21.42 -14.33 11.09
C PRO A 25 20.80 -14.32 9.70
N GLN A 26 20.63 -15.50 9.11
CA GLN A 26 20.04 -15.61 7.78
C GLN A 26 18.67 -14.97 7.72
N LYS A 27 17.79 -15.36 8.63
CA LYS A 27 16.43 -14.81 8.67
C LYS A 27 16.47 -13.32 8.98
N LEU A 28 17.30 -12.96 9.95
CA LEU A 28 17.44 -11.55 10.35
C LEU A 28 18.04 -10.75 9.20
N GLN A 29 18.88 -11.40 8.40
CA GLN A 29 19.49 -10.76 7.25
C GLN A 29 18.44 -10.51 6.19
N ALA A 30 17.46 -11.41 6.13
CA ALA A 30 16.39 -11.31 5.17
C ALA A 30 15.56 -10.06 5.44
N LEU A 31 15.23 -9.85 6.70
CA LEU A 31 14.47 -8.68 7.11
C LEU A 31 15.21 -7.42 6.73
N GLN A 32 16.48 -7.34 7.14
CA GLN A 32 17.31 -6.18 6.85
C GLN A 32 17.25 -5.84 5.37
N ARG A 33 17.21 -6.86 4.51
CA ARG A 33 17.14 -6.65 3.08
C ARG A 33 15.72 -6.31 2.63
N VAL A 34 14.74 -6.67 3.45
CA VAL A 34 13.34 -6.41 3.14
C VAL A 34 12.98 -4.96 3.45
N LEU A 35 13.58 -4.42 4.50
CA LEU A 35 13.32 -3.03 4.88
C LEU A 35 14.28 -2.09 4.16
N GLN A 36 15.53 -2.53 4.01
CA GLN A 36 16.54 -1.73 3.34
C GLN A 36 16.36 -1.73 1.83
N SER A 37 15.75 -2.81 1.32
CA SER A 37 15.52 -2.94 -0.12
C SER A 37 14.92 -1.66 -0.70
N ARG A 38 15.24 -1.40 -1.97
CA ARG A 38 14.74 -0.20 -2.64
C ARG A 38 13.22 -0.21 -2.71
N PHE A 39 12.63 -1.40 -2.79
CA PHE A 39 11.18 -1.53 -2.86
C PHE A 39 10.52 -0.92 -1.64
N CYS A 40 10.88 -1.42 -0.46
CA CYS A 40 10.33 -0.91 0.79
C CYS A 40 10.65 0.58 0.94
N SER A 41 11.64 1.05 0.19
CA SER A 41 12.04 2.44 0.24
C SER A 41 10.94 3.28 -0.38
N ALA A 42 10.49 2.84 -1.55
CA ALA A 42 9.42 3.52 -2.25
C ALA A 42 8.15 3.46 -1.42
N ILE A 43 7.84 2.26 -0.96
CA ILE A 43 6.66 2.03 -0.13
C ILE A 43 6.74 2.86 1.15
N ARG A 44 7.93 2.94 1.73
CA ARG A 44 8.14 3.73 2.94
C ARG A 44 7.88 5.19 2.67
N GLU A 45 8.44 5.70 1.57
CA GLU A 45 8.24 7.09 1.19
C GLU A 45 6.75 7.38 1.06
N VAL A 46 5.99 6.36 0.68
CA VAL A 46 4.55 6.50 0.52
C VAL A 46 3.89 6.81 1.85
N TYR A 47 4.21 6.02 2.87
CA TYR A 47 3.62 6.23 4.18
C TYR A 47 3.90 7.66 4.67
N GLU A 48 5.12 8.14 4.46
CA GLU A 48 5.48 9.49 4.86
C GLU A 48 4.72 10.50 4.03
N GLN A 49 4.80 10.35 2.71
CA GLN A 49 4.11 11.24 1.78
C GLN A 49 2.61 11.22 2.02
N LEU A 50 2.12 10.03 2.34
CA LEU A 50 0.70 9.83 2.58
C LEU A 50 0.21 10.71 3.72
N TYR A 51 0.95 10.70 4.83
CA TYR A 51 0.58 11.52 5.98
C TYR A 51 0.49 12.97 5.57
N ASP A 52 1.51 13.44 4.83
CA ASP A 52 1.51 14.81 4.35
C ASP A 52 0.28 15.07 3.50
N THR A 53 0.01 14.13 2.59
CA THR A 53 -1.15 14.21 1.71
C THR A 53 -2.42 14.46 2.53
N LEU A 54 -2.51 13.80 3.68
CA LEU A 54 -3.65 13.96 4.58
C LEU A 54 -3.78 15.42 4.97
N ASP A 55 -2.66 16.00 5.38
CA ASP A 55 -2.63 17.40 5.79
C ASP A 55 -2.98 18.33 4.64
N ILE A 56 -2.83 17.85 3.40
CA ILE A 56 -3.13 18.66 2.23
C ILE A 56 -4.60 18.54 1.86
N THR A 57 -5.04 17.30 1.70
CA THR A 57 -6.42 17.01 1.32
C THR A 57 -7.38 17.31 2.47
N ALA B 1 -12.08 3.10 -0.30
CA ALA B 1 -11.92 3.46 -1.70
C ALA B 1 -12.39 2.32 -2.61
N VAL B 2 -12.19 1.09 -2.16
CA VAL B 2 -12.60 -0.07 -2.93
C VAL B 2 -14.12 -0.24 -2.91
N GLN B 3 -14.69 -0.28 -1.69
CA GLN B 3 -16.14 -0.42 -1.56
C GLN B 3 -16.85 0.70 -2.29
N ARG B 4 -16.41 1.92 -2.09
CA ARG B 4 -17.00 3.07 -2.74
C ARG B 4 -16.90 2.92 -4.25
N ALA B 5 -15.76 2.42 -4.70
CA ALA B 5 -15.54 2.19 -6.11
C ALA B 5 -16.55 1.16 -6.62
N LYS B 6 -16.69 0.08 -5.86
CA LYS B 6 -17.64 -0.98 -6.19
C LYS B 6 -19.06 -0.44 -6.10
N GLU B 7 -19.26 0.47 -5.15
CA GLU B 7 -20.57 1.08 -4.95
C GLU B 7 -20.98 1.83 -6.21
N VAL B 8 -20.05 2.58 -6.77
CA VAL B 8 -20.30 3.33 -7.98
C VAL B 8 -20.64 2.39 -9.14
N LEU B 9 -19.92 1.28 -9.23
CA LEU B 9 -20.18 0.30 -10.29
C LEU B 9 -21.65 -0.08 -10.27
N GLU B 10 -22.17 -0.31 -9.06
CA GLU B 10 -23.57 -0.67 -8.91
C GLU B 10 -24.48 0.41 -9.48
N GLU B 11 -24.24 1.65 -9.08
CA GLU B 11 -25.04 2.77 -9.57
C GLU B 11 -24.91 2.92 -11.08
N ILE B 12 -23.68 3.05 -11.55
CA ILE B 12 -23.42 3.19 -12.96
C ILE B 12 -23.86 1.94 -13.73
N SER B 13 -23.85 0.80 -13.04
CA SER B 13 -24.26 -0.46 -13.65
C SER B 13 -25.73 -0.40 -14.02
N CYS B 14 -26.52 0.23 -13.14
CA CYS B 14 -27.95 0.36 -13.38
C CYS B 14 -28.25 1.30 -14.55
N TYR B 15 -27.21 1.99 -15.04
CA TYR B 15 -27.36 2.92 -16.14
C TYR B 15 -26.76 2.35 -17.43
N PRO B 16 -27.59 1.77 -18.31
CA PRO B 16 -27.14 1.21 -19.57
C PRO B 16 -27.11 2.23 -20.71
N GLU B 17 -26.99 3.51 -20.35
CA GLU B 17 -26.95 4.58 -21.33
C GLU B 17 -25.65 5.37 -21.26
N ASN B 18 -25.17 5.60 -20.04
CA ASN B 18 -23.93 6.34 -19.83
C ASN B 18 -22.73 5.56 -20.35
N ASN B 19 -22.23 5.95 -21.52
CA ASN B 19 -21.09 5.30 -22.12
C ASN B 19 -19.87 5.36 -21.20
N ASP B 20 -19.82 6.42 -20.38
CA ASP B 20 -18.71 6.58 -19.44
C ASP B 20 -18.88 5.61 -18.29
N ALA B 21 -20.12 5.36 -17.92
CA ALA B 21 -20.42 4.43 -16.84
C ALA B 21 -19.93 3.04 -17.20
N LYS B 22 -20.15 2.66 -18.44
CA LYS B 22 -19.73 1.35 -18.93
C LYS B 22 -18.23 1.20 -18.86
N GLU B 23 -17.53 2.12 -19.51
CA GLU B 23 -16.07 2.09 -19.52
C GLU B 23 -15.51 2.24 -18.12
N LEU B 24 -16.27 2.90 -17.24
CA LEU B 24 -15.83 3.10 -15.87
C LEU B 24 -16.04 1.83 -15.05
N LYS B 25 -17.14 1.13 -15.30
CA LYS B 25 -17.42 -0.11 -14.59
C LYS B 25 -16.34 -1.13 -14.88
N ARG B 26 -15.87 -1.14 -16.13
CA ARG B 26 -14.83 -2.07 -16.55
C ARG B 26 -13.51 -1.77 -15.86
N ILE B 27 -13.03 -0.55 -16.02
CA ILE B 27 -11.77 -0.13 -15.40
C ILE B 27 -11.84 -0.20 -13.89
N LEU B 28 -12.93 0.30 -13.31
CA LEU B 28 -13.10 0.29 -11.86
C LEU B 28 -13.06 -1.13 -11.32
N THR B 29 -13.56 -2.08 -12.10
CA THR B 29 -13.58 -3.48 -11.68
C THR B 29 -12.21 -4.12 -11.87
N GLN B 30 -11.43 -3.60 -12.81
CA GLN B 30 -10.09 -4.14 -13.08
C GLN B 30 -9.31 -4.32 -11.78
N PRO B 31 -9.04 -5.58 -11.38
CA PRO B 31 -8.30 -5.88 -10.16
C PRO B 31 -7.09 -4.97 -9.93
N HIS B 32 -6.43 -4.59 -11.01
CA HIS B 32 -5.25 -3.72 -10.91
C HIS B 32 -5.60 -2.43 -10.17
N PHE B 33 -6.61 -1.72 -10.67
CA PHE B 33 -7.05 -0.49 -10.04
C PHE B 33 -7.50 -0.77 -8.61
N MET B 34 -7.98 -1.99 -8.38
CA MET B 34 -8.44 -2.40 -7.06
C MET B 34 -7.25 -2.51 -6.12
N ALA B 35 -6.15 -3.08 -6.63
CA ALA B 35 -4.94 -3.24 -5.84
C ALA B 35 -4.49 -1.88 -5.31
N LEU B 36 -4.38 -0.91 -6.21
CA LEU B 36 -3.98 0.44 -5.80
C LEU B 36 -4.94 0.96 -4.75
N LEU B 37 -6.23 0.77 -5.00
CA LEU B 37 -7.27 1.19 -4.07
C LEU B 37 -7.05 0.54 -2.71
N GLN B 38 -6.65 -0.74 -2.72
CA GLN B 38 -6.39 -1.47 -1.49
C GLN B 38 -5.35 -0.71 -0.67
N THR B 39 -4.34 -0.20 -1.35
CA THR B 39 -3.29 0.59 -0.71
C THR B 39 -3.90 1.85 -0.12
N HIS B 40 -4.94 2.34 -0.79
CA HIS B 40 -5.64 3.54 -0.36
C HIS B 40 -6.28 3.32 1.02
N ASP B 41 -6.97 2.19 1.16
CA ASP B 41 -7.64 1.85 2.40
C ASP B 41 -6.66 1.34 3.46
N VAL B 42 -5.69 0.54 3.04
CA VAL B 42 -4.72 -0.02 3.97
C VAL B 42 -4.04 1.08 4.79
N VAL B 43 -3.57 2.11 4.10
CA VAL B 43 -2.91 3.23 4.77
C VAL B 43 -3.93 4.10 5.49
N ALA B 44 -4.95 4.56 4.75
CA ALA B 44 -5.99 5.40 5.32
C ALA B 44 -6.58 4.75 6.58
N HIS B 45 -6.67 3.42 6.56
CA HIS B 45 -7.19 2.69 7.70
C HIS B 45 -6.23 2.77 8.88
N GLU B 46 -4.95 2.57 8.58
CA GLU B 46 -3.91 2.64 9.61
C GLU B 46 -3.50 4.08 9.89
N VAL B 47 -4.12 5.04 9.20
CA VAL B 47 -3.80 6.44 9.40
C VAL B 47 -4.74 7.08 10.43
N TYR B 48 -6.03 6.95 10.22
CA TYR B 48 -7.00 7.51 11.13
C TYR B 48 -8.42 7.03 10.81
N SER B 49 -8.61 5.72 10.89
CA SER B 49 -9.91 5.13 10.62
C SER B 49 -10.46 4.49 11.90
N ASP B 50 -9.57 3.83 12.63
CA ASP B 50 -9.93 3.19 13.89
C ASP B 50 -9.59 4.11 15.05
N LEU C 1 1.80 -1.53 -15.83
CA LEU C 1 0.66 -1.97 -15.02
C LEU C 1 -0.65 -1.46 -15.61
N GLY C 2 -0.60 -0.28 -16.22
CA GLY C 2 -1.80 0.29 -16.80
C GLY C 2 -2.66 1.01 -15.78
N LEU C 3 -2.05 1.38 -14.66
CA LEU C 3 -2.76 2.06 -13.60
C LEU C 3 -3.03 3.51 -13.98
N GLU C 4 -2.05 4.13 -14.63
CA GLU C 4 -2.18 5.49 -15.06
C GLU C 4 -3.22 5.59 -16.16
N ARG C 5 -3.30 4.54 -16.97
CA ARG C 5 -4.25 4.48 -18.06
C ARG C 5 -5.65 4.14 -17.56
N ASP C 6 -5.72 3.30 -16.53
CA ASP C 6 -6.99 2.88 -15.97
C ASP C 6 -7.57 3.91 -15.01
N VAL C 7 -6.70 4.57 -14.25
CA VAL C 7 -7.14 5.58 -13.30
C VAL C 7 -7.48 6.85 -14.05
N SER C 8 -6.54 7.29 -14.88
CA SER C 8 -6.74 8.49 -15.69
C SER C 8 -7.97 8.31 -16.57
N ARG C 9 -8.22 7.07 -16.98
CA ARG C 9 -9.38 6.78 -17.81
C ARG C 9 -10.65 6.80 -16.96
N ALA C 10 -10.50 6.44 -15.69
CA ALA C 10 -11.64 6.45 -14.78
C ALA C 10 -11.94 7.87 -14.34
N VAL C 11 -10.89 8.69 -14.26
CA VAL C 11 -11.03 10.08 -13.88
C VAL C 11 -11.83 10.84 -14.93
N GLU C 12 -11.46 10.65 -16.20
CA GLU C 12 -12.16 11.30 -17.30
C GLU C 12 -13.53 10.65 -17.48
N LEU C 13 -13.59 9.35 -17.23
CA LEU C 13 -14.84 8.63 -17.33
C LEU C 13 -15.76 9.06 -16.21
N LEU C 14 -15.16 9.40 -15.07
CA LEU C 14 -15.90 9.85 -13.91
C LEU C 14 -16.39 11.28 -14.14
N GLU C 15 -15.53 12.08 -14.78
CA GLU C 15 -15.89 13.45 -15.11
C GLU C 15 -16.97 13.44 -16.16
N ARG C 16 -16.77 12.59 -17.16
CA ARG C 16 -17.73 12.43 -18.24
C ARG C 16 -19.13 12.18 -17.69
N LEU C 17 -19.21 11.26 -16.73
CA LEU C 17 -20.48 10.91 -16.10
C LEU C 17 -21.09 12.13 -15.43
N GLN C 18 -20.29 12.85 -14.65
CA GLN C 18 -20.76 14.05 -13.96
C GLN C 18 -21.35 15.03 -14.96
N ARG C 19 -20.71 15.13 -16.12
CA ARG C 19 -21.18 16.02 -17.17
C ARG C 19 -22.58 15.63 -17.62
N SER C 20 -22.81 14.32 -17.70
CA SER C 20 -24.10 13.80 -18.11
C SER C 20 -25.16 14.08 -17.05
N GLY C 21 -24.77 13.94 -15.79
CA GLY C 21 -25.68 14.19 -14.69
C GLY C 21 -26.93 13.33 -14.76
N GLU C 22 -26.73 12.01 -14.79
CA GLU C 22 -27.84 11.08 -14.87
C GLU C 22 -28.01 10.30 -13.56
N LEU C 23 -26.90 10.01 -12.90
CA LEU C 23 -26.94 9.26 -11.65
C LEU C 23 -26.39 10.09 -10.49
N PRO C 24 -26.53 9.58 -9.26
CA PRO C 24 -26.03 10.27 -8.06
C PRO C 24 -24.59 10.75 -8.22
N PRO C 25 -24.40 12.06 -8.44
CA PRO C 25 -23.07 12.64 -8.62
C PRO C 25 -22.22 12.60 -7.35
N GLN C 26 -22.88 12.55 -6.19
CA GLN C 26 -22.18 12.50 -4.91
C GLN C 26 -21.21 11.32 -4.83
N LYS C 27 -21.72 10.13 -5.11
CA LYS C 27 -20.90 8.92 -5.07
C LYS C 27 -19.76 9.02 -6.07
N LEU C 28 -20.11 9.36 -7.30
CA LEU C 28 -19.12 9.50 -8.36
C LEU C 28 -18.13 10.61 -8.04
N GLN C 29 -18.60 11.63 -7.34
CA GLN C 29 -17.75 12.73 -6.92
C GLN C 29 -16.72 12.21 -5.93
N ALA C 30 -17.13 11.21 -5.16
CA ALA C 30 -16.26 10.62 -4.16
C ALA C 30 -15.12 9.90 -4.84
N LEU C 31 -15.45 9.09 -5.84
CA LEU C 31 -14.43 8.36 -6.59
C LEU C 31 -13.49 9.35 -7.27
N GLN C 32 -14.08 10.33 -7.95
CA GLN C 32 -13.30 11.35 -8.64
C GLN C 32 -12.22 11.92 -7.70
N ARG C 33 -12.60 12.16 -6.45
CA ARG C 33 -11.66 12.69 -5.48
C ARG C 33 -10.72 11.60 -4.96
N VAL C 34 -11.17 10.35 -5.06
CA VAL C 34 -10.36 9.22 -4.61
C VAL C 34 -9.25 8.89 -5.60
N LEU C 35 -9.45 9.25 -6.86
CA LEU C 35 -8.46 9.01 -7.89
C LEU C 35 -7.61 10.25 -8.16
N GLN C 36 -8.27 11.39 -8.25
CA GLN C 36 -7.57 12.65 -8.51
C GLN C 36 -6.75 13.08 -7.31
N SER C 37 -7.19 12.70 -6.11
CA SER C 37 -6.49 13.06 -4.88
C SER C 37 -5.00 12.77 -5.00
N ARG C 38 -4.17 13.68 -4.50
CA ARG C 38 -2.72 13.52 -4.55
C ARG C 38 -2.30 12.21 -3.90
N PHE C 39 -3.10 11.76 -2.92
CA PHE C 39 -2.80 10.52 -2.21
C PHE C 39 -2.68 9.35 -3.18
N CYS C 40 -3.76 9.08 -3.91
CA CYS C 40 -3.77 7.98 -4.87
C CYS C 40 -2.69 8.19 -5.94
N SER C 41 -2.22 9.42 -6.08
CA SER C 41 -1.18 9.74 -7.05
C SER C 41 0.13 9.16 -6.56
N ALA C 42 0.41 9.39 -5.28
CA ALA C 42 1.62 8.87 -4.67
C ALA C 42 1.60 7.35 -4.70
N ILE C 43 0.48 6.79 -4.28
CA ILE C 43 0.29 5.35 -4.27
C ILE C 43 0.45 4.78 -5.68
N ARG C 44 -0.13 5.47 -6.66
CA ARG C 44 -0.02 5.05 -8.05
C ARG C 44 1.44 5.02 -8.47
N GLU C 45 2.17 6.05 -8.08
CA GLU C 45 3.59 6.15 -8.39
C GLU C 45 4.30 4.93 -7.85
N VAL C 46 3.79 4.39 -6.74
CA VAL C 46 4.38 3.21 -6.13
C VAL C 46 4.26 2.01 -7.05
N TYR C 47 3.06 1.78 -7.57
CA TYR C 47 2.85 0.65 -8.45
C TYR C 47 3.80 0.68 -9.64
N GLU C 48 3.95 1.85 -10.26
CA GLU C 48 4.85 1.99 -11.39
C GLU C 48 6.30 1.89 -10.92
N GLN C 49 6.61 2.60 -9.85
CA GLN C 49 7.94 2.60 -9.27
C GLN C 49 8.33 1.20 -8.83
N LEU C 50 7.35 0.45 -8.35
CA LEU C 50 7.57 -0.90 -7.87
C LEU C 50 7.96 -1.83 -9.01
N TYR C 51 7.22 -1.74 -10.11
CA TYR C 51 7.54 -2.57 -11.28
C TYR C 51 9.00 -2.39 -11.66
N ASP C 52 9.42 -1.13 -11.72
CA ASP C 52 10.81 -0.81 -12.03
C ASP C 52 11.72 -1.50 -11.01
N THR C 53 11.36 -1.37 -9.75
CA THR C 53 12.11 -1.98 -8.65
C THR C 53 12.32 -3.47 -8.91
N LEU C 54 11.26 -4.13 -9.38
CA LEU C 54 11.34 -5.56 -9.70
C LEU C 54 12.49 -5.79 -10.66
N ASP C 55 12.61 -4.90 -11.64
CA ASP C 55 13.65 -4.99 -12.65
C ASP C 55 15.01 -4.53 -12.09
N ILE C 56 15.00 -3.82 -10.97
CA ILE C 56 16.24 -3.34 -10.37
C ILE C 56 16.77 -4.32 -9.34
N THR C 57 15.99 -4.54 -8.31
CA THR C 57 16.34 -5.45 -7.23
C THR C 57 16.54 -6.87 -7.75
N ALA D 1 6.82 -10.45 3.06
CA ALA D 1 7.56 -9.52 3.92
C ALA D 1 7.07 -9.62 5.36
N VAL D 2 5.75 -9.70 5.53
CA VAL D 2 5.16 -9.80 6.87
C VAL D 2 5.52 -11.14 7.51
N GLN D 3 5.27 -12.24 6.78
CA GLN D 3 5.57 -13.57 7.29
C GLN D 3 7.04 -13.67 7.70
N ARG D 4 7.92 -13.16 6.86
CA ARG D 4 9.35 -13.19 7.16
C ARG D 4 9.63 -12.43 8.44
N ALA D 5 8.94 -11.32 8.62
CA ALA D 5 9.09 -10.50 9.82
C ALA D 5 8.57 -11.27 11.03
N LYS D 6 7.41 -11.88 10.88
CA LYS D 6 6.81 -12.66 11.96
C LYS D 6 7.73 -13.81 12.34
N GLU D 7 8.28 -14.48 11.35
CA GLU D 7 9.18 -15.59 11.58
C GLU D 7 10.36 -15.16 12.45
N VAL D 8 10.91 -13.99 12.14
CA VAL D 8 12.03 -13.45 12.90
C VAL D 8 11.63 -13.23 14.36
N LEU D 9 10.41 -12.72 14.57
CA LEU D 9 9.92 -12.49 15.93
C LEU D 9 10.00 -13.77 16.74
N GLU D 10 9.60 -14.87 16.11
CA GLU D 10 9.63 -16.16 16.78
C GLU D 10 11.05 -16.54 17.17
N GLU D 11 11.99 -16.35 16.24
CA GLU D 11 13.38 -16.67 16.51
C GLU D 11 13.94 -15.78 17.61
N ILE D 12 13.84 -14.47 17.42
CA ILE D 12 14.33 -13.52 18.39
C ILE D 12 13.56 -13.63 19.70
N SER D 13 12.29 -14.06 19.61
CA SER D 13 11.46 -14.23 20.79
C SER D 13 12.01 -15.35 21.67
N CYS D 14 12.53 -16.38 21.02
CA CYS D 14 13.10 -17.52 21.74
C CYS D 14 14.27 -17.08 22.62
N TYR D 15 14.81 -15.90 22.34
CA TYR D 15 15.93 -15.36 23.11
C TYR D 15 15.49 -14.27 24.07
N PRO D 16 15.36 -14.60 25.37
CA PRO D 16 14.97 -13.63 26.38
C PRO D 16 16.17 -12.91 26.98
N GLU D 17 17.26 -12.84 26.22
CA GLU D 17 18.49 -12.19 26.68
C GLU D 17 18.88 -11.04 25.76
N ASN D 18 18.63 -11.19 24.46
CA ASN D 18 18.98 -10.16 23.50
C ASN D 18 18.04 -8.96 23.61
N ASN D 19 18.57 -7.85 24.09
CA ASN D 19 17.80 -6.63 24.24
C ASN D 19 17.36 -6.10 22.89
N ASP D 20 18.13 -6.44 21.85
CA ASP D 20 17.81 -6.01 20.50
C ASP D 20 16.63 -6.82 19.98
N ALA D 21 16.56 -8.07 20.40
CA ALA D 21 15.47 -8.95 20.01
C ALA D 21 14.15 -8.41 20.52
N LYS D 22 14.18 -7.92 21.76
CA LYS D 22 12.99 -7.35 22.39
C LYS D 22 12.49 -6.14 21.62
N GLU D 23 13.36 -5.16 21.45
CA GLU D 23 13.01 -3.95 20.73
C GLU D 23 12.63 -4.26 19.30
N LEU D 24 13.15 -5.36 18.77
CA LEU D 24 12.84 -5.76 17.40
C LEU D 24 11.47 -6.42 17.34
N LYS D 25 11.17 -7.25 18.33
CA LYS D 25 9.87 -7.93 18.38
C LYS D 25 8.76 -6.90 18.50
N ARG D 26 9.02 -5.86 19.28
CA ARG D 26 8.05 -4.79 19.49
C ARG D 26 7.77 -4.04 18.20
N ILE D 27 8.82 -3.49 17.61
CA ILE D 27 8.70 -2.72 16.37
C ILE D 27 8.17 -3.59 15.23
N LEU D 28 8.76 -4.77 15.07
CA LEU D 28 8.36 -5.67 14.01
C LEU D 28 6.88 -6.05 14.13
N THR D 29 6.39 -6.10 15.36
CA THR D 29 4.99 -6.45 15.60
C THR D 29 4.08 -5.23 15.47
N GLN D 30 4.64 -4.04 15.68
CA GLN D 30 3.87 -2.80 15.57
C GLN D 30 3.09 -2.77 14.25
N PRO D 31 1.75 -2.87 14.31
CA PRO D 31 0.91 -2.87 13.11
C PRO D 31 1.35 -1.84 12.07
N HIS D 32 1.93 -0.73 12.53
CA HIS D 32 2.39 0.31 11.62
C HIS D 32 3.38 -0.26 10.61
N PHE D 33 4.45 -0.86 11.12
CA PHE D 33 5.46 -1.47 10.27
C PHE D 33 4.83 -2.60 9.46
N MET D 34 3.80 -3.22 10.03
CA MET D 34 3.09 -4.29 9.35
C MET D 34 2.29 -3.74 8.18
N ALA D 35 1.74 -2.54 8.38
CA ALA D 35 0.96 -1.89 7.33
C ALA D 35 1.81 -1.69 6.10
N LEU D 36 2.99 -1.10 6.28
CA LEU D 36 3.90 -0.88 5.16
C LEU D 36 4.26 -2.23 4.54
N LEU D 37 4.57 -3.20 5.39
CA LEU D 37 4.92 -4.54 4.95
C LEU D 37 3.76 -5.11 4.13
N GLN D 38 2.53 -4.81 4.57
CA GLN D 38 1.35 -5.27 3.88
C GLN D 38 1.38 -4.76 2.44
N THR D 39 1.83 -3.52 2.29
CA THR D 39 1.95 -2.90 0.98
C THR D 39 2.97 -3.68 0.16
N HIS D 40 3.98 -4.20 0.85
CA HIS D 40 5.03 -4.99 0.22
C HIS D 40 4.43 -6.21 -0.47
N ASP D 41 3.57 -6.91 0.26
CA ASP D 41 2.93 -8.12 -0.26
C ASP D 41 1.82 -7.79 -1.25
N VAL D 42 0.98 -6.80 -0.92
CA VAL D 42 -0.13 -6.43 -1.80
C VAL D 42 0.34 -6.22 -3.24
N VAL D 43 1.41 -5.46 -3.41
CA VAL D 43 1.95 -5.21 -4.75
C VAL D 43 2.65 -6.45 -5.28
N ALA D 44 3.56 -7.00 -4.49
CA ALA D 44 4.29 -8.21 -4.88
C ALA D 44 3.32 -9.30 -5.32
N HIS D 45 2.14 -9.32 -4.71
CA HIS D 45 1.12 -10.30 -5.05
C HIS D 45 0.58 -10.02 -6.45
N GLU D 46 0.18 -8.77 -6.67
CA GLU D 46 -0.34 -8.36 -7.98
C GLU D 46 0.79 -8.19 -8.99
N VAL D 47 2.03 -8.29 -8.52
CA VAL D 47 3.18 -8.15 -9.40
C VAL D 47 3.47 -9.45 -10.14
N TYR D 48 3.62 -10.53 -9.38
CA TYR D 48 3.90 -11.84 -9.97
C TYR D 48 3.80 -12.95 -8.93
N SER D 49 2.64 -13.08 -8.32
CA SER D 49 2.40 -14.11 -7.32
C SER D 49 1.37 -15.11 -7.83
N ASP D 50 0.33 -14.58 -8.47
CA ASP D 50 -0.73 -15.40 -9.02
C ASP D 50 -0.41 -15.74 -10.47
N LEU A 1 4.03 8.49 12.08
CA LEU A 1 3.98 7.08 11.74
C LEU A 1 5.07 6.30 12.46
N GLY A 2 6.21 6.95 12.68
CA GLY A 2 7.31 6.30 13.35
C GLY A 2 7.84 5.12 12.54
N LEU A 3 7.63 5.16 11.23
CA LEU A 3 8.09 4.10 10.35
C LEU A 3 9.60 4.17 10.16
N GLU A 4 10.10 5.39 10.05
CA GLU A 4 11.53 5.59 9.88
C GLU A 4 12.26 5.21 11.16
N ARG A 5 11.61 5.48 12.29
CA ARG A 5 12.18 5.18 13.59
C ARG A 5 12.04 3.69 13.92
N ASP A 6 10.94 3.08 13.48
CA ASP A 6 10.69 1.67 13.74
C ASP A 6 11.43 0.77 12.76
N VAL A 7 11.50 1.20 11.51
CA VAL A 7 12.18 0.43 10.48
C VAL A 7 13.68 0.54 10.68
N SER A 8 14.14 1.78 10.74
CA SER A 8 15.55 2.05 10.95
C SER A 8 16.02 1.41 12.26
N ARG A 9 15.11 1.31 13.22
CA ARG A 9 15.44 0.70 14.49
C ARG A 9 15.43 -0.81 14.35
N ALA A 10 14.61 -1.33 13.44
CA ALA A 10 14.54 -2.76 13.20
C ALA A 10 15.73 -3.21 12.38
N VAL A 11 16.19 -2.34 11.50
CA VAL A 11 17.33 -2.61 10.65
C VAL A 11 18.60 -2.69 11.49
N GLU A 12 18.78 -1.70 12.36
CA GLU A 12 19.95 -1.67 13.24
C GLU A 12 19.81 -2.71 14.33
N LEU A 13 18.57 -3.03 14.68
CA LEU A 13 18.32 -4.03 15.71
C LEU A 13 18.72 -5.40 15.20
N LEU A 14 18.51 -5.62 13.90
CA LEU A 14 18.89 -6.87 13.27
C LEU A 14 20.39 -6.95 13.13
N GLU A 15 21.00 -5.79 12.85
CA GLU A 15 22.44 -5.69 12.72
C GLU A 15 23.07 -5.97 14.07
N ARG A 16 22.53 -5.27 15.06
CA ARG A 16 22.97 -5.41 16.43
C ARG A 16 22.99 -6.87 16.85
N LEU A 17 21.85 -7.54 16.67
CA LEU A 17 21.74 -8.95 17.00
C LEU A 17 22.68 -9.77 16.12
N GLN A 18 22.89 -9.30 14.89
CA GLN A 18 23.77 -9.98 13.96
C GLN A 18 25.17 -10.06 14.54
N ARG A 19 25.63 -8.96 15.13
CA ARG A 19 26.95 -8.91 15.75
C ARG A 19 26.99 -9.88 16.92
N SER A 20 25.90 -9.96 17.66
CA SER A 20 25.81 -10.85 18.81
C SER A 20 25.93 -12.31 18.36
N GLY A 21 25.29 -12.62 17.23
CA GLY A 21 25.34 -13.97 16.70
C GLY A 21 24.63 -14.96 17.59
N GLU A 22 23.35 -14.71 17.87
CA GLU A 22 22.56 -15.60 18.72
C GLU A 22 21.39 -16.18 17.96
N LEU A 23 20.83 -15.41 17.03
CA LEU A 23 19.70 -15.86 16.23
C LEU A 23 20.12 -16.13 14.80
N PRO A 24 19.27 -16.85 14.03
CA PRO A 24 19.56 -17.17 12.63
C PRO A 24 19.92 -15.91 11.82
N PRO A 25 21.20 -15.75 11.49
CA PRO A 25 21.67 -14.59 10.74
C PRO A 25 20.97 -14.43 9.39
N GLN A 26 20.71 -15.54 8.72
CA GLN A 26 20.05 -15.52 7.42
C GLN A 26 18.67 -14.88 7.50
N LYS A 27 17.84 -15.36 8.41
CA LYS A 27 16.49 -14.81 8.57
C LYS A 27 16.53 -13.33 8.87
N LEU A 28 17.32 -12.95 9.86
CA LEU A 28 17.45 -11.55 10.25
C LEU A 28 18.02 -10.73 9.10
N GLN A 29 18.87 -11.36 8.30
CA GLN A 29 19.46 -10.70 7.14
C GLN A 29 18.38 -10.43 6.10
N ALA A 30 17.40 -11.34 6.06
CA ALA A 30 16.30 -11.20 5.13
C ALA A 30 15.47 -9.98 5.45
N LEU A 31 15.19 -9.80 6.73
CA LEU A 31 14.41 -8.64 7.17
C LEU A 31 15.12 -7.36 6.79
N GLN A 32 16.40 -7.26 7.13
CA GLN A 32 17.20 -6.08 6.81
C GLN A 32 17.06 -5.73 5.34
N ARG A 33 17.13 -6.74 4.48
CA ARG A 33 17.01 -6.52 3.05
C ARG A 33 15.58 -6.15 2.67
N VAL A 34 14.62 -6.53 3.52
CA VAL A 34 13.22 -6.23 3.27
C VAL A 34 12.88 -4.79 3.66
N LEU A 35 13.66 -4.23 4.57
CA LEU A 35 13.42 -2.86 5.00
C LEU A 35 14.41 -1.90 4.34
N GLN A 36 15.61 -2.38 4.06
CA GLN A 36 16.63 -1.56 3.43
C GLN A 36 16.45 -1.51 1.91
N SER A 37 15.87 -2.57 1.36
CA SER A 37 15.64 -2.64 -0.08
C SER A 37 15.01 -1.36 -0.61
N ARG A 38 15.39 -0.97 -1.83
CA ARG A 38 14.86 0.24 -2.44
C ARG A 38 13.35 0.18 -2.55
N PHE A 39 12.81 -1.03 -2.69
CA PHE A 39 11.38 -1.22 -2.80
C PHE A 39 10.66 -0.70 -1.56
N CYS A 40 11.02 -1.26 -0.42
CA CYS A 40 10.42 -0.85 0.86
C CYS A 40 10.69 0.63 1.12
N SER A 41 11.68 1.18 0.42
CA SER A 41 12.02 2.59 0.55
C SER A 41 10.91 3.42 -0.05
N ALA A 42 10.49 3.04 -1.25
CA ALA A 42 9.42 3.73 -1.93
C ALA A 42 8.14 3.61 -1.11
N ILE A 43 7.85 2.38 -0.73
CA ILE A 43 6.67 2.08 0.08
C ILE A 43 6.71 2.85 1.39
N ARG A 44 7.89 2.93 1.99
CA ARG A 44 8.07 3.66 3.25
C ARG A 44 7.78 5.14 3.02
N GLU A 45 8.33 5.68 1.94
CA GLU A 45 8.11 7.07 1.60
C GLU A 45 6.62 7.34 1.42
N VAL A 46 5.88 6.30 1.04
CA VAL A 46 4.45 6.42 0.85
C VAL A 46 3.75 6.68 2.17
N TYR A 47 4.06 5.90 3.18
CA TYR A 47 3.43 6.08 4.48
C TYR A 47 3.70 7.48 5.02
N GLU A 48 4.92 7.96 4.85
CA GLU A 48 5.28 9.29 5.32
C GLU A 48 4.60 10.35 4.44
N GLN A 49 4.72 10.17 3.13
CA GLN A 49 4.10 11.09 2.18
C GLN A 49 2.60 11.12 2.34
N LEU A 50 2.03 9.95 2.59
CA LEU A 50 0.59 9.82 2.75
C LEU A 50 0.10 10.65 3.91
N TYR A 51 0.74 10.51 5.06
CA TYR A 51 0.36 11.27 6.24
C TYR A 51 0.31 12.76 5.89
N ASP A 52 1.35 13.22 5.20
CA ASP A 52 1.41 14.61 4.78
C ASP A 52 0.22 14.92 3.88
N THR A 53 -0.03 14.04 2.92
CA THR A 53 -1.14 14.20 1.98
C THR A 53 -2.44 14.42 2.75
N LEU A 54 -2.66 13.61 3.78
CA LEU A 54 -3.85 13.72 4.62
C LEU A 54 -3.95 15.13 5.17
N ASP A 55 -2.81 15.69 5.55
CA ASP A 55 -2.75 17.04 6.10
C ASP A 55 -2.94 18.09 5.02
N ILE A 56 -2.73 17.71 3.76
CA ILE A 56 -2.90 18.64 2.65
C ILE A 56 -4.32 18.65 2.14
N THR A 57 -4.78 17.46 1.75
CA THR A 57 -6.13 17.29 1.23
C THR A 57 -7.18 17.61 2.28
N ALA B 1 -11.89 3.57 -0.25
CA ALA B 1 -11.77 3.92 -1.66
C ALA B 1 -12.37 2.84 -2.54
N VAL B 2 -12.00 1.59 -2.28
CA VAL B 2 -12.52 0.47 -3.06
C VAL B 2 -14.04 0.38 -2.93
N GLN B 3 -14.54 0.52 -1.69
CA GLN B 3 -15.97 0.47 -1.45
C GLN B 3 -16.68 1.59 -2.20
N ARG B 4 -16.09 2.79 -2.14
CA ARG B 4 -16.67 3.93 -2.84
C ARG B 4 -16.74 3.64 -4.33
N ALA B 5 -15.70 2.99 -4.84
CA ALA B 5 -15.64 2.62 -6.23
C ALA B 5 -16.71 1.59 -6.55
N LYS B 6 -16.81 0.58 -5.68
CA LYS B 6 -17.81 -0.47 -5.84
C LYS B 6 -19.21 0.13 -5.84
N GLU B 7 -19.45 1.05 -4.92
CA GLU B 7 -20.75 1.71 -4.81
C GLU B 7 -21.12 2.36 -6.13
N VAL B 8 -20.15 3.06 -6.73
CA VAL B 8 -20.38 3.73 -8.00
C VAL B 8 -20.76 2.72 -9.08
N LEU B 9 -20.08 1.58 -9.09
CA LEU B 9 -20.37 0.54 -10.08
C LEU B 9 -21.85 0.17 -10.01
N GLU B 10 -22.36 0.07 -8.80
CA GLU B 10 -23.77 -0.26 -8.59
C GLU B 10 -24.68 0.78 -9.21
N GLU B 11 -24.41 2.04 -8.94
CA GLU B 11 -25.20 3.13 -9.49
C GLU B 11 -25.10 3.17 -11.00
N ILE B 12 -23.87 3.23 -11.50
CA ILE B 12 -23.65 3.25 -12.94
C ILE B 12 -24.12 1.96 -13.59
N SER B 13 -24.10 0.86 -12.83
CA SER B 13 -24.55 -0.43 -13.34
C SER B 13 -26.04 -0.39 -13.63
N CYS B 14 -26.78 0.32 -12.80
CA CYS B 14 -28.23 0.44 -12.96
C CYS B 14 -28.57 1.29 -14.19
N TYR B 15 -27.55 1.90 -14.79
CA TYR B 15 -27.75 2.75 -15.96
C TYR B 15 -27.24 2.06 -17.23
N PRO B 16 -28.13 1.46 -18.02
CA PRO B 16 -27.77 0.79 -19.26
C PRO B 16 -27.78 1.74 -20.46
N GLU B 17 -27.57 3.02 -20.19
CA GLU B 17 -27.57 4.03 -21.25
C GLU B 17 -26.24 4.80 -21.28
N ASN B 18 -25.67 5.04 -20.11
CA ASN B 18 -24.41 5.77 -20.03
C ASN B 18 -23.25 4.92 -20.51
N ASN B 19 -22.73 5.26 -21.68
CA ASN B 19 -21.60 4.53 -22.26
C ASN B 19 -20.37 4.65 -21.38
N ASP B 20 -20.28 5.76 -20.64
CA ASP B 20 -19.16 5.98 -19.75
C ASP B 20 -19.29 5.06 -18.54
N ALA B 21 -20.52 4.85 -18.12
CA ALA B 21 -20.80 3.99 -16.98
C ALA B 21 -20.33 2.57 -17.27
N LYS B 22 -20.49 2.14 -18.51
CA LYS B 22 -20.09 0.81 -18.94
C LYS B 22 -18.58 0.67 -18.87
N GLU B 23 -17.87 1.53 -19.59
CA GLU B 23 -16.42 1.49 -19.62
C GLU B 23 -15.85 1.80 -18.24
N LEU B 24 -16.62 2.53 -17.44
CA LEU B 24 -16.17 2.88 -16.09
C LEU B 24 -16.35 1.70 -15.14
N LYS B 25 -17.44 0.96 -15.32
CA LYS B 25 -17.71 -0.19 -14.48
C LYS B 25 -16.61 -1.24 -14.69
N ARG B 26 -16.21 -1.41 -15.94
CA ARG B 26 -15.17 -2.37 -16.29
C ARG B 26 -13.84 -2.01 -15.64
N ILE B 27 -13.38 -0.79 -15.92
CA ILE B 27 -12.11 -0.32 -15.37
C ILE B 27 -12.14 -0.28 -13.84
N LEU B 28 -13.20 0.29 -13.28
CA LEU B 28 -13.33 0.38 -11.84
C LEU B 28 -13.31 -1.00 -11.19
N THR B 29 -13.78 -2.00 -11.94
CA THR B 29 -13.81 -3.37 -11.43
C THR B 29 -12.48 -4.08 -11.67
N GLN B 30 -11.68 -3.57 -12.61
CA GLN B 30 -10.38 -4.17 -12.90
C GLN B 30 -9.58 -4.38 -11.62
N PRO B 31 -9.15 -5.62 -11.36
CA PRO B 31 -8.39 -5.95 -10.14
C PRO B 31 -7.18 -5.05 -9.93
N HIS B 32 -6.50 -4.68 -11.02
CA HIS B 32 -5.33 -3.82 -10.94
C HIS B 32 -5.65 -2.53 -10.20
N PHE B 33 -6.66 -1.81 -10.69
CA PHE B 33 -7.09 -0.57 -10.08
C PHE B 33 -7.47 -0.82 -8.62
N MET B 34 -7.93 -2.04 -8.33
CA MET B 34 -8.29 -2.42 -6.98
C MET B 34 -7.06 -2.53 -6.10
N ALA B 35 -5.97 -3.01 -6.69
CA ALA B 35 -4.72 -3.14 -5.96
C ALA B 35 -4.26 -1.79 -5.46
N LEU B 36 -4.21 -0.82 -6.37
CA LEU B 36 -3.81 0.53 -6.00
C LEU B 36 -4.79 1.10 -4.98
N LEU B 37 -6.08 0.92 -5.26
CA LEU B 37 -7.13 1.38 -4.36
C LEU B 37 -6.98 0.69 -3.01
N GLN B 38 -6.50 -0.55 -3.04
CA GLN B 38 -6.29 -1.31 -1.82
C GLN B 38 -5.29 -0.58 -0.94
N THR B 39 -4.24 -0.07 -1.56
CA THR B 39 -3.22 0.69 -0.86
C THR B 39 -3.85 1.96 -0.29
N HIS B 40 -4.84 2.48 -1.02
CA HIS B 40 -5.55 3.68 -0.61
C HIS B 40 -6.25 3.46 0.73
N ASP B 41 -6.92 2.31 0.84
CA ASP B 41 -7.65 1.96 2.05
C ASP B 41 -6.71 1.48 3.16
N VAL B 42 -5.76 0.62 2.80
CA VAL B 42 -4.81 0.09 3.79
C VAL B 42 -4.19 1.21 4.63
N VAL B 43 -3.72 2.25 3.95
CA VAL B 43 -3.11 3.39 4.63
C VAL B 43 -4.19 4.22 5.33
N ALA B 44 -5.19 4.65 4.56
CA ALA B 44 -6.28 5.45 5.09
C ALA B 44 -6.91 4.77 6.31
N HIS B 45 -6.80 3.44 6.36
CA HIS B 45 -7.36 2.68 7.47
C HIS B 45 -6.49 2.81 8.71
N GLU B 46 -5.20 2.56 8.53
CA GLU B 46 -4.24 2.64 9.63
C GLU B 46 -4.04 4.08 10.10
N VAL B 47 -4.55 5.04 9.33
CA VAL B 47 -4.41 6.45 9.69
C VAL B 47 -5.68 7.04 10.27
N TYR B 48 -6.82 6.72 9.66
CA TYR B 48 -8.10 7.23 10.13
C TYR B 48 -9.13 6.12 10.26
N SER B 49 -8.76 5.11 11.02
CA SER B 49 -9.62 3.96 11.28
C SER B 49 -8.92 2.98 12.21
N ASP B 50 -8.21 3.53 13.17
CA ASP B 50 -7.47 2.74 14.16
C ASP B 50 -6.95 3.69 15.22
N LEU C 1 2.46 -0.42 -15.64
CA LEU C 1 1.49 -1.45 -15.30
C LEU C 1 0.18 -1.25 -16.06
N GLY C 2 -0.17 0.01 -16.29
CA GLY C 2 -1.40 0.32 -17.01
C GLY C 2 -2.46 0.93 -16.11
N LEU C 3 -2.06 1.30 -14.89
CA LEU C 3 -2.98 1.89 -13.94
C LEU C 3 -3.29 3.34 -14.31
N GLU C 4 -2.33 3.99 -14.97
CA GLU C 4 -2.51 5.36 -15.39
C GLU C 4 -3.60 5.45 -16.44
N ARG C 5 -3.71 4.39 -17.24
CA ARG C 5 -4.71 4.33 -18.29
C ARG C 5 -6.09 4.00 -17.73
N ASP C 6 -6.13 3.16 -16.70
CA ASP C 6 -7.38 2.76 -16.09
C ASP C 6 -7.90 3.81 -15.10
N VAL C 7 -6.98 4.47 -14.40
CA VAL C 7 -7.35 5.50 -13.44
C VAL C 7 -7.74 6.76 -14.17
N SER C 8 -6.86 7.20 -15.07
CA SER C 8 -7.09 8.39 -15.86
C SER C 8 -8.35 8.21 -16.68
N ARG C 9 -8.62 6.96 -17.10
CA ARG C 9 -9.81 6.68 -17.87
C ARG C 9 -11.04 6.65 -16.97
N ALA C 10 -10.83 6.31 -15.71
CA ALA C 10 -11.91 6.27 -14.75
C ALA C 10 -12.23 7.68 -14.27
N VAL C 11 -11.20 8.51 -14.21
CA VAL C 11 -11.34 9.90 -13.79
C VAL C 11 -12.18 10.66 -14.80
N GLU C 12 -11.85 10.49 -16.08
CA GLU C 12 -12.59 11.16 -17.15
C GLU C 12 -13.94 10.49 -17.32
N LEU C 13 -13.99 9.18 -17.08
CA LEU C 13 -15.23 8.44 -17.19
C LEU C 13 -16.21 8.90 -16.13
N LEU C 14 -15.67 9.32 -14.99
CA LEU C 14 -16.49 9.81 -13.89
C LEU C 14 -17.01 11.20 -14.19
N GLU C 15 -16.14 12.04 -14.75
CA GLU C 15 -16.51 13.40 -15.11
C GLU C 15 -17.50 13.35 -16.26
N ARG C 16 -17.21 12.48 -17.22
CA ARG C 16 -18.07 12.28 -18.38
C ARG C 16 -19.48 11.92 -17.93
N LEU C 17 -19.57 10.98 -16.99
CA LEU C 17 -20.85 10.54 -16.47
C LEU C 17 -21.61 11.69 -15.81
N GLN C 18 -20.98 12.35 -14.85
CA GLN C 18 -21.63 13.48 -14.17
C GLN C 18 -22.01 14.55 -15.18
N ARG C 19 -21.16 14.72 -16.19
CA ARG C 19 -21.42 15.72 -17.23
C ARG C 19 -22.76 15.45 -17.89
N SER C 20 -23.06 14.16 -18.11
CA SER C 20 -24.32 13.77 -18.72
C SER C 20 -25.48 14.08 -17.78
N GLY C 21 -25.24 13.93 -16.48
CA GLY C 21 -26.27 14.20 -15.50
C GLY C 21 -27.40 13.19 -15.53
N GLU C 22 -27.07 11.95 -15.21
CA GLU C 22 -28.05 10.87 -15.21
C GLU C 22 -28.24 10.31 -13.81
N LEU C 23 -27.14 10.21 -13.06
CA LEU C 23 -27.19 9.68 -11.70
C LEU C 23 -26.48 10.62 -10.72
N PRO C 24 -26.67 10.39 -9.41
CA PRO C 24 -26.04 11.21 -8.37
C PRO C 24 -24.56 11.44 -8.62
N PRO C 25 -24.17 12.62 -9.13
CA PRO C 25 -22.78 12.95 -9.42
C PRO C 25 -21.92 13.02 -8.17
N GLN C 26 -22.55 13.07 -7.00
CA GLN C 26 -21.84 13.15 -5.73
C GLN C 26 -20.89 11.96 -5.56
N LYS C 27 -21.43 10.76 -5.69
CA LYS C 27 -20.62 9.55 -5.55
C LYS C 27 -19.57 9.47 -6.65
N LEU C 28 -19.98 9.81 -7.86
CA LEU C 28 -19.08 9.81 -9.01
C LEU C 28 -17.98 10.85 -8.82
N GLN C 29 -18.34 11.96 -8.19
CA GLN C 29 -17.38 13.02 -7.93
C GLN C 29 -16.41 12.57 -6.85
N ALA C 30 -16.91 11.74 -5.94
CA ALA C 30 -16.10 11.21 -4.86
C ALA C 30 -14.95 10.40 -5.42
N LEU C 31 -15.27 9.53 -6.37
CA LEU C 31 -14.25 8.70 -7.01
C LEU C 31 -13.23 9.59 -7.71
N GLN C 32 -13.73 10.51 -8.53
CA GLN C 32 -12.87 11.44 -9.27
C GLN C 32 -11.86 12.09 -8.32
N ARG C 33 -12.30 12.40 -7.11
CA ARG C 33 -11.43 13.03 -6.12
C ARG C 33 -10.52 11.99 -5.46
N VAL C 34 -10.95 10.73 -5.48
CA VAL C 34 -10.18 9.65 -4.88
C VAL C 34 -9.04 9.22 -5.79
N LEU C 35 -9.21 9.42 -7.10
CA LEU C 35 -8.19 9.06 -8.06
C LEU C 35 -7.31 10.25 -8.40
N GLN C 36 -7.93 11.41 -8.53
CA GLN C 36 -7.21 12.65 -8.85
C GLN C 36 -6.43 13.15 -7.64
N SER C 37 -6.93 12.85 -6.45
CA SER C 37 -6.27 13.29 -5.22
C SER C 37 -4.78 12.98 -5.25
N ARG C 38 -3.98 13.90 -4.71
CA ARG C 38 -2.53 13.73 -4.68
C ARG C 38 -2.14 12.42 -3.99
N PHE C 39 -2.98 11.97 -3.07
CA PHE C 39 -2.72 10.74 -2.34
C PHE C 39 -2.58 9.56 -3.29
N CYS C 40 -3.63 9.30 -4.06
CA CYS C 40 -3.63 8.21 -5.03
C CYS C 40 -2.50 8.37 -6.03
N SER C 41 -1.99 9.59 -6.15
CA SER C 41 -0.90 9.88 -7.08
C SER C 41 0.38 9.26 -6.53
N ALA C 42 0.64 9.51 -5.25
CA ALA C 42 1.81 8.95 -4.59
C ALA C 42 1.76 7.44 -4.63
N ILE C 43 0.59 6.91 -4.29
CA ILE C 43 0.37 5.46 -4.29
C ILE C 43 0.59 4.88 -5.68
N ARG C 44 0.04 5.56 -6.70
CA ARG C 44 0.20 5.11 -8.07
C ARG C 44 1.68 5.08 -8.44
N GLU C 45 2.40 6.12 -8.00
CA GLU C 45 3.82 6.20 -8.24
C GLU C 45 4.53 4.99 -7.65
N VAL C 46 3.97 4.48 -6.55
CA VAL C 46 4.53 3.30 -5.90
C VAL C 46 4.48 2.11 -6.82
N TYR C 47 3.32 1.85 -7.40
CA TYR C 47 3.17 0.71 -8.30
C TYR C 47 4.17 0.78 -9.45
N GLU C 48 4.24 1.92 -10.12
CA GLU C 48 5.17 2.08 -11.23
C GLU C 48 6.60 2.04 -10.71
N GLN C 49 6.81 2.67 -9.57
CA GLN C 49 8.14 2.72 -8.95
C GLN C 49 8.61 1.33 -8.57
N LEU C 50 7.72 0.56 -7.94
CA LEU C 50 8.05 -0.79 -7.51
C LEU C 50 8.48 -1.64 -8.70
N TYR C 51 7.72 -1.56 -9.79
CA TYR C 51 8.06 -2.32 -10.98
C TYR C 51 9.51 -2.06 -11.36
N ASP C 52 9.86 -0.78 -11.44
CA ASP C 52 11.23 -0.40 -11.77
C ASP C 52 12.18 -0.97 -10.71
N THR C 53 11.78 -0.82 -9.45
CA THR C 53 12.58 -1.33 -8.33
C THR C 53 12.92 -2.79 -8.55
N LEU C 54 11.94 -3.56 -9.01
CA LEU C 54 12.16 -4.98 -9.29
C LEU C 54 13.28 -5.15 -10.30
N ASP C 55 13.23 -4.33 -11.34
CA ASP C 55 14.24 -4.36 -12.39
C ASP C 55 15.61 -3.95 -11.86
N ILE C 56 15.63 -3.24 -10.74
CA ILE C 56 16.88 -2.80 -10.14
C ILE C 56 17.45 -3.84 -9.19
N THR C 57 16.61 -4.24 -8.24
CA THR C 57 17.00 -5.23 -7.24
C THR C 57 17.17 -6.61 -7.87
N ALA D 1 7.00 -10.64 3.16
CA ALA D 1 7.68 -9.66 4.01
C ALA D 1 7.17 -9.73 5.44
N VAL D 2 5.85 -9.89 5.59
CA VAL D 2 5.24 -9.98 6.90
C VAL D 2 5.58 -11.31 7.55
N GLN D 3 5.45 -12.40 6.80
CA GLN D 3 5.76 -13.72 7.31
C GLN D 3 7.21 -13.81 7.73
N ARG D 4 8.09 -13.23 6.92
CA ARG D 4 9.52 -13.23 7.22
C ARG D 4 9.75 -12.50 8.53
N ALA D 5 9.06 -11.38 8.70
CA ALA D 5 9.16 -10.61 9.92
C ALA D 5 8.64 -11.41 11.10
N LYS D 6 7.49 -12.05 10.89
CA LYS D 6 6.87 -12.88 11.92
C LYS D 6 7.82 -13.99 12.35
N GLU D 7 8.41 -14.65 11.37
CA GLU D 7 9.35 -15.73 11.63
C GLU D 7 10.48 -15.26 12.53
N VAL D 8 10.99 -14.07 12.25
CA VAL D 8 12.07 -13.48 13.03
C VAL D 8 11.61 -13.26 14.47
N LEU D 9 10.36 -12.83 14.65
CA LEU D 9 9.81 -12.61 15.98
C LEU D 9 9.95 -13.88 16.80
N GLU D 10 9.62 -15.00 16.17
CA GLU D 10 9.70 -16.29 16.82
C GLU D 10 11.13 -16.57 17.28
N GLU D 11 12.08 -16.33 16.39
CA GLU D 11 13.48 -16.55 16.72
C GLU D 11 13.91 -15.65 17.87
N ILE D 12 13.73 -14.34 17.68
CA ILE D 12 14.09 -13.36 18.69
C ILE D 12 13.28 -13.59 19.98
N SER D 13 12.07 -14.13 19.81
CA SER D 13 11.20 -14.39 20.95
C SER D 13 11.74 -15.55 21.79
N CYS D 14 12.45 -16.46 21.14
CA CYS D 14 13.04 -17.61 21.82
C CYS D 14 14.46 -17.31 22.30
N TYR D 15 14.72 -16.03 22.60
CA TYR D 15 16.04 -15.61 23.06
C TYR D 15 15.91 -14.56 24.15
N PRO D 16 15.89 -15.00 25.43
CA PRO D 16 15.78 -14.10 26.57
C PRO D 16 17.14 -13.55 27.01
N GLU D 17 18.11 -13.57 26.10
CA GLU D 17 19.45 -13.08 26.40
C GLU D 17 19.79 -11.82 25.59
N ASN D 18 19.17 -11.70 24.41
CA ASN D 18 19.42 -10.55 23.55
C ASN D 18 18.34 -9.49 23.74
N ASN D 19 18.73 -8.36 24.34
CA ASN D 19 17.81 -7.26 24.58
C ASN D 19 17.34 -6.64 23.27
N ASP D 20 18.16 -6.78 22.23
CA ASP D 20 17.82 -6.24 20.92
C ASP D 20 16.70 -7.07 20.31
N ALA D 21 16.67 -8.34 20.67
CA ALA D 21 15.65 -9.25 20.18
C ALA D 21 14.28 -8.88 20.73
N LYS D 22 14.29 -8.29 21.92
CA LYS D 22 13.04 -7.87 22.56
C LYS D 22 12.50 -6.62 21.91
N GLU D 23 13.31 -5.58 21.88
CA GLU D 23 12.90 -4.32 21.28
C GLU D 23 12.63 -4.50 19.79
N LEU D 24 13.23 -5.53 19.19
CA LEU D 24 13.02 -5.78 17.77
C LEU D 24 11.68 -6.45 17.52
N LYS D 25 11.34 -7.41 18.38
CA LYS D 25 10.07 -8.11 18.25
C LYS D 25 8.92 -7.14 18.44
N ARG D 26 9.13 -6.15 19.31
CA ARG D 26 8.11 -5.15 19.59
C ARG D 26 7.87 -4.28 18.36
N ILE D 27 8.93 -3.69 17.83
CA ILE D 27 8.84 -2.85 16.65
C ILE D 27 8.32 -3.63 15.45
N LEU D 28 8.86 -4.83 15.26
CA LEU D 28 8.46 -5.68 14.16
C LEU D 28 6.98 -6.04 14.25
N THR D 29 6.47 -6.10 15.47
CA THR D 29 5.07 -6.44 15.68
C THR D 29 4.17 -5.21 15.54
N GLN D 30 4.75 -4.02 15.73
CA GLN D 30 4.00 -2.78 15.62
C GLN D 30 3.18 -2.76 14.33
N PRO D 31 1.85 -2.93 14.44
CA PRO D 31 0.94 -2.95 13.28
C PRO D 31 1.33 -1.94 12.20
N HIS D 32 1.79 -0.77 12.61
CA HIS D 32 2.20 0.27 11.65
C HIS D 32 3.24 -0.29 10.69
N PHE D 33 4.33 -0.79 11.25
CA PHE D 33 5.40 -1.37 10.44
C PHE D 33 4.85 -2.54 9.63
N MET D 34 3.84 -3.20 10.17
CA MET D 34 3.21 -4.32 9.48
C MET D 34 2.41 -3.81 8.29
N ALA D 35 1.78 -2.65 8.46
CA ALA D 35 1.00 -2.03 7.41
C ALA D 35 1.87 -1.82 6.18
N LEU D 36 3.03 -1.19 6.38
CA LEU D 36 3.95 -0.95 5.28
C LEU D 36 4.34 -2.28 4.66
N LEU D 37 4.65 -3.25 5.51
CA LEU D 37 5.01 -4.60 5.04
C LEU D 37 3.87 -5.17 4.22
N GLN D 38 2.64 -4.89 4.65
CA GLN D 38 1.46 -5.36 3.94
C GLN D 38 1.50 -4.86 2.50
N THR D 39 1.92 -3.61 2.34
CA THR D 39 2.05 -3.01 1.02
C THR D 39 3.11 -3.76 0.23
N HIS D 40 4.11 -4.26 0.95
CA HIS D 40 5.19 -5.02 0.34
C HIS D 40 4.65 -6.25 -0.37
N ASP D 41 3.79 -6.99 0.33
CA ASP D 41 3.20 -8.21 -0.21
C ASP D 41 2.14 -7.91 -1.27
N VAL D 42 1.31 -6.92 -1.02
CA VAL D 42 0.25 -6.55 -1.95
C VAL D 42 0.80 -6.33 -3.37
N VAL D 43 1.86 -5.54 -3.47
CA VAL D 43 2.47 -5.26 -4.75
C VAL D 43 3.20 -6.48 -5.29
N ALA D 44 4.13 -7.02 -4.50
CA ALA D 44 4.89 -8.20 -4.93
C ALA D 44 3.95 -9.31 -5.35
N HIS D 45 2.78 -9.38 -4.70
CA HIS D 45 1.79 -10.38 -5.03
C HIS D 45 1.23 -10.13 -6.42
N GLU D 46 0.95 -8.86 -6.70
CA GLU D 46 0.42 -8.46 -8.00
C GLU D 46 1.55 -8.09 -8.97
N VAL D 47 2.80 -8.21 -8.50
CA VAL D 47 3.95 -7.87 -9.31
C VAL D 47 4.47 -9.08 -10.09
N TYR D 48 4.66 -10.20 -9.40
CA TYR D 48 5.13 -11.43 -10.02
C TYR D 48 5.35 -12.53 -9.00
N SER D 49 4.51 -12.58 -7.97
CA SER D 49 4.62 -13.59 -6.93
C SER D 49 4.25 -14.96 -7.48
N ASP D 50 3.32 -14.98 -8.42
CA ASP D 50 2.89 -16.22 -9.04
C ASP D 50 4.04 -16.89 -9.76
N LEU A 1 4.68 9.27 11.37
CA LEU A 1 4.49 7.84 11.53
C LEU A 1 5.60 7.22 12.37
N GLY A 2 6.81 7.75 12.23
CA GLY A 2 7.93 7.23 12.97
C GLY A 2 8.40 5.90 12.43
N LEU A 3 8.16 5.67 11.15
CA LEU A 3 8.54 4.43 10.50
C LEU A 3 10.05 4.39 10.27
N GLU A 4 10.65 5.57 10.06
CA GLU A 4 12.07 5.65 9.84
C GLU A 4 12.82 5.28 11.10
N ARG A 5 12.22 5.60 12.23
CA ARG A 5 12.81 5.31 13.52
C ARG A 5 12.61 3.83 13.89
N ASP A 6 11.49 3.28 13.47
CA ASP A 6 11.17 1.88 13.77
C ASP A 6 11.87 0.92 12.82
N VAL A 7 11.94 1.30 11.55
CA VAL A 7 12.59 0.47 10.54
C VAL A 7 14.09 0.53 10.73
N SER A 8 14.60 1.75 10.79
CA SER A 8 16.03 1.97 11.00
C SER A 8 16.46 1.33 12.30
N ARG A 9 15.55 1.29 13.27
CA ARG A 9 15.84 0.68 14.56
C ARG A 9 15.79 -0.84 14.44
N ALA A 10 14.94 -1.32 13.52
CA ALA A 10 14.81 -2.75 13.30
C ALA A 10 15.98 -3.25 12.47
N VAL A 11 16.48 -2.37 11.60
CA VAL A 11 17.62 -2.71 10.74
C VAL A 11 18.88 -2.89 11.58
N GLU A 12 19.13 -1.93 12.48
CA GLU A 12 20.30 -2.01 13.35
C GLU A 12 20.09 -3.07 14.41
N LEU A 13 18.84 -3.25 14.83
CA LEU A 13 18.52 -4.26 15.80
C LEU A 13 18.72 -5.65 15.19
N LEU A 14 18.45 -5.73 13.89
CA LEU A 14 18.62 -6.97 13.16
C LEU A 14 20.11 -7.28 13.03
N GLU A 15 20.88 -6.25 12.70
CA GLU A 15 22.33 -6.38 12.57
C GLU A 15 22.90 -6.71 13.93
N ARG A 16 22.39 -6.01 14.93
CA ARG A 16 22.80 -6.22 16.32
C ARG A 16 22.73 -7.70 16.68
N LEU A 17 21.59 -8.31 16.35
CA LEU A 17 21.38 -9.73 16.61
C LEU A 17 22.39 -10.58 15.87
N GLN A 18 22.73 -10.17 14.65
CA GLN A 18 23.71 -10.91 13.85
C GLN A 18 25.01 -11.05 14.63
N ARG A 19 25.45 -9.95 15.24
CA ARG A 19 26.67 -9.94 16.02
C ARG A 19 26.54 -10.89 17.20
N SER A 20 25.35 -10.90 17.81
CA SER A 20 25.08 -11.77 18.95
C SER A 20 25.31 -13.22 18.58
N GLY A 21 24.78 -13.62 17.44
CA GLY A 21 24.92 -15.00 16.98
C GLY A 21 24.23 -15.99 17.89
N GLU A 22 22.99 -15.69 18.27
CA GLU A 22 22.21 -16.55 19.13
C GLU A 22 21.04 -17.18 18.39
N LEU A 23 20.66 -16.58 17.26
CA LEU A 23 19.55 -17.07 16.46
C LEU A 23 19.94 -17.16 14.99
N PRO A 24 19.14 -17.86 14.16
CA PRO A 24 19.41 -18.00 12.73
C PRO A 24 19.50 -16.64 12.04
N PRO A 25 20.72 -16.22 11.68
CA PRO A 25 20.94 -14.93 11.02
C PRO A 25 20.38 -14.84 9.60
N GLN A 26 19.83 -15.94 9.10
CA GLN A 26 19.29 -15.96 7.75
C GLN A 26 18.00 -15.13 7.63
N LYS A 27 17.03 -15.40 8.49
CA LYS A 27 15.77 -14.66 8.45
C LYS A 27 15.97 -13.22 8.88
N LEU A 28 16.95 -13.00 9.75
CA LEU A 28 17.24 -11.65 10.25
C LEU A 28 17.92 -10.82 9.16
N GLN A 29 18.80 -11.46 8.38
CA GLN A 29 19.49 -10.78 7.31
C GLN A 29 18.49 -10.44 6.20
N ALA A 30 17.50 -11.32 6.04
CA ALA A 30 16.49 -11.13 5.03
C ALA A 30 15.63 -9.91 5.37
N LEU A 31 15.32 -9.77 6.65
CA LEU A 31 14.52 -8.64 7.11
C LEU A 31 15.23 -7.34 6.80
N GLN A 32 16.50 -7.25 7.23
CA GLN A 32 17.29 -6.06 6.99
C GLN A 32 17.24 -5.65 5.52
N ARG A 33 17.40 -6.64 4.65
CA ARG A 33 17.36 -6.37 3.21
C ARG A 33 15.95 -6.00 2.76
N VAL A 34 14.95 -6.42 3.52
CA VAL A 34 13.57 -6.12 3.19
C VAL A 34 13.17 -4.72 3.64
N LEU A 35 13.78 -4.23 4.70
CA LEU A 35 13.48 -2.90 5.22
C LEU A 35 14.40 -1.86 4.61
N GLN A 36 15.63 -2.27 4.30
CA GLN A 36 16.61 -1.35 3.71
C GLN A 36 16.53 -1.34 2.19
N SER A 37 15.98 -2.40 1.60
CA SER A 37 15.85 -2.48 0.15
C SER A 37 15.24 -1.20 -0.42
N ARG A 38 15.64 -0.84 -1.63
CA ARG A 38 15.13 0.36 -2.28
C ARG A 38 13.61 0.32 -2.39
N PHE A 39 13.07 -0.88 -2.56
CA PHE A 39 11.63 -1.06 -2.68
C PHE A 39 10.92 -0.49 -1.46
N CYS A 40 11.25 -1.03 -0.30
CA CYS A 40 10.66 -0.58 0.96
C CYS A 40 10.90 0.91 1.17
N SER A 41 11.87 1.46 0.45
CA SER A 41 12.19 2.88 0.55
C SER A 41 11.08 3.68 -0.10
N ALA A 42 10.70 3.27 -1.30
CA ALA A 42 9.63 3.92 -2.02
C ALA A 42 8.34 3.82 -1.22
N ILE A 43 8.04 2.60 -0.79
CA ILE A 43 6.86 2.33 0.00
C ILE A 43 6.85 3.17 1.27
N ARG A 44 8.00 3.25 1.94
CA ARG A 44 8.13 4.03 3.17
C ARG A 44 7.83 5.49 2.86
N GLU A 45 8.35 5.98 1.75
CA GLU A 45 8.12 7.36 1.34
C GLU A 45 6.62 7.59 1.16
N VAL A 46 5.91 6.53 0.77
CA VAL A 46 4.47 6.63 0.58
C VAL A 46 3.76 6.95 1.89
N TYR A 47 4.09 6.20 2.92
CA TYR A 47 3.45 6.42 4.22
C TYR A 47 3.70 7.84 4.72
N GLU A 48 4.93 8.31 4.60
CA GLU A 48 5.27 9.65 5.03
C GLU A 48 4.59 10.67 4.12
N GLN A 49 4.65 10.41 2.82
CA GLN A 49 4.04 11.29 1.83
C GLN A 49 2.54 11.38 2.03
N LEU A 50 1.91 10.22 2.23
CA LEU A 50 0.47 10.15 2.42
C LEU A 50 0.04 11.00 3.60
N TYR A 51 0.74 10.88 4.72
CA TYR A 51 0.43 11.67 5.90
C TYR A 51 0.38 13.15 5.52
N ASP A 52 1.42 13.61 4.83
CA ASP A 52 1.46 14.99 4.39
C ASP A 52 0.29 15.28 3.47
N THR A 53 0.02 14.34 2.56
CA THR A 53 -1.09 14.47 1.62
C THR A 53 -2.39 14.75 2.37
N LEU A 54 -2.58 14.03 3.48
CA LEU A 54 -3.78 14.23 4.31
C LEU A 54 -3.84 15.67 4.78
N ASP A 55 -2.69 16.19 5.20
CA ASP A 55 -2.59 17.56 5.67
C ASP A 55 -2.86 18.56 4.55
N ILE A 56 -2.70 18.12 3.30
CA ILE A 56 -2.92 18.99 2.15
C ILE A 56 -4.38 18.95 1.73
N THR A 57 -4.87 17.75 1.50
CA THR A 57 -6.25 17.53 1.07
C THR A 57 -7.22 17.80 2.20
N ALA B 1 -12.15 3.31 -0.06
CA ALA B 1 -12.01 3.71 -1.46
C ALA B 1 -12.48 2.59 -2.39
N VAL B 2 -12.13 1.35 -2.05
CA VAL B 2 -12.53 0.21 -2.86
C VAL B 2 -14.04 0.02 -2.82
N GLN B 3 -14.63 0.08 -1.62
CA GLN B 3 -16.07 -0.07 -1.48
C GLN B 3 -16.79 1.01 -2.27
N ARG B 4 -16.33 2.26 -2.14
CA ARG B 4 -16.93 3.37 -2.86
C ARG B 4 -16.84 3.13 -4.35
N ALA B 5 -15.72 2.57 -4.78
CA ALA B 5 -15.52 2.26 -6.18
C ALA B 5 -16.54 1.23 -6.62
N LYS B 6 -16.67 0.18 -5.82
CA LYS B 6 -17.64 -0.88 -6.08
C LYS B 6 -19.05 -0.33 -6.00
N GLU B 7 -19.24 0.63 -5.10
CA GLU B 7 -20.52 1.27 -4.91
C GLU B 7 -20.96 1.96 -6.21
N VAL B 8 -20.03 2.67 -6.81
CA VAL B 8 -20.30 3.37 -8.06
C VAL B 8 -20.67 2.38 -9.15
N LEU B 9 -19.95 1.26 -9.22
CA LEU B 9 -20.24 0.23 -10.21
C LEU B 9 -21.70 -0.16 -10.13
N GLU B 10 -22.20 -0.30 -8.91
CA GLU B 10 -23.60 -0.66 -8.70
C GLU B 10 -24.53 0.38 -9.30
N GLU B 11 -24.29 1.64 -8.97
CA GLU B 11 -25.12 2.73 -9.48
C GLU B 11 -25.03 2.80 -11.00
N ILE B 12 -23.81 2.91 -11.51
CA ILE B 12 -23.60 2.98 -12.94
C ILE B 12 -24.07 1.70 -13.62
N SER B 13 -24.01 0.58 -12.89
CA SER B 13 -24.45 -0.70 -13.42
C SER B 13 -25.93 -0.65 -13.75
N CYS B 14 -26.69 0.04 -12.90
CA CYS B 14 -28.13 0.17 -13.10
C CYS B 14 -28.44 0.91 -14.40
N TYR B 15 -27.43 1.58 -14.96
CA TYR B 15 -27.61 2.33 -16.20
C TYR B 15 -26.99 1.59 -17.40
N PRO B 16 -27.83 0.94 -18.23
CA PRO B 16 -27.37 0.23 -19.40
C PRO B 16 -27.31 1.11 -20.64
N GLU B 17 -27.16 2.42 -20.42
CA GLU B 17 -27.11 3.37 -21.52
C GLU B 17 -25.86 4.23 -21.48
N ASN B 18 -25.48 4.67 -20.28
CA ASN B 18 -24.31 5.52 -20.10
C ASN B 18 -23.04 4.80 -20.56
N ASN B 19 -22.57 5.16 -21.76
CA ASN B 19 -21.36 4.55 -22.30
C ASN B 19 -20.18 4.74 -21.35
N ASP B 20 -20.22 5.82 -20.58
CA ASP B 20 -19.17 6.10 -19.61
C ASP B 20 -19.29 5.17 -18.43
N ALA B 21 -20.53 4.83 -18.08
CA ALA B 21 -20.80 3.93 -16.98
C ALA B 21 -20.23 2.56 -17.29
N LYS B 22 -20.30 2.17 -18.55
CA LYS B 22 -19.79 0.87 -18.99
C LYS B 22 -18.28 0.82 -18.86
N GLU B 23 -17.62 1.76 -19.52
CA GLU B 23 -16.17 1.83 -19.48
C GLU B 23 -15.67 2.06 -18.07
N LEU B 24 -16.50 2.70 -17.25
CA LEU B 24 -16.12 2.97 -15.87
C LEU B 24 -16.27 1.73 -15.00
N LYS B 25 -17.30 0.95 -15.29
CA LYS B 25 -17.55 -0.29 -14.54
C LYS B 25 -16.42 -1.28 -14.80
N ARG B 26 -15.97 -1.33 -16.05
CA ARG B 26 -14.89 -2.23 -16.45
C ARG B 26 -13.58 -1.87 -15.76
N ILE B 27 -13.15 -0.63 -15.95
CA ILE B 27 -11.91 -0.16 -15.35
C ILE B 27 -11.95 -0.24 -13.83
N LEU B 28 -13.03 0.26 -13.24
CA LEU B 28 -13.17 0.25 -11.79
C LEU B 28 -13.11 -1.17 -11.25
N THR B 29 -13.59 -2.13 -12.04
CA THR B 29 -13.59 -3.52 -11.63
C THR B 29 -12.22 -4.17 -11.85
N GLN B 30 -11.45 -3.64 -12.81
CA GLN B 30 -10.13 -4.18 -13.10
C GLN B 30 -9.30 -4.29 -11.82
N PRO B 31 -8.91 -5.52 -11.42
CA PRO B 31 -8.13 -5.76 -10.20
C PRO B 31 -6.94 -4.81 -10.07
N HIS B 32 -6.36 -4.39 -11.20
CA HIS B 32 -5.21 -3.49 -11.17
C HIS B 32 -5.55 -2.23 -10.37
N PHE B 33 -6.61 -1.54 -10.80
CA PHE B 33 -7.05 -0.34 -10.12
C PHE B 33 -7.44 -0.66 -8.68
N MET B 34 -7.89 -1.89 -8.46
CA MET B 34 -8.28 -2.35 -7.13
C MET B 34 -7.05 -2.49 -6.25
N ALA B 35 -5.95 -2.96 -6.84
CA ALA B 35 -4.71 -3.12 -6.10
C ALA B 35 -4.23 -1.78 -5.56
N LEU B 36 -4.16 -0.79 -6.43
CA LEU B 36 -3.74 0.54 -6.02
C LEU B 36 -4.75 1.09 -5.02
N LEU B 37 -6.03 0.91 -5.33
CA LEU B 37 -7.10 1.36 -4.45
C LEU B 37 -6.97 0.68 -3.09
N GLN B 38 -6.51 -0.58 -3.12
CA GLN B 38 -6.31 -1.34 -1.89
C GLN B 38 -5.31 -0.61 -1.02
N THR B 39 -4.24 -0.13 -1.63
CA THR B 39 -3.22 0.61 -0.92
C THR B 39 -3.83 1.90 -0.38
N HIS B 40 -4.84 2.39 -1.09
CA HIS B 40 -5.53 3.61 -0.70
C HIS B 40 -6.24 3.42 0.63
N ASP B 41 -6.88 2.28 0.80
CA ASP B 41 -7.61 1.96 2.01
C ASP B 41 -6.67 1.52 3.13
N VAL B 42 -5.71 0.67 2.79
CA VAL B 42 -4.74 0.18 3.78
C VAL B 42 -4.12 1.33 4.56
N VAL B 43 -3.62 2.33 3.83
CA VAL B 43 -3.01 3.48 4.47
C VAL B 43 -4.06 4.42 5.07
N ALA B 44 -5.00 4.86 4.24
CA ALA B 44 -6.06 5.76 4.70
C ALA B 44 -6.76 5.20 5.93
N HIS B 45 -6.82 3.88 6.03
CA HIS B 45 -7.46 3.24 7.17
C HIS B 45 -6.58 3.32 8.40
N GLU B 46 -5.33 2.88 8.26
CA GLU B 46 -4.38 2.89 9.36
C GLU B 46 -4.07 4.32 9.82
N VAL B 47 -4.49 5.31 9.03
CA VAL B 47 -4.22 6.71 9.38
C VAL B 47 -5.45 7.40 9.94
N TYR B 48 -6.65 6.97 9.53
CA TYR B 48 -7.87 7.58 10.00
C TYR B 48 -8.95 6.56 10.29
N SER B 49 -8.63 5.66 11.20
CA SER B 49 -9.56 4.62 11.61
C SER B 49 -9.57 4.50 13.13
N ASP B 50 -8.45 4.05 13.68
CA ASP B 50 -8.31 3.90 15.12
C ASP B 50 -8.03 5.26 15.75
N LEU C 1 1.81 -0.96 -16.13
CA LEU C 1 0.69 -1.54 -15.38
C LEU C 1 -0.64 -1.10 -15.98
N GLY C 2 -0.66 0.12 -16.52
CA GLY C 2 -1.88 0.64 -17.12
C GLY C 2 -2.79 1.28 -16.08
N LEU C 3 -2.22 1.66 -14.95
CA LEU C 3 -2.97 2.31 -13.88
C LEU C 3 -3.31 3.74 -14.26
N GLU C 4 -2.37 4.40 -14.91
CA GLU C 4 -2.58 5.77 -15.33
C GLU C 4 -3.66 5.85 -16.38
N ARG C 5 -3.74 4.80 -17.20
CA ARG C 5 -4.73 4.74 -18.26
C ARG C 5 -6.10 4.35 -17.70
N ASP C 6 -6.10 3.51 -16.66
CA ASP C 6 -7.33 3.05 -16.05
C ASP C 6 -7.91 4.08 -15.07
N VAL C 7 -7.03 4.76 -14.35
CA VAL C 7 -7.46 5.77 -13.40
C VAL C 7 -7.88 7.02 -14.13
N SER C 8 -7.00 7.48 -15.01
CA SER C 8 -7.27 8.66 -15.81
C SER C 8 -8.53 8.45 -16.63
N ARG C 9 -8.77 7.20 -17.02
CA ARG C 9 -9.96 6.87 -17.80
C ARG C 9 -11.18 6.82 -16.89
N ALA C 10 -10.96 6.48 -15.62
CA ALA C 10 -12.04 6.43 -14.66
C ALA C 10 -12.40 7.83 -14.19
N VAL C 11 -11.38 8.69 -14.16
CA VAL C 11 -11.57 10.08 -13.77
C VAL C 11 -12.42 10.81 -14.78
N GLU C 12 -12.07 10.66 -16.06
CA GLU C 12 -12.83 11.28 -17.14
C GLU C 12 -14.15 10.57 -17.33
N LEU C 13 -14.18 9.28 -17.02
CA LEU C 13 -15.39 8.51 -17.13
C LEU C 13 -16.38 8.94 -16.06
N LEU C 14 -15.84 9.33 -14.91
CA LEU C 14 -16.66 9.80 -13.80
C LEU C 14 -17.19 11.19 -14.12
N GLU C 15 -16.37 11.98 -14.81
CA GLU C 15 -16.76 13.31 -15.21
C GLU C 15 -17.78 13.20 -16.33
N ARG C 16 -17.49 12.30 -17.27
CA ARG C 16 -18.38 12.04 -18.38
C ARG C 16 -19.78 11.72 -17.87
N LEU C 17 -19.86 10.78 -16.93
CA LEU C 17 -21.13 10.39 -16.35
C LEU C 17 -21.74 11.57 -15.60
N GLN C 18 -20.88 12.38 -14.99
CA GLN C 18 -21.33 13.56 -14.26
C GLN C 18 -21.98 14.56 -15.21
N ARG C 19 -21.36 14.72 -16.38
CA ARG C 19 -21.87 15.65 -17.37
C ARG C 19 -23.27 15.23 -17.81
N SER C 20 -23.48 13.93 -17.94
CA SER C 20 -24.77 13.38 -18.34
C SER C 20 -25.80 13.63 -17.25
N GLY C 21 -25.38 13.53 -15.99
CA GLY C 21 -26.27 13.74 -14.88
C GLY C 21 -27.44 12.77 -14.87
N GLU C 22 -27.13 11.48 -14.83
CA GLU C 22 -28.17 10.45 -14.83
C GLU C 22 -28.33 9.84 -13.44
N LEU C 23 -27.21 9.63 -12.76
CA LEU C 23 -27.23 9.04 -11.42
C LEU C 23 -26.61 9.99 -10.40
N PRO C 24 -26.76 9.68 -9.10
CA PRO C 24 -26.22 10.50 -8.01
C PRO C 24 -24.73 10.81 -8.21
N PRO C 25 -24.40 12.05 -8.63
CA PRO C 25 -23.02 12.46 -8.86
C PRO C 25 -22.20 12.51 -7.58
N GLN C 26 -22.87 12.41 -6.44
CA GLN C 26 -22.18 12.45 -5.15
C GLN C 26 -21.15 11.33 -5.02
N LYS C 27 -21.58 10.10 -5.27
CA LYS C 27 -20.68 8.95 -5.19
C LYS C 27 -19.62 9.03 -6.29
N LEU C 28 -20.03 9.49 -7.46
CA LEU C 28 -19.12 9.62 -8.59
C LEU C 28 -18.11 10.74 -8.34
N GLN C 29 -18.55 11.75 -7.60
CA GLN C 29 -17.69 12.87 -7.25
C GLN C 29 -16.65 12.41 -6.23
N ALA C 30 -17.06 11.46 -5.39
CA ALA C 30 -16.18 10.92 -4.37
C ALA C 30 -15.01 10.20 -5.03
N LEU C 31 -15.33 9.33 -5.97
CA LEU C 31 -14.31 8.59 -6.69
C LEU C 31 -13.35 9.55 -7.37
N GLN C 32 -13.91 10.50 -8.12
CA GLN C 32 -13.10 11.49 -8.82
C GLN C 32 -12.07 12.11 -7.87
N ARG C 33 -12.48 12.38 -6.65
CA ARG C 33 -11.59 12.96 -5.66
C ARG C 33 -10.67 11.90 -5.06
N VAL C 34 -11.11 10.65 -5.11
CA VAL C 34 -10.31 9.54 -4.57
C VAL C 34 -9.19 9.15 -5.53
N LEU C 35 -9.43 9.33 -6.82
CA LEU C 35 -8.42 8.98 -7.82
C LEU C 35 -7.59 10.21 -8.17
N GLN C 36 -8.23 11.37 -8.25
CA GLN C 36 -7.54 12.61 -8.59
C GLN C 36 -6.70 13.11 -7.41
N SER C 37 -7.14 12.80 -6.19
CA SER C 37 -6.44 13.23 -4.98
C SER C 37 -4.94 12.93 -5.10
N ARG C 38 -4.12 13.86 -4.62
CA ARG C 38 -2.67 13.71 -4.66
C ARG C 38 -2.24 12.41 -3.99
N PHE C 39 -3.02 11.97 -3.01
CA PHE C 39 -2.72 10.75 -2.28
C PHE C 39 -2.56 9.57 -3.23
N CYS C 40 -3.62 9.29 -3.99
CA CYS C 40 -3.60 8.19 -4.95
C CYS C 40 -2.49 8.39 -5.97
N SER C 41 -2.01 9.62 -6.09
CA SER C 41 -0.93 9.93 -7.02
C SER C 41 0.37 9.33 -6.52
N ALA C 42 0.63 9.53 -5.23
CA ALA C 42 1.82 8.99 -4.61
C ALA C 42 1.78 7.47 -4.69
N ILE C 43 0.64 6.91 -4.30
CA ILE C 43 0.42 5.47 -4.33
C ILE C 43 0.61 4.94 -5.75
N ARG C 44 0.09 5.67 -6.73
CA ARG C 44 0.23 5.28 -8.13
C ARG C 44 1.71 5.25 -8.51
N GLU C 45 2.43 6.30 -8.10
CA GLU C 45 3.85 6.39 -8.36
C GLU C 45 4.57 5.17 -7.79
N VAL C 46 4.00 4.61 -6.73
CA VAL C 46 4.58 3.43 -6.10
C VAL C 46 4.52 2.24 -7.03
N TYR C 47 3.34 1.99 -7.59
CA TYR C 47 3.18 0.86 -8.50
C TYR C 47 4.17 0.95 -9.66
N GLU C 48 4.29 2.12 -10.26
CA GLU C 48 5.21 2.30 -11.37
C GLU C 48 6.66 2.27 -10.87
N GLN C 49 6.89 2.96 -9.76
CA GLN C 49 8.22 3.01 -9.17
C GLN C 49 8.67 1.62 -8.73
N LEU C 50 7.73 0.84 -8.24
CA LEU C 50 8.02 -0.51 -7.78
C LEU C 50 8.44 -1.40 -8.92
N TYR C 51 7.71 -1.32 -10.03
CA TYR C 51 8.03 -2.11 -11.21
C TYR C 51 9.50 -1.88 -11.58
N ASP C 52 9.89 -0.62 -11.62
CA ASP C 52 11.26 -0.25 -11.93
C ASP C 52 12.21 -0.87 -10.90
N THR C 53 11.83 -0.76 -9.63
CA THR C 53 12.63 -1.31 -8.54
C THR C 53 12.93 -2.79 -8.79
N LEU C 54 11.97 -3.49 -9.37
CA LEU C 54 12.12 -4.91 -9.67
C LEU C 54 13.18 -5.09 -10.76
N ASP C 55 13.14 -4.21 -11.75
CA ASP C 55 14.08 -4.26 -12.86
C ASP C 55 15.49 -3.86 -12.42
N ILE C 56 15.59 -3.17 -11.28
CA ILE C 56 16.89 -2.74 -10.78
C ILE C 56 17.58 -3.85 -10.01
N THR C 57 16.98 -4.21 -8.88
CA THR C 57 17.52 -5.27 -8.03
C THR C 57 17.24 -6.65 -8.61
N ALA D 1 6.87 -10.29 2.97
CA ALA D 1 7.64 -9.46 3.88
C ALA D 1 7.11 -9.57 5.31
N VAL D 2 5.80 -9.39 5.47
CA VAL D 2 5.18 -9.46 6.78
C VAL D 2 5.43 -10.83 7.42
N GLN D 3 5.27 -11.90 6.64
CA GLN D 3 5.49 -13.25 7.13
C GLN D 3 6.92 -13.41 7.64
N ARG D 4 7.88 -12.95 6.84
CA ARG D 4 9.28 -13.03 7.22
C ARG D 4 9.52 -12.26 8.50
N ALA D 5 8.88 -11.10 8.62
CA ALA D 5 9.00 -10.26 9.80
C ALA D 5 8.45 -11.00 11.01
N LYS D 6 7.21 -11.47 10.88
CA LYS D 6 6.55 -12.20 11.96
C LYS D 6 7.36 -13.42 12.34
N GLU D 7 7.89 -14.11 11.33
CA GLU D 7 8.71 -15.30 11.56
C GLU D 7 9.90 -14.96 12.45
N VAL D 8 10.52 -13.81 12.17
CA VAL D 8 11.67 -13.38 12.94
C VAL D 8 11.28 -13.12 14.39
N LEU D 9 10.12 -12.50 14.60
CA LEU D 9 9.64 -12.23 15.95
C LEU D 9 9.57 -13.52 16.75
N GLU D 10 9.09 -14.57 16.11
CA GLU D 10 8.98 -15.86 16.75
C GLU D 10 10.34 -16.40 17.18
N GLU D 11 11.31 -16.33 16.28
CA GLU D 11 12.64 -16.81 16.59
C GLU D 11 13.29 -15.95 17.66
N ILE D 12 13.30 -14.64 17.44
CA ILE D 12 13.87 -13.71 18.40
C ILE D 12 13.10 -13.70 19.71
N SER D 13 11.80 -14.02 19.64
CA SER D 13 10.96 -14.06 20.83
C SER D 13 11.33 -15.25 21.71
N CYS D 14 11.72 -16.35 21.06
CA CYS D 14 12.11 -17.56 21.79
C CYS D 14 13.37 -17.33 22.62
N TYR D 15 14.08 -16.24 22.36
CA TYR D 15 15.30 -15.92 23.09
C TYR D 15 15.13 -14.68 23.97
N PRO D 16 15.03 -14.86 25.29
CA PRO D 16 14.90 -13.75 26.22
C PRO D 16 16.27 -13.22 26.66
N GLU D 17 17.31 -13.57 25.89
CA GLU D 17 18.67 -13.16 26.19
C GLU D 17 19.12 -12.01 25.29
N ASN D 18 18.64 -12.02 24.05
CA ASN D 18 19.01 -10.98 23.08
C ASN D 18 18.20 -9.71 23.32
N ASN D 19 18.88 -8.67 23.78
CA ASN D 19 18.23 -7.39 24.04
C ASN D 19 17.74 -6.76 22.74
N ASP D 20 18.43 -7.10 21.64
CA ASP D 20 18.05 -6.58 20.33
C ASP D 20 16.76 -7.24 19.88
N ALA D 21 16.63 -8.52 20.22
CA ALA D 21 15.44 -9.28 19.87
C ALA D 21 14.21 -8.63 20.49
N LYS D 22 14.34 -8.25 21.76
CA LYS D 22 13.26 -7.61 22.49
C LYS D 22 12.81 -6.34 21.79
N GLU D 23 13.75 -5.43 21.59
CA GLU D 23 13.45 -4.16 20.94
C GLU D 23 13.03 -4.40 19.50
N LEU D 24 13.51 -5.48 18.91
CA LEU D 24 13.17 -5.79 17.53
C LEU D 24 11.77 -6.36 17.44
N LYS D 25 11.37 -7.13 18.46
CA LYS D 25 10.04 -7.72 18.50
C LYS D 25 9.00 -6.61 18.59
N ARG D 26 9.24 -5.69 19.52
CA ARG D 26 8.32 -4.57 19.74
C ARG D 26 8.15 -3.75 18.47
N ILE D 27 9.26 -3.37 17.86
CA ILE D 27 9.23 -2.57 16.64
C ILE D 27 8.56 -3.32 15.49
N LEU D 28 9.02 -4.54 15.26
CA LEU D 28 8.47 -5.36 14.18
C LEU D 28 7.02 -5.76 14.44
N THR D 29 6.54 -5.55 15.66
CA THR D 29 5.17 -5.93 16.00
C THR D 29 4.17 -4.79 15.81
N GLN D 30 4.57 -3.55 16.11
CA GLN D 30 3.67 -2.41 15.96
C GLN D 30 3.09 -2.38 14.54
N PRO D 31 1.75 -2.43 14.42
CA PRO D 31 1.07 -2.42 13.12
C PRO D 31 1.62 -1.40 12.14
N HIS D 32 2.24 -0.33 12.65
CA HIS D 32 2.80 0.71 11.77
C HIS D 32 3.78 0.11 10.78
N PHE D 33 4.82 -0.55 11.29
CA PHE D 33 5.82 -1.18 10.45
C PHE D 33 5.17 -2.29 9.63
N MET D 34 4.11 -2.88 10.18
CA MET D 34 3.38 -3.94 9.51
C MET D 34 2.61 -3.37 8.32
N ALA D 35 2.09 -2.16 8.48
CA ALA D 35 1.34 -1.50 7.43
C ALA D 35 2.24 -1.31 6.22
N LEU D 36 3.43 -0.75 6.45
CA LEU D 36 4.38 -0.53 5.36
C LEU D 36 4.71 -1.87 4.71
N LEU D 37 5.02 -2.87 5.54
CA LEU D 37 5.33 -4.20 5.05
C LEU D 37 4.12 -4.76 4.30
N GLN D 38 2.93 -4.39 4.76
CA GLN D 38 1.70 -4.83 4.12
C GLN D 38 1.71 -4.42 2.66
N THR D 39 2.12 -3.18 2.42
CA THR D 39 2.22 -2.65 1.07
C THR D 39 3.24 -3.45 0.28
N HIS D 40 4.29 -3.87 0.98
CA HIS D 40 5.36 -4.65 0.37
C HIS D 40 4.81 -5.90 -0.31
N ASP D 41 4.01 -6.66 0.43
CA ASP D 41 3.43 -7.89 -0.10
C ASP D 41 2.36 -7.62 -1.17
N VAL D 42 1.51 -6.62 -0.93
CA VAL D 42 0.46 -6.29 -1.88
C VAL D 42 1.00 -6.15 -3.29
N VAL D 43 2.04 -5.34 -3.43
CA VAL D 43 2.66 -5.11 -4.72
C VAL D 43 3.54 -6.29 -5.15
N ALA D 44 4.49 -6.65 -4.30
CA ALA D 44 5.39 -7.75 -4.60
C ALA D 44 4.62 -9.02 -4.96
N HIS D 45 3.44 -9.18 -4.37
CA HIS D 45 2.62 -10.35 -4.65
C HIS D 45 1.96 -10.24 -6.02
N GLU D 46 1.28 -9.12 -6.26
CA GLU D 46 0.60 -8.91 -7.53
C GLU D 46 1.60 -8.79 -8.68
N VAL D 47 2.88 -8.63 -8.37
CA VAL D 47 3.90 -8.51 -9.40
C VAL D 47 4.71 -9.79 -9.58
N TYR D 48 4.73 -10.63 -8.54
CA TYR D 48 5.48 -11.88 -8.61
C TYR D 48 4.75 -13.00 -7.91
N SER D 49 3.57 -13.31 -8.41
CA SER D 49 2.75 -14.38 -7.87
C SER D 49 2.26 -15.28 -9.00
N ASP D 50 1.62 -14.69 -9.99
CA ASP D 50 1.10 -15.42 -11.13
C ASP D 50 2.13 -15.42 -12.26
N LEU A 1 4.62 9.07 12.38
CA LEU A 1 4.43 7.63 12.30
C LEU A 1 5.59 6.90 12.99
N GLY A 2 6.77 7.50 12.93
CA GLY A 2 7.94 6.89 13.54
C GLY A 2 8.37 5.63 12.82
N LEU A 3 8.11 5.59 11.52
CA LEU A 3 8.47 4.43 10.70
C LEU A 3 9.97 4.40 10.46
N GLU A 4 10.56 5.57 10.29
CA GLU A 4 11.99 5.66 10.04
C GLU A 4 12.75 5.22 11.29
N ARG A 5 12.17 5.49 12.44
CA ARG A 5 12.77 5.13 13.70
C ARG A 5 12.57 3.65 14.01
N ASP A 6 11.42 3.11 13.60
CA ASP A 6 11.10 1.71 13.83
C ASP A 6 11.76 0.79 12.82
N VAL A 7 11.88 1.25 11.58
CA VAL A 7 12.51 0.46 10.53
C VAL A 7 14.01 0.50 10.69
N SER A 8 14.53 1.71 10.83
CA SER A 8 15.96 1.90 11.02
C SER A 8 16.41 1.19 12.27
N ARG A 9 15.52 1.12 13.27
CA ARG A 9 15.86 0.44 14.51
C ARG A 9 15.77 -1.07 14.32
N ALA A 10 14.91 -1.49 13.39
CA ALA A 10 14.76 -2.91 13.09
C ALA A 10 15.91 -3.38 12.22
N VAL A 11 16.40 -2.47 11.37
CA VAL A 11 17.51 -2.77 10.48
C VAL A 11 18.79 -3.01 11.29
N GLU A 12 19.06 -2.11 12.22
CA GLU A 12 20.23 -2.24 13.08
C GLU A 12 20.01 -3.34 14.10
N LEU A 13 18.76 -3.56 14.47
CA LEU A 13 18.43 -4.61 15.41
C LEU A 13 18.63 -5.97 14.77
N LEU A 14 18.42 -6.03 13.46
CA LEU A 14 18.60 -7.26 12.71
C LEU A 14 20.08 -7.53 12.52
N GLU A 15 20.84 -6.44 12.33
CA GLU A 15 22.28 -6.56 12.17
C GLU A 15 22.88 -6.89 13.53
N ARG A 16 22.34 -6.24 14.55
CA ARG A 16 22.77 -6.47 15.93
C ARG A 16 22.74 -7.96 16.24
N LEU A 17 21.58 -8.57 16.01
CA LEU A 17 21.40 -9.99 16.26
C LEU A 17 22.31 -10.80 15.33
N GLN A 18 22.47 -10.31 14.11
CA GLN A 18 23.31 -10.97 13.12
C GLN A 18 24.74 -11.10 13.64
N ARG A 19 25.19 -10.07 14.36
CA ARG A 19 26.53 -10.07 14.94
C ARG A 19 26.61 -11.08 16.08
N SER A 20 25.54 -11.13 16.88
CA SER A 20 25.49 -12.06 18.01
C SER A 20 25.50 -13.50 17.53
N GLY A 21 24.87 -13.75 16.39
CA GLY A 21 24.81 -15.10 15.84
C GLY A 21 24.10 -16.07 16.74
N GLU A 22 22.83 -15.80 17.03
CA GLU A 22 22.03 -16.66 17.89
C GLU A 22 20.78 -17.16 17.17
N LEU A 23 20.24 -16.34 16.28
CA LEU A 23 19.05 -16.70 15.53
C LEU A 23 19.38 -16.90 14.05
N PRO A 24 18.51 -17.62 13.30
CA PRO A 24 18.71 -17.86 11.87
C PRO A 24 19.11 -16.59 11.14
N PRO A 25 20.41 -16.45 10.81
CA PRO A 25 20.92 -15.25 10.11
C PRO A 25 20.17 -14.96 8.82
N GLN A 26 19.89 -16.00 8.05
CA GLN A 26 19.19 -15.83 6.77
C GLN A 26 17.86 -15.11 6.93
N LYS A 27 17.03 -15.60 7.85
CA LYS A 27 15.72 -14.99 8.10
C LYS A 27 15.86 -13.53 8.48
N LEU A 28 16.73 -13.25 9.45
CA LEU A 28 16.96 -11.89 9.91
C LEU A 28 17.59 -11.04 8.81
N GLN A 29 18.42 -11.67 7.98
CA GLN A 29 19.05 -10.97 6.88
C GLN A 29 18.00 -10.61 5.85
N ALA A 30 16.99 -11.48 5.74
CA ALA A 30 15.90 -11.27 4.80
C ALA A 30 15.13 -10.02 5.16
N LEU A 31 14.83 -9.87 6.45
CA LEU A 31 14.10 -8.71 6.92
C LEU A 31 14.87 -7.44 6.60
N GLN A 32 16.15 -7.42 6.99
CA GLN A 32 17.01 -6.27 6.74
C GLN A 32 16.95 -5.85 5.28
N ARG A 33 16.93 -6.82 4.39
CA ARG A 33 16.87 -6.55 2.95
C ARG A 33 15.46 -6.10 2.55
N VAL A 34 14.48 -6.47 3.36
CA VAL A 34 13.09 -6.12 3.09
C VAL A 34 12.77 -4.70 3.55
N LEU A 35 13.52 -4.22 4.53
CA LEU A 35 13.32 -2.87 5.05
C LEU A 35 14.29 -1.89 4.41
N GLN A 36 15.48 -2.40 4.06
CA GLN A 36 16.52 -1.57 3.45
C GLN A 36 16.32 -1.47 1.94
N SER A 37 15.71 -2.50 1.35
CA SER A 37 15.46 -2.53 -0.08
C SER A 37 14.83 -1.22 -0.56
N ARG A 38 15.20 -0.80 -1.77
CA ARG A 38 14.67 0.43 -2.34
C ARG A 38 13.15 0.42 -2.38
N PHE A 39 12.58 -0.78 -2.48
CA PHE A 39 11.13 -0.93 -2.53
C PHE A 39 10.48 -0.37 -1.29
N CYS A 40 10.86 -0.92 -0.13
CA CYS A 40 10.33 -0.46 1.15
C CYS A 40 10.61 1.02 1.37
N SER A 41 11.59 1.54 0.63
CA SER A 41 11.96 2.95 0.74
C SER A 41 10.87 3.80 0.10
N ALA A 42 10.45 3.39 -1.09
CA ALA A 42 9.39 4.09 -1.79
C ALA A 42 8.11 4.04 -0.98
N ILE A 43 7.78 2.82 -0.55
CA ILE A 43 6.59 2.58 0.26
C ILE A 43 6.64 3.41 1.54
N ARG A 44 7.82 3.45 2.16
CA ARG A 44 8.00 4.22 3.39
C ARG A 44 7.73 5.68 3.12
N GLU A 45 8.28 6.19 2.02
CA GLU A 45 8.08 7.57 1.64
C GLU A 45 6.60 7.87 1.48
N VAL A 46 5.84 6.83 1.11
CA VAL A 46 4.40 6.97 0.93
C VAL A 46 3.73 7.29 2.25
N TYR A 47 4.05 6.52 3.28
CA TYR A 47 3.45 6.76 4.59
C TYR A 47 3.72 8.18 5.08
N GLU A 48 4.97 8.62 4.96
CA GLU A 48 5.32 9.98 5.38
C GLU A 48 4.65 11.00 4.45
N GLN A 49 4.73 10.73 3.15
CA GLN A 49 4.13 11.60 2.16
C GLN A 49 2.64 11.73 2.35
N LEU A 50 1.98 10.60 2.61
CA LEU A 50 0.54 10.56 2.81
C LEU A 50 0.14 11.46 3.97
N TYR A 51 0.86 11.34 5.08
CA TYR A 51 0.58 12.17 6.26
C TYR A 51 0.55 13.64 5.85
N ASP A 52 1.60 14.08 5.17
CA ASP A 52 1.67 15.46 4.71
C ASP A 52 0.48 15.77 3.80
N THR A 53 0.22 14.85 2.87
CA THR A 53 -0.89 15.00 1.93
C THR A 53 -2.19 15.28 2.69
N LEU A 54 -2.38 14.60 3.81
CA LEU A 54 -3.56 14.81 4.64
C LEU A 54 -3.60 16.25 5.14
N ASP A 55 -2.44 16.73 5.56
CA ASP A 55 -2.31 18.10 6.04
C ASP A 55 -2.59 19.11 4.93
N ILE A 56 -2.45 18.67 3.69
CA ILE A 56 -2.68 19.55 2.54
C ILE A 56 -4.14 19.53 2.14
N THR A 57 -4.66 18.33 1.95
CA THR A 57 -6.05 18.15 1.54
C THR A 57 -7.00 18.43 2.69
N ALA B 1 -11.93 3.68 0.20
CA ALA B 1 -11.76 4.00 -1.22
C ALA B 1 -12.26 2.87 -2.11
N VAL B 2 -11.96 1.64 -1.72
CA VAL B 2 -12.40 0.47 -2.48
C VAL B 2 -13.92 0.35 -2.44
N GLN B 3 -14.49 0.46 -1.26
CA GLN B 3 -15.94 0.38 -1.10
C GLN B 3 -16.64 1.44 -1.93
N ARG B 4 -16.11 2.66 -1.88
CA ARG B 4 -16.68 3.76 -2.64
C ARG B 4 -16.62 3.43 -4.13
N ALA B 5 -15.53 2.82 -4.54
CA ALA B 5 -15.36 2.42 -5.94
C ALA B 5 -16.37 1.35 -6.29
N LYS B 6 -16.47 0.35 -5.42
CA LYS B 6 -17.41 -0.75 -5.61
C LYS B 6 -18.83 -0.22 -5.72
N GLU B 7 -19.17 0.72 -4.85
CA GLU B 7 -20.50 1.32 -4.84
C GLU B 7 -20.82 1.92 -6.21
N VAL B 8 -19.85 2.66 -6.75
CA VAL B 8 -20.03 3.29 -8.06
C VAL B 8 -20.29 2.23 -9.13
N LEU B 9 -19.56 1.12 -9.05
CA LEU B 9 -19.74 0.03 -10.02
C LEU B 9 -21.18 -0.41 -10.04
N GLU B 10 -21.78 -0.51 -8.85
CA GLU B 10 -23.16 -0.93 -8.72
C GLU B 10 -24.09 0.05 -9.44
N GLU B 11 -23.85 1.34 -9.24
CA GLU B 11 -24.66 2.37 -9.87
C GLU B 11 -24.50 2.30 -11.38
N ILE B 12 -23.27 2.39 -11.85
CA ILE B 12 -22.98 2.34 -13.27
C ILE B 12 -23.39 0.98 -13.86
N SER B 13 -23.35 -0.06 -13.03
CA SER B 13 -23.71 -1.39 -13.46
C SER B 13 -25.20 -1.49 -13.76
N CYS B 14 -25.99 -0.74 -13.00
CA CYS B 14 -27.44 -0.73 -13.20
C CYS B 14 -27.84 0.16 -14.37
N TYR B 15 -26.85 0.73 -15.06
CA TYR B 15 -27.10 1.60 -16.19
C TYR B 15 -26.61 0.98 -17.50
N PRO B 16 -27.51 0.29 -18.23
CA PRO B 16 -27.15 -0.35 -19.49
C PRO B 16 -27.29 0.61 -20.68
N GLU B 17 -27.18 1.91 -20.42
CA GLU B 17 -27.30 2.92 -21.46
C GLU B 17 -26.03 3.75 -21.59
N ASN B 18 -25.36 3.99 -20.47
CA ASN B 18 -24.14 4.79 -20.47
C ASN B 18 -22.93 3.92 -20.80
N ASN B 19 -22.42 4.05 -22.01
CA ASN B 19 -21.27 3.28 -22.46
C ASN B 19 -20.04 3.58 -21.59
N ASP B 20 -20.01 4.77 -21.00
CA ASP B 20 -18.92 5.16 -20.14
C ASP B 20 -18.98 4.38 -18.85
N ALA B 21 -20.21 4.10 -18.43
CA ALA B 21 -20.45 3.34 -17.22
C ALA B 21 -19.99 1.90 -17.39
N LYS B 22 -19.92 1.46 -18.64
CA LYS B 22 -19.49 0.11 -18.96
C LYS B 22 -17.98 -0.02 -18.87
N GLU B 23 -17.29 0.81 -19.64
CA GLU B 23 -15.84 0.80 -19.64
C GLU B 23 -15.30 1.26 -18.30
N LEU B 24 -16.14 1.98 -17.55
CA LEU B 24 -15.72 2.45 -16.23
C LEU B 24 -15.84 1.34 -15.20
N LYS B 25 -16.92 0.57 -15.28
CA LYS B 25 -17.13 -0.54 -14.37
C LYS B 25 -15.99 -1.55 -14.52
N ARG B 26 -15.56 -1.74 -15.76
CA ARG B 26 -14.48 -2.67 -16.06
C ARG B 26 -13.17 -2.20 -15.45
N ILE B 27 -12.77 -0.98 -15.78
CA ILE B 27 -11.53 -0.41 -15.26
C ILE B 27 -11.56 -0.34 -13.74
N LEU B 28 -12.63 0.20 -13.19
CA LEU B 28 -12.77 0.32 -11.74
C LEU B 28 -12.68 -1.04 -11.07
N THR B 29 -13.13 -2.08 -11.76
CA THR B 29 -13.11 -3.44 -11.21
C THR B 29 -11.74 -4.08 -11.37
N GLN B 30 -10.95 -3.60 -12.34
CA GLN B 30 -9.62 -4.15 -12.58
C GLN B 30 -8.83 -4.22 -11.26
N PRO B 31 -8.53 -5.46 -10.78
CA PRO B 31 -7.80 -5.66 -9.53
C PRO B 31 -6.63 -4.69 -9.36
N HIS B 32 -5.95 -4.36 -10.46
CA HIS B 32 -4.81 -3.44 -10.40
C HIS B 32 -5.22 -2.13 -9.75
N PHE B 33 -6.25 -1.50 -10.32
CA PHE B 33 -6.77 -0.25 -9.78
C PHE B 33 -7.23 -0.45 -8.34
N MET B 34 -7.66 -1.68 -8.04
CA MET B 34 -8.11 -2.03 -6.70
C MET B 34 -6.93 -2.07 -5.75
N ALA B 35 -5.81 -2.60 -6.24
CA ALA B 35 -4.60 -2.68 -5.43
C ALA B 35 -4.21 -1.30 -4.94
N LEU B 36 -4.16 -0.34 -5.86
CA LEU B 36 -3.81 1.03 -5.50
C LEU B 36 -4.80 1.55 -4.46
N LEU B 37 -6.09 1.34 -4.73
CA LEU B 37 -7.14 1.76 -3.82
C LEU B 37 -6.94 1.08 -2.47
N GLN B 38 -6.46 -0.16 -2.52
CA GLN B 38 -6.19 -0.92 -1.30
C GLN B 38 -5.19 -0.16 -0.44
N THR B 39 -4.20 0.43 -1.10
CA THR B 39 -3.19 1.22 -0.41
C THR B 39 -3.86 2.43 0.24
N HIS B 40 -4.87 2.95 -0.45
CA HIS B 40 -5.62 4.10 0.03
C HIS B 40 -6.21 3.83 1.41
N ASP B 41 -6.91 2.71 1.53
CA ASP B 41 -7.54 2.33 2.78
C ASP B 41 -6.51 1.99 3.86
N VAL B 42 -5.48 1.22 3.50
CA VAL B 42 -4.45 0.84 4.46
C VAL B 42 -3.92 2.04 5.23
N VAL B 43 -3.50 3.06 4.48
CA VAL B 43 -2.97 4.27 5.09
C VAL B 43 -4.06 5.15 5.66
N ALA B 44 -5.02 5.51 4.81
CA ALA B 44 -6.13 6.36 5.22
C ALA B 44 -6.82 5.83 6.47
N HIS B 45 -6.85 4.51 6.60
CA HIS B 45 -7.49 3.88 7.75
C HIS B 45 -6.60 3.99 8.98
N GLU B 46 -5.33 3.63 8.82
CA GLU B 46 -4.38 3.69 9.93
C GLU B 46 -4.11 5.13 10.36
N VAL B 47 -4.55 6.10 9.56
CA VAL B 47 -4.33 7.51 9.88
C VAL B 47 -5.58 8.19 10.42
N TYR B 48 -6.75 7.81 9.91
CA TYR B 48 -7.99 8.43 10.34
C TYR B 48 -9.07 7.39 10.61
N SER B 49 -8.75 6.46 11.49
CA SER B 49 -9.68 5.41 11.87
C SER B 49 -9.47 5.01 13.32
N ASP B 50 -8.35 4.34 13.58
CA ASP B 50 -8.01 3.90 14.93
C ASP B 50 -7.50 5.07 15.75
N LEU C 1 1.65 -1.07 -15.30
CA LEU C 1 0.51 -1.58 -14.55
C LEU C 1 -0.80 -1.19 -15.21
N GLY C 2 -0.83 0.02 -15.77
CA GLY C 2 -2.03 0.50 -16.42
C GLY C 2 -2.92 1.29 -15.47
N LEU C 3 -2.35 1.71 -14.35
CA LEU C 3 -3.09 2.47 -13.35
C LEU C 3 -3.28 3.90 -13.82
N GLU C 4 -2.31 4.41 -14.57
CA GLU C 4 -2.39 5.77 -15.08
C GLU C 4 -3.48 5.85 -16.12
N ARG C 5 -3.59 4.80 -16.93
CA ARG C 5 -4.59 4.74 -17.97
C ARG C 5 -5.94 4.36 -17.40
N ASP C 6 -5.93 3.59 -16.31
CA ASP C 6 -7.17 3.15 -15.67
C ASP C 6 -7.76 4.22 -14.76
N VAL C 7 -6.89 4.98 -14.10
CA VAL C 7 -7.33 6.05 -13.23
C VAL C 7 -7.73 7.25 -14.06
N SER C 8 -6.85 7.60 -14.99
CA SER C 8 -7.09 8.72 -15.88
C SER C 8 -8.33 8.45 -16.71
N ARG C 9 -8.54 7.17 -17.05
CA ARG C 9 -9.72 6.78 -17.81
C ARG C 9 -10.94 6.75 -16.92
N ALA C 10 -10.72 6.45 -15.63
CA ALA C 10 -11.81 6.41 -14.67
C ALA C 10 -12.23 7.82 -14.29
N VAL C 11 -11.25 8.73 -14.30
CA VAL C 11 -11.49 10.12 -13.98
C VAL C 11 -12.34 10.77 -15.05
N GLU C 12 -11.94 10.60 -16.31
CA GLU C 12 -12.68 11.16 -17.44
C GLU C 12 -13.97 10.39 -17.66
N LEU C 13 -13.97 9.12 -17.27
CA LEU C 13 -15.16 8.30 -17.42
C LEU C 13 -16.23 8.76 -16.44
N LEU C 14 -15.79 9.16 -15.25
CA LEU C 14 -16.70 9.64 -14.22
C LEU C 14 -17.21 11.02 -14.60
N GLU C 15 -16.34 11.79 -15.26
CA GLU C 15 -16.71 13.13 -15.71
C GLU C 15 -17.67 12.98 -16.89
N ARG C 16 -17.34 12.06 -17.77
CA ARG C 16 -18.15 11.77 -18.94
C ARG C 16 -19.59 11.50 -18.52
N LEU C 17 -19.76 10.55 -17.60
CA LEU C 17 -21.07 10.20 -17.10
C LEU C 17 -21.67 11.38 -16.34
N GLN C 18 -20.79 12.14 -15.69
CA GLN C 18 -21.21 13.32 -14.94
C GLN C 18 -21.87 14.32 -15.88
N ARG C 19 -21.26 14.50 -17.04
CA ARG C 19 -21.79 15.41 -18.04
C ARG C 19 -23.17 14.94 -18.50
N SER C 20 -23.31 13.62 -18.61
CA SER C 20 -24.58 13.03 -19.02
C SER C 20 -25.64 13.30 -17.95
N GLY C 21 -25.27 13.11 -16.70
CA GLY C 21 -26.20 13.33 -15.60
C GLY C 21 -27.31 12.30 -15.55
N GLU C 22 -26.92 11.03 -15.49
CA GLU C 22 -27.88 9.95 -15.43
C GLU C 22 -27.82 9.24 -14.07
N LEU C 23 -26.61 9.11 -13.53
CA LEU C 23 -26.41 8.46 -12.25
C LEU C 23 -25.98 9.47 -11.19
N PRO C 24 -26.14 9.13 -9.90
CA PRO C 24 -25.76 10.01 -8.78
C PRO C 24 -24.32 10.50 -8.93
N PRO C 25 -24.15 11.77 -9.35
CA PRO C 25 -22.82 12.36 -9.53
C PRO C 25 -22.02 12.46 -8.24
N GLN C 26 -22.72 12.45 -7.11
CA GLN C 26 -22.08 12.55 -5.81
C GLN C 26 -21.07 11.42 -5.60
N LYS C 27 -21.51 10.19 -5.80
CA LYS C 27 -20.65 9.02 -5.63
C LYS C 27 -19.54 9.03 -6.68
N LEU C 28 -19.91 9.36 -7.91
CA LEU C 28 -18.95 9.41 -9.00
C LEU C 28 -17.95 10.55 -8.77
N GLN C 29 -18.41 11.60 -8.10
CA GLN C 29 -17.55 12.73 -7.80
C GLN C 29 -16.55 12.33 -6.73
N ALA C 30 -16.99 11.43 -5.85
CA ALA C 30 -16.14 10.95 -4.77
C ALA C 30 -14.97 10.17 -5.33
N LEU C 31 -15.24 9.32 -6.29
CA LEU C 31 -14.21 8.53 -6.93
C LEU C 31 -13.21 9.44 -7.63
N GLN C 32 -13.72 10.33 -8.46
CA GLN C 32 -12.89 11.28 -9.18
C GLN C 32 -11.92 11.99 -8.24
N ARG C 33 -12.40 12.30 -7.05
CA ARG C 33 -11.57 12.98 -6.05
C ARG C 33 -10.64 12.00 -5.36
N VAL C 34 -11.00 10.72 -5.36
CA VAL C 34 -10.20 9.69 -4.72
C VAL C 34 -9.06 9.23 -5.62
N LEU C 35 -9.27 9.28 -6.93
CA LEU C 35 -8.24 8.86 -7.88
C LEU C 35 -7.37 10.04 -8.30
N GLN C 36 -7.95 11.23 -8.29
CA GLN C 36 -7.23 12.44 -8.68
C GLN C 36 -6.55 13.10 -7.49
N SER C 37 -7.08 12.84 -6.29
CA SER C 37 -6.51 13.42 -5.06
C SER C 37 -4.99 13.26 -5.04
N ARG C 38 -4.31 14.24 -4.45
CA ARG C 38 -2.85 14.22 -4.35
C ARG C 38 -2.39 12.95 -3.65
N PHE C 39 -3.19 12.47 -2.70
CA PHE C 39 -2.85 11.26 -1.96
C PHE C 39 -2.68 10.08 -2.91
N CYS C 40 -3.73 9.79 -3.66
CA CYS C 40 -3.70 8.69 -4.62
C CYS C 40 -2.59 8.91 -5.64
N SER C 41 -2.13 10.15 -5.76
CA SER C 41 -1.07 10.48 -6.69
C SER C 41 0.23 9.87 -6.20
N ALA C 42 0.50 10.07 -4.92
CA ALA C 42 1.69 9.50 -4.31
C ALA C 42 1.64 7.99 -4.38
N ILE C 43 0.49 7.44 -3.98
CA ILE C 43 0.27 6.01 -4.01
C ILE C 43 0.42 5.47 -5.42
N ARG C 44 -0.14 6.20 -6.39
CA ARG C 44 -0.05 5.80 -7.80
C ARG C 44 1.41 5.74 -8.21
N GLU C 45 2.18 6.74 -7.79
CA GLU C 45 3.60 6.79 -8.11
C GLU C 45 4.30 5.57 -7.53
N VAL C 46 3.76 5.04 -6.44
CA VAL C 46 4.34 3.86 -5.80
C VAL C 46 4.21 2.65 -6.70
N TYR C 47 3.03 2.41 -7.24
CA TYR C 47 2.83 1.26 -8.10
C TYR C 47 3.73 1.34 -9.34
N GLU C 48 3.84 2.53 -9.91
CA GLU C 48 4.69 2.72 -11.08
C GLU C 48 6.16 2.59 -10.68
N GLN C 49 6.51 3.24 -9.58
CA GLN C 49 7.87 3.20 -9.06
C GLN C 49 8.27 1.78 -8.70
N LEU C 50 7.38 1.09 -8.01
CA LEU C 50 7.63 -0.27 -7.57
C LEU C 50 7.96 -1.16 -8.74
N TYR C 51 7.14 -1.10 -9.79
CA TYR C 51 7.40 -1.91 -10.98
C TYR C 51 8.83 -1.68 -11.47
N ASP C 52 9.21 -0.41 -11.56
CA ASP C 52 10.56 -0.06 -11.97
C ASP C 52 11.56 -0.68 -10.98
N THR C 53 11.26 -0.52 -9.69
CA THR C 53 12.09 -1.07 -8.64
C THR C 53 12.35 -2.55 -8.88
N LEU C 54 11.30 -3.26 -9.30
CA LEU C 54 11.41 -4.68 -9.59
C LEU C 54 12.49 -4.91 -10.63
N ASP C 55 12.46 -4.06 -11.66
CA ASP C 55 13.44 -4.14 -12.74
C ASP C 55 14.83 -3.70 -12.29
N ILE C 56 14.91 -2.99 -11.17
CA ILE C 56 16.20 -2.52 -10.66
C ILE C 56 16.82 -3.53 -9.71
N THR C 57 16.07 -3.85 -8.66
CA THR C 57 16.51 -4.79 -7.64
C THR C 57 16.69 -6.19 -8.21
N ALA D 1 6.29 -10.22 3.26
CA ALA D 1 7.15 -9.40 4.11
C ALA D 1 6.70 -9.46 5.57
N VAL D 2 5.39 -9.36 5.78
CA VAL D 2 4.83 -9.42 7.11
C VAL D 2 5.07 -10.79 7.73
N GLN D 3 4.86 -11.84 6.95
CA GLN D 3 5.07 -13.21 7.43
C GLN D 3 6.52 -13.40 7.81
N ARG D 4 7.43 -12.93 6.97
CA ARG D 4 8.85 -13.05 7.24
C ARG D 4 9.19 -12.32 8.53
N ALA D 5 8.52 -11.20 8.75
CA ALA D 5 8.72 -10.42 9.96
C ALA D 5 8.19 -11.18 11.16
N LYS D 6 6.98 -11.73 11.00
CA LYS D 6 6.34 -12.51 12.06
C LYS D 6 7.22 -13.71 12.43
N GLU D 7 7.73 -14.38 11.41
CA GLU D 7 8.58 -15.55 11.62
C GLU D 7 9.79 -15.17 12.49
N VAL D 8 10.39 -14.03 12.17
CA VAL D 8 11.54 -13.55 12.92
C VAL D 8 11.17 -13.31 14.38
N LEU D 9 9.95 -12.83 14.61
CA LEU D 9 9.48 -12.58 15.97
C LEU D 9 9.56 -13.87 16.78
N GLU D 10 9.03 -14.93 16.18
CA GLU D 10 9.03 -16.24 16.84
C GLU D 10 10.44 -16.65 17.22
N GLU D 11 11.39 -16.48 16.31
CA GLU D 11 12.77 -16.84 16.57
C GLU D 11 13.34 -15.95 17.68
N ILE D 12 13.27 -14.64 17.49
CA ILE D 12 13.78 -13.69 18.46
C ILE D 12 13.05 -13.82 19.80
N SER D 13 11.78 -14.25 19.77
CA SER D 13 11.01 -14.42 20.99
C SER D 13 11.53 -15.60 21.79
N CYS D 14 11.98 -16.63 21.09
CA CYS D 14 12.51 -17.82 21.74
C CYS D 14 13.89 -17.56 22.35
N TYR D 15 14.43 -16.37 22.09
CA TYR D 15 15.75 -15.99 22.62
C TYR D 15 15.64 -14.93 23.69
N PRO D 16 15.61 -15.33 24.98
CA PRO D 16 15.53 -14.41 26.09
C PRO D 16 16.90 -13.92 26.54
N GLU D 17 17.86 -13.93 25.62
CA GLU D 17 19.22 -13.50 25.92
C GLU D 17 19.64 -12.30 25.07
N ASN D 18 19.18 -12.27 23.82
CA ASN D 18 19.52 -11.19 22.91
C ASN D 18 18.61 -9.99 23.12
N ASN D 19 19.18 -8.90 23.61
CA ASN D 19 18.42 -7.67 23.85
C ASN D 19 17.95 -7.06 22.54
N ASP D 20 18.69 -7.35 21.46
CA ASP D 20 18.34 -6.84 20.15
C ASP D 20 17.11 -7.57 19.63
N ALA D 21 16.98 -8.83 20.03
CA ALA D 21 15.85 -9.65 19.64
C ALA D 21 14.57 -9.14 20.27
N LYS D 22 14.71 -8.54 21.45
CA LYS D 22 13.58 -8.00 22.18
C LYS D 22 13.07 -6.74 21.51
N GLU D 23 13.96 -5.78 21.34
CA GLU D 23 13.61 -4.51 20.72
C GLU D 23 13.16 -4.73 19.29
N LEU D 24 13.62 -5.81 18.67
CA LEU D 24 13.26 -6.11 17.30
C LEU D 24 11.85 -6.69 17.20
N LYS D 25 11.50 -7.53 18.17
CA LYS D 25 10.18 -8.13 18.18
C LYS D 25 9.12 -7.07 18.48
N ARG D 26 9.49 -6.11 19.32
CA ARG D 26 8.58 -5.03 19.69
C ARG D 26 8.26 -4.17 18.47
N ILE D 27 9.30 -3.69 17.81
CA ILE D 27 9.13 -2.86 16.61
C ILE D 27 8.46 -3.64 15.48
N LEU D 28 8.93 -4.86 15.26
CA LEU D 28 8.37 -5.70 14.20
C LEU D 28 6.88 -5.94 14.42
N THR D 29 6.45 -5.93 15.68
CA THR D 29 5.04 -6.15 16.01
C THR D 29 4.26 -4.85 15.92
N GLN D 30 4.93 -3.72 16.12
CA GLN D 30 4.26 -2.42 16.05
C GLN D 30 3.46 -2.29 14.74
N PRO D 31 2.13 -2.34 14.83
CA PRO D 31 1.25 -2.24 13.66
C PRO D 31 1.73 -1.23 12.62
N HIS D 32 2.38 -0.15 13.07
CA HIS D 32 2.87 0.87 12.15
C HIS D 32 3.77 0.25 11.10
N PHE D 33 4.82 -0.43 11.56
CA PHE D 33 5.76 -1.08 10.65
C PHE D 33 5.03 -2.15 9.84
N MET D 34 4.01 -2.75 10.45
CA MET D 34 3.21 -3.78 9.80
C MET D 34 2.41 -3.16 8.65
N ALA D 35 1.92 -1.94 8.87
CA ALA D 35 1.15 -1.24 7.86
C ALA D 35 1.98 -1.06 6.61
N LEU D 36 3.18 -0.51 6.79
CA LEU D 36 4.09 -0.30 5.67
C LEU D 36 4.43 -1.65 5.03
N LEU D 37 4.76 -2.61 5.88
CA LEU D 37 5.07 -3.96 5.42
C LEU D 37 3.89 -4.53 4.65
N GLN D 38 2.69 -4.17 5.07
CA GLN D 38 1.47 -4.62 4.42
C GLN D 38 1.48 -4.18 2.96
N THR D 39 1.85 -2.91 2.75
CA THR D 39 1.93 -2.37 1.40
C THR D 39 3.02 -3.10 0.62
N HIS D 40 4.01 -3.59 1.34
CA HIS D 40 5.12 -4.33 0.74
C HIS D 40 4.62 -5.60 0.07
N ASP D 41 3.83 -6.37 0.81
CA ASP D 41 3.28 -7.62 0.32
C ASP D 41 2.12 -7.40 -0.64
N VAL D 42 1.25 -6.44 -0.33
CA VAL D 42 0.10 -6.16 -1.18
C VAL D 42 0.54 -5.91 -2.63
N VAL D 43 1.53 -5.05 -2.80
CA VAL D 43 2.04 -4.73 -4.13
C VAL D 43 2.80 -5.93 -4.71
N ALA D 44 3.72 -6.47 -3.92
CA ALA D 44 4.52 -7.61 -4.35
C ALA D 44 3.62 -8.74 -4.84
N HIS D 45 2.50 -8.93 -4.15
CA HIS D 45 1.54 -9.96 -4.52
C HIS D 45 1.00 -9.68 -5.91
N GLU D 46 0.52 -8.46 -6.11
CA GLU D 46 -0.02 -8.06 -7.40
C GLU D 46 1.11 -7.69 -8.38
N VAL D 47 2.35 -7.78 -7.89
CA VAL D 47 3.51 -7.47 -8.71
C VAL D 47 3.89 -8.63 -9.62
N TYR D 48 4.06 -9.81 -9.03
CA TYR D 48 4.41 -11.00 -9.78
C TYR D 48 3.30 -12.04 -9.72
N SER D 49 3.12 -12.64 -8.54
CA SER D 49 2.09 -13.66 -8.35
C SER D 49 2.28 -14.80 -9.35
N ASP D 50 3.48 -14.90 -9.90
CA ASP D 50 3.83 -15.93 -10.86
C ASP D 50 5.27 -16.33 -10.64
N LEU A 1 4.41 8.78 11.92
CA LEU A 1 4.23 7.36 11.64
C LEU A 1 5.29 6.49 12.31
N GLY A 2 6.31 7.10 12.91
CA GLY A 2 7.36 6.33 13.56
C GLY A 2 7.87 5.17 12.72
N LEU A 3 7.69 5.28 11.40
CA LEU A 3 8.14 4.25 10.49
C LEU A 3 9.65 4.30 10.31
N GLU A 4 10.18 5.52 10.22
CA GLU A 4 11.60 5.70 10.05
C GLU A 4 12.33 5.28 11.30
N ARG A 5 11.69 5.49 12.44
CA ARG A 5 12.28 5.13 13.73
C ARG A 5 12.16 3.64 13.99
N ASP A 6 11.06 3.03 13.56
CA ASP A 6 10.84 1.60 13.77
C ASP A 6 11.56 0.75 12.73
N VAL A 7 11.63 1.24 11.50
CA VAL A 7 12.30 0.51 10.44
C VAL A 7 13.81 0.64 10.60
N SER A 8 14.26 1.87 10.74
CA SER A 8 15.67 2.16 10.91
C SER A 8 16.17 1.48 12.18
N ARG A 9 15.29 1.35 13.17
CA ARG A 9 15.66 0.70 14.42
C ARG A 9 15.67 -0.81 14.23
N ALA A 10 14.85 -1.30 13.30
CA ALA A 10 14.78 -2.72 13.03
C ALA A 10 15.96 -3.14 12.16
N VAL A 11 16.39 -2.21 11.30
CA VAL A 11 17.51 -2.45 10.41
C VAL A 11 18.81 -2.55 11.19
N GLU A 12 19.03 -1.59 12.09
CA GLU A 12 20.24 -1.59 12.92
C GLU A 12 20.15 -2.66 13.99
N LEU A 13 18.93 -2.99 14.39
CA LEU A 13 18.74 -4.03 15.39
C LEU A 13 19.08 -5.38 14.80
N LEU A 14 18.70 -5.58 13.53
CA LEU A 14 18.97 -6.82 12.83
C LEU A 14 20.47 -6.93 12.57
N GLU A 15 21.10 -5.79 12.31
CA GLU A 15 22.54 -5.74 12.07
C GLU A 15 23.24 -5.99 13.39
N ARG A 16 22.72 -5.34 14.42
CA ARG A 16 23.25 -5.48 15.77
C ARG A 16 23.36 -6.96 16.15
N LEU A 17 22.25 -7.67 16.02
CA LEU A 17 22.22 -9.09 16.33
C LEU A 17 23.11 -9.86 15.36
N GLN A 18 23.17 -9.38 14.13
CA GLN A 18 24.01 -10.01 13.10
C GLN A 18 25.46 -9.97 13.53
N ARG A 19 25.87 -8.83 14.09
CA ARG A 19 27.24 -8.66 14.56
C ARG A 19 27.53 -9.65 15.68
N SER A 20 26.55 -9.82 16.57
CA SER A 20 26.68 -10.75 17.68
C SER A 20 26.64 -12.19 17.18
N GLY A 21 25.74 -12.45 16.23
CA GLY A 21 25.62 -13.77 15.67
C GLY A 21 25.24 -14.82 16.70
N GLU A 22 24.12 -14.60 17.37
CA GLU A 22 23.64 -15.53 18.38
C GLU A 22 22.45 -16.33 17.84
N LEU A 23 21.56 -15.65 17.14
CA LEU A 23 20.37 -16.28 16.57
C LEU A 23 20.50 -16.36 15.05
N PRO A 24 19.66 -17.19 14.39
CA PRO A 24 19.69 -17.35 12.94
C PRO A 24 19.77 -16.00 12.22
N PRO A 25 20.96 -15.64 11.73
CA PRO A 25 21.18 -14.37 11.03
C PRO A 25 20.57 -14.33 9.64
N GLN A 26 20.32 -15.51 9.07
CA GLN A 26 19.73 -15.59 7.74
C GLN A 26 18.39 -14.87 7.67
N LYS A 27 17.49 -15.22 8.59
CA LYS A 27 16.17 -14.59 8.63
C LYS A 27 16.28 -13.10 8.96
N LEU A 28 17.21 -12.78 9.85
CA LEU A 28 17.42 -11.38 10.25
C LEU A 28 18.00 -10.58 9.10
N GLN A 29 18.85 -11.23 8.29
CA GLN A 29 19.45 -10.57 7.15
C GLN A 29 18.39 -10.31 6.09
N ALA A 30 17.41 -11.20 6.04
CA ALA A 30 16.32 -11.08 5.09
C ALA A 30 15.49 -9.85 5.40
N LEU A 31 15.19 -9.66 6.68
CA LEU A 31 14.42 -8.51 7.11
C LEU A 31 15.15 -7.22 6.77
N GLN A 32 16.42 -7.15 7.17
CA GLN A 32 17.25 -5.98 6.89
C GLN A 32 17.16 -5.61 5.41
N ARG A 33 17.16 -6.63 4.55
CA ARG A 33 17.07 -6.43 3.11
C ARG A 33 15.63 -6.16 2.68
N VAL A 34 14.67 -6.61 3.49
CA VAL A 34 13.26 -6.42 3.19
C VAL A 34 12.84 -4.98 3.44
N LEU A 35 13.50 -4.32 4.38
CA LEU A 35 13.20 -2.93 4.70
C LEU A 35 14.17 -2.00 3.98
N GLN A 36 15.45 -2.34 4.02
CA GLN A 36 16.47 -1.54 3.37
C GLN A 36 16.27 -1.52 1.87
N SER A 37 15.70 -2.60 1.33
CA SER A 37 15.45 -2.70 -0.11
C SER A 37 14.79 -1.43 -0.64
N ARG A 38 15.17 -1.03 -1.86
CA ARG A 38 14.61 0.16 -2.48
C ARG A 38 13.09 0.08 -2.55
N PHE A 39 12.56 -1.13 -2.65
CA PHE A 39 11.13 -1.33 -2.72
C PHE A 39 10.45 -0.81 -1.46
N CYS A 40 10.84 -1.36 -0.31
CA CYS A 40 10.27 -0.94 0.96
C CYS A 40 10.50 0.55 1.19
N SER A 41 11.45 1.12 0.47
CA SER A 41 11.76 2.54 0.59
C SER A 41 10.63 3.34 -0.03
N ALA A 42 10.23 2.94 -1.22
CA ALA A 42 9.13 3.60 -1.91
C ALA A 42 7.87 3.50 -1.08
N ILE A 43 7.58 2.28 -0.63
CA ILE A 43 6.42 2.00 0.19
C ILE A 43 6.46 2.84 1.47
N ARG A 44 7.62 2.90 2.10
CA ARG A 44 7.78 3.68 3.33
C ARG A 44 7.47 5.14 3.05
N GLU A 45 7.97 5.64 1.92
CA GLU A 45 7.72 7.02 1.52
C GLU A 45 6.23 7.25 1.37
N VAL A 46 5.51 6.18 1.01
CA VAL A 46 4.07 6.27 0.85
C VAL A 46 3.39 6.59 2.16
N TYR A 47 3.73 5.84 3.21
CA TYR A 47 3.12 6.08 4.51
C TYR A 47 3.37 7.49 5.00
N GLU A 48 4.61 7.96 4.89
CA GLU A 48 4.94 9.32 5.31
C GLU A 48 4.26 10.32 4.38
N GLN A 49 4.29 10.03 3.09
CA GLN A 49 3.68 10.89 2.09
C GLN A 49 2.18 10.99 2.31
N LEU A 50 1.54 9.86 2.50
CA LEU A 50 0.10 9.81 2.71
C LEU A 50 -0.32 10.68 3.88
N TYR A 51 0.39 10.56 4.99
CA TYR A 51 0.10 11.37 6.16
C TYR A 51 0.07 12.85 5.78
N ASP A 52 1.12 13.28 5.06
CA ASP A 52 1.19 14.65 4.61
C ASP A 52 0.02 14.95 3.68
N THR A 53 -0.29 13.98 2.81
CA THR A 53 -1.40 14.11 1.87
C THR A 53 -2.70 14.41 2.62
N LEU A 54 -2.86 13.77 3.78
CA LEU A 54 -4.04 13.97 4.60
C LEU A 54 -4.13 15.42 5.04
N ASP A 55 -2.99 15.95 5.51
CA ASP A 55 -2.92 17.34 5.97
C ASP A 55 -3.26 18.31 4.84
N ILE A 56 -2.99 17.89 3.59
CA ILE A 56 -3.27 18.73 2.44
C ILE A 56 -4.75 18.79 2.15
N THR A 57 -5.27 17.68 1.64
CA THR A 57 -6.68 17.57 1.29
C THR A 57 -7.57 17.79 2.50
N ALA B 1 -12.42 3.33 -0.26
CA ALA B 1 -12.20 3.71 -1.66
C ALA B 1 -12.77 2.67 -2.61
N VAL B 2 -12.44 1.41 -2.38
CA VAL B 2 -12.92 0.33 -3.24
C VAL B 2 -14.44 0.25 -3.18
N GLN B 3 -15.00 0.27 -1.96
CA GLN B 3 -16.45 0.19 -1.80
C GLN B 3 -17.13 1.36 -2.51
N ARG B 4 -16.55 2.55 -2.40
CA ARG B 4 -17.11 3.73 -3.05
C ARG B 4 -17.16 3.50 -4.55
N ALA B 5 -16.09 2.92 -5.07
CA ALA B 5 -16.00 2.62 -6.48
C ALA B 5 -17.05 1.58 -6.84
N LYS B 6 -17.18 0.57 -5.99
CA LYS B 6 -18.16 -0.48 -6.20
C LYS B 6 -19.56 0.09 -6.29
N GLU B 7 -19.90 0.94 -5.31
CA GLU B 7 -21.22 1.58 -5.28
C GLU B 7 -21.50 2.28 -6.61
N VAL B 8 -20.51 2.99 -7.12
CA VAL B 8 -20.64 3.70 -8.37
C VAL B 8 -20.94 2.73 -9.51
N LEU B 9 -20.28 1.57 -9.50
CA LEU B 9 -20.51 0.56 -10.54
C LEU B 9 -21.99 0.21 -10.59
N GLU B 10 -22.60 0.09 -9.41
CA GLU B 10 -24.01 -0.24 -9.33
C GLU B 10 -24.86 0.84 -9.97
N GLU B 11 -24.53 2.10 -9.69
CA GLU B 11 -25.28 3.22 -10.25
C GLU B 11 -25.06 3.31 -11.76
N ILE B 12 -23.81 3.32 -12.17
CA ILE B 12 -23.47 3.39 -13.57
C ILE B 12 -23.92 2.13 -14.31
N SER B 13 -23.96 1.00 -13.60
CA SER B 13 -24.39 -0.25 -14.22
C SER B 13 -25.87 -0.19 -14.55
N CYS B 14 -26.63 0.48 -13.69
CA CYS B 14 -28.07 0.63 -13.90
C CYS B 14 -28.36 1.55 -15.09
N TYR B 15 -27.31 2.20 -15.61
CA TYR B 15 -27.46 3.12 -16.73
C TYR B 15 -26.90 2.51 -18.01
N PRO B 16 -27.76 1.92 -18.85
CA PRO B 16 -27.34 1.30 -20.11
C PRO B 16 -27.32 2.30 -21.26
N GLU B 17 -27.15 3.58 -20.95
CA GLU B 17 -27.12 4.61 -21.98
C GLU B 17 -25.80 5.38 -21.96
N ASN B 18 -25.22 5.55 -20.78
CA ASN B 18 -23.96 6.27 -20.66
C ASN B 18 -22.78 5.39 -21.05
N ASN B 19 -22.16 5.69 -22.18
CA ASN B 19 -21.02 4.93 -22.66
C ASN B 19 -19.83 5.07 -21.71
N ASP B 20 -19.80 6.17 -20.98
CA ASP B 20 -18.73 6.41 -20.02
C ASP B 20 -18.92 5.50 -18.82
N ALA B 21 -20.17 5.24 -18.50
CA ALA B 21 -20.52 4.38 -17.39
C ALA B 21 -20.06 2.95 -17.67
N LYS B 22 -20.08 2.57 -18.95
CA LYS B 22 -19.67 1.25 -19.37
C LYS B 22 -18.17 1.07 -19.19
N GLU B 23 -17.41 1.96 -19.82
CA GLU B 23 -15.96 1.91 -19.74
C GLU B 23 -15.50 2.10 -18.29
N LEU B 24 -16.32 2.78 -17.50
CA LEU B 24 -15.98 3.02 -16.10
C LEU B 24 -16.25 1.79 -15.26
N LYS B 25 -17.28 1.04 -15.61
CA LYS B 25 -17.64 -0.17 -14.89
C LYS B 25 -16.55 -1.23 -15.09
N ARG B 26 -16.03 -1.29 -16.32
CA ARG B 26 -14.99 -2.26 -16.64
C ARG B 26 -13.70 -1.94 -15.90
N ILE B 27 -13.24 -0.70 -16.00
CA ILE B 27 -12.01 -0.28 -15.35
C ILE B 27 -12.13 -0.33 -13.83
N LEU B 28 -13.21 0.23 -13.31
CA LEU B 28 -13.43 0.24 -11.87
C LEU B 28 -13.46 -1.17 -11.29
N THR B 29 -13.99 -2.11 -12.07
CA THR B 29 -14.09 -3.50 -11.63
C THR B 29 -12.75 -4.22 -11.77
N GLN B 30 -11.91 -3.76 -12.70
CA GLN B 30 -10.61 -4.38 -12.93
C GLN B 30 -9.84 -4.51 -11.61
N PRO B 31 -9.42 -5.73 -11.25
CA PRO B 31 -8.70 -5.98 -10.00
C PRO B 31 -7.44 -5.11 -9.86
N HIS B 32 -6.84 -4.74 -10.99
CA HIS B 32 -5.64 -3.90 -10.95
C HIS B 32 -5.93 -2.63 -10.18
N PHE B 33 -6.96 -1.91 -10.61
CA PHE B 33 -7.35 -0.68 -9.94
C PHE B 33 -7.75 -1.00 -8.50
N MET B 34 -8.23 -2.22 -8.28
CA MET B 34 -8.62 -2.66 -6.94
C MET B 34 -7.39 -2.79 -6.06
N ALA B 35 -6.30 -3.26 -6.65
CA ALA B 35 -5.05 -3.41 -5.91
C ALA B 35 -4.60 -2.08 -5.36
N LEU B 36 -4.54 -1.08 -6.23
CA LEU B 36 -4.16 0.26 -5.80
C LEU B 36 -5.13 0.78 -4.74
N LEU B 37 -6.42 0.63 -5.03
CA LEU B 37 -7.46 1.06 -4.10
C LEU B 37 -7.31 0.31 -2.79
N GLN B 38 -6.87 -0.96 -2.88
CA GLN B 38 -6.65 -1.78 -1.69
C GLN B 38 -5.65 -1.09 -0.79
N THR B 39 -4.61 -0.54 -1.40
CA THR B 39 -3.58 0.19 -0.68
C THR B 39 -4.21 1.43 -0.05
N HIS B 40 -5.22 1.97 -0.73
CA HIS B 40 -5.94 3.14 -0.26
C HIS B 40 -6.60 2.85 1.08
N ASP B 41 -7.13 1.64 1.21
CA ASP B 41 -7.82 1.23 2.43
C ASP B 41 -6.83 0.82 3.52
N VAL B 42 -5.79 0.08 3.13
CA VAL B 42 -4.78 -0.38 4.10
C VAL B 42 -4.24 0.81 4.91
N VAL B 43 -3.84 1.86 4.20
CA VAL B 43 -3.30 3.04 4.84
C VAL B 43 -4.41 3.83 5.53
N ALA B 44 -5.45 4.16 4.78
CA ALA B 44 -6.58 4.90 5.32
C ALA B 44 -7.13 4.20 6.57
N HIS B 45 -6.98 2.88 6.60
CA HIS B 45 -7.45 2.09 7.73
C HIS B 45 -6.58 2.37 8.96
N GLU B 46 -5.27 2.30 8.77
CA GLU B 46 -4.33 2.56 9.84
C GLU B 46 -4.08 4.07 10.01
N VAL B 47 -4.75 4.88 9.19
CA VAL B 47 -4.59 6.32 9.23
C VAL B 47 -5.78 7.00 9.94
N TYR B 48 -6.98 6.67 9.51
CA TYR B 48 -8.18 7.26 10.10
C TYR B 48 -9.26 6.20 10.33
N SER B 49 -8.89 5.20 11.10
CA SER B 49 -9.80 4.11 11.44
C SER B 49 -9.20 3.26 12.56
N ASP B 50 -8.78 3.96 13.61
CA ASP B 50 -8.17 3.33 14.78
C ASP B 50 -7.54 4.42 15.62
N LEU C 1 2.02 -1.82 -16.38
CA LEU C 1 1.02 -1.79 -15.32
C LEU C 1 -0.39 -1.63 -15.88
N GLY C 2 -0.74 -0.39 -16.22
CA GLY C 2 -2.06 -0.11 -16.76
C GLY C 2 -2.96 0.60 -15.78
N LEU C 3 -2.43 0.91 -14.60
CA LEU C 3 -3.19 1.60 -13.57
C LEU C 3 -3.35 3.07 -13.91
N GLU C 4 -2.33 3.64 -14.54
CA GLU C 4 -2.37 5.03 -14.93
C GLU C 4 -3.41 5.24 -16.01
N ARG C 5 -3.54 4.24 -16.87
CA ARG C 5 -4.50 4.29 -17.95
C ARG C 5 -5.91 3.97 -17.45
N ASP C 6 -6.00 3.12 -16.44
CA ASP C 6 -7.30 2.72 -15.88
C ASP C 6 -7.83 3.77 -14.91
N VAL C 7 -6.94 4.37 -14.15
CA VAL C 7 -7.34 5.39 -13.18
C VAL C 7 -7.64 6.69 -13.90
N SER C 8 -6.70 7.09 -14.75
CA SER C 8 -6.84 8.30 -15.53
C SER C 8 -8.07 8.19 -16.43
N ARG C 9 -8.36 6.97 -16.87
CA ARG C 9 -9.52 6.74 -17.72
C ARG C 9 -10.78 6.74 -16.87
N ALA C 10 -10.64 6.32 -15.60
CA ALA C 10 -11.77 6.29 -14.69
C ALA C 10 -12.08 7.70 -14.21
N VAL C 11 -11.03 8.51 -14.10
CA VAL C 11 -11.17 9.90 -13.67
C VAL C 11 -11.94 10.70 -14.71
N GLU C 12 -11.54 10.57 -15.96
CA GLU C 12 -12.22 11.26 -17.06
C GLU C 12 -13.56 10.62 -17.34
N LEU C 13 -13.66 9.33 -17.04
CA LEU C 13 -14.91 8.62 -17.25
C LEU C 13 -15.95 9.09 -16.24
N LEU C 14 -15.46 9.46 -15.05
CA LEU C 14 -16.33 9.96 -14.00
C LEU C 14 -16.74 11.39 -14.32
N GLU C 15 -15.82 12.14 -14.93
CA GLU C 15 -16.10 13.51 -15.32
C GLU C 15 -17.04 13.47 -16.52
N ARG C 16 -16.77 12.51 -17.40
CA ARG C 16 -17.60 12.32 -18.59
C ARG C 16 -19.07 12.21 -18.20
N LEU C 17 -19.36 11.29 -17.28
CA LEU C 17 -20.71 11.09 -16.80
C LEU C 17 -21.20 12.34 -16.09
N GLN C 18 -20.27 13.02 -15.42
CA GLN C 18 -20.59 14.25 -14.70
C GLN C 18 -21.12 15.29 -15.68
N ARG C 19 -20.51 15.35 -16.86
CA ARG C 19 -20.92 16.28 -17.89
C ARG C 19 -22.32 15.94 -18.38
N SER C 20 -22.59 14.64 -18.46
CA SER C 20 -23.90 14.17 -18.90
C SER C 20 -24.96 14.48 -17.85
N GLY C 21 -24.58 14.31 -16.58
CA GLY C 21 -25.51 14.58 -15.49
C GLY C 21 -26.72 13.67 -15.51
N GLU C 22 -26.48 12.36 -15.44
CA GLU C 22 -27.57 11.38 -15.45
C GLU C 22 -27.64 10.62 -14.14
N LEU C 23 -26.48 10.35 -13.55
CA LEU C 23 -26.42 9.61 -12.28
C LEU C 23 -25.98 10.52 -11.15
N PRO C 24 -26.17 10.08 -9.88
CA PRO C 24 -25.78 10.86 -8.71
C PRO C 24 -24.37 11.45 -8.84
N PRO C 25 -24.27 12.75 -9.15
CA PRO C 25 -22.98 13.42 -9.33
C PRO C 25 -22.07 13.31 -8.09
N GLN C 26 -22.68 13.40 -6.91
CA GLN C 26 -21.92 13.33 -5.67
C GLN C 26 -21.08 12.06 -5.57
N LYS C 27 -21.73 10.91 -5.77
CA LYS C 27 -21.03 9.63 -5.71
C LYS C 27 -19.87 9.58 -6.70
N LEU C 28 -20.15 9.91 -7.95
CA LEU C 28 -19.14 9.91 -8.98
C LEU C 28 -18.05 10.94 -8.69
N GLN C 29 -18.47 12.05 -8.08
CA GLN C 29 -17.53 13.10 -7.72
C GLN C 29 -16.60 12.57 -6.64
N ALA C 30 -17.13 11.69 -5.82
CA ALA C 30 -16.36 11.09 -4.75
C ALA C 30 -15.23 10.26 -5.32
N LEU C 31 -15.56 9.47 -6.33
CA LEU C 31 -14.56 8.64 -6.99
C LEU C 31 -13.48 9.51 -7.61
N GLN C 32 -13.91 10.50 -8.39
CA GLN C 32 -12.99 11.42 -9.05
C GLN C 32 -11.99 11.98 -8.05
N ARG C 33 -12.47 12.24 -6.83
CA ARG C 33 -11.62 12.78 -5.78
C ARG C 33 -10.76 11.68 -5.16
N VAL C 34 -11.23 10.44 -5.26
CA VAL C 34 -10.51 9.30 -4.70
C VAL C 34 -9.34 8.90 -5.61
N LEU C 35 -9.49 9.17 -6.90
CA LEU C 35 -8.44 8.83 -7.85
C LEU C 35 -7.52 10.02 -8.09
N GLN C 36 -8.12 11.21 -8.20
CA GLN C 36 -7.35 12.42 -8.43
C GLN C 36 -6.62 12.87 -7.17
N SER C 37 -7.15 12.49 -6.01
CA SER C 37 -6.55 12.87 -4.73
C SER C 37 -5.04 12.61 -4.74
N ARG C 38 -4.29 13.54 -4.16
CA ARG C 38 -2.83 13.41 -4.10
C ARG C 38 -2.43 12.11 -3.43
N PHE C 39 -3.28 11.61 -2.54
CA PHE C 39 -3.01 10.37 -1.83
C PHE C 39 -2.89 9.21 -2.80
N CYS C 40 -3.96 8.97 -3.55
CA CYS C 40 -4.00 7.89 -4.53
C CYS C 40 -2.90 8.07 -5.58
N SER C 41 -2.39 9.29 -5.68
CA SER C 41 -1.34 9.60 -6.63
C SER C 41 -0.03 8.98 -6.15
N ALA C 42 0.26 9.19 -4.86
CA ALA C 42 1.45 8.64 -4.26
C ALA C 42 1.41 7.12 -4.35
N ILE C 43 0.27 6.57 -3.95
CA ILE C 43 0.04 5.13 -3.98
C ILE C 43 0.23 4.58 -5.39
N ARG C 44 -0.32 5.28 -6.38
CA ARG C 44 -0.19 4.86 -7.76
C ARG C 44 1.28 4.86 -8.16
N GLU C 45 1.98 5.93 -7.75
CA GLU C 45 3.40 6.04 -8.02
C GLU C 45 4.14 4.85 -7.44
N VAL C 46 3.59 4.29 -6.37
CA VAL C 46 4.19 3.13 -5.73
C VAL C 46 4.15 1.94 -6.65
N TYR C 47 2.98 1.68 -7.23
CA TYR C 47 2.83 0.54 -8.14
C TYR C 47 3.84 0.63 -9.29
N GLU C 48 3.91 1.79 -9.92
CA GLU C 48 4.84 2.00 -11.02
C GLU C 48 6.28 1.96 -10.50
N GLN C 49 6.49 2.63 -9.38
CA GLN C 49 7.81 2.68 -8.76
C GLN C 49 8.30 1.28 -8.39
N LEU C 50 7.39 0.48 -7.83
CA LEU C 50 7.73 -0.86 -7.41
C LEU C 50 8.15 -1.71 -8.59
N TYR C 51 7.42 -1.61 -9.69
CA TYR C 51 7.75 -2.36 -10.90
C TYR C 51 9.21 -2.10 -11.28
N ASP C 52 9.59 -0.84 -11.35
CA ASP C 52 10.95 -0.47 -11.68
C ASP C 52 11.90 -1.07 -10.66
N THR C 53 11.57 -0.89 -9.38
CA THR C 53 12.36 -1.43 -8.28
C THR C 53 12.65 -2.90 -8.50
N LEU C 54 11.66 -3.63 -9.03
CA LEU C 54 11.82 -5.05 -9.31
C LEU C 54 12.93 -5.24 -10.34
N ASP C 55 12.89 -4.41 -11.37
CA ASP C 55 13.87 -4.46 -12.45
C ASP C 55 15.25 -4.05 -11.96
N ILE C 56 15.30 -3.37 -10.81
CA ILE C 56 16.58 -2.92 -10.26
C ILE C 56 17.15 -3.97 -9.33
N THR C 57 16.34 -4.39 -8.38
CA THR C 57 16.74 -5.39 -7.40
C THR C 57 16.75 -6.79 -8.00
N ALA D 1 6.48 -10.20 3.60
CA ALA D 1 7.23 -9.29 4.44
C ALA D 1 6.77 -9.37 5.89
N VAL D 2 5.47 -9.56 6.08
CA VAL D 2 4.90 -9.68 7.43
C VAL D 2 5.29 -11.02 8.03
N GLN D 3 5.10 -12.10 7.27
CA GLN D 3 5.44 -13.43 7.74
C GLN D 3 6.93 -13.53 8.06
N ARG D 4 7.75 -12.93 7.19
CA ARG D 4 9.19 -12.93 7.40
C ARG D 4 9.51 -12.25 8.72
N ALA D 5 8.85 -11.13 8.95
CA ALA D 5 9.04 -10.38 10.18
C ALA D 5 8.58 -11.22 11.36
N LYS D 6 7.40 -11.84 11.22
CA LYS D 6 6.83 -12.68 12.26
C LYS D 6 7.80 -13.81 12.61
N GLU D 7 8.34 -14.45 11.58
CA GLU D 7 9.28 -15.55 11.79
C GLU D 7 10.46 -15.10 12.64
N VAL D 8 10.98 -13.92 12.32
CA VAL D 8 12.10 -13.37 13.07
C VAL D 8 11.73 -13.14 14.53
N LEU D 9 10.49 -12.72 14.76
CA LEU D 9 10.01 -12.49 16.13
C LEU D 9 10.16 -13.77 16.94
N GLU D 10 9.75 -14.88 16.33
CA GLU D 10 9.83 -16.18 17.00
C GLU D 10 11.27 -16.53 17.35
N GLU D 11 12.17 -16.31 16.41
CA GLU D 11 13.59 -16.61 16.65
C GLU D 11 14.15 -15.70 17.73
N ILE D 12 13.96 -14.39 17.57
CA ILE D 12 14.45 -13.43 18.53
C ILE D 12 13.72 -13.57 19.86
N SER D 13 12.48 -14.04 19.80
CA SER D 13 11.68 -14.23 21.00
C SER D 13 12.23 -15.37 21.86
N CYS D 14 12.77 -16.39 21.18
CA CYS D 14 13.34 -17.54 21.89
C CYS D 14 14.69 -17.20 22.50
N TYR D 15 15.15 -15.97 22.30
CA TYR D 15 16.45 -15.54 22.83
C TYR D 15 16.27 -14.47 23.90
N PRO D 16 16.30 -14.86 25.19
CA PRO D 16 16.16 -13.93 26.30
C PRO D 16 17.49 -13.34 26.75
N GLU D 17 18.45 -13.29 25.83
CA GLU D 17 19.78 -12.74 26.13
C GLU D 17 20.09 -11.53 25.26
N ASN D 18 19.69 -11.58 24.00
CA ASN D 18 19.93 -10.49 23.07
C ASN D 18 18.97 -9.33 23.32
N ASN D 19 19.50 -8.22 23.83
CA ASN D 19 18.69 -7.04 24.11
C ASN D 19 18.09 -6.47 22.83
N ASP D 20 18.76 -6.70 21.70
CA ASP D 20 18.28 -6.22 20.43
C ASP D 20 17.11 -7.06 19.96
N ALA D 21 17.16 -8.34 20.28
CA ALA D 21 16.10 -9.26 19.91
C ALA D 21 14.80 -8.89 20.59
N LYS D 22 14.89 -8.29 21.77
CA LYS D 22 13.73 -7.88 22.52
C LYS D 22 13.14 -6.61 21.92
N GLU D 23 13.96 -5.57 21.85
CA GLU D 23 13.53 -4.31 21.29
C GLU D 23 13.19 -4.45 19.81
N LEU D 24 13.77 -5.46 19.16
CA LEU D 24 13.51 -5.68 17.74
C LEU D 24 12.17 -6.38 17.55
N LYS D 25 11.86 -7.32 18.43
CA LYS D 25 10.59 -8.03 18.36
C LYS D 25 9.44 -7.07 18.60
N ARG D 26 9.68 -6.09 19.46
CA ARG D 26 8.68 -5.09 19.78
C ARG D 26 8.38 -4.20 18.58
N ILE D 27 9.43 -3.65 17.99
CA ILE D 27 9.30 -2.79 16.82
C ILE D 27 8.66 -3.54 15.66
N LEU D 28 9.12 -4.76 15.42
CA LEU D 28 8.61 -5.58 14.33
C LEU D 28 7.13 -5.89 14.54
N THR D 29 6.73 -6.02 15.80
CA THR D 29 5.34 -6.32 16.14
C THR D 29 4.46 -5.08 16.04
N GLN D 30 5.06 -3.90 16.19
CA GLN D 30 4.32 -2.64 16.10
C GLN D 30 3.44 -2.61 14.85
N PRO D 31 2.10 -2.68 15.01
CA PRO D 31 1.16 -2.68 13.89
C PRO D 31 1.54 -1.70 12.78
N HIS D 32 2.07 -0.54 13.16
CA HIS D 32 2.47 0.47 12.18
C HIS D 32 3.44 -0.13 11.16
N PHE D 33 4.54 -0.68 11.66
CA PHE D 33 5.52 -1.32 10.79
C PHE D 33 4.88 -2.44 10.01
N MET D 34 3.84 -3.04 10.60
CA MET D 34 3.12 -4.13 9.95
C MET D 34 2.32 -3.59 8.78
N ALA D 35 1.75 -2.40 8.95
CA ALA D 35 0.97 -1.76 7.91
C ALA D 35 1.82 -1.60 6.66
N LEU D 36 3.02 -1.04 6.83
CA LEU D 36 3.94 -0.85 5.71
C LEU D 36 4.24 -2.21 5.08
N LEU D 37 4.46 -3.21 5.93
CA LEU D 37 4.74 -4.55 5.47
C LEU D 37 3.56 -5.10 4.69
N GLN D 38 2.35 -4.77 5.14
CA GLN D 38 1.14 -5.21 4.46
C GLN D 38 1.16 -4.73 3.02
N THR D 39 1.61 -3.49 2.83
CA THR D 39 1.72 -2.90 1.50
C THR D 39 2.74 -3.70 0.69
N HIS D 40 3.78 -4.15 1.39
CA HIS D 40 4.84 -4.93 0.77
C HIS D 40 4.27 -6.21 0.16
N ASP D 41 3.38 -6.86 0.90
CA ASP D 41 2.76 -8.11 0.46
C ASP D 41 1.75 -7.84 -0.66
N VAL D 42 0.92 -6.82 -0.49
CA VAL D 42 -0.09 -6.49 -1.49
C VAL D 42 0.52 -6.44 -2.89
N VAL D 43 1.60 -5.69 -3.01
CA VAL D 43 2.29 -5.54 -4.28
C VAL D 43 3.08 -6.80 -4.63
N ALA D 44 3.94 -7.22 -3.71
CA ALA D 44 4.77 -8.41 -3.93
C ALA D 44 3.92 -9.60 -4.32
N HIS D 45 2.67 -9.62 -3.86
CA HIS D 45 1.76 -10.71 -4.17
C HIS D 45 1.24 -10.60 -5.59
N GLU D 46 0.70 -9.43 -5.93
CA GLU D 46 0.16 -9.20 -7.25
C GLU D 46 1.27 -9.12 -8.31
N VAL D 47 2.51 -8.97 -7.88
CA VAL D 47 3.64 -8.87 -8.80
C VAL D 47 4.43 -10.17 -8.88
N TYR D 48 4.55 -10.88 -7.76
CA TYR D 48 5.33 -12.12 -7.73
C TYR D 48 4.72 -13.13 -6.79
N SER D 49 3.50 -13.53 -7.12
CA SER D 49 2.77 -14.52 -6.33
C SER D 49 1.56 -15.02 -7.11
N ASP D 50 0.58 -14.15 -7.27
CA ASP D 50 -0.62 -14.50 -8.01
C ASP D 50 -0.29 -14.78 -9.47
N LEU A 1 5.24 9.79 12.15
CA LEU A 1 5.18 8.47 11.52
C LEU A 1 5.80 7.41 12.40
N GLY A 2 7.08 7.58 12.71
CA GLY A 2 7.79 6.63 13.54
C GLY A 2 8.22 5.39 12.78
N LEU A 3 7.94 5.37 11.48
CA LEU A 3 8.31 4.24 10.63
C LEU A 3 9.81 4.24 10.37
N GLU A 4 10.37 5.43 10.21
CA GLU A 4 11.80 5.57 9.96
C GLU A 4 12.57 5.17 11.20
N ARG A 5 12.02 5.50 12.36
CA ARG A 5 12.65 5.19 13.62
C ARG A 5 12.42 3.72 14.00
N ASP A 6 11.27 3.18 13.60
CA ASP A 6 10.93 1.79 13.91
C ASP A 6 11.60 0.83 12.94
N VAL A 7 11.65 1.20 11.67
CA VAL A 7 12.27 0.37 10.64
C VAL A 7 13.77 0.41 10.81
N SER A 8 14.30 1.62 10.83
CA SER A 8 15.73 1.83 11.00
C SER A 8 16.19 1.17 12.30
N ARG A 9 15.29 1.11 13.28
CA ARG A 9 15.61 0.49 14.56
C ARG A 9 15.57 -1.03 14.41
N ALA A 10 14.72 -1.51 13.51
CA ALA A 10 14.60 -2.94 13.27
C ALA A 10 15.77 -3.42 12.42
N VAL A 11 16.24 -2.55 11.54
CA VAL A 11 17.36 -2.86 10.66
C VAL A 11 18.64 -3.02 11.47
N GLU A 12 18.88 -2.07 12.38
CA GLU A 12 20.07 -2.12 13.24
C GLU A 12 19.89 -3.20 14.28
N LEU A 13 18.65 -3.48 14.65
CA LEU A 13 18.37 -4.51 15.63
C LEU A 13 18.66 -5.87 15.04
N LEU A 14 18.42 -6.01 13.74
CA LEU A 14 18.67 -7.27 13.05
C LEU A 14 20.17 -7.44 12.83
N GLU A 15 20.86 -6.33 12.60
CA GLU A 15 22.30 -6.35 12.41
C GLU A 15 22.95 -6.63 13.75
N ARG A 16 22.42 -5.96 14.77
CA ARG A 16 22.92 -6.13 16.14
C ARG A 16 22.94 -7.61 16.51
N LEU A 17 21.79 -8.26 16.34
CA LEU A 17 21.69 -9.69 16.66
C LEU A 17 22.56 -10.50 15.71
N GLN A 18 22.68 -10.03 14.46
CA GLN A 18 23.51 -10.71 13.47
C GLN A 18 24.94 -10.75 13.94
N ARG A 19 25.41 -9.64 14.50
CA ARG A 19 26.77 -9.55 15.01
C ARG A 19 26.95 -10.53 16.15
N SER A 20 25.94 -10.64 17.00
CA SER A 20 25.97 -11.56 18.13
C SER A 20 25.93 -13.00 17.62
N GLY A 21 25.10 -13.24 16.62
CA GLY A 21 24.98 -14.58 16.05
C GLY A 21 24.45 -15.59 17.06
N GLU A 22 23.27 -15.31 17.60
CA GLU A 22 22.66 -16.20 18.58
C GLU A 22 21.50 -16.97 17.96
N LEU A 23 20.71 -16.27 17.14
CA LEU A 23 19.56 -16.88 16.48
C LEU A 23 19.77 -16.93 14.98
N PRO A 24 19.00 -17.79 14.28
CA PRO A 24 19.11 -17.94 12.82
C PRO A 24 19.21 -16.59 12.11
N PRO A 25 20.44 -16.18 11.75
CA PRO A 25 20.69 -14.90 11.08
C PRO A 25 20.12 -14.85 9.66
N GLN A 26 19.73 -16.00 9.13
CA GLN A 26 19.19 -16.05 7.77
C GLN A 26 17.90 -15.25 7.64
N LYS A 27 16.93 -15.53 8.50
CA LYS A 27 15.66 -14.81 8.47
C LYS A 27 15.85 -13.37 8.93
N LEU A 28 16.82 -13.16 9.82
CA LEU A 28 17.12 -11.83 10.32
C LEU A 28 17.77 -10.98 9.23
N GLN A 29 18.65 -11.60 8.44
CA GLN A 29 19.30 -10.89 7.35
C GLN A 29 18.28 -10.57 6.28
N ALA A 30 17.29 -11.46 6.14
CA ALA A 30 16.23 -11.28 5.17
C ALA A 30 15.44 -10.03 5.48
N LEU A 31 15.12 -9.84 6.76
CA LEU A 31 14.39 -8.68 7.20
C LEU A 31 15.15 -7.40 6.86
N GLN A 32 16.42 -7.37 7.27
CA GLN A 32 17.28 -6.22 7.01
C GLN A 32 17.23 -5.83 5.54
N ARG A 33 17.19 -6.84 4.67
CA ARG A 33 17.14 -6.60 3.23
C ARG A 33 15.73 -6.19 2.79
N VAL A 34 14.74 -6.55 3.59
CA VAL A 34 13.34 -6.22 3.28
C VAL A 34 13.02 -4.79 3.68
N LEU A 35 13.70 -4.28 4.70
CA LEU A 35 13.47 -2.92 5.16
C LEU A 35 14.45 -1.95 4.50
N GLN A 36 15.65 -2.44 4.23
CA GLN A 36 16.69 -1.63 3.60
C GLN A 36 16.50 -1.59 2.08
N SER A 37 15.90 -2.63 1.53
CA SER A 37 15.67 -2.71 0.09
C SER A 37 15.06 -1.41 -0.44
N ARG A 38 15.41 -1.05 -1.67
CA ARG A 38 14.91 0.17 -2.29
C ARG A 38 13.38 0.16 -2.34
N PHE A 39 12.79 -1.03 -2.41
CA PHE A 39 11.35 -1.16 -2.46
C PHE A 39 10.71 -0.51 -1.24
N CYS A 40 11.08 -0.99 -0.06
CA CYS A 40 10.56 -0.45 1.19
C CYS A 40 10.82 1.05 1.29
N SER A 41 11.76 1.55 0.50
CA SER A 41 12.10 2.95 0.49
C SER A 41 10.99 3.74 -0.19
N ALA A 42 10.58 3.25 -1.35
CA ALA A 42 9.50 3.88 -2.09
C ALA A 42 8.24 3.87 -1.24
N ILE A 43 7.93 2.69 -0.72
CA ILE A 43 6.77 2.50 0.12
C ILE A 43 6.84 3.41 1.35
N ARG A 44 8.02 3.51 1.95
CA ARG A 44 8.22 4.38 3.11
C ARG A 44 7.93 5.82 2.72
N GLU A 45 8.44 6.21 1.55
CA GLU A 45 8.21 7.56 1.05
C GLU A 45 6.72 7.82 0.93
N VAL A 46 5.96 6.75 0.69
CA VAL A 46 4.52 6.87 0.57
C VAL A 46 3.89 7.27 1.90
N TYR A 47 4.28 6.58 2.96
CA TYR A 47 3.74 6.89 4.28
C TYR A 47 4.03 8.34 4.67
N GLU A 48 5.23 8.80 4.41
CA GLU A 48 5.61 10.18 4.72
C GLU A 48 4.89 11.13 3.78
N GLN A 49 4.92 10.79 2.49
CA GLN A 49 4.27 11.60 1.47
C GLN A 49 2.79 11.70 1.73
N LEU A 50 2.20 10.58 2.14
CA LEU A 50 0.77 10.51 2.41
C LEU A 50 0.41 11.39 3.59
N TYR A 51 1.22 11.34 4.64
CA TYR A 51 0.98 12.16 5.83
C TYR A 51 0.81 13.62 5.42
N ASP A 52 1.75 14.10 4.62
CA ASP A 52 1.69 15.47 4.12
C ASP A 52 0.40 15.66 3.32
N THR A 53 0.11 14.68 2.46
CA THR A 53 -1.10 14.71 1.64
C THR A 53 -2.33 14.92 2.52
N LEU A 54 -2.35 14.25 3.67
CA LEU A 54 -3.45 14.37 4.61
C LEU A 54 -3.59 15.84 5.04
N ASP A 55 -2.46 16.47 5.28
CA ASP A 55 -2.44 17.87 5.69
C ASP A 55 -2.77 18.81 4.54
N ILE A 56 -2.69 18.30 3.30
CA ILE A 56 -2.99 19.12 2.13
C ILE A 56 -4.46 19.01 1.75
N THR A 57 -4.90 17.78 1.56
CA THR A 57 -6.28 17.50 1.18
C THR A 57 -7.22 17.72 2.35
N ALA B 1 -11.57 3.38 -0.39
CA ALA B 1 -11.42 3.77 -1.78
C ALA B 1 -12.01 2.71 -2.71
N VAL B 2 -11.72 1.44 -2.40
CA VAL B 2 -12.23 0.33 -3.19
C VAL B 2 -13.75 0.21 -3.04
N GLN B 3 -14.22 0.33 -1.80
CA GLN B 3 -15.66 0.25 -1.53
C GLN B 3 -16.41 1.32 -2.30
N ARG B 4 -15.87 2.54 -2.29
CA ARG B 4 -16.49 3.65 -3.00
C ARG B 4 -16.56 3.33 -4.48
N ALA B 5 -15.49 2.73 -4.99
CA ALA B 5 -15.44 2.34 -6.39
C ALA B 5 -16.48 1.26 -6.68
N LYS B 6 -16.52 0.25 -5.80
CA LYS B 6 -17.47 -0.83 -5.93
C LYS B 6 -18.91 -0.30 -5.92
N GLU B 7 -19.17 0.61 -4.99
CA GLU B 7 -20.49 1.21 -4.88
C GLU B 7 -20.91 1.84 -6.20
N VAL B 8 -19.98 2.55 -6.82
CA VAL B 8 -20.24 3.19 -8.10
C VAL B 8 -20.59 2.16 -9.16
N LEU B 9 -19.85 1.05 -9.17
CA LEU B 9 -20.12 -0.02 -10.14
C LEU B 9 -21.58 -0.43 -10.05
N GLU B 10 -22.08 -0.53 -8.84
CA GLU B 10 -23.47 -0.91 -8.61
C GLU B 10 -24.41 0.10 -9.27
N GLU B 11 -24.19 1.37 -8.99
CA GLU B 11 -25.03 2.43 -9.56
C GLU B 11 -24.93 2.43 -11.08
N ILE B 12 -23.71 2.54 -11.58
CA ILE B 12 -23.48 2.55 -13.02
C ILE B 12 -23.91 1.22 -13.64
N SER B 13 -23.86 0.15 -12.86
CA SER B 13 -24.26 -1.16 -13.34
C SER B 13 -25.75 -1.17 -13.66
N CYS B 14 -26.52 -0.47 -12.84
CA CYS B 14 -27.96 -0.38 -13.05
C CYS B 14 -28.30 0.50 -14.25
N TYR B 15 -27.28 1.13 -14.83
CA TYR B 15 -27.49 2.00 -15.98
C TYR B 15 -26.91 1.39 -17.26
N PRO B 16 -27.74 0.68 -18.03
CA PRO B 16 -27.31 0.05 -19.28
C PRO B 16 -27.42 0.98 -20.48
N GLU B 17 -27.41 2.29 -20.22
CA GLU B 17 -27.52 3.28 -21.28
C GLU B 17 -26.27 4.16 -21.35
N ASN B 18 -25.71 4.47 -20.19
CA ASN B 18 -24.51 5.31 -20.13
C ASN B 18 -23.27 4.53 -20.58
N ASN B 19 -22.70 4.94 -21.72
CA ASN B 19 -21.52 4.30 -22.25
C ASN B 19 -20.33 4.50 -21.32
N ASP B 20 -20.36 5.58 -20.54
CA ASP B 20 -19.28 5.87 -19.61
C ASP B 20 -19.37 4.91 -18.44
N ALA B 21 -20.60 4.61 -18.04
CA ALA B 21 -20.83 3.68 -16.95
C ALA B 21 -20.28 2.31 -17.28
N LYS B 22 -20.34 1.95 -18.55
CA LYS B 22 -19.84 0.67 -19.02
C LYS B 22 -18.33 0.61 -18.90
N GLU B 23 -17.66 1.56 -19.54
CA GLU B 23 -16.21 1.63 -19.51
C GLU B 23 -15.71 1.87 -18.10
N LEU B 24 -16.52 2.53 -17.29
CA LEU B 24 -16.14 2.82 -15.92
C LEU B 24 -16.28 1.57 -15.04
N LYS B 25 -17.22 0.71 -15.39
CA LYS B 25 -17.43 -0.53 -14.65
C LYS B 25 -16.27 -1.48 -14.86
N ARG B 26 -15.86 -1.65 -16.12
CA ARG B 26 -14.76 -2.53 -16.45
C ARG B 26 -13.45 -2.06 -15.84
N ILE B 27 -13.18 -0.77 -15.94
CA ILE B 27 -11.97 -0.19 -15.38
C ILE B 27 -11.96 -0.27 -13.86
N LEU B 28 -13.02 0.23 -13.25
CA LEU B 28 -13.13 0.24 -11.80
C LEU B 28 -13.03 -1.19 -11.25
N THR B 29 -13.40 -2.17 -12.07
CA THR B 29 -13.35 -3.56 -11.66
C THR B 29 -11.97 -4.17 -11.89
N GLN B 30 -11.22 -3.61 -12.84
CA GLN B 30 -9.88 -4.10 -13.15
C GLN B 30 -9.06 -4.25 -11.87
N PRO B 31 -8.66 -5.48 -11.51
CA PRO B 31 -7.89 -5.75 -10.29
C PRO B 31 -6.72 -4.79 -10.11
N HIS B 32 -6.07 -4.40 -11.22
CA HIS B 32 -4.95 -3.48 -11.15
C HIS B 32 -5.34 -2.20 -10.41
N PHE B 33 -6.37 -1.54 -10.90
CA PHE B 33 -6.86 -0.32 -10.27
C PHE B 33 -7.25 -0.59 -8.82
N MET B 34 -7.68 -1.83 -8.56
CA MET B 34 -8.07 -2.22 -7.21
C MET B 34 -6.85 -2.32 -6.33
N ALA B 35 -5.74 -2.80 -6.90
CA ALA B 35 -4.50 -2.93 -6.17
C ALA B 35 -4.06 -1.57 -5.64
N LEU B 36 -4.02 -0.57 -6.52
CA LEU B 36 -3.63 0.77 -6.11
C LEU B 36 -4.59 1.27 -5.04
N LEU B 37 -5.89 1.11 -5.30
CA LEU B 37 -6.91 1.52 -4.35
C LEU B 37 -6.71 0.78 -3.03
N GLN B 38 -6.25 -0.47 -3.13
CA GLN B 38 -5.98 -1.27 -1.95
C GLN B 38 -4.98 -0.56 -1.06
N THR B 39 -3.95 0.01 -1.70
CA THR B 39 -2.94 0.76 -0.97
C THR B 39 -3.57 1.97 -0.32
N HIS B 40 -4.58 2.53 -1.00
CA HIS B 40 -5.31 3.68 -0.51
C HIS B 40 -5.89 3.43 0.88
N ASP B 41 -6.60 2.32 1.01
CA ASP B 41 -7.23 1.94 2.27
C ASP B 41 -6.21 1.55 3.33
N VAL B 42 -5.19 0.80 2.91
CA VAL B 42 -4.14 0.35 3.84
C VAL B 42 -3.58 1.50 4.64
N VAL B 43 -3.20 2.56 3.95
CA VAL B 43 -2.62 3.73 4.58
C VAL B 43 -3.67 4.55 5.32
N ALA B 44 -4.71 4.98 4.60
CA ALA B 44 -5.77 5.77 5.21
C ALA B 44 -6.31 5.08 6.46
N HIS B 45 -6.40 3.76 6.40
CA HIS B 45 -6.88 2.98 7.53
C HIS B 45 -5.90 3.06 8.69
N GLU B 46 -4.62 2.93 8.38
CA GLU B 46 -3.57 2.99 9.39
C GLU B 46 -3.17 4.43 9.69
N VAL B 47 -3.78 5.39 8.99
CA VAL B 47 -3.47 6.81 9.20
C VAL B 47 -4.36 7.40 10.28
N TYR B 48 -5.67 7.25 10.11
CA TYR B 48 -6.62 7.78 11.09
C TYR B 48 -8.02 7.24 10.83
N SER B 49 -8.17 5.93 10.91
CA SER B 49 -9.46 5.29 10.71
C SER B 49 -9.93 4.65 12.00
N ASP B 50 -9.00 4.03 12.70
CA ASP B 50 -9.30 3.38 13.99
C ASP B 50 -8.92 4.31 15.12
N LEU C 1 1.73 -1.30 -16.17
CA LEU C 1 0.55 -1.46 -15.32
C LEU C 1 -0.67 -0.83 -15.97
N GLY C 2 -0.47 0.28 -16.66
CA GLY C 2 -1.58 0.97 -17.30
C GLY C 2 -2.55 1.55 -16.30
N LEU C 3 -2.02 2.00 -15.16
CA LEU C 3 -2.84 2.59 -14.11
C LEU C 3 -3.28 3.98 -14.51
N GLU C 4 -2.38 4.72 -15.15
CA GLU C 4 -2.69 6.06 -15.58
C GLU C 4 -3.77 6.03 -16.65
N ARG C 5 -3.82 4.93 -17.39
CA ARG C 5 -4.81 4.77 -18.44
C ARG C 5 -6.17 4.37 -17.87
N ASP C 6 -6.15 3.54 -16.82
CA ASP C 6 -7.39 3.07 -16.20
C ASP C 6 -7.95 4.10 -15.22
N VAL C 7 -7.06 4.83 -14.56
CA VAL C 7 -7.48 5.85 -13.60
C VAL C 7 -7.95 7.08 -14.34
N SER C 8 -7.11 7.55 -15.24
CA SER C 8 -7.42 8.72 -16.04
C SER C 8 -8.69 8.48 -16.83
N ARG C 9 -8.91 7.22 -17.22
CA ARG C 9 -10.12 6.88 -17.97
C ARG C 9 -11.31 6.81 -17.04
N ALA C 10 -11.05 6.46 -15.77
CA ALA C 10 -12.11 6.39 -14.78
C ALA C 10 -12.49 7.78 -14.32
N VAL C 11 -11.50 8.67 -14.31
CA VAL C 11 -11.70 10.04 -13.91
C VAL C 11 -12.61 10.77 -14.91
N GLU C 12 -12.29 10.61 -16.19
CA GLU C 12 -13.09 11.23 -17.25
C GLU C 12 -14.40 10.48 -17.40
N LEU C 13 -14.39 9.19 -17.11
CA LEU C 13 -15.59 8.39 -17.20
C LEU C 13 -16.56 8.79 -16.11
N LEU C 14 -16.02 9.21 -14.97
CA LEU C 14 -16.82 9.66 -13.85
C LEU C 14 -17.38 11.04 -14.15
N GLU C 15 -16.57 11.86 -14.79
CA GLU C 15 -16.99 13.21 -15.17
C GLU C 15 -18.02 13.09 -16.28
N ARG C 16 -17.75 12.16 -17.19
CA ARG C 16 -18.65 11.89 -18.31
C ARG C 16 -20.07 11.65 -17.80
N LEU C 17 -20.19 10.71 -16.87
CA LEU C 17 -21.49 10.40 -16.29
C LEU C 17 -22.00 11.58 -15.47
N GLN C 18 -21.07 12.29 -14.83
CA GLN C 18 -21.42 13.46 -14.04
C GLN C 18 -22.05 14.51 -14.92
N ARG C 19 -21.54 14.64 -16.14
CA ARG C 19 -22.06 15.60 -17.11
C ARG C 19 -23.48 15.22 -17.50
N SER C 20 -23.70 13.92 -17.67
CA SER C 20 -25.02 13.42 -18.05
C SER C 20 -26.00 13.58 -16.89
N GLY C 21 -25.51 13.34 -15.68
CA GLY C 21 -26.37 13.46 -14.50
C GLY C 21 -27.53 12.50 -14.52
N GLU C 22 -27.23 11.21 -14.57
CA GLU C 22 -28.26 10.18 -14.60
C GLU C 22 -28.30 9.39 -13.30
N LEU C 23 -27.12 9.13 -12.74
CA LEU C 23 -27.01 8.36 -11.50
C LEU C 23 -26.37 9.20 -10.40
N PRO C 24 -26.43 8.73 -9.14
CA PRO C 24 -25.85 9.43 -8.00
C PRO C 24 -24.45 9.96 -8.30
N PRO C 25 -24.34 11.25 -8.64
CA PRO C 25 -23.05 11.87 -8.97
C PRO C 25 -22.12 12.02 -7.76
N GLN C 26 -22.71 12.08 -6.57
CA GLN C 26 -21.93 12.24 -5.35
C GLN C 26 -20.86 11.15 -5.21
N LYS C 27 -21.22 9.91 -5.51
CA LYS C 27 -20.27 8.81 -5.42
C LYS C 27 -19.26 8.90 -6.56
N LEU C 28 -19.71 9.41 -7.69
CA LEU C 28 -18.85 9.56 -8.86
C LEU C 28 -17.85 10.69 -8.68
N GLN C 29 -18.28 11.77 -8.03
CA GLN C 29 -17.38 12.90 -7.77
C GLN C 29 -16.39 12.51 -6.69
N ALA C 30 -16.83 11.66 -5.77
CA ALA C 30 -15.97 11.20 -4.70
C ALA C 30 -14.82 10.38 -5.25
N LEU C 31 -15.14 9.51 -6.21
CA LEU C 31 -14.12 8.69 -6.85
C LEU C 31 -13.12 9.58 -7.58
N GLN C 32 -13.63 10.48 -8.39
CA GLN C 32 -12.78 11.40 -9.15
C GLN C 32 -11.75 12.05 -8.23
N ARG C 33 -12.20 12.44 -7.03
CA ARG C 33 -11.31 13.06 -6.05
C ARG C 33 -10.46 12.01 -5.34
N VAL C 34 -10.93 10.76 -5.34
CA VAL C 34 -10.22 9.68 -4.69
C VAL C 34 -8.99 9.27 -5.51
N LEU C 35 -9.08 9.46 -6.82
CA LEU C 35 -7.98 9.11 -7.71
C LEU C 35 -7.19 10.36 -8.11
N GLN C 36 -7.91 11.43 -8.41
CA GLN C 36 -7.29 12.70 -8.79
C GLN C 36 -6.49 13.29 -7.64
N SER C 37 -6.95 13.03 -6.40
CA SER C 37 -6.27 13.55 -5.22
C SER C 37 -4.77 13.25 -5.27
N ARG C 38 -3.99 14.12 -4.65
CA ARG C 38 -2.54 13.96 -4.61
C ARG C 38 -2.15 12.63 -3.97
N PHE C 39 -3.00 12.14 -3.06
CA PHE C 39 -2.74 10.88 -2.38
C PHE C 39 -2.54 9.75 -3.37
N CYS C 40 -3.56 9.50 -4.20
CA CYS C 40 -3.50 8.44 -5.20
C CYS C 40 -2.32 8.64 -6.14
N SER C 41 -1.78 9.86 -6.17
CA SER C 41 -0.64 10.18 -7.02
C SER C 41 0.60 9.56 -6.43
N ALA C 42 0.79 9.75 -5.13
CA ALA C 42 1.93 9.19 -4.45
C ALA C 42 1.91 7.67 -4.56
N ILE C 43 0.74 7.11 -4.25
CA ILE C 43 0.52 5.68 -4.33
C ILE C 43 0.78 5.17 -5.74
N ARG C 44 0.28 5.90 -6.74
CA ARG C 44 0.49 5.53 -8.13
C ARG C 44 1.98 5.51 -8.44
N GLU C 45 2.69 6.52 -7.95
CA GLU C 45 4.13 6.61 -8.15
C GLU C 45 4.79 5.37 -7.57
N VAL C 46 4.18 4.80 -6.54
CA VAL C 46 4.70 3.60 -5.90
C VAL C 46 4.67 2.42 -6.85
N TYR C 47 3.53 2.21 -7.48
CA TYR C 47 3.39 1.09 -8.41
C TYR C 47 4.40 1.19 -9.55
N GLU C 48 4.59 2.40 -10.07
CA GLU C 48 5.54 2.61 -11.16
C GLU C 48 6.97 2.49 -10.62
N GLN C 49 7.21 3.15 -9.49
CA GLN C 49 8.51 3.14 -8.85
C GLN C 49 8.90 1.72 -8.46
N LEU C 50 7.92 0.97 -7.97
CA LEU C 50 8.14 -0.40 -7.54
C LEU C 50 8.53 -1.29 -8.70
N TYR C 51 7.82 -1.16 -9.82
CA TYR C 51 8.14 -1.95 -11.00
C TYR C 51 9.62 -1.79 -11.34
N ASP C 52 10.07 -0.54 -11.37
CA ASP C 52 11.47 -0.27 -11.64
C ASP C 52 12.34 -0.97 -10.60
N THR C 53 11.95 -0.82 -9.34
CA THR C 53 12.66 -1.45 -8.23
C THR C 53 12.85 -2.94 -8.49
N LEU C 54 11.80 -3.58 -8.99
CA LEU C 54 11.85 -5.00 -9.32
C LEU C 54 13.00 -5.26 -10.28
N ASP C 55 13.14 -4.36 -11.24
CA ASP C 55 14.19 -4.47 -12.25
C ASP C 55 15.55 -4.02 -11.71
N ILE C 56 15.56 -3.34 -10.56
CA ILE C 56 16.81 -2.88 -9.96
C ILE C 56 17.34 -3.88 -8.95
N THR C 57 16.54 -4.16 -7.95
CA THR C 57 16.89 -5.10 -6.89
C THR C 57 16.94 -6.53 -7.40
N ALA D 1 6.38 -10.07 3.23
CA ALA D 1 7.23 -9.21 4.06
C ALA D 1 6.80 -9.27 5.52
N VAL D 2 5.49 -9.28 5.75
CA VAL D 2 4.96 -9.35 7.09
C VAL D 2 5.24 -10.72 7.72
N GLN D 3 5.04 -11.77 6.93
CA GLN D 3 5.29 -13.13 7.40
C GLN D 3 6.75 -13.30 7.79
N ARG D 4 7.64 -12.75 6.98
CA ARG D 4 9.07 -12.84 7.24
C ARG D 4 9.38 -12.17 8.58
N ALA D 5 8.82 -11.00 8.78
CA ALA D 5 9.00 -10.27 10.02
C ALA D 5 8.38 -11.07 11.16
N LYS D 6 7.23 -11.66 10.88
CA LYS D 6 6.50 -12.46 11.85
C LYS D 6 7.36 -13.63 12.33
N GLU D 7 7.83 -14.44 11.38
CA GLU D 7 8.66 -15.59 11.70
C GLU D 7 9.84 -15.17 12.56
N VAL D 8 10.39 -13.99 12.26
CA VAL D 8 11.52 -13.46 13.01
C VAL D 8 11.11 -13.20 14.46
N LEU D 9 9.89 -12.68 14.65
CA LEU D 9 9.38 -12.41 15.99
C LEU D 9 9.43 -13.67 16.82
N GLU D 10 8.96 -14.76 16.23
CA GLU D 10 8.93 -16.05 16.92
C GLU D 10 10.33 -16.47 17.34
N GLU D 11 11.30 -16.32 16.44
CA GLU D 11 12.67 -16.68 16.73
C GLU D 11 13.24 -15.79 17.82
N ILE D 12 13.16 -14.48 17.62
CA ILE D 12 13.67 -13.53 18.59
C ILE D 12 12.89 -13.60 19.89
N SER D 13 11.62 -14.00 19.81
CA SER D 13 10.76 -14.11 20.99
C SER D 13 11.19 -15.29 21.84
N CYS D 14 11.68 -16.34 21.21
CA CYS D 14 12.13 -17.54 21.92
C CYS D 14 13.51 -17.32 22.54
N TYR D 15 14.07 -16.12 22.38
CA TYR D 15 15.38 -15.81 22.92
C TYR D 15 15.29 -14.79 24.04
N PRO D 16 15.30 -15.24 25.31
CA PRO D 16 15.23 -14.35 26.47
C PRO D 16 16.61 -13.86 26.90
N GLU D 17 17.55 -13.81 25.96
CA GLU D 17 18.91 -13.37 26.26
C GLU D 17 19.31 -12.17 25.39
N ASN D 18 18.87 -12.18 24.13
CA ASN D 18 19.19 -11.10 23.21
C ASN D 18 18.26 -9.90 23.43
N ASN D 19 18.79 -8.87 24.07
CA ASN D 19 18.01 -7.67 24.35
C ASN D 19 17.54 -7.02 23.04
N ASP D 20 18.31 -7.21 21.98
CA ASP D 20 17.96 -6.65 20.68
C ASP D 20 16.78 -7.41 20.09
N ALA D 21 16.70 -8.69 20.43
CA ALA D 21 15.64 -9.54 19.95
C ALA D 21 14.30 -9.11 20.56
N LYS D 22 14.37 -8.55 21.76
CA LYS D 22 13.19 -8.10 22.46
C LYS D 22 12.66 -6.81 21.85
N GLU D 23 13.52 -5.81 21.82
CA GLU D 23 13.14 -4.52 21.26
C GLU D 23 12.82 -4.65 19.77
N LEU D 24 13.40 -5.68 19.14
CA LEU D 24 13.15 -5.90 17.71
C LEU D 24 11.77 -6.49 17.49
N LYS D 25 11.38 -7.42 18.33
CA LYS D 25 10.06 -8.05 18.21
C LYS D 25 8.97 -7.01 18.42
N ARG D 26 9.20 -6.12 19.37
CA ARG D 26 8.25 -5.05 19.68
C ARG D 26 8.01 -4.17 18.46
N ILE D 27 9.10 -3.64 17.91
CA ILE D 27 9.02 -2.78 16.74
C ILE D 27 8.37 -3.49 15.57
N LEU D 28 8.72 -4.75 15.39
CA LEU D 28 8.19 -5.55 14.29
C LEU D 28 6.74 -5.96 14.53
N THR D 29 6.27 -5.85 15.77
CA THR D 29 4.91 -6.25 16.09
C THR D 29 3.90 -5.11 15.91
N GLN D 30 4.27 -3.89 16.27
CA GLN D 30 3.37 -2.75 16.14
C GLN D 30 2.80 -2.69 14.71
N PRO D 31 1.45 -2.72 14.57
CA PRO D 31 0.79 -2.68 13.27
C PRO D 31 1.36 -1.62 12.32
N HIS D 32 1.97 -0.57 12.87
CA HIS D 32 2.53 0.50 12.05
C HIS D 32 3.53 -0.06 11.03
N PHE D 33 4.55 -0.75 11.53
CA PHE D 33 5.55 -1.35 10.66
C PHE D 33 4.91 -2.42 9.79
N MET D 34 3.85 -3.03 10.32
CA MET D 34 3.11 -4.05 9.59
C MET D 34 2.33 -3.41 8.45
N ALA D 35 1.86 -2.19 8.68
CA ALA D 35 1.10 -1.46 7.67
C ALA D 35 1.96 -1.23 6.44
N LEU D 36 3.16 -0.69 6.66
CA LEU D 36 4.09 -0.46 5.56
C LEU D 36 4.41 -1.78 4.88
N LEU D 37 4.68 -2.80 5.69
CA LEU D 37 4.96 -4.13 5.17
C LEU D 37 3.76 -4.63 4.38
N GLN D 38 2.57 -4.26 4.84
CA GLN D 38 1.33 -4.65 4.16
C GLN D 38 1.36 -4.14 2.73
N THR D 39 1.86 -2.91 2.57
CA THR D 39 1.98 -2.31 1.25
C THR D 39 2.96 -3.12 0.42
N HIS D 40 3.98 -3.65 1.10
CA HIS D 40 5.00 -4.46 0.48
C HIS D 40 4.38 -5.65 -0.25
N ASP D 41 3.50 -6.36 0.46
CA ASP D 41 2.84 -7.55 -0.09
C ASP D 41 1.79 -7.18 -1.14
N VAL D 42 1.00 -6.16 -0.85
CA VAL D 42 -0.05 -5.72 -1.78
C VAL D 42 0.48 -5.57 -3.19
N VAL D 43 1.58 -4.84 -3.32
CA VAL D 43 2.19 -4.59 -4.60
C VAL D 43 2.87 -5.84 -5.16
N ALA D 44 3.75 -6.44 -4.36
CA ALA D 44 4.45 -7.63 -4.79
C ALA D 44 3.49 -8.70 -5.31
N HIS D 45 2.37 -8.86 -4.61
CA HIS D 45 1.37 -9.84 -5.01
C HIS D 45 0.77 -9.45 -6.36
N GLU D 46 0.44 -8.18 -6.51
CA GLU D 46 -0.14 -7.68 -7.76
C GLU D 46 0.95 -7.36 -8.78
N VAL D 47 2.21 -7.61 -8.42
CA VAL D 47 3.33 -7.35 -9.30
C VAL D 47 3.65 -8.56 -10.16
N TYR D 48 3.88 -9.69 -9.50
CA TYR D 48 4.21 -10.93 -10.21
C TYR D 48 4.06 -12.14 -9.29
N SER D 49 2.86 -12.34 -8.77
CA SER D 49 2.58 -13.46 -7.89
C SER D 49 1.63 -14.43 -8.57
N ASP D 50 0.63 -13.88 -9.25
CA ASP D 50 -0.35 -14.68 -9.96
C ASP D 50 0.02 -14.76 -11.43
N LEU A 1 4.60 9.37 11.61
CA LEU A 1 4.35 7.94 11.78
C LEU A 1 5.50 7.28 12.54
N GLY A 2 6.71 7.76 12.30
CA GLY A 2 7.87 7.19 12.95
C GLY A 2 8.26 5.85 12.37
N LEU A 3 7.93 5.64 11.10
CA LEU A 3 8.24 4.39 10.42
C LEU A 3 9.72 4.32 10.09
N GLU A 4 10.29 5.46 9.73
CA GLU A 4 11.71 5.51 9.42
C GLU A 4 12.54 5.23 10.66
N ARG A 5 11.98 5.57 11.81
CA ARG A 5 12.67 5.36 13.08
C ARG A 5 12.57 3.90 13.51
N ASP A 6 11.42 3.29 13.27
CA ASP A 6 11.18 1.89 13.65
C ASP A 6 11.78 0.93 12.64
N VAL A 7 11.72 1.31 11.37
CA VAL A 7 12.26 0.48 10.30
C VAL A 7 13.78 0.53 10.33
N SER A 8 14.30 1.74 10.27
CA SER A 8 15.74 1.96 10.31
C SER A 8 16.30 1.37 11.59
N ARG A 9 15.50 1.37 12.65
CA ARG A 9 15.93 0.82 13.92
C ARG A 9 15.87 -0.71 13.87
N ALA A 10 14.93 -1.22 13.09
CA ALA A 10 14.78 -2.66 12.94
C ALA A 10 15.88 -3.20 12.03
N VAL A 11 16.29 -2.37 11.08
CA VAL A 11 17.34 -2.72 10.14
C VAL A 11 18.67 -2.87 10.86
N GLU A 12 19.01 -1.87 11.68
CA GLU A 12 20.24 -1.90 12.45
C GLU A 12 20.13 -2.89 13.58
N LEU A 13 18.92 -3.14 14.05
CA LEU A 13 18.70 -4.10 15.11
C LEU A 13 18.94 -5.51 14.59
N LEU A 14 18.61 -5.72 13.32
CA LEU A 14 18.83 -7.01 12.68
C LEU A 14 20.30 -7.20 12.37
N GLU A 15 20.96 -6.09 12.04
CA GLU A 15 22.39 -6.11 11.76
C GLU A 15 23.14 -6.32 13.06
N ARG A 16 22.67 -5.64 14.09
CA ARG A 16 23.24 -5.74 15.42
C ARG A 16 23.33 -7.21 15.84
N LEU A 17 22.19 -7.88 15.78
CA LEU A 17 22.13 -9.29 16.13
C LEU A 17 22.98 -10.11 15.15
N GLN A 18 23.02 -9.64 13.91
CA GLN A 18 23.81 -10.30 12.88
C GLN A 18 25.29 -10.27 13.27
N ARG A 19 25.69 -9.16 13.86
CA ARG A 19 27.07 -8.98 14.31
C ARG A 19 27.38 -9.98 15.42
N SER A 20 26.41 -10.18 16.30
CA SER A 20 26.56 -11.12 17.41
C SER A 20 26.56 -12.56 16.90
N GLY A 21 25.70 -12.83 15.92
CA GLY A 21 25.61 -14.16 15.37
C GLY A 21 25.18 -15.19 16.39
N GLU A 22 23.98 -15.01 16.94
CA GLU A 22 23.45 -15.92 17.94
C GLU A 22 22.37 -16.82 17.36
N LEU A 23 21.57 -16.27 16.45
CA LEU A 23 20.49 -17.04 15.83
C LEU A 23 20.60 -17.01 14.30
N PRO A 24 19.76 -17.82 13.61
CA PRO A 24 19.77 -17.89 12.15
C PRO A 24 19.85 -16.51 11.50
N PRO A 25 21.06 -16.11 11.06
CA PRO A 25 21.28 -14.80 10.44
C PRO A 25 20.54 -14.65 9.12
N GLN A 26 20.31 -15.77 8.43
CA GLN A 26 19.61 -15.76 7.15
C GLN A 26 18.24 -15.08 7.24
N LYS A 27 17.43 -15.51 8.20
CA LYS A 27 16.09 -14.94 8.39
C LYS A 27 16.19 -13.46 8.71
N LEU A 28 17.07 -13.12 9.66
CA LEU A 28 17.26 -11.74 10.06
C LEU A 28 17.80 -10.91 8.91
N GLN A 29 18.61 -11.54 8.06
CA GLN A 29 19.16 -10.86 6.90
C GLN A 29 18.05 -10.59 5.90
N ALA A 30 17.07 -11.49 5.88
CA ALA A 30 15.94 -11.35 4.97
C ALA A 30 15.12 -10.13 5.35
N LEU A 31 14.96 -9.92 6.64
CA LEU A 31 14.20 -8.78 7.14
C LEU A 31 14.89 -7.47 6.76
N GLN A 32 16.17 -7.37 7.10
CA GLN A 32 16.94 -6.16 6.79
C GLN A 32 16.90 -5.87 5.29
N ARG A 33 16.80 -6.93 4.49
CA ARG A 33 16.74 -6.77 3.04
C ARG A 33 15.34 -6.32 2.61
N VAL A 34 14.36 -6.68 3.42
CA VAL A 34 12.97 -6.31 3.14
C VAL A 34 12.69 -4.87 3.57
N LEU A 35 13.46 -4.37 4.53
CA LEU A 35 13.28 -3.00 5.01
C LEU A 35 14.21 -2.05 4.26
N GLN A 36 15.43 -2.50 4.01
CA GLN A 36 16.41 -1.69 3.30
C GLN A 36 16.12 -1.67 1.80
N SER A 37 15.49 -2.73 1.30
CA SER A 37 15.16 -2.82 -0.12
C SER A 37 14.49 -1.54 -0.62
N ARG A 38 14.82 -1.14 -1.84
CA ARG A 38 14.26 0.07 -2.43
C ARG A 38 12.73 0.01 -2.42
N PHE A 39 12.18 -1.21 -2.49
CA PHE A 39 10.74 -1.38 -2.50
C PHE A 39 10.10 -0.77 -1.27
N CYS A 40 10.50 -1.25 -0.10
CA CYS A 40 9.97 -0.75 1.16
C CYS A 40 10.24 0.75 1.31
N SER A 41 11.21 1.25 0.55
CA SER A 41 11.56 2.65 0.59
C SER A 41 10.45 3.46 -0.06
N ALA A 42 9.96 2.96 -1.18
CA ALA A 42 8.87 3.60 -1.89
C ALA A 42 7.62 3.55 -1.03
N ILE A 43 7.35 2.36 -0.50
CA ILE A 43 6.19 2.13 0.36
C ILE A 43 6.32 3.00 1.63
N ARG A 44 7.55 3.15 2.11
CA ARG A 44 7.81 3.94 3.30
C ARG A 44 7.47 5.40 3.04
N GLU A 45 7.98 5.96 1.94
CA GLU A 45 7.69 7.33 1.59
C GLU A 45 6.19 7.53 1.47
N VAL A 46 5.47 6.46 1.12
CA VAL A 46 4.02 6.54 0.99
C VAL A 46 3.39 6.86 2.33
N TYR A 47 3.78 6.12 3.36
CA TYR A 47 3.22 6.35 4.69
C TYR A 47 3.48 7.78 5.15
N GLU A 48 4.71 8.24 5.00
CA GLU A 48 5.06 9.60 5.40
C GLU A 48 4.32 10.60 4.53
N GLN A 49 4.28 10.33 3.23
CA GLN A 49 3.61 11.19 2.28
C GLN A 49 2.12 11.27 2.57
N LEU A 50 1.50 10.09 2.73
CA LEU A 50 0.07 10.01 3.00
C LEU A 50 -0.31 10.88 4.19
N TYR A 51 0.43 10.75 5.28
CA TYR A 51 0.17 11.55 6.47
C TYR A 51 0.11 13.03 6.09
N ASP A 52 1.14 13.48 5.39
CA ASP A 52 1.20 14.87 4.94
C ASP A 52 -0.01 15.18 4.06
N THR A 53 -0.33 14.24 3.16
CA THR A 53 -1.47 14.37 2.28
C THR A 53 -2.73 14.66 3.07
N LEU A 54 -2.90 13.96 4.18
CA LEU A 54 -4.06 14.16 5.05
C LEU A 54 -4.10 15.61 5.53
N ASP A 55 -2.92 16.11 5.89
CA ASP A 55 -2.79 17.48 6.38
C ASP A 55 -3.09 18.49 5.27
N ILE A 56 -2.96 18.06 4.01
CA ILE A 56 -3.22 18.93 2.89
C ILE A 56 -4.70 18.92 2.52
N THR A 57 -5.22 17.73 2.32
CA THR A 57 -6.62 17.54 1.96
C THR A 57 -7.53 17.80 3.14
N ALA B 1 -12.47 3.15 -0.19
CA ALA B 1 -12.28 3.59 -1.57
C ALA B 1 -12.79 2.53 -2.54
N VAL B 2 -12.58 1.26 -2.20
CA VAL B 2 -13.01 0.16 -3.05
C VAL B 2 -14.54 0.06 -3.05
N GLN B 3 -15.13 0.14 -1.86
CA GLN B 3 -16.59 0.07 -1.74
C GLN B 3 -17.24 1.18 -2.54
N ARG B 4 -16.69 2.39 -2.44
CA ARG B 4 -17.22 3.53 -3.17
C ARG B 4 -17.16 3.25 -4.67
N ALA B 5 -16.05 2.65 -5.09
CA ALA B 5 -15.88 2.30 -6.49
C ALA B 5 -16.91 1.25 -6.90
N LYS B 6 -17.06 0.22 -6.07
CA LYS B 6 -18.02 -0.83 -6.32
C LYS B 6 -19.43 -0.27 -6.43
N GLU B 7 -19.77 0.61 -5.48
CA GLU B 7 -21.09 1.24 -5.47
C GLU B 7 -21.36 1.94 -6.79
N VAL B 8 -20.35 2.65 -7.29
CA VAL B 8 -20.46 3.37 -8.54
C VAL B 8 -20.73 2.40 -9.69
N LEU B 9 -20.02 1.27 -9.69
CA LEU B 9 -20.20 0.26 -10.73
C LEU B 9 -21.67 -0.13 -10.81
N GLU B 10 -22.30 -0.26 -9.66
CA GLU B 10 -23.71 -0.61 -9.60
C GLU B 10 -24.56 0.46 -10.28
N GLU B 11 -24.30 1.72 -9.94
CA GLU B 11 -25.05 2.82 -10.52
C GLU B 11 -24.82 2.90 -12.03
N ILE B 12 -23.56 2.98 -12.43
CA ILE B 12 -23.21 3.04 -13.83
C ILE B 12 -23.63 1.76 -14.55
N SER B 13 -23.65 0.64 -13.82
CA SER B 13 -24.04 -0.63 -14.39
C SER B 13 -25.51 -0.60 -14.81
N CYS B 14 -26.31 0.11 -14.02
CA CYS B 14 -27.74 0.23 -14.31
C CYS B 14 -27.99 1.21 -15.46
N TYR B 15 -26.93 1.80 -15.99
CA TYR B 15 -27.05 2.76 -17.08
C TYR B 15 -26.47 2.19 -18.38
N PRO B 16 -27.30 1.54 -19.20
CA PRO B 16 -26.88 0.97 -20.47
C PRO B 16 -26.96 1.96 -21.62
N GLU B 17 -26.82 3.25 -21.29
CA GLU B 17 -26.89 4.31 -22.29
C GLU B 17 -25.59 5.11 -22.34
N ASN B 18 -24.93 5.25 -21.20
CA ASN B 18 -23.68 6.02 -21.13
C ASN B 18 -22.49 5.12 -21.47
N ASN B 19 -21.69 5.57 -22.44
CA ASN B 19 -20.52 4.82 -22.86
C ASN B 19 -19.39 4.93 -21.83
N ASP B 20 -19.41 6.00 -21.05
CA ASP B 20 -18.39 6.19 -20.04
C ASP B 20 -18.64 5.27 -18.86
N ALA B 21 -19.91 5.02 -18.59
CA ALA B 21 -20.30 4.14 -17.50
C ALA B 21 -19.78 2.73 -17.77
N LYS B 22 -19.74 2.37 -19.05
CA LYS B 22 -19.25 1.05 -19.45
C LYS B 22 -17.76 0.95 -19.24
N GLU B 23 -17.03 1.87 -19.86
CA GLU B 23 -15.58 1.89 -19.74
C GLU B 23 -15.15 2.09 -18.28
N LEU B 24 -16.02 2.73 -17.51
CA LEU B 24 -15.71 2.99 -16.10
C LEU B 24 -15.95 1.73 -15.27
N LYS B 25 -16.91 0.93 -15.67
CA LYS B 25 -17.23 -0.31 -14.96
C LYS B 25 -16.09 -1.31 -15.14
N ARG B 26 -15.54 -1.36 -16.35
CA ARG B 26 -14.46 -2.28 -16.66
C ARG B 26 -13.18 -1.90 -15.91
N ILE B 27 -12.79 -0.64 -16.02
CA ILE B 27 -11.59 -0.16 -15.36
C ILE B 27 -11.72 -0.22 -13.84
N LEU B 28 -12.84 0.26 -13.32
CA LEU B 28 -13.08 0.26 -11.88
C LEU B 28 -13.02 -1.15 -11.31
N THR B 29 -13.51 -2.12 -12.09
CA THR B 29 -13.51 -3.51 -11.66
C THR B 29 -12.13 -4.15 -11.83
N GLN B 30 -11.32 -3.61 -12.74
CA GLN B 30 -9.98 -4.13 -12.98
C GLN B 30 -9.22 -4.32 -11.66
N PRO B 31 -9.05 -5.58 -11.21
CA PRO B 31 -8.35 -5.88 -9.96
C PRO B 31 -7.15 -4.99 -9.69
N HIS B 32 -6.41 -4.64 -10.74
CA HIS B 32 -5.24 -3.78 -10.60
C HIS B 32 -5.62 -2.47 -9.90
N PHE B 33 -6.59 -1.77 -10.48
CA PHE B 33 -7.06 -0.53 -9.91
C PHE B 33 -7.61 -0.77 -8.50
N MET B 34 -8.12 -1.99 -8.29
CA MET B 34 -8.66 -2.36 -7.00
C MET B 34 -7.54 -2.50 -5.98
N ALA B 35 -6.43 -3.07 -6.42
CA ALA B 35 -5.26 -3.24 -5.55
C ALA B 35 -4.83 -1.90 -4.99
N LEU B 36 -4.66 -0.91 -5.88
CA LEU B 36 -4.27 0.43 -5.45
C LEU B 36 -5.29 0.95 -4.43
N LEU B 37 -6.56 0.75 -4.74
CA LEU B 37 -7.64 1.17 -3.86
C LEU B 37 -7.47 0.51 -2.50
N GLN B 38 -7.05 -0.75 -2.51
CA GLN B 38 -6.83 -1.49 -1.27
C GLN B 38 -5.82 -0.75 -0.41
N THR B 39 -4.79 -0.23 -1.06
CA THR B 39 -3.77 0.55 -0.37
C THR B 39 -4.39 1.81 0.21
N HIS B 40 -5.38 2.34 -0.49
CA HIS B 40 -6.10 3.53 -0.07
C HIS B 40 -6.77 3.30 1.28
N ASP B 41 -7.38 2.14 1.42
CA ASP B 41 -8.09 1.79 2.65
C ASP B 41 -7.12 1.35 3.74
N VAL B 42 -6.15 0.51 3.39
CA VAL B 42 -5.18 0.02 4.36
C VAL B 42 -4.58 1.17 5.18
N VAL B 43 -4.11 2.20 4.48
CA VAL B 43 -3.52 3.36 5.14
C VAL B 43 -4.61 4.25 5.75
N ALA B 44 -5.63 4.55 4.97
CA ALA B 44 -6.73 5.39 5.44
C ALA B 44 -7.31 4.86 6.76
N HIS B 45 -7.32 3.55 6.90
CA HIS B 45 -7.85 2.93 8.11
C HIS B 45 -6.85 3.06 9.25
N GLU B 46 -5.60 2.70 8.97
CA GLU B 46 -4.54 2.77 9.97
C GLU B 46 -4.31 4.21 10.43
N VAL B 47 -4.81 5.17 9.67
CA VAL B 47 -4.62 6.59 10.00
C VAL B 47 -5.87 7.21 10.60
N TYR B 48 -7.03 6.87 10.05
CA TYR B 48 -8.28 7.44 10.53
C TYR B 48 -9.31 6.38 10.86
N SER B 49 -8.88 5.44 11.69
CA SER B 49 -9.75 4.35 12.13
C SER B 49 -9.31 3.84 13.49
N ASP B 50 -8.15 3.20 13.52
CA ASP B 50 -7.60 2.68 14.76
C ASP B 50 -7.24 3.82 15.71
N LEU C 1 1.59 -1.97 -15.97
CA LEU C 1 0.96 -1.20 -14.93
C LEU C 1 0.08 -0.10 -15.49
N GLY C 2 -0.95 -0.49 -16.23
CA GLY C 2 -1.86 0.48 -16.80
C GLY C 2 -2.70 1.18 -15.76
N LEU C 3 -2.08 1.56 -14.64
CA LEU C 3 -2.78 2.24 -13.56
C LEU C 3 -3.03 3.69 -13.94
N GLU C 4 -2.06 4.31 -14.57
CA GLU C 4 -2.19 5.69 -14.98
C GLU C 4 -3.24 5.81 -16.07
N ARG C 5 -3.30 4.78 -16.91
CA ARG C 5 -4.25 4.75 -18.01
C ARG C 5 -5.64 4.35 -17.51
N ASP C 6 -5.69 3.49 -16.51
CA ASP C 6 -6.97 3.02 -15.97
C ASP C 6 -7.57 4.01 -14.98
N VAL C 7 -6.71 4.63 -14.17
CA VAL C 7 -7.17 5.61 -13.19
C VAL C 7 -7.53 6.91 -13.88
N SER C 8 -6.59 7.40 -14.68
CA SER C 8 -6.80 8.62 -15.43
C SER C 8 -8.01 8.47 -16.35
N ARG C 9 -8.25 7.24 -16.81
CA ARG C 9 -9.39 6.98 -17.66
C ARG C 9 -10.66 6.92 -16.84
N ALA C 10 -10.52 6.51 -15.57
CA ALA C 10 -11.67 6.44 -14.68
C ALA C 10 -12.02 7.84 -14.19
N VAL C 11 -11.00 8.67 -14.04
CA VAL C 11 -11.19 10.04 -13.60
C VAL C 11 -11.96 10.83 -14.64
N GLU C 12 -11.52 10.71 -15.90
CA GLU C 12 -12.18 11.39 -17.00
C GLU C 12 -13.50 10.70 -17.32
N LEU C 13 -13.58 9.42 -17.02
CA LEU C 13 -14.79 8.66 -17.24
C LEU C 13 -15.87 9.11 -16.27
N LEU C 14 -15.43 9.50 -15.07
CA LEU C 14 -16.34 9.98 -14.04
C LEU C 14 -16.78 11.39 -14.39
N GLU C 15 -15.87 12.16 -14.97
CA GLU C 15 -16.17 13.52 -15.39
C GLU C 15 -17.10 13.45 -16.59
N ARG C 16 -16.77 12.53 -17.49
CA ARG C 16 -17.56 12.30 -18.69
C ARG C 16 -19.03 12.10 -18.31
N LEU C 17 -19.27 11.16 -17.41
CA LEU C 17 -20.61 10.87 -16.95
C LEU C 17 -21.18 12.10 -16.24
N GLN C 18 -20.31 12.84 -15.57
CA GLN C 18 -20.71 14.05 -14.87
C GLN C 18 -21.29 15.05 -15.85
N ARG C 19 -20.63 15.19 -16.99
CA ARG C 19 -21.07 16.10 -18.04
C ARG C 19 -22.45 15.68 -18.52
N SER C 20 -22.67 14.37 -18.60
CA SER C 20 -23.95 13.83 -19.05
C SER C 20 -25.02 14.10 -18.00
N GLY C 21 -24.65 13.97 -16.73
CA GLY C 21 -25.59 14.20 -15.65
C GLY C 21 -26.76 13.24 -15.69
N GLU C 22 -26.47 11.95 -15.60
CA GLU C 22 -27.51 10.93 -15.62
C GLU C 22 -27.52 10.13 -14.32
N LEU C 23 -26.34 9.91 -13.76
CA LEU C 23 -26.21 9.15 -12.52
C LEU C 23 -25.81 10.06 -11.35
N PRO C 24 -25.96 9.59 -10.10
CA PRO C 24 -25.60 10.36 -8.90
C PRO C 24 -24.27 11.08 -9.06
N PRO C 25 -24.28 12.43 -9.03
CA PRO C 25 -23.06 13.23 -9.18
C PRO C 25 -22.09 13.08 -8.02
N GLN C 26 -22.60 13.16 -6.80
CA GLN C 26 -21.77 13.05 -5.60
C GLN C 26 -20.95 11.77 -5.58
N LYS C 27 -21.62 10.63 -5.77
CA LYS C 27 -20.94 9.34 -5.76
C LYS C 27 -19.80 9.31 -6.77
N LEU C 28 -20.11 9.66 -8.02
CA LEU C 28 -19.11 9.66 -9.07
C LEU C 28 -18.04 10.71 -8.80
N GLN C 29 -18.44 11.84 -8.22
CA GLN C 29 -17.51 12.89 -7.89
C GLN C 29 -16.60 12.43 -6.76
N ALA C 30 -17.16 11.59 -5.90
CA ALA C 30 -16.41 11.05 -4.78
C ALA C 30 -15.24 10.22 -5.28
N LEU C 31 -15.51 9.37 -6.27
CA LEU C 31 -14.47 8.55 -6.85
C LEU C 31 -13.38 9.43 -7.45
N GLN C 32 -13.80 10.38 -8.29
CA GLN C 32 -12.88 11.30 -8.93
C GLN C 32 -11.92 11.89 -7.91
N ARG C 33 -12.45 12.31 -6.77
CA ARG C 33 -11.63 12.90 -5.71
C ARG C 33 -10.78 11.83 -5.04
N VAL C 34 -11.22 10.59 -5.11
CA VAL C 34 -10.50 9.47 -4.52
C VAL C 34 -9.32 9.05 -5.39
N LEU C 35 -9.42 9.33 -6.69
CA LEU C 35 -8.36 8.97 -7.62
C LEU C 35 -7.44 10.16 -7.89
N GLN C 36 -8.04 11.34 -8.01
CA GLN C 36 -7.28 12.56 -8.28
C GLN C 36 -6.58 13.05 -7.01
N SER C 37 -7.14 12.71 -5.85
CA SER C 37 -6.56 13.13 -4.57
C SER C 37 -5.06 12.88 -4.54
N ARG C 38 -4.33 13.82 -3.94
CA ARG C 38 -2.88 13.70 -3.84
C ARG C 38 -2.48 12.38 -3.18
N PHE C 39 -3.35 11.88 -2.30
CA PHE C 39 -3.09 10.63 -1.60
C PHE C 39 -2.97 9.48 -2.60
N CYS C 40 -4.03 9.25 -3.36
CA CYS C 40 -4.05 8.18 -4.36
C CYS C 40 -2.94 8.37 -5.39
N SER C 41 -2.43 9.59 -5.47
CA SER C 41 -1.36 9.89 -6.41
C SER C 41 -0.06 9.27 -5.91
N ALA C 42 0.20 9.45 -4.62
CA ALA C 42 1.38 8.88 -4.00
C ALA C 42 1.33 7.37 -4.10
N ILE C 43 0.18 6.82 -3.70
CA ILE C 43 -0.05 5.39 -3.74
C ILE C 43 0.16 4.85 -5.15
N ARG C 44 -0.37 5.56 -6.14
CA ARG C 44 -0.22 5.15 -7.54
C ARG C 44 1.25 5.10 -7.90
N GLU C 45 1.98 6.14 -7.53
CA GLU C 45 3.41 6.21 -7.79
C GLU C 45 4.10 4.98 -7.20
N VAL C 46 3.51 4.45 -6.12
CA VAL C 46 4.06 3.26 -5.48
C VAL C 46 3.96 2.06 -6.39
N TYR C 47 2.77 1.84 -6.94
CA TYR C 47 2.57 0.69 -7.83
C TYR C 47 3.55 0.72 -8.99
N GLU C 48 3.77 1.90 -9.56
CA GLU C 48 4.71 2.03 -10.67
C GLU C 48 6.13 1.86 -10.16
N GLN C 49 6.45 2.57 -9.08
CA GLN C 49 7.77 2.51 -8.47
C GLN C 49 8.08 1.09 -8.00
N LEU C 50 7.04 0.37 -7.59
CA LEU C 50 7.20 -0.98 -7.10
C LEU C 50 7.59 -1.94 -8.22
N TYR C 51 6.86 -1.89 -9.32
CA TYR C 51 7.17 -2.74 -10.46
C TYR C 51 8.62 -2.56 -10.86
N ASP C 52 9.09 -1.31 -10.85
CA ASP C 52 10.46 -1.01 -11.19
C ASP C 52 11.42 -1.65 -10.19
N THR C 53 11.03 -1.61 -8.91
CA THR C 53 11.83 -2.19 -7.85
C THR C 53 12.06 -3.68 -8.12
N LEU C 54 11.03 -4.34 -8.64
CA LEU C 54 11.11 -5.76 -8.97
C LEU C 54 12.06 -5.96 -10.14
N ASP C 55 12.03 -4.99 -11.06
CA ASP C 55 12.89 -5.04 -12.24
C ASP C 55 14.36 -4.84 -11.86
N ILE C 56 14.59 -4.20 -10.71
CA ILE C 56 15.95 -3.95 -10.23
C ILE C 56 16.53 -5.19 -9.59
N THR C 57 15.95 -5.55 -8.45
CA THR C 57 16.40 -6.72 -7.69
C THR C 57 15.97 -8.00 -8.38
N ALA D 1 6.11 -10.34 3.90
CA ALA D 1 7.02 -9.48 4.64
C ALA D 1 6.68 -9.49 6.13
N VAL D 2 5.39 -9.49 6.43
CA VAL D 2 4.94 -9.51 7.81
C VAL D 2 5.23 -10.88 8.43
N GLN D 3 4.93 -11.94 7.69
CA GLN D 3 5.18 -13.30 8.17
C GLN D 3 6.66 -13.47 8.47
N ARG D 4 7.51 -12.95 7.59
CA ARG D 4 8.95 -13.06 7.79
C ARG D 4 9.33 -12.35 9.08
N ALA D 5 8.70 -11.22 9.32
CA ALA D 5 8.94 -10.45 10.53
C ALA D 5 8.50 -11.25 11.74
N LYS D 6 7.29 -11.80 11.66
CA LYS D 6 6.73 -12.62 12.73
C LYS D 6 7.65 -13.80 13.03
N GLU D 7 8.09 -14.48 11.98
CA GLU D 7 8.97 -15.63 12.12
C GLU D 7 10.24 -15.24 12.88
N VAL D 8 10.78 -14.07 12.54
CA VAL D 8 11.98 -13.57 13.19
C VAL D 8 11.71 -13.34 14.67
N LEU D 9 10.53 -12.81 14.99
CA LEU D 9 10.17 -12.56 16.39
C LEU D 9 10.31 -13.84 17.19
N GLU D 10 9.84 -14.93 16.61
CA GLU D 10 9.91 -16.23 17.27
C GLU D 10 11.36 -16.62 17.54
N GLU D 11 12.21 -16.47 16.53
CA GLU D 11 13.62 -16.80 16.69
C GLU D 11 14.28 -15.90 17.73
N ILE D 12 14.16 -14.59 17.53
CA ILE D 12 14.74 -13.63 18.45
C ILE D 12 14.06 -13.73 19.82
N SER D 13 12.81 -14.16 19.83
CA SER D 13 12.06 -14.30 21.08
C SER D 13 12.68 -15.39 21.93
N CYS D 14 13.16 -16.45 21.27
CA CYS D 14 13.80 -17.56 21.97
C CYS D 14 15.14 -17.13 22.58
N TYR D 15 15.60 -15.94 22.24
CA TYR D 15 16.86 -15.43 22.75
C TYR D 15 16.64 -14.31 23.76
N PRO D 16 16.64 -14.64 25.07
CA PRO D 16 16.44 -13.66 26.13
C PRO D 16 17.75 -12.99 26.57
N GLU D 17 18.74 -12.99 25.68
CA GLU D 17 20.04 -12.39 25.98
C GLU D 17 20.33 -11.20 25.07
N ASN D 18 19.84 -11.27 23.83
CA ASN D 18 20.07 -10.19 22.87
C ASN D 18 19.13 -9.02 23.14
N ASN D 19 19.70 -7.90 23.55
CA ASN D 19 18.91 -6.70 23.84
C ASN D 19 18.28 -6.15 22.56
N ASP D 20 18.90 -6.43 21.43
CA ASP D 20 18.38 -5.98 20.15
C ASP D 20 17.17 -6.79 19.76
N ALA D 21 17.22 -8.08 20.09
CA ALA D 21 16.12 -8.97 19.80
C ALA D 21 14.85 -8.50 20.48
N LYS D 22 14.98 -8.06 21.72
CA LYS D 22 13.85 -7.56 22.49
C LYS D 22 13.27 -6.30 21.86
N GLU D 23 14.11 -5.29 21.70
CA GLU D 23 13.68 -4.03 21.11
C GLU D 23 13.29 -4.22 19.66
N LEU D 24 13.84 -5.27 19.03
CA LEU D 24 13.52 -5.55 17.63
C LEU D 24 12.17 -6.23 17.52
N LYS D 25 11.87 -7.12 18.47
CA LYS D 25 10.60 -7.83 18.48
C LYS D 25 9.46 -6.83 18.63
N ARG D 26 9.69 -5.84 19.48
CA ARG D 26 8.70 -4.81 19.74
C ARG D 26 8.44 -3.98 18.50
N ILE D 27 9.51 -3.42 17.93
CA ILE D 27 9.40 -2.61 16.72
C ILE D 27 8.82 -3.40 15.55
N LEU D 28 9.34 -4.61 15.36
CA LEU D 28 8.88 -5.46 14.27
C LEU D 28 7.39 -5.74 14.38
N THR D 29 6.90 -5.89 15.60
CA THR D 29 5.48 -6.17 15.81
C THR D 29 4.65 -4.89 15.78
N GLN D 30 5.28 -3.74 15.97
CA GLN D 30 4.58 -2.46 15.94
C GLN D 30 3.60 -2.41 14.76
N PRO D 31 2.28 -2.46 15.04
CA PRO D 31 1.26 -2.44 13.99
C PRO D 31 1.58 -1.46 12.86
N HIS D 32 2.14 -0.31 13.21
CA HIS D 32 2.51 0.70 12.21
C HIS D 32 3.48 0.09 11.20
N PHE D 33 4.59 -0.44 11.70
CA PHE D 33 5.58 -1.07 10.85
C PHE D 33 4.94 -2.26 10.13
N MET D 34 3.94 -2.85 10.79
CA MET D 34 3.22 -3.98 10.21
C MET D 34 2.42 -3.53 9.00
N ALA D 35 1.77 -2.38 9.14
CA ALA D 35 0.98 -1.81 8.05
C ALA D 35 1.82 -1.66 6.80
N LEU D 36 3.00 -1.07 6.96
CA LEU D 36 3.91 -0.88 5.83
C LEU D 36 4.18 -2.24 5.18
N LEU D 37 4.51 -3.23 6.01
CA LEU D 37 4.79 -4.57 5.54
C LEU D 37 3.58 -5.10 4.77
N GLN D 38 2.39 -4.79 5.27
CA GLN D 38 1.15 -5.22 4.63
C GLN D 38 1.14 -4.74 3.18
N THR D 39 1.59 -3.51 2.97
CA THR D 39 1.68 -2.94 1.63
C THR D 39 2.67 -3.75 0.80
N HIS D 40 3.70 -4.24 1.49
CA HIS D 40 4.73 -5.04 0.87
C HIS D 40 4.15 -6.26 0.16
N ASP D 41 3.37 -7.04 0.89
CA ASP D 41 2.75 -8.25 0.35
C ASP D 41 1.63 -7.94 -0.62
N VAL D 42 0.81 -6.94 -0.31
CA VAL D 42 -0.30 -6.57 -1.18
C VAL D 42 0.15 -6.37 -2.63
N VAL D 43 1.22 -5.60 -2.82
CA VAL D 43 1.74 -5.33 -4.15
C VAL D 43 2.47 -6.55 -4.72
N ALA D 44 3.45 -7.04 -3.98
CA ALA D 44 4.22 -8.20 -4.43
C ALA D 44 3.29 -9.36 -4.78
N HIS D 45 2.17 -9.45 -4.07
CA HIS D 45 1.19 -10.48 -4.32
C HIS D 45 0.38 -10.17 -5.56
N GLU D 46 0.12 -8.88 -5.78
CA GLU D 46 -0.64 -8.44 -6.94
C GLU D 46 0.25 -8.32 -8.18
N VAL D 47 1.57 -8.41 -7.99
CA VAL D 47 2.50 -8.30 -9.11
C VAL D 47 2.88 -9.67 -9.67
N TYR D 48 3.34 -10.55 -8.79
CA TYR D 48 3.75 -11.88 -9.19
C TYR D 48 2.87 -12.93 -8.53
N SER D 49 3.30 -13.42 -7.36
CA SER D 49 2.54 -14.44 -6.61
C SER D 49 1.84 -15.41 -7.54
N ASP D 50 2.52 -15.72 -8.63
CA ASP D 50 2.01 -16.64 -9.65
C ASP D 50 3.07 -16.83 -10.72
N LEU A 1 4.81 9.43 12.05
CA LEU A 1 4.42 8.03 12.15
C LEU A 1 5.40 7.24 13.00
N GLY A 2 6.68 7.56 12.85
CA GLY A 2 7.71 6.88 13.60
C GLY A 2 8.17 5.60 12.91
N LEU A 3 7.93 5.51 11.61
CA LEU A 3 8.31 4.34 10.84
C LEU A 3 9.82 4.32 10.62
N GLU A 4 10.40 5.50 10.45
CA GLU A 4 11.83 5.63 10.24
C GLU A 4 12.56 5.22 11.50
N ARG A 5 11.92 5.43 12.64
CA ARG A 5 12.50 5.10 13.92
C ARG A 5 12.41 3.59 14.19
N ASP A 6 11.30 2.99 13.80
CA ASP A 6 11.08 1.57 14.02
C ASP A 6 11.77 0.72 12.96
N VAL A 7 11.81 1.22 11.74
CA VAL A 7 12.46 0.51 10.64
C VAL A 7 13.96 0.60 10.79
N SER A 8 14.44 1.82 10.91
CA SER A 8 15.86 2.06 11.07
C SER A 8 16.36 1.38 12.34
N ARG A 9 15.49 1.28 13.34
CA ARG A 9 15.85 0.63 14.59
C ARG A 9 15.80 -0.89 14.40
N ALA A 10 14.94 -1.35 13.50
CA ALA A 10 14.84 -2.77 13.23
C ALA A 10 16.00 -3.23 12.34
N VAL A 11 16.44 -2.32 11.48
CA VAL A 11 17.55 -2.59 10.57
C VAL A 11 18.86 -2.74 11.35
N GLU A 12 19.09 -1.83 12.29
CA GLU A 12 20.30 -1.88 13.11
C GLU A 12 20.19 -3.00 14.12
N LEU A 13 18.96 -3.25 14.58
CA LEU A 13 18.73 -4.32 15.52
C LEU A 13 18.90 -5.66 14.83
N LEU A 14 18.57 -5.69 13.54
CA LEU A 14 18.71 -6.90 12.74
C LEU A 14 20.19 -7.16 12.49
N GLU A 15 20.94 -6.08 12.28
CA GLU A 15 22.37 -6.19 12.06
C GLU A 15 23.04 -6.55 13.37
N ARG A 16 22.63 -5.84 14.43
CA ARG A 16 23.15 -6.10 15.76
C ARG A 16 22.94 -7.56 16.15
N LEU A 17 21.75 -8.07 15.84
CA LEU A 17 21.42 -9.45 16.13
C LEU A 17 22.19 -10.38 15.20
N GLN A 18 22.54 -9.86 14.03
CA GLN A 18 23.29 -10.62 13.04
C GLN A 18 24.76 -10.75 13.43
N ARG A 19 25.31 -9.65 13.93
CA ARG A 19 26.71 -9.64 14.35
C ARG A 19 26.90 -10.50 15.59
N SER A 20 25.85 -10.57 16.42
CA SER A 20 25.91 -11.37 17.64
C SER A 20 26.16 -12.84 17.29
N GLY A 21 25.61 -13.26 16.16
CA GLY A 21 25.79 -14.63 15.71
C GLY A 21 25.24 -15.64 16.69
N GLU A 22 23.96 -15.53 16.99
CA GLU A 22 23.32 -16.46 17.92
C GLU A 22 22.23 -17.27 17.22
N LEU A 23 21.52 -16.63 16.30
CA LEU A 23 20.45 -17.29 15.55
C LEU A 23 20.69 -17.22 14.05
N PRO A 24 19.96 -18.04 13.27
CA PRO A 24 20.10 -18.06 11.81
C PRO A 24 19.95 -16.67 11.19
N PRO A 25 21.06 -16.05 10.77
CA PRO A 25 21.06 -14.71 10.18
C PRO A 25 20.33 -14.66 8.84
N GLN A 26 20.01 -15.82 8.28
CA GLN A 26 19.31 -15.88 6.99
C GLN A 26 17.98 -15.14 7.05
N LYS A 27 17.14 -15.49 8.02
CA LYS A 27 15.84 -14.85 8.18
C LYS A 27 16.01 -13.39 8.54
N LEU A 28 16.96 -13.12 9.42
CA LEU A 28 17.25 -11.75 9.86
C LEU A 28 17.80 -10.94 8.70
N GLN A 29 18.50 -11.62 7.79
CA GLN A 29 19.05 -10.97 6.62
C GLN A 29 17.93 -10.59 5.68
N ALA A 30 16.89 -11.40 5.68
CA ALA A 30 15.73 -11.16 4.83
C ALA A 30 15.00 -9.91 5.29
N LEU A 31 14.91 -9.74 6.60
CA LEU A 31 14.24 -8.58 7.17
C LEU A 31 15.00 -7.31 6.84
N GLN A 32 16.30 -7.29 7.13
CA GLN A 32 17.12 -6.12 6.85
C GLN A 32 17.06 -5.78 5.38
N ARG A 33 16.88 -6.80 4.54
CA ARG A 33 16.80 -6.59 3.10
C ARG A 33 15.40 -6.11 2.70
N VAL A 34 14.41 -6.39 3.55
CA VAL A 34 13.04 -6.00 3.29
C VAL A 34 12.80 -4.54 3.69
N LEU A 35 13.50 -4.09 4.74
CA LEU A 35 13.34 -2.72 5.20
C LEU A 35 14.32 -1.79 4.50
N GLN A 36 15.49 -2.33 4.14
CA GLN A 36 16.52 -1.55 3.46
C GLN A 36 16.28 -1.52 1.95
N SER A 37 15.64 -2.55 1.43
CA SER A 37 15.36 -2.65 -0.01
C SER A 37 14.75 -1.34 -0.53
N ARG A 38 14.90 -1.10 -1.82
CA ARG A 38 14.37 0.10 -2.45
C ARG A 38 12.84 0.08 -2.44
N PHE A 39 12.27 -1.11 -2.46
CA PHE A 39 10.81 -1.26 -2.45
C PHE A 39 10.21 -0.61 -1.21
N CYS A 40 10.63 -1.08 -0.05
CA CYS A 40 10.14 -0.54 1.21
C CYS A 40 10.46 0.95 1.33
N SER A 41 11.41 1.41 0.53
CA SER A 41 11.79 2.82 0.52
C SER A 41 10.69 3.63 -0.10
N ALA A 42 10.17 3.15 -1.23
CA ALA A 42 9.09 3.81 -1.91
C ALA A 42 7.85 3.81 -1.04
N ILE A 43 7.54 2.63 -0.52
CA ILE A 43 6.40 2.44 0.37
C ILE A 43 6.52 3.36 1.59
N ARG A 44 7.72 3.42 2.16
CA ARG A 44 7.99 4.26 3.31
C ARG A 44 7.66 5.71 2.99
N GLU A 45 8.12 6.16 1.83
CA GLU A 45 7.87 7.52 1.38
C GLU A 45 6.36 7.76 1.31
N VAL A 46 5.62 6.69 1.02
CA VAL A 46 4.16 6.78 0.94
C VAL A 46 3.57 7.16 2.28
N TYR A 47 3.96 6.46 3.33
CA TYR A 47 3.43 6.73 4.65
C TYR A 47 3.71 8.17 5.06
N GLU A 48 4.92 8.64 4.84
CA GLU A 48 5.28 10.01 5.19
C GLU A 48 4.53 10.99 4.29
N GLN A 49 4.51 10.67 2.99
CA GLN A 49 3.84 11.50 2.01
C GLN A 49 2.35 11.58 2.30
N LEU A 50 1.74 10.43 2.56
CA LEU A 50 0.32 10.35 2.84
C LEU A 50 -0.06 11.25 4.00
N TYR A 51 0.69 11.16 5.09
CA TYR A 51 0.42 11.99 6.26
C TYR A 51 0.35 13.46 5.84
N ASP A 52 1.35 13.89 5.07
CA ASP A 52 1.38 15.26 4.58
C ASP A 52 0.16 15.52 3.70
N THR A 53 -0.14 14.55 2.84
CA THR A 53 -1.30 14.63 1.94
C THR A 53 -2.55 14.94 2.75
N LEU A 54 -2.71 14.25 3.88
CA LEU A 54 -3.86 14.47 4.75
C LEU A 54 -3.91 15.93 5.19
N ASP A 55 -2.74 16.46 5.54
CA ASP A 55 -2.63 17.84 5.98
C ASP A 55 -2.98 18.80 4.84
N ILE A 56 -2.86 18.33 3.61
CA ILE A 56 -3.16 19.16 2.45
C ILE A 56 -4.64 19.10 2.10
N THR A 57 -5.13 17.87 1.93
CA THR A 57 -6.52 17.64 1.58
C THR A 57 -7.44 17.90 2.77
N ALA B 1 -12.25 3.45 -0.17
CA ALA B 1 -12.03 3.83 -1.57
C ALA B 1 -12.54 2.74 -2.51
N VAL B 2 -12.33 1.48 -2.13
CA VAL B 2 -12.77 0.36 -2.93
C VAL B 2 -14.30 0.26 -2.92
N GLN B 3 -14.89 0.36 -1.73
CA GLN B 3 -16.34 0.28 -1.60
C GLN B 3 -17.01 1.39 -2.39
N ARG B 4 -16.44 2.59 -2.32
CA ARG B 4 -16.99 3.73 -3.06
C ARG B 4 -16.96 3.43 -4.54
N ALA B 5 -15.87 2.83 -4.98
CA ALA B 5 -15.70 2.46 -6.37
C ALA B 5 -16.73 1.39 -6.74
N LYS B 6 -16.86 0.39 -5.87
CA LYS B 6 -17.82 -0.69 -6.07
C LYS B 6 -19.23 -0.14 -6.20
N GLU B 7 -19.58 0.77 -5.30
CA GLU B 7 -20.89 1.39 -5.31
C GLU B 7 -21.18 2.02 -6.66
N VAL B 8 -20.21 2.74 -7.19
CA VAL B 8 -20.35 3.40 -8.48
C VAL B 8 -20.59 2.37 -9.59
N LEU B 9 -19.92 1.22 -9.48
CA LEU B 9 -20.09 0.16 -10.47
C LEU B 9 -21.56 -0.24 -10.55
N GLU B 10 -22.17 -0.38 -9.38
CA GLU B 10 -23.58 -0.75 -9.30
C GLU B 10 -24.45 0.27 -10.01
N GLU B 11 -24.19 1.55 -9.75
CA GLU B 11 -24.96 2.62 -10.37
C GLU B 11 -24.75 2.62 -11.89
N ILE B 12 -23.49 2.68 -12.31
CA ILE B 12 -23.16 2.67 -13.72
C ILE B 12 -23.59 1.36 -14.37
N SER B 13 -23.62 0.29 -13.58
CA SER B 13 -24.02 -1.02 -14.07
C SER B 13 -25.50 -1.02 -14.45
N CYS B 14 -26.30 -0.29 -13.68
CA CYS B 14 -27.73 -0.21 -13.93
C CYS B 14 -28.04 0.70 -15.12
N TYR B 15 -27.00 1.29 -15.71
CA TYR B 15 -27.17 2.19 -16.85
C TYR B 15 -26.64 1.56 -18.13
N PRO B 16 -27.54 0.94 -18.93
CA PRO B 16 -27.17 0.31 -20.18
C PRO B 16 -27.21 1.29 -21.36
N GLU B 17 -26.99 2.58 -21.07
CA GLU B 17 -27.01 3.60 -22.10
C GLU B 17 -25.70 4.38 -22.12
N ASN B 18 -25.17 4.68 -20.94
CA ASN B 18 -23.92 5.43 -20.83
C ASN B 18 -22.72 4.57 -21.20
N ASN B 19 -22.15 4.84 -22.37
CA ASN B 19 -20.99 4.09 -22.84
C ASN B 19 -19.81 4.24 -21.89
N ASP B 20 -19.77 5.36 -21.17
CA ASP B 20 -18.69 5.61 -20.23
C ASP B 20 -18.90 4.75 -18.98
N ALA B 21 -20.16 4.55 -18.64
CA ALA B 21 -20.51 3.74 -17.48
C ALA B 21 -20.06 2.29 -17.68
N LYS B 22 -20.04 1.86 -18.93
CA LYS B 22 -19.63 0.50 -19.24
C LYS B 22 -18.11 0.37 -19.15
N GLU B 23 -17.43 1.20 -19.92
CA GLU B 23 -15.97 1.19 -19.92
C GLU B 23 -15.43 1.59 -18.56
N LEU B 24 -16.23 2.34 -17.80
CA LEU B 24 -15.81 2.78 -16.46
C LEU B 24 -15.95 1.65 -15.46
N LYS B 25 -17.04 0.89 -15.58
CA LYS B 25 -17.27 -0.23 -14.69
C LYS B 25 -16.17 -1.27 -14.86
N ARG B 26 -15.71 -1.42 -16.10
CA ARG B 26 -14.64 -2.37 -16.41
C ARG B 26 -13.34 -1.94 -15.75
N ILE B 27 -12.96 -0.69 -15.97
CA ILE B 27 -11.73 -0.16 -15.40
C ILE B 27 -11.77 -0.19 -13.88
N LEU B 28 -12.87 0.29 -13.31
CA LEU B 28 -13.04 0.32 -11.86
C LEU B 28 -13.00 -1.08 -11.27
N THR B 29 -13.41 -2.07 -12.06
CA THR B 29 -13.42 -3.46 -11.60
C THR B 29 -12.05 -4.11 -11.75
N GLN B 30 -11.24 -3.59 -12.68
CA GLN B 30 -9.90 -4.12 -12.91
C GLN B 30 -9.14 -4.22 -11.57
N PRO B 31 -8.92 -5.46 -11.07
CA PRO B 31 -8.22 -5.69 -9.81
C PRO B 31 -7.02 -4.75 -9.60
N HIS B 32 -6.34 -4.40 -10.68
CA HIS B 32 -5.18 -3.51 -10.60
C HIS B 32 -5.57 -2.21 -9.90
N PHE B 33 -6.57 -1.53 -10.45
CA PHE B 33 -7.05 -0.28 -9.88
C PHE B 33 -7.55 -0.51 -8.47
N MET B 34 -8.09 -1.71 -8.23
CA MET B 34 -8.60 -2.08 -6.92
C MET B 34 -7.44 -2.21 -5.94
N ALA B 35 -6.32 -2.75 -6.43
CA ALA B 35 -5.13 -2.91 -5.60
C ALA B 35 -4.70 -1.57 -5.05
N LEU B 36 -4.57 -0.58 -5.93
CA LEU B 36 -4.18 0.75 -5.52
C LEU B 36 -5.14 1.26 -4.44
N LEU B 37 -6.43 1.11 -4.71
CA LEU B 37 -7.46 1.53 -3.75
C LEU B 37 -7.25 0.81 -2.42
N GLN B 38 -6.85 -0.45 -2.49
CA GLN B 38 -6.58 -1.24 -1.30
C GLN B 38 -5.57 -0.51 -0.41
N THR B 39 -4.54 0.02 -1.05
CA THR B 39 -3.52 0.78 -0.34
C THR B 39 -4.14 2.03 0.26
N HIS B 40 -5.14 2.56 -0.44
CA HIS B 40 -5.84 3.76 -0.01
C HIS B 40 -6.46 3.55 1.38
N ASP B 41 -7.09 2.39 1.55
CA ASP B 41 -7.74 2.06 2.82
C ASP B 41 -6.73 1.65 3.89
N VAL B 42 -5.76 0.84 3.52
CA VAL B 42 -4.74 0.37 4.46
C VAL B 42 -4.12 1.53 5.24
N VAL B 43 -3.70 2.57 4.52
CA VAL B 43 -3.12 3.74 5.15
C VAL B 43 -4.18 4.61 5.82
N ALA B 44 -5.18 5.00 5.05
CA ALA B 44 -6.27 5.82 5.58
C ALA B 44 -6.88 5.19 6.83
N HIS B 45 -6.79 3.87 6.92
CA HIS B 45 -7.31 3.13 8.06
C HIS B 45 -6.39 3.29 9.27
N GLU B 46 -5.11 3.06 9.05
CA GLU B 46 -4.12 3.17 10.12
C GLU B 46 -3.81 4.62 10.48
N VAL B 47 -4.39 5.57 9.73
CA VAL B 47 -4.15 6.98 10.00
C VAL B 47 -5.31 7.62 10.74
N TYR B 48 -6.51 7.47 10.21
CA TYR B 48 -7.68 8.08 10.82
C TYR B 48 -8.70 7.03 11.25
N SER B 49 -9.25 6.28 10.31
CA SER B 49 -10.25 5.26 10.61
C SER B 49 -9.92 4.52 11.90
N ASP B 50 -8.64 4.38 12.20
CA ASP B 50 -8.21 3.71 13.42
C ASP B 50 -8.58 4.53 14.65
N LEU C 1 1.93 -1.41 -15.17
CA LEU C 1 0.69 -1.68 -14.46
C LEU C 1 -0.51 -1.11 -15.22
N GLY C 2 -0.28 -0.01 -15.93
CA GLY C 2 -1.35 0.61 -16.68
C GLY C 2 -2.38 1.25 -15.76
N LEU C 3 -1.94 1.64 -14.57
CA LEU C 3 -2.82 2.27 -13.59
C LEU C 3 -3.13 3.70 -14.00
N GLU C 4 -2.16 4.36 -14.63
CA GLU C 4 -2.34 5.73 -15.07
C GLU C 4 -3.36 5.78 -16.19
N ARG C 5 -3.41 4.71 -16.98
CA ARG C 5 -4.34 4.63 -18.09
C ARG C 5 -5.74 4.27 -17.60
N ASP C 6 -5.81 3.43 -16.57
CA ASP C 6 -7.09 2.99 -16.02
C ASP C 6 -7.68 4.03 -15.07
N VAL C 7 -6.82 4.68 -14.29
CA VAL C 7 -7.26 5.70 -13.35
C VAL C 7 -7.66 6.95 -14.11
N SER C 8 -6.73 7.44 -14.92
CA SER C 8 -6.96 8.62 -15.72
C SER C 8 -8.18 8.40 -16.61
N ARG C 9 -8.40 7.14 -17.00
CA ARG C 9 -9.54 6.80 -17.84
C ARG C 9 -10.81 6.77 -17.00
N ALA C 10 -10.66 6.41 -15.72
CA ALA C 10 -11.79 6.36 -14.82
C ALA C 10 -12.18 7.77 -14.37
N VAL C 11 -11.16 8.63 -14.28
CA VAL C 11 -11.37 10.01 -13.89
C VAL C 11 -12.14 10.77 -14.96
N GLU C 12 -11.73 10.62 -16.21
CA GLU C 12 -12.39 11.27 -17.33
C GLU C 12 -13.72 10.60 -17.61
N LEU C 13 -13.81 9.31 -17.31
CA LEU C 13 -15.04 8.57 -17.52
C LEU C 13 -16.08 9.01 -16.52
N LEU C 14 -15.62 9.38 -15.32
CA LEU C 14 -16.51 9.86 -14.28
C LEU C 14 -16.97 11.27 -14.60
N GLU C 15 -16.06 12.04 -15.19
CA GLU C 15 -16.38 13.41 -15.58
C GLU C 15 -17.31 13.36 -16.78
N ARG C 16 -17.00 12.46 -17.68
CA ARG C 16 -17.81 12.25 -18.88
C ARG C 16 -19.26 12.04 -18.51
N LEU C 17 -19.51 11.08 -17.62
CA LEU C 17 -20.85 10.79 -17.16
C LEU C 17 -21.40 11.97 -16.37
N GLN C 18 -20.50 12.68 -15.68
CA GLN C 18 -20.89 13.85 -14.90
C GLN C 18 -21.50 14.90 -15.80
N ARG C 19 -20.89 15.07 -16.97
CA ARG C 19 -21.38 16.03 -17.95
C ARG C 19 -22.75 15.61 -18.46
N SER C 20 -22.91 14.30 -18.65
CA SER C 20 -24.18 13.76 -19.12
C SER C 20 -25.26 13.94 -18.07
N GLY C 21 -24.89 13.72 -16.81
CA GLY C 21 -25.83 13.87 -15.72
C GLY C 21 -26.97 12.86 -15.79
N GLU C 22 -26.62 11.58 -15.80
CA GLU C 22 -27.63 10.52 -15.86
C GLU C 22 -27.74 9.79 -14.54
N LEU C 23 -26.60 9.58 -13.89
CA LEU C 23 -26.55 8.89 -12.60
C LEU C 23 -26.10 9.85 -11.49
N PRO C 24 -26.27 9.46 -10.21
CA PRO C 24 -25.87 10.29 -9.08
C PRO C 24 -24.43 10.81 -9.24
N PRO C 25 -24.28 12.09 -9.63
CA PRO C 25 -22.97 12.71 -9.84
C PRO C 25 -22.12 12.75 -8.57
N GLN C 26 -22.79 12.84 -7.42
CA GLN C 26 -22.09 12.91 -6.13
C GLN C 26 -21.15 11.71 -5.93
N LYS C 27 -21.68 10.51 -6.09
CA LYS C 27 -20.88 9.30 -5.93
C LYS C 27 -19.76 9.26 -6.95
N LEU C 28 -20.08 9.57 -8.20
CA LEU C 28 -19.09 9.57 -9.27
C LEU C 28 -18.04 10.65 -9.03
N GLN C 29 -18.47 11.76 -8.45
CA GLN C 29 -17.56 12.86 -8.13
C GLN C 29 -16.64 12.43 -7.00
N ALA C 30 -17.16 11.59 -6.12
CA ALA C 30 -16.40 11.09 -4.99
C ALA C 30 -15.21 10.29 -5.49
N LEU C 31 -15.46 9.41 -6.44
CA LEU C 31 -14.41 8.60 -7.02
C LEU C 31 -13.34 9.48 -7.64
N GLN C 32 -13.77 10.40 -8.49
CA GLN C 32 -12.86 11.34 -9.15
C GLN C 32 -11.92 11.97 -8.13
N ARG C 33 -12.46 12.29 -6.96
CA ARG C 33 -11.67 12.91 -5.90
C ARG C 33 -10.76 11.88 -5.25
N VAL C 34 -11.16 10.61 -5.30
CA VAL C 34 -10.38 9.53 -4.71
C VAL C 34 -9.23 9.12 -5.62
N LEU C 35 -9.38 9.36 -6.92
CA LEU C 35 -8.34 9.02 -7.88
C LEU C 35 -7.46 10.22 -8.19
N GLN C 36 -8.07 11.40 -8.21
CA GLN C 36 -7.34 12.63 -8.50
C GLN C 36 -6.63 13.15 -7.25
N SER C 37 -7.15 12.81 -6.08
CA SER C 37 -6.56 13.25 -4.81
C SER C 37 -5.06 13.01 -4.80
N ARG C 38 -4.32 13.97 -4.24
CA ARG C 38 -2.87 13.86 -4.16
C ARG C 38 -2.44 12.58 -3.47
N PHE C 39 -3.27 12.12 -2.53
CA PHE C 39 -2.98 10.90 -1.79
C PHE C 39 -2.84 9.72 -2.74
N CYS C 40 -3.91 9.45 -3.49
CA CYS C 40 -3.92 8.36 -4.45
C CYS C 40 -2.81 8.53 -5.49
N SER C 41 -2.30 9.75 -5.60
CA SER C 41 -1.23 10.05 -6.55
C SER C 41 0.05 9.42 -6.05
N ALA C 42 0.33 9.63 -4.77
CA ALA C 42 1.52 9.06 -4.15
C ALA C 42 1.47 7.55 -4.22
N ILE C 43 0.32 7.02 -3.80
CA ILE C 43 0.07 5.59 -3.81
C ILE C 43 0.27 5.00 -5.21
N ARG C 44 -0.29 5.69 -6.21
CA ARG C 44 -0.16 5.26 -7.60
C ARG C 44 1.31 5.19 -7.97
N GLU C 45 2.06 6.23 -7.61
CA GLU C 45 3.48 6.27 -7.90
C GLU C 45 4.17 5.06 -7.27
N VAL C 46 3.61 4.58 -6.17
CA VAL C 46 4.16 3.41 -5.49
C VAL C 46 4.06 2.19 -6.36
N TYR C 47 2.89 1.95 -6.93
CA TYR C 47 2.69 0.77 -7.77
C TYR C 47 3.65 0.80 -8.96
N GLU C 48 3.80 1.94 -9.59
CA GLU C 48 4.72 2.07 -10.72
C GLU C 48 6.16 1.93 -10.24
N GLN C 49 6.46 2.59 -9.13
CA GLN C 49 7.78 2.55 -8.54
C GLN C 49 8.16 1.13 -8.15
N LEU C 50 7.24 0.46 -7.44
CA LEU C 50 7.46 -0.91 -6.99
C LEU C 50 7.79 -1.82 -8.16
N TYR C 51 7.02 -1.72 -9.23
CA TYR C 51 7.24 -2.54 -10.41
C TYR C 51 8.70 -2.41 -10.86
N ASP C 52 9.17 -1.17 -10.96
CA ASP C 52 10.55 -0.91 -11.34
C ASP C 52 11.49 -1.53 -10.31
N THR C 53 11.11 -1.40 -9.03
CA THR C 53 11.88 -1.94 -7.93
C THR C 53 12.06 -3.45 -8.11
N LEU C 54 11.03 -4.10 -8.64
CA LEU C 54 11.06 -5.54 -8.88
C LEU C 54 12.11 -5.85 -9.94
N ASP C 55 12.14 -5.02 -10.98
CA ASP C 55 13.08 -5.19 -12.08
C ASP C 55 14.52 -4.94 -11.62
N ILE C 56 14.68 -4.16 -10.55
CA ILE C 56 16.01 -3.86 -10.03
C ILE C 56 16.56 -5.02 -9.23
N THR C 57 15.97 -5.25 -8.08
CA THR C 57 16.38 -6.33 -7.18
C THR C 57 16.06 -7.69 -7.79
N ALA D 1 6.08 -9.78 3.81
CA ALA D 1 6.91 -8.90 4.61
C ALA D 1 6.56 -9.05 6.09
N VAL D 2 5.27 -9.12 6.37
CA VAL D 2 4.80 -9.26 7.75
C VAL D 2 5.14 -10.65 8.29
N GLN D 3 4.82 -11.68 7.52
CA GLN D 3 5.11 -13.05 7.93
C GLN D 3 6.59 -13.24 8.18
N ARG D 4 7.42 -12.71 7.27
CA ARG D 4 8.86 -12.83 7.42
C ARG D 4 9.30 -12.16 8.71
N ALA D 5 8.70 -11.02 9.00
CA ALA D 5 9.01 -10.29 10.22
C ALA D 5 8.56 -11.11 11.42
N LYS D 6 7.35 -11.65 11.35
CA LYS D 6 6.81 -12.47 12.41
C LYS D 6 7.72 -13.66 12.69
N GLU D 7 8.13 -14.34 11.63
CA GLU D 7 9.00 -15.49 11.76
C GLU D 7 10.26 -15.12 12.54
N VAL D 8 10.83 -13.96 12.22
CA VAL D 8 12.01 -13.49 12.90
C VAL D 8 11.75 -13.30 14.39
N LEU D 9 10.60 -12.72 14.72
CA LEU D 9 10.23 -12.50 16.12
C LEU D 9 10.31 -13.81 16.88
N GLU D 10 9.86 -14.89 16.23
CA GLU D 10 9.87 -16.21 16.85
C GLU D 10 11.30 -16.64 17.19
N GLU D 11 12.18 -16.59 16.21
CA GLU D 11 13.57 -16.99 16.41
C GLU D 11 14.25 -16.09 17.43
N ILE D 12 14.09 -14.79 17.29
CA ILE D 12 14.69 -13.85 18.22
C ILE D 12 14.01 -13.91 19.59
N SER D 13 12.74 -14.28 19.60
CA SER D 13 11.99 -14.38 20.85
C SER D 13 12.50 -15.56 21.67
N CYS D 14 12.96 -16.59 21.00
CA CYS D 14 13.47 -17.78 21.69
C CYS D 14 14.86 -17.53 22.29
N TYR D 15 15.39 -16.31 22.11
CA TYR D 15 16.71 -15.97 22.62
C TYR D 15 16.62 -14.86 23.67
N PRO D 16 16.69 -15.22 24.96
CA PRO D 16 16.63 -14.25 26.05
C PRO D 16 18.01 -13.70 26.41
N GLU D 17 18.94 -13.77 25.48
CA GLU D 17 20.30 -13.27 25.70
C GLU D 17 20.60 -12.05 24.84
N ASN D 18 19.93 -11.95 23.68
CA ASN D 18 20.13 -10.82 22.78
C ASN D 18 19.19 -9.68 23.11
N ASN D 19 19.75 -8.59 23.63
CA ASN D 19 18.95 -7.43 24.00
C ASN D 19 18.32 -6.79 22.76
N ASP D 20 18.96 -6.97 21.60
CA ASP D 20 18.44 -6.41 20.36
C ASP D 20 17.23 -7.19 19.92
N ALA D 21 17.26 -8.50 20.18
CA ALA D 21 16.15 -9.37 19.84
C ALA D 21 14.88 -8.91 20.53
N LYS D 22 15.00 -8.62 21.82
CA LYS D 22 13.87 -8.16 22.61
C LYS D 22 13.30 -6.86 22.04
N GLU D 23 14.15 -5.84 21.94
CA GLU D 23 13.72 -4.56 21.42
C GLU D 23 13.32 -4.68 19.96
N LEU D 24 13.85 -5.69 19.28
CA LEU D 24 13.51 -5.90 17.87
C LEU D 24 12.14 -6.56 17.75
N LYS D 25 11.83 -7.45 18.69
CA LYS D 25 10.55 -8.13 18.68
C LYS D 25 9.43 -7.11 18.86
N ARG D 26 9.65 -6.18 19.78
CA ARG D 26 8.68 -5.12 20.06
C ARG D 26 8.46 -4.25 18.83
N ILE D 27 9.55 -3.78 18.25
CA ILE D 27 9.48 -2.93 17.07
C ILE D 27 8.84 -3.67 15.89
N LEU D 28 9.37 -4.85 15.59
CA LEU D 28 8.85 -5.65 14.48
C LEU D 28 7.37 -5.99 14.70
N THR D 29 6.93 -5.97 15.96
CA THR D 29 5.55 -6.29 16.28
C THR D 29 4.66 -5.05 16.20
N GLN D 30 5.26 -3.86 16.34
CA GLN D 30 4.50 -2.61 16.28
C GLN D 30 3.59 -2.60 15.05
N PRO D 31 2.26 -2.48 15.25
CA PRO D 31 1.29 -2.47 14.14
C PRO D 31 1.67 -1.52 13.01
N HIS D 32 2.23 -0.37 13.36
CA HIS D 32 2.63 0.62 12.34
C HIS D 32 3.56 -0.02 11.31
N PHE D 33 4.67 -0.57 11.80
CA PHE D 33 5.63 -1.23 10.93
C PHE D 33 4.97 -2.34 10.14
N MET D 34 3.92 -2.94 10.72
CA MET D 34 3.18 -3.99 10.06
C MET D 34 2.38 -3.42 8.90
N ALA D 35 1.81 -2.24 9.11
CA ALA D 35 1.02 -1.57 8.09
C ALA D 35 1.85 -1.40 6.83
N LEU D 36 3.06 -0.87 6.99
CA LEU D 36 3.95 -0.68 5.86
C LEU D 36 4.23 -2.02 5.18
N LEU D 37 4.57 -3.01 5.99
CA LEU D 37 4.83 -4.35 5.49
C LEU D 37 3.60 -4.86 4.75
N GLN D 38 2.43 -4.48 5.26
CA GLN D 38 1.17 -4.86 4.63
C GLN D 38 1.10 -4.29 3.22
N THR D 39 1.68 -3.10 3.07
CA THR D 39 1.73 -2.44 1.77
C THR D 39 2.54 -3.29 0.80
N HIS D 40 3.62 -3.87 1.31
CA HIS D 40 4.49 -4.72 0.50
C HIS D 40 3.69 -5.90 -0.05
N ASP D 41 2.97 -6.58 0.83
CA ASP D 41 2.16 -7.72 0.44
C ASP D 41 1.12 -7.33 -0.60
N VAL D 42 0.42 -6.23 -0.34
CA VAL D 42 -0.61 -5.75 -1.25
C VAL D 42 -0.08 -5.66 -2.69
N VAL D 43 1.07 -5.02 -2.83
CA VAL D 43 1.69 -4.84 -4.14
C VAL D 43 2.30 -6.14 -4.63
N ALA D 44 3.20 -6.71 -3.84
CA ALA D 44 3.86 -7.96 -4.19
C ALA D 44 2.83 -9.05 -4.51
N HIS D 45 1.64 -8.92 -3.93
CA HIS D 45 0.57 -9.89 -4.17
C HIS D 45 -0.05 -9.67 -5.55
N GLU D 46 -0.33 -8.41 -5.86
CA GLU D 46 -0.95 -8.06 -7.14
C GLU D 46 0.08 -8.05 -8.27
N VAL D 47 1.36 -8.24 -7.94
CA VAL D 47 2.40 -8.25 -8.96
C VAL D 47 2.86 -9.66 -9.30
N TYR D 48 3.25 -10.41 -8.27
CA TYR D 48 3.72 -11.77 -8.47
C TYR D 48 2.93 -12.74 -7.59
N SER D 49 3.45 -13.00 -6.38
CA SER D 49 2.80 -13.91 -5.42
C SER D 49 2.08 -15.06 -6.13
N ASP D 50 2.70 -15.53 -7.19
CA ASP D 50 2.16 -16.62 -7.99
C ASP D 50 3.12 -16.91 -9.14
N LEU A 1 5.00 9.60 11.47
CA LEU A 1 4.46 8.28 11.78
C LEU A 1 5.40 7.50 12.69
N GLY A 2 6.70 7.69 12.48
CA GLY A 2 7.68 6.99 13.28
C GLY A 2 8.11 5.68 12.66
N LEU A 3 7.84 5.53 11.36
CA LEU A 3 8.20 4.31 10.64
C LEU A 3 9.69 4.28 10.38
N GLU A 4 10.28 5.46 10.18
CA GLU A 4 11.70 5.55 9.93
C GLU A 4 12.49 5.16 11.17
N ARG A 5 11.91 5.46 12.33
CA ARG A 5 12.53 5.15 13.59
C ARG A 5 12.35 3.68 13.95
N ASP A 6 11.21 3.12 13.57
CA ASP A 6 10.89 1.72 13.86
C ASP A 6 11.55 0.78 12.85
N VAL A 7 11.59 1.20 11.60
CA VAL A 7 12.21 0.40 10.55
C VAL A 7 13.71 0.43 10.69
N SER A 8 14.24 1.64 10.74
CA SER A 8 15.68 1.84 10.89
C SER A 8 16.15 1.15 12.15
N ARG A 9 15.27 1.07 13.15
CA ARG A 9 15.62 0.41 14.40
C ARG A 9 15.56 -1.10 14.23
N ALA A 10 14.71 -1.56 13.32
CA ALA A 10 14.59 -2.99 13.04
C ALA A 10 15.74 -3.44 12.17
N VAL A 11 16.17 -2.56 11.29
CA VAL A 11 17.29 -2.84 10.38
C VAL A 11 18.56 -3.02 11.18
N GLU A 12 18.82 -2.09 12.10
CA GLU A 12 20.00 -2.16 12.94
C GLU A 12 19.83 -3.24 13.99
N LEU A 13 18.59 -3.51 14.37
CA LEU A 13 18.31 -4.54 15.35
C LEU A 13 18.57 -5.91 14.73
N LEU A 14 18.33 -6.01 13.42
CA LEU A 14 18.57 -7.26 12.69
C LEU A 14 20.06 -7.43 12.47
N GLU A 15 20.76 -6.33 12.25
CA GLU A 15 22.20 -6.37 12.06
C GLU A 15 22.85 -6.67 13.41
N ARG A 16 22.30 -6.04 14.44
CA ARG A 16 22.77 -6.24 15.80
C ARG A 16 22.81 -7.73 16.13
N LEU A 17 21.67 -8.39 15.94
CA LEU A 17 21.58 -9.82 16.20
C LEU A 17 22.50 -10.58 15.26
N GLN A 18 22.60 -10.10 14.03
CA GLN A 18 23.45 -10.72 13.03
C GLN A 18 24.90 -10.71 13.51
N ARG A 19 25.29 -9.61 14.16
CA ARG A 19 26.64 -9.48 14.68
C ARG A 19 26.88 -10.51 15.78
N SER A 20 25.86 -10.72 16.60
CA SER A 20 25.94 -11.69 17.69
C SER A 20 25.88 -13.11 17.14
N GLY A 21 25.01 -13.31 16.16
CA GLY A 21 24.88 -14.63 15.55
C GLY A 21 24.42 -15.68 16.54
N GLU A 22 23.24 -15.47 17.13
CA GLU A 22 22.69 -16.41 18.08
C GLU A 22 21.44 -17.10 17.53
N LEU A 23 20.64 -16.34 16.80
CA LEU A 23 19.41 -16.87 16.21
C LEU A 23 19.55 -16.99 14.70
N PRO A 24 18.63 -17.74 14.04
CA PRO A 24 18.66 -17.93 12.59
C PRO A 24 18.92 -16.61 11.86
N PRO A 25 20.16 -16.41 11.38
CA PRO A 25 20.54 -15.18 10.67
C PRO A 25 19.88 -15.06 9.30
N GLN A 26 19.56 -16.19 8.69
CA GLN A 26 18.93 -16.20 7.37
C GLN A 26 17.63 -15.40 7.37
N LYS A 27 16.74 -15.73 8.30
CA LYS A 27 15.44 -15.05 8.40
C LYS A 27 15.64 -13.57 8.72
N LEU A 28 16.57 -13.28 9.62
CA LEU A 28 16.85 -11.91 10.02
C LEU A 28 17.48 -11.14 8.86
N GLN A 29 18.29 -11.83 8.07
CA GLN A 29 18.93 -11.21 6.92
C GLN A 29 17.87 -10.83 5.90
N ALA A 30 16.82 -11.64 5.86
CA ALA A 30 15.71 -11.41 4.94
C ALA A 30 14.99 -10.14 5.32
N LEU A 31 14.73 -9.97 6.61
CA LEU A 31 14.07 -8.78 7.10
C LEU A 31 14.88 -7.54 6.75
N GLN A 32 16.16 -7.57 7.09
CA GLN A 32 17.05 -6.45 6.80
C GLN A 32 16.93 -6.02 5.34
N ARG A 33 16.88 -7.01 4.45
CA ARG A 33 16.75 -6.72 3.02
C ARG A 33 15.35 -6.24 2.69
N VAL A 34 14.38 -6.62 3.52
CA VAL A 34 13.00 -6.24 3.31
C VAL A 34 12.78 -4.78 3.72
N LEU A 35 13.62 -4.28 4.62
CA LEU A 35 13.51 -2.91 5.09
C LEU A 35 14.49 -2.01 4.35
N GLN A 36 15.72 -2.46 4.22
CA GLN A 36 16.76 -1.68 3.55
C GLN A 36 16.49 -1.58 2.04
N SER A 37 15.83 -2.60 1.49
CA SER A 37 15.51 -2.61 0.07
C SER A 37 14.89 -1.29 -0.38
N ARG A 38 15.26 -0.84 -1.57
CA ARG A 38 14.75 0.40 -2.12
C ARG A 38 13.21 0.38 -2.16
N PHE A 39 12.65 -0.81 -2.29
CA PHE A 39 11.20 -0.95 -2.36
C PHE A 39 10.53 -0.41 -1.11
N CYS A 40 10.88 -0.96 0.05
CA CYS A 40 10.32 -0.52 1.31
C CYS A 40 10.58 0.96 1.56
N SER A 41 11.56 1.51 0.85
CA SER A 41 11.89 2.93 0.99
C SER A 41 10.84 3.75 0.29
N ALA A 42 10.48 3.33 -0.91
CA ALA A 42 9.44 4.01 -1.68
C ALA A 42 8.14 3.96 -0.91
N ILE A 43 7.81 2.76 -0.46
CA ILE A 43 6.60 2.52 0.31
C ILE A 43 6.61 3.38 1.58
N ARG A 44 7.78 3.43 2.24
CA ARG A 44 7.93 4.23 3.45
C ARG A 44 7.68 5.69 3.12
N GLU A 45 8.24 6.13 1.99
CA GLU A 45 8.05 7.51 1.54
C GLU A 45 6.57 7.80 1.41
N VAL A 46 5.79 6.77 1.08
CA VAL A 46 4.35 6.92 0.94
C VAL A 46 3.71 7.28 2.26
N TYR A 47 4.05 6.55 3.30
CA TYR A 47 3.49 6.81 4.61
C TYR A 47 3.76 8.24 5.07
N GLU A 48 4.98 8.71 4.87
CA GLU A 48 5.35 10.08 5.25
C GLU A 48 4.68 11.06 4.30
N GLN A 49 4.78 10.78 3.00
CA GLN A 49 4.19 11.63 1.98
C GLN A 49 2.68 11.70 2.14
N LEU A 50 2.09 10.59 2.54
CA LEU A 50 0.66 10.52 2.72
C LEU A 50 0.20 11.41 3.86
N TYR A 51 0.89 11.33 4.99
CA TYR A 51 0.56 12.15 6.15
C TYR A 51 0.47 13.61 5.71
N ASP A 52 1.50 14.07 5.00
CA ASP A 52 1.53 15.44 4.51
C ASP A 52 0.33 15.68 3.60
N THR A 53 0.10 14.74 2.68
CA THR A 53 -1.03 14.82 1.75
C THR A 53 -2.33 15.06 2.51
N LEU A 54 -2.49 14.37 3.63
CA LEU A 54 -3.69 14.52 4.47
C LEU A 54 -3.82 15.98 4.90
N ASP A 55 -2.68 16.55 5.29
CA ASP A 55 -2.64 17.94 5.74
C ASP A 55 -2.88 18.92 4.58
N ILE A 56 -2.68 18.45 3.35
CA ILE A 56 -2.87 19.29 2.18
C ILE A 56 -4.31 19.23 1.69
N THR A 57 -4.77 18.01 1.45
CA THR A 57 -6.12 17.78 0.98
C THR A 57 -7.15 18.17 2.03
N ALA B 1 -11.60 3.62 -0.37
CA ALA B 1 -11.45 3.92 -1.79
C ALA B 1 -11.96 2.75 -2.64
N VAL B 2 -11.73 1.54 -2.15
CA VAL B 2 -12.19 0.35 -2.87
C VAL B 2 -13.70 0.22 -2.76
N GLN B 3 -14.23 0.41 -1.55
CA GLN B 3 -15.66 0.33 -1.32
C GLN B 3 -16.39 1.38 -2.16
N ARG B 4 -15.87 2.60 -2.14
CA ARG B 4 -16.47 3.68 -2.90
C ARG B 4 -16.47 3.33 -4.38
N ALA B 5 -15.38 2.70 -4.82
CA ALA B 5 -15.25 2.27 -6.20
C ALA B 5 -16.28 1.20 -6.51
N LYS B 6 -16.34 0.20 -5.66
CA LYS B 6 -17.29 -0.90 -5.82
C LYS B 6 -18.72 -0.36 -5.86
N GLU B 7 -19.01 0.58 -4.97
CA GLU B 7 -20.33 1.19 -4.91
C GLU B 7 -20.69 1.81 -6.25
N VAL B 8 -19.74 2.52 -6.83
CA VAL B 8 -19.95 3.15 -8.13
C VAL B 8 -20.27 2.11 -9.20
N LEU B 9 -19.55 0.99 -9.16
CA LEU B 9 -19.78 -0.09 -10.11
C LEU B 9 -21.25 -0.49 -10.10
N GLU B 10 -21.80 -0.62 -8.89
CA GLU B 10 -23.19 -1.00 -8.73
C GLU B 10 -24.11 0.01 -9.40
N GLU B 11 -23.86 1.29 -9.16
CA GLU B 11 -24.68 2.34 -9.74
C GLU B 11 -24.53 2.34 -11.26
N ILE B 12 -23.30 2.43 -11.74
CA ILE B 12 -23.04 2.43 -13.16
C ILE B 12 -23.46 1.11 -13.81
N SER B 13 -23.42 0.02 -13.04
CA SER B 13 -23.81 -1.29 -13.56
C SER B 13 -25.30 -1.35 -13.79
N CYS B 14 -26.06 -0.62 -12.97
CA CYS B 14 -27.52 -0.60 -13.09
C CYS B 14 -27.96 0.31 -14.24
N TYR B 15 -26.99 0.88 -14.97
CA TYR B 15 -27.29 1.77 -16.08
C TYR B 15 -26.83 1.17 -17.40
N PRO B 16 -27.75 0.54 -18.15
CA PRO B 16 -27.43 -0.06 -19.45
C PRO B 16 -27.57 0.94 -20.60
N GLU B 17 -27.38 2.22 -20.29
CA GLU B 17 -27.50 3.27 -21.29
C GLU B 17 -26.20 4.08 -21.40
N ASN B 18 -25.58 4.36 -20.26
CA ASN B 18 -24.35 5.14 -20.24
C ASN B 18 -23.16 4.28 -20.68
N ASN B 19 -22.57 4.63 -21.81
CA ASN B 19 -21.42 3.90 -22.34
C ASN B 19 -20.21 4.04 -21.42
N ASP B 20 -20.17 5.13 -20.66
CA ASP B 20 -19.07 5.35 -19.75
C ASP B 20 -19.21 4.45 -18.54
N ALA B 21 -20.45 4.22 -18.13
CA ALA B 21 -20.75 3.36 -17.00
C ALA B 21 -20.26 1.95 -17.25
N LYS B 22 -20.30 1.53 -18.51
CA LYS B 22 -19.86 0.20 -18.88
C LYS B 22 -18.34 0.11 -18.85
N GLU B 23 -17.71 0.98 -19.63
CA GLU B 23 -16.26 1.00 -19.69
C GLU B 23 -15.66 1.39 -18.34
N LEU B 24 -16.44 2.11 -17.54
CA LEU B 24 -15.96 2.52 -16.22
C LEU B 24 -16.06 1.37 -15.23
N LYS B 25 -17.09 0.56 -15.36
CA LYS B 25 -17.28 -0.58 -14.48
C LYS B 25 -16.13 -1.57 -14.68
N ARG B 26 -15.71 -1.71 -15.93
CA ARG B 26 -14.61 -2.61 -16.26
C ARG B 26 -13.29 -2.13 -15.67
N ILE B 27 -12.96 -0.87 -15.93
CA ILE B 27 -11.73 -0.29 -15.43
C ILE B 27 -11.70 -0.30 -13.89
N LEU B 28 -12.78 0.12 -13.28
CA LEU B 28 -12.87 0.16 -11.83
C LEU B 28 -12.77 -1.24 -11.23
N THR B 29 -13.22 -2.24 -11.98
CA THR B 29 -13.17 -3.61 -11.52
C THR B 29 -11.79 -4.23 -11.71
N GLN B 30 -11.01 -3.67 -12.63
CA GLN B 30 -9.66 -4.17 -12.90
C GLN B 30 -8.88 -4.33 -11.58
N PRO B 31 -8.42 -5.56 -11.27
CA PRO B 31 -7.67 -5.84 -10.03
C PRO B 31 -6.52 -4.86 -9.80
N HIS B 32 -5.84 -4.48 -10.86
CA HIS B 32 -4.71 -3.54 -10.75
C HIS B 32 -5.13 -2.27 -10.03
N PHE B 33 -6.16 -1.62 -10.56
CA PHE B 33 -6.68 -0.39 -9.97
C PHE B 33 -7.09 -0.65 -8.52
N MET B 34 -7.50 -1.87 -8.24
CA MET B 34 -7.90 -2.26 -6.90
C MET B 34 -6.70 -2.30 -5.98
N ALA B 35 -5.58 -2.77 -6.52
CA ALA B 35 -4.35 -2.86 -5.76
C ALA B 35 -3.93 -1.48 -5.25
N LEU B 36 -3.88 -0.51 -6.16
CA LEU B 36 -3.53 0.86 -5.78
C LEU B 36 -4.56 1.39 -4.80
N LEU B 37 -5.84 1.17 -5.11
CA LEU B 37 -6.91 1.60 -4.24
C LEU B 37 -6.75 0.96 -2.86
N GLN B 38 -6.27 -0.29 -2.85
CA GLN B 38 -6.05 -1.01 -1.60
C GLN B 38 -5.06 -0.23 -0.75
N THR B 39 -4.04 0.31 -1.41
CA THR B 39 -3.03 1.11 -0.74
C THR B 39 -3.67 2.36 -0.17
N HIS B 40 -4.68 2.85 -0.88
CA HIS B 40 -5.42 4.04 -0.46
C HIS B 40 -6.10 3.81 0.88
N ASP B 41 -6.72 2.64 1.03
CA ASP B 41 -7.42 2.28 2.25
C ASP B 41 -6.46 1.88 3.36
N VAL B 42 -5.42 1.12 3.00
CA VAL B 42 -4.45 0.67 3.98
C VAL B 42 -3.90 1.84 4.80
N VAL B 43 -3.47 2.89 4.11
CA VAL B 43 -2.95 4.08 4.78
C VAL B 43 -4.07 4.90 5.42
N ALA B 44 -5.05 5.27 4.61
CA ALA B 44 -6.18 6.06 5.09
C ALA B 44 -6.82 5.39 6.31
N HIS B 45 -6.77 4.07 6.34
CA HIS B 45 -7.34 3.32 7.46
C HIS B 45 -6.43 3.39 8.68
N GLU B 46 -5.12 3.32 8.44
CA GLU B 46 -4.15 3.38 9.51
C GLU B 46 -3.89 4.81 9.97
N VAL B 47 -4.49 5.78 9.30
CA VAL B 47 -4.30 7.18 9.65
C VAL B 47 -5.50 7.74 10.41
N TYR B 48 -6.68 7.60 9.83
CA TYR B 48 -7.90 8.10 10.44
C TYR B 48 -8.85 6.95 10.79
N SER B 49 -9.70 6.56 9.84
CA SER B 49 -10.66 5.47 10.05
C SER B 49 -11.21 5.47 11.49
N ASP B 50 -11.37 6.68 12.02
CA ASP B 50 -11.87 6.89 13.37
C ASP B 50 -12.05 8.37 13.59
N LEU C 1 1.79 -1.39 -15.63
CA LEU C 1 0.61 -1.53 -14.78
C LEU C 1 -0.62 -0.94 -15.45
N GLY C 2 -0.40 0.08 -16.28
CA GLY C 2 -1.50 0.73 -16.96
C GLY C 2 -2.47 1.37 -15.99
N LEU C 3 -1.96 1.78 -14.83
CA LEU C 3 -2.78 2.41 -13.81
C LEU C 3 -3.14 3.83 -14.22
N GLU C 4 -2.23 4.49 -14.91
CA GLU C 4 -2.46 5.85 -15.36
C GLU C 4 -3.54 5.86 -16.43
N ARG C 5 -3.60 4.79 -17.19
CA ARG C 5 -4.59 4.67 -18.26
C ARG C 5 -5.96 4.29 -17.69
N ASP C 6 -5.97 3.44 -16.66
CA ASP C 6 -7.21 2.99 -16.04
C ASP C 6 -7.76 4.03 -15.06
N VAL C 7 -6.85 4.69 -14.36
CA VAL C 7 -7.25 5.71 -13.39
C VAL C 7 -7.71 6.96 -14.11
N SER C 8 -6.85 7.44 -15.00
CA SER C 8 -7.15 8.62 -15.79
C SER C 8 -8.40 8.38 -16.61
N ARG C 9 -8.61 7.13 -17.00
CA ARG C 9 -9.79 6.78 -17.78
C ARG C 9 -11.01 6.70 -16.86
N ALA C 10 -10.78 6.37 -15.60
CA ALA C 10 -11.86 6.29 -14.62
C ALA C 10 -12.25 7.68 -14.18
N VAL C 11 -11.26 8.58 -14.16
CA VAL C 11 -11.48 9.96 -13.76
C VAL C 11 -12.34 10.68 -14.79
N GLU C 12 -11.99 10.53 -16.06
CA GLU C 12 -12.75 11.16 -17.14
C GLU C 12 -14.07 10.45 -17.34
N LEU C 13 -14.11 9.16 -17.03
CA LEU C 13 -15.33 8.39 -17.17
C LEU C 13 -16.34 8.83 -16.11
N LEU C 14 -15.84 9.13 -14.92
CA LEU C 14 -16.69 9.59 -13.83
C LEU C 14 -17.19 10.98 -14.14
N GLU C 15 -16.32 11.77 -14.79
CA GLU C 15 -16.68 13.13 -15.19
C GLU C 15 -17.72 13.04 -16.27
N ARG C 16 -17.42 12.20 -17.26
CA ARG C 16 -18.31 11.97 -18.39
C ARG C 16 -19.72 11.64 -17.90
N LEU C 17 -19.82 10.63 -17.03
CA LEU C 17 -21.11 10.24 -16.49
C LEU C 17 -21.72 11.41 -15.74
N GLN C 18 -20.86 12.23 -15.14
CA GLN C 18 -21.31 13.41 -14.41
C GLN C 18 -22.00 14.36 -15.36
N ARG C 19 -21.48 14.44 -16.59
CA ARG C 19 -22.04 15.29 -17.62
C ARG C 19 -23.47 14.86 -17.91
N SER C 20 -23.66 13.56 -18.02
CA SER C 20 -24.97 13.00 -18.29
C SER C 20 -25.90 13.20 -17.09
N GLY C 21 -25.35 13.04 -15.89
CA GLY C 21 -26.13 13.23 -14.69
C GLY C 21 -27.32 12.29 -14.62
N GLU C 22 -27.04 10.99 -14.68
CA GLU C 22 -28.09 9.98 -14.63
C GLU C 22 -28.06 9.21 -13.31
N LEU C 23 -26.86 8.94 -12.82
CA LEU C 23 -26.70 8.19 -11.57
C LEU C 23 -26.09 9.06 -10.48
N PRO C 24 -26.11 8.59 -9.21
CA PRO C 24 -25.54 9.33 -8.09
C PRO C 24 -24.17 9.90 -8.40
N PRO C 25 -24.10 11.20 -8.73
CA PRO C 25 -22.85 11.86 -9.08
C PRO C 25 -21.91 12.02 -7.88
N GLN C 26 -22.48 12.13 -6.68
CA GLN C 26 -21.68 12.30 -5.47
C GLN C 26 -20.63 11.21 -5.32
N LYS C 27 -21.01 9.97 -5.59
CA LYS C 27 -20.07 8.85 -5.48
C LYS C 27 -19.05 8.90 -6.62
N LEU C 28 -19.50 9.39 -7.77
CA LEU C 28 -18.64 9.50 -8.94
C LEU C 28 -17.64 10.63 -8.78
N GLN C 29 -18.07 11.74 -8.17
CA GLN C 29 -17.17 12.87 -7.94
C GLN C 29 -16.20 12.53 -6.83
N ALA C 30 -16.66 11.72 -5.89
CA ALA C 30 -15.83 11.30 -4.77
C ALA C 30 -14.63 10.53 -5.27
N LEU C 31 -14.88 9.55 -6.13
CA LEU C 31 -13.81 8.76 -6.70
C LEU C 31 -12.86 9.64 -7.48
N GLN C 32 -13.43 10.44 -8.39
CA GLN C 32 -12.63 11.35 -9.21
C GLN C 32 -11.69 12.18 -8.34
N ARG C 33 -12.15 12.55 -7.16
CA ARG C 33 -11.34 13.34 -6.23
C ARG C 33 -10.34 12.44 -5.49
N VAL C 34 -10.66 11.16 -5.41
CA VAL C 34 -9.80 10.20 -4.73
C VAL C 34 -8.61 9.81 -5.61
N LEU C 35 -8.83 9.82 -6.93
CA LEU C 35 -7.77 9.49 -7.87
C LEU C 35 -7.01 10.74 -8.30
N GLN C 36 -7.76 11.81 -8.56
CA GLN C 36 -7.16 13.07 -8.98
C GLN C 36 -6.38 13.72 -7.83
N SER C 37 -6.83 13.47 -6.60
CA SER C 37 -6.17 14.03 -5.43
C SER C 37 -4.68 13.75 -5.45
N ARG C 38 -3.93 14.45 -4.60
CA ARG C 38 -2.48 14.29 -4.53
C ARG C 38 -2.13 12.96 -3.87
N PHE C 39 -3.00 12.47 -2.99
CA PHE C 39 -2.76 11.21 -2.29
C PHE C 39 -2.54 10.07 -3.27
N CYS C 40 -3.53 9.82 -4.12
CA CYS C 40 -3.44 8.76 -5.11
C CYS C 40 -2.24 8.99 -6.03
N SER C 41 -1.74 10.23 -6.06
CA SER C 41 -0.60 10.56 -6.89
C SER C 41 0.63 9.91 -6.31
N ALA C 42 0.79 10.04 -4.99
CA ALA C 42 1.90 9.44 -4.29
C ALA C 42 1.81 7.93 -4.41
N ILE C 43 0.62 7.42 -4.11
CA ILE C 43 0.34 6.00 -4.19
C ILE C 43 0.55 5.50 -5.63
N ARG C 44 0.13 6.32 -6.59
CA ARG C 44 0.29 5.98 -8.00
C ARG C 44 1.77 5.86 -8.33
N GLU C 45 2.54 6.85 -7.88
CA GLU C 45 3.97 6.84 -8.12
C GLU C 45 4.61 5.60 -7.51
N VAL C 46 3.97 5.06 -6.48
CA VAL C 46 4.47 3.86 -5.82
C VAL C 46 4.38 2.65 -6.74
N TYR C 47 3.23 2.44 -7.34
CA TYR C 47 3.05 1.30 -8.23
C TYR C 47 4.00 1.39 -9.42
N GLU C 48 4.20 2.60 -9.94
CA GLU C 48 5.11 2.80 -11.05
C GLU C 48 6.56 2.64 -10.60
N GLN C 49 6.87 3.29 -9.48
CA GLN C 49 8.21 3.23 -8.91
C GLN C 49 8.54 1.81 -8.50
N LEU C 50 7.58 1.14 -7.89
CA LEU C 50 7.75 -0.23 -7.42
C LEU C 50 8.13 -1.15 -8.57
N TYR C 51 7.38 -1.07 -9.67
CA TYR C 51 7.68 -1.89 -10.83
C TYR C 51 9.14 -1.70 -11.23
N ASP C 52 9.57 -0.46 -11.35
CA ASP C 52 10.94 -0.16 -11.68
C ASP C 52 11.86 -0.78 -10.63
N THR C 53 11.50 -0.59 -9.37
CA THR C 53 12.26 -1.13 -8.25
C THR C 53 12.48 -2.64 -8.45
N LEU C 54 11.45 -3.32 -8.93
CA LEU C 54 11.56 -4.76 -9.19
C LEU C 54 12.71 -5.01 -10.16
N ASP C 55 12.76 -4.18 -11.20
CA ASP C 55 13.81 -4.29 -12.21
C ASP C 55 15.17 -3.85 -11.68
N ILE C 56 15.18 -3.13 -10.55
CA ILE C 56 16.44 -2.66 -9.98
C ILE C 56 16.98 -3.65 -8.96
N THR C 57 16.17 -3.93 -7.96
CA THR C 57 16.53 -4.85 -6.89
C THR C 57 16.70 -6.27 -7.42
N ALA D 1 6.53 -10.16 3.45
CA ALA D 1 7.23 -9.20 4.29
C ALA D 1 6.71 -9.26 5.73
N VAL D 2 5.39 -9.36 5.88
CA VAL D 2 4.79 -9.44 7.20
C VAL D 2 5.04 -10.81 7.82
N GLN D 3 4.80 -11.86 7.05
CA GLN D 3 5.02 -13.23 7.55
C GLN D 3 6.48 -13.41 7.94
N ARG D 4 7.38 -12.84 7.14
CA ARG D 4 8.81 -12.93 7.42
C ARG D 4 9.09 -12.29 8.77
N ALA D 5 8.56 -11.08 8.95
CA ALA D 5 8.73 -10.36 10.19
C ALA D 5 8.17 -11.17 11.35
N LYS D 6 6.96 -11.70 11.15
CA LYS D 6 6.31 -12.52 12.17
C LYS D 6 7.17 -13.72 12.54
N GLU D 7 7.68 -14.42 11.52
CA GLU D 7 8.53 -15.58 11.74
C GLU D 7 9.73 -15.19 12.60
N VAL D 8 10.31 -14.03 12.30
CA VAL D 8 11.45 -13.54 13.05
C VAL D 8 11.08 -13.31 14.51
N LEU D 9 9.89 -12.78 14.74
CA LEU D 9 9.42 -12.54 16.11
C LEU D 9 9.49 -13.82 16.90
N GLU D 10 9.04 -14.91 16.29
CA GLU D 10 9.05 -16.22 16.94
C GLU D 10 10.48 -16.62 17.32
N GLU D 11 11.40 -16.48 16.38
CA GLU D 11 12.79 -16.83 16.63
C GLU D 11 13.37 -15.94 17.72
N ILE D 12 13.29 -14.63 17.53
CA ILE D 12 13.80 -13.69 18.52
C ILE D 12 13.05 -13.82 19.83
N SER D 13 11.78 -14.24 19.76
CA SER D 13 10.97 -14.41 20.95
C SER D 13 11.51 -15.53 21.83
N CYS D 14 12.03 -16.57 21.18
CA CYS D 14 12.59 -17.70 21.90
C CYS D 14 13.96 -17.35 22.51
N TYR D 15 14.44 -16.14 22.25
CA TYR D 15 15.72 -15.70 22.77
C TYR D 15 15.56 -14.61 23.81
N PRO D 16 15.54 -14.98 25.10
CA PRO D 16 15.39 -14.03 26.21
C PRO D 16 16.73 -13.47 26.68
N GLU D 17 17.72 -13.45 25.77
CA GLU D 17 19.04 -12.94 26.10
C GLU D 17 19.45 -11.81 25.16
N ASN D 18 19.12 -11.94 23.89
CA ASN D 18 19.47 -10.93 22.90
C ASN D 18 18.58 -9.69 23.06
N ASN D 19 19.17 -8.62 23.58
CA ASN D 19 18.45 -7.37 23.77
C ASN D 19 17.94 -6.82 22.45
N ASP D 20 18.63 -7.16 21.37
CA ASP D 20 18.24 -6.70 20.04
C ASP D 20 17.02 -7.46 19.59
N ALA D 21 16.91 -8.71 20.03
CA ALA D 21 15.78 -9.56 19.68
C ALA D 21 14.51 -9.03 20.33
N LYS D 22 14.67 -8.44 21.51
CA LYS D 22 13.55 -7.88 22.25
C LYS D 22 13.02 -6.63 21.56
N GLU D 23 13.91 -5.67 21.33
CA GLU D 23 13.52 -4.43 20.69
C GLU D 23 13.01 -4.69 19.28
N LEU D 24 13.45 -5.80 18.68
CA LEU D 24 13.01 -6.14 17.34
C LEU D 24 11.61 -6.73 17.34
N LYS D 25 11.30 -7.50 18.39
CA LYS D 25 9.98 -8.11 18.51
C LYS D 25 8.93 -7.03 18.70
N ARG D 26 9.29 -6.00 19.48
CA ARG D 26 8.39 -4.90 19.75
C ARG D 26 8.10 -4.09 18.50
N ILE D 27 9.14 -3.59 17.87
CA ILE D 27 8.99 -2.79 16.65
C ILE D 27 8.33 -3.60 15.54
N LEU D 28 8.80 -4.82 15.34
CA LEU D 28 8.26 -5.69 14.29
C LEU D 28 6.76 -5.93 14.51
N THR D 29 6.34 -5.99 15.77
CA THR D 29 4.95 -6.22 16.11
C THR D 29 4.12 -4.94 15.97
N GLN D 30 4.77 -3.80 16.12
CA GLN D 30 4.08 -2.51 16.00
C GLN D 30 3.26 -2.46 14.72
N PRO D 31 1.91 -2.53 14.83
CA PRO D 31 1.01 -2.51 13.68
C PRO D 31 1.44 -1.52 12.59
N HIS D 32 2.01 -0.38 13.01
CA HIS D 32 2.46 0.62 12.05
C HIS D 32 3.43 0.01 11.04
N PHE D 33 4.50 -0.60 11.54
CA PHE D 33 5.49 -1.23 10.69
C PHE D 33 4.83 -2.37 9.90
N MET D 34 3.80 -2.97 10.49
CA MET D 34 3.08 -4.05 9.84
C MET D 34 2.28 -3.51 8.67
N ALA D 35 1.72 -2.32 8.84
CA ALA D 35 0.94 -1.68 7.80
C ALA D 35 1.80 -1.49 6.55
N LEU D 36 2.97 -0.89 6.74
CA LEU D 36 3.89 -0.67 5.63
C LEU D 36 4.21 -2.00 4.96
N LEU D 37 4.52 -3.00 5.78
CA LEU D 37 4.82 -4.34 5.27
C LEU D 37 3.64 -4.84 4.44
N GLN D 38 2.43 -4.46 4.85
CA GLN D 38 1.23 -4.85 4.13
C GLN D 38 1.29 -4.32 2.71
N THR D 39 1.74 -3.07 2.58
CA THR D 39 1.87 -2.45 1.27
C THR D 39 2.93 -3.20 0.46
N HIS D 40 3.88 -3.79 1.18
CA HIS D 40 4.95 -4.55 0.56
C HIS D 40 4.38 -5.77 -0.17
N ASP D 41 3.50 -6.49 0.52
CA ASP D 41 2.88 -7.69 -0.04
C ASP D 41 1.78 -7.34 -1.04
N VAL D 42 0.97 -6.32 -0.73
CA VAL D 42 -0.12 -5.93 -1.61
C VAL D 42 0.39 -5.66 -3.03
N VAL D 43 1.46 -4.87 -3.14
CA VAL D 43 2.04 -4.56 -4.43
C VAL D 43 2.73 -5.79 -5.01
N ALA D 44 3.64 -6.38 -4.24
CA ALA D 44 4.35 -7.57 -4.66
C ALA D 44 3.38 -8.65 -5.12
N HIS D 45 2.19 -8.66 -4.50
CA HIS D 45 1.16 -9.62 -4.85
C HIS D 45 0.68 -9.37 -6.28
N GLU D 46 0.30 -8.14 -6.56
CA GLU D 46 -0.16 -7.76 -7.89
C GLU D 46 1.02 -7.49 -8.82
N VAL D 47 2.24 -7.63 -8.28
CA VAL D 47 3.45 -7.38 -9.04
C VAL D 47 3.83 -8.62 -9.86
N TYR D 48 3.93 -9.76 -9.20
CA TYR D 48 4.27 -11.02 -9.86
C TYR D 48 4.26 -12.17 -8.88
N SER D 49 3.31 -12.17 -7.95
CA SER D 49 3.18 -13.22 -6.95
C SER D 49 2.25 -14.32 -7.45
N ASP D 50 1.19 -13.90 -8.14
CA ASP D 50 0.21 -14.84 -8.67
C ASP D 50 0.88 -15.81 -9.64
#